data_7U5C
#
_entry.id   7U5C
#
_cell.length_a   1.00
_cell.length_b   1.00
_cell.length_c   1.00
_cell.angle_alpha   90.00
_cell.angle_beta   90.00
_cell.angle_gamma   90.00
#
_symmetry.space_group_name_H-M   'P 1'
#
loop_
_entity.id
_entity.type
_entity.pdbx_description
1 polymer 'DNA primase small subunit'
2 polymer 'DNA primase large subunit'
3 polymer 'DNA polymerase alpha catalytic subunit'
4 polymer 'DNA polymerase alpha subunit B'
5 polymer 'CST complex subunit CTC1'
6 polymer 'CST complex subunit STN1'
7 polymer 'CST complex subunit TEN1'
8 polymer 'canonical telomeric DNA sequence'
9 non-polymer 'ZINC ION'
10 non-polymer 'IRON/SULFUR CLUSTER'
#
loop_
_entity_poly.entity_id
_entity_poly.type
_entity_poly.pdbx_seq_one_letter_code
_entity_poly.pdbx_strand_id
1 'polypeptide(L)'
;METFDPTELPELLKLYYRRLFPYSQYYRWLNYGGVIKNYFQHREFSFTLKDDIYIRYQSFNNQSDLEKEMQKMNPYKIDI
GAVYSHRPNQHNTVKLGAFQAQEKELVFDIDMTDYDDVRRCCSSADICPKCWTLMTMAIRIIDRALKEDFGFKHRLWVYS
GRRGVHCWVCDESVRKLSSAVRSGIVEYLSLVKGGQDVKKKVHLSEKIHPFIRKSINIIKKYFEEYALVNQDILENKESW
DKILALVPETIHDELQQSFQKSHNSLQRWEHLKKVASRYQNNIKNDKYGPWLEWEIMLQYCFPRLDINVSKGINHLLKSP
FSVHPKTGRISVPIDLQKVDQFDPFTVPTISFICRELDAISTNEEEKEENEAESDVKHRTRDYKKTSLAPYVKVFEHFLE
NLDKSRKGELLKKSDLQKDF
;
A
2 'polypeptide(L)'
;GGSMEFSGRKWRKLRLAGDQRNASYPHCLQFYLQPPSENISLIEFENLAIDRVKLLKSVENLGVSYVKGTEQYQSKLESE
LRKLKFSYRENLEDEYEPRRRDHISHFILRLAYCQSEELRRWFIQQEMDLLRFRFSILPKDKIQDFLKDSQLQFEAISDE
EKTLREQEIVASSPSLSGLKLGFESIYKIPFADALDLFRGRKVYLEDGFAYVPLKDIVAIILNEFRAKLSKALALTARSL
PAVQSDERLQPLLNHLSHSYTGQDYSTQGNVGKISLDQIDLLSTKSFPPCMRQLHKALRENHHLRHGGRMQYGLFLKGIG
LTLEQALQFWKQEFIKGKMDPDKFDKGYSYNIRHSFGKEGKRTDYTPFSCLKIILSNPPSQGDYHGCPFRHSDPELLKQK
LQSYKISPGGISQILDLVKGTHYQVACQKYFEMIHNVDDCGFSLNHPNQFFCESQRILNGGKDIKKEPIQPETPQPKPSV
QKTKDASSALASLNSSLEMDMEGLEDYFSEDS
;
B
3 'polypeptide(L)'
;GPGSADEEQVFHFYWLDAYEDQYNQPGVVFLFGKVWIESAETHVSCCVMVKNIERTLYFLPREMKIDLNTGKETGTPISM
KDVYEEFDEKIATKYKIMKFKSKPVEKNYAFEIPDVPEKSEYLEVKYSAEMPQLPQDLKGETFSHVFGTNTSSLELFLMN
RKIKGPCWLEVKSPQLLNQPVSWCKVEAMALKPDLVNVIKDVSPPPLVVMAFSMKTMQNAKNHQNEIIAMAALVHHSFAL
DKAAPKPPFQSHFCVVSKPKDCIFPYAFKEVIEKKNVKVEVAATERTLLGFFLAKVHKIDPDIIVGHNIYGFELEVLLQR
INVCKAPHWSKIGRLKRSNMPKLGGRSGFGERNATCGRMICDVEISAKELIRCKSYHLSELVQQILKTERVVIPMENIQN
MYSESSQLLYLLEHTWKDAKFILQIMCELNVLPLALQITNIAGNIMSRTLMGGRSERNEFLLLHAFYENNYIVPDKQIFR
KPQQKLGDEDEEIDGDTNKYKKGRKKAAYAGGLVLDPKVGFYDKFILLLDFNSLYPSIIQEFNICFTTVQRVASEAQKVT
EDGEQEQIPELPDPSLEMGILPREIRKLVERRKQVKQLMKQQDLNPDLILQYDIRQKALKLTANSMYGCLGFSYSRFYAK
PLAALVTYKGREILMHTKEMVQKMNLEVIYGDTDSIMINTNSTNLEEVFKLGNKVKSEVNKLYKLLEIDIDGVFKSLLLL
KKKKYAALVVEPTSDGNYVTKQELKGLDIVRRDWCDLAKDTGNFVIGQILSDQSRDTIVENIQKRLIEIGENVLNGSVPV
SQFEINKALTKDPQDYPDKKSLPHVHVALWINSQGGRKVKAGDTVSYVICQDGSNLTASQRAYAPEQLQKQDNLTIDTQY
YLAQQIHPVVARICEPIDGIDAVLIATWLGLDPTQFRVHHYHKDEENDALLGGPAQLTDEEKYRDCERFKCPCPTCGTEN
IYDNVFDGSGTDMEPSLYRCSNIDCKASPLTFTVQLSNKLIMDIRRFIKKYYDGWLICEEPTCRNRTRHLPLQFSRTGPL
CPACMKATLQPEYSDKSLYTQLCFYRYIFDAECALEKLTTDHEKDKLKKQFFTPKVLQDYRKLKNTAEQFLSRSGYSEVN
LSKLFAGCAVKS
;
C
4 'polypeptide(L)'
;MSASAQQLAEELQIFGLDCEEALIEKLVELCVQYGQNEEGMVGELIAFCTSTHKVGLTSEILNSFEHEFLSKRLSKARHS
TCKDSGHAGARDIVSIQELIEVEEEEEILLNSYTTPSKGSQKRAISTPETPLTKRSVSTRSPHQLLSPSSFSPSATPSQK
YNSRSNRGEVVTSFGLAQGVSWSGRGGAGNISLKVLGCPEALTGSYKSMFQKLPDIREVLTCKIEELGSELKEHYKIEAF
TPLLAPAQEPVTLLGQIGCDSNGKLNNKSVILEGDREHSSGAQIPVDLSELKEYSLFPGQVVIMEGINTTGRKLVATKLY
EGVPLPFYQPTEEDADFEQSMVLVACGPYTTSDSITYDPLLDLIAVINHDRPDVCILFGPFLDAKHEQVENCLLTSPFED
IFKQCLRTIIEGTRSSGSHLVFVPSLRDVHHEPVYPQPPFSYSDLSREDKKQVQFVSEPCSLSINGVIFGLTSTDLLFHL
GAEEISSSSGTSDRFSRILKHILTQRSYYPLYPPQEDMAIDYESFYVYAQLPVTPDVLIIPSELRYFVKDVLGCVCVNPG
RLTKGQVGGTFARLYLRRPAADGAERQSPCIAVQVVRI
;
D
5 'polypeptide(L)'
;GPGSMAAGRAQVPSSEQAWLEDAQVFIQKTLCPAVKEPNVQLTPLVIDCVKTVWLSQGRNQGSTLPLSYSFVSVQDLKTH
QRLPCCSHLSWSSSAYQAWAQEAGPNGNPLPREQLLLLGTLTDLSADLEQECRNGSLYVRDNTGVLSCELIDLDLSWLGH
LFLFPRWSYLPPARWNSSGEGHLELWDAPVPVFPLTISPGPVTPIPVLYPESASCLLRLRNKLRGVQRNLAGSLVRLSAL
VKSKQKAYFILSLGRSHPAVTHVSIIVQVPAQLVWHRALRPGTAYVLTELRVSKIRGQRQHVWMTSQSSRLLLLKPECVQ
ELELELEGPLLEADPKPLPMPSNSEDKKDPESLVRYSRLLSYSGAVTGVLNEPAGLYELDGQLGLCLAYQQFRGLRRVMR
PGVCLQLQDVHLLQSVGGGTRRPVLAPCLRGAVLLQSFSRQKPGAHSSRQAYGASLYEQLVWERQLGLPLYLWATKALEE
LACKLCPHVLRHHQFLQHSSPGSPSLGLQLLAPTLDLLAPPGSPVRNAHNEILEEPHHCPLQKYTRLQTPSSFPTLATLK
EEGQRKAWASFDPKALLPLPEASYLPSCQLNRRLAWSWLCLLPSAFCPAQVLLGVLVASSHKGCLQLRDQSGSLPCLLLA
KHSQPLSDPRLIGCLVRAERFQLIVERDVRSSFPSWKELSMPGFIQKQQARVYVQFFLADALILPVPRPCLHSATPSTPQ
TDPTGPEGPHLGQSRLFLLCHKEALMKRNFCVPPGASPEVPKPALSFYVLGSWLGGTQRKEGTGWGLPEPQGNDDNDQKV
HLIFFGSSVRWFEFLHPGQVYRLIAPGPATPMLFEKDGSSCISRRPLELAGCASCLTVQDNWTLELESSQDIQDVLDANK
SLPESSLTDLLSDNFTDSLVSFSAEILSRTLCEPLVASLWMKLGNTGAMRRCVKLTVALETAECEFPPHLDVYIEDPHLP
PSLGLLPGARVHFSQLEKRVSRSHNVYCCFRSSTYVQVLSFPPETTISIPLPHIYLAELLQGGQSPFQATASCHIVSVFS
LQLFWVCAYCTSICRQGKCTRLGSTCPTQTAISQAIIRLLVEDGTAEAVVTCRNHHVAAALGLCPREWASLLDFVQVPGR
VVLQFAGPGAQLESSARVDEPMTMFLWTLCTSPSVLRPIVLSFELERKPSKIVPLEPPRLQRFQCGELPFLTHVNPRLRL
SCLSIRESEYSSSLGILASSC
;
E
6 'polypeptide(L)'
;MQPGSSRCEEETPSLLWGLDPVFLAFAKLYIRDILDMKESRQVPGVFLYNGHPIKQVDVLGTVIGVRERDAFYSYGVDDS
TGVINCICWKKLNTESVSAAPSAARELSLTSQLKKLQETIEQKTKIEIGDTIRVRGSIRTYREEREIHATTYYKVDDPVW
NIQIARMLELPTIYRKVYDQPFHSSALEKEEALSNPGALDLPSLTSLLSEKAKEFLMENRVQSFYQQELEMVESLLSLAN
QPVIHSASSDQVNFKKDTTSKAIHSIFKNAIQLLQEKGLVFQKDDGFDNLYYVTREDKDLHRKIHRIIQQDCQKPNHMEK
GCHFLHILACARLSIRPGLSEAVLQQVLELLEDQSDIVSTMEHYYTAF
;
F
7 'polypeptide(L)'
;MMLPKPGTYYLPWEVSAGQVPDGSTLRTFGRLCLYDMIQSRVTLMAQHGSDQHQVLVCTKLVEPFHAQVGSLYIVLGELQ
HQQDRGSVVKARVLTCVEGMNLPLLEQAIREQRLYKQERGGSQ
;
G
8 'polydeoxyribonucleotide' (DG)(DG)(DT)(DT)(DA)(DG)(DG)(DG)(DT)(DT)(DA)(DG)(DG)(DG)(DT)(DT)(DA)(DG) H
#
loop_
_chem_comp.id
_chem_comp.type
_chem_comp.name
_chem_comp.formula
DA DNA linking 2'-DEOXYADENOSINE-5'-MONOPHOSPHATE 'C10 H14 N5 O6 P'
DG DNA linking 2'-DEOXYGUANOSINE-5'-MONOPHOSPHATE 'C10 H14 N5 O7 P'
DT DNA linking THYMIDINE-5'-MONOPHOSPHATE 'C10 H15 N2 O8 P'
SF4 non-polymer 'IRON/SULFUR CLUSTER' 'Fe4 S4'
ZN non-polymer 'ZINC ION' 'Zn 2'
#
# COMPACT_ATOMS: atom_id res chain seq x y z
N MET A 1 60.01 -0.57 68.96
CA MET A 1 59.01 -1.63 68.96
C MET A 1 59.34 -2.69 67.92
N GLU A 2 59.67 -3.89 68.40
CA GLU A 2 60.01 -5.03 67.56
C GLU A 2 59.99 -6.26 68.45
N THR A 3 60.41 -7.40 67.90
CA THR A 3 60.72 -8.58 68.70
C THR A 3 62.23 -8.66 68.89
N PHE A 4 62.63 -9.38 69.93
CA PHE A 4 64.04 -9.43 70.31
C PHE A 4 64.70 -10.78 70.05
N ASP A 5 63.94 -11.87 69.94
CA ASP A 5 64.58 -13.15 69.67
C ASP A 5 63.63 -14.10 68.92
N PRO A 6 63.96 -14.47 67.68
CA PRO A 6 63.16 -15.48 66.99
C PRO A 6 63.29 -16.88 67.55
N THR A 7 64.07 -17.07 68.61
CA THR A 7 64.29 -18.41 69.14
C THR A 7 63.01 -19.01 69.70
N GLU A 8 62.19 -18.20 70.35
CA GLU A 8 60.97 -18.72 70.97
C GLU A 8 59.84 -18.93 69.98
N LEU A 9 59.83 -18.16 68.89
CA LEU A 9 58.72 -18.21 67.93
C LEU A 9 58.35 -19.60 67.44
N PRO A 10 59.30 -20.53 67.13
CA PRO A 10 58.88 -21.87 66.69
C PRO A 10 57.92 -22.55 67.64
N GLU A 11 58.34 -22.74 68.89
CA GLU A 11 57.48 -23.39 69.87
C GLU A 11 56.25 -22.55 70.17
N LEU A 12 56.37 -21.22 70.09
CA LEU A 12 55.22 -20.38 70.39
C LEU A 12 54.10 -20.60 69.38
N LEU A 13 54.43 -20.56 68.09
CA LEU A 13 53.42 -20.92 67.09
C LEU A 13 53.00 -22.37 67.22
N LYS A 14 53.95 -23.25 67.56
CA LYS A 14 53.66 -24.66 67.73
C LYS A 14 52.51 -24.87 68.71
N LEU A 15 52.54 -24.16 69.83
CA LEU A 15 51.44 -24.25 70.79
C LEU A 15 50.24 -23.41 70.37
N TYR A 16 50.48 -22.27 69.72
CA TYR A 16 49.40 -21.36 69.37
C TYR A 16 48.43 -22.02 68.41
N TYR A 17 48.94 -22.51 67.28
CA TYR A 17 48.09 -23.21 66.32
C TYR A 17 47.33 -24.35 67.00
N ARG A 18 47.98 -25.01 67.96
CA ARG A 18 47.35 -26.15 68.64
C ARG A 18 46.14 -25.71 69.44
N ARG A 19 46.34 -24.78 70.39
CA ARG A 19 45.27 -24.50 71.35
C ARG A 19 45.11 -23.02 71.62
N LEU A 20 45.46 -22.16 70.68
CA LEU A 20 45.37 -20.73 70.90
C LEU A 20 44.79 -20.03 69.68
N PHE A 21 43.74 -20.59 69.10
CA PHE A 21 43.14 -19.93 67.96
C PHE A 21 41.64 -20.19 67.90
N PRO A 22 40.83 -19.16 67.68
CA PRO A 22 39.37 -19.34 67.74
C PRO A 22 38.83 -20.05 66.52
N TYR A 23 39.40 -21.21 66.20
CA TYR A 23 39.04 -21.93 64.99
C TYR A 23 37.53 -22.04 64.82
N SER A 24 36.82 -22.30 65.91
CA SER A 24 35.37 -22.24 65.88
C SER A 24 34.89 -20.84 65.50
N GLN A 25 35.23 -19.86 66.33
CA GLN A 25 34.82 -18.48 66.09
C GLN A 25 35.33 -17.97 64.76
N TYR A 26 36.49 -18.46 64.31
CA TYR A 26 37.06 -17.98 63.06
C TYR A 26 36.34 -18.57 61.85
N TYR A 27 36.19 -19.90 61.84
CA TYR A 27 35.37 -20.54 60.83
C TYR A 27 34.02 -19.85 60.70
N ARG A 28 33.38 -19.57 61.83
CA ARG A 28 32.13 -18.81 61.81
C ARG A 28 32.35 -17.45 61.15
N TRP A 29 33.20 -16.61 61.75
CA TRP A 29 33.33 -15.24 61.32
C TRP A 29 33.62 -15.12 59.83
N LEU A 30 34.24 -16.14 59.25
CA LEU A 30 34.50 -16.10 57.81
C LEU A 30 33.32 -16.66 57.00
N ASN A 31 32.95 -17.92 57.24
CA ASN A 31 31.91 -18.53 56.41
C ASN A 31 30.57 -17.82 56.53
N TYR A 32 30.34 -17.09 57.62
CA TYR A 32 29.09 -16.36 57.84
C TYR A 32 27.89 -17.31 57.75
N GLY A 33 27.89 -18.30 58.64
CA GLY A 33 26.81 -19.24 58.76
C GLY A 33 26.57 -20.07 57.51
N GLY A 34 27.49 -20.01 56.56
CA GLY A 34 27.33 -20.75 55.32
C GLY A 34 26.11 -20.36 54.51
N VAL A 35 25.67 -19.10 54.63
CA VAL A 35 24.51 -18.62 53.89
C VAL A 35 24.72 -18.66 52.39
N ILE A 36 25.95 -18.87 51.93
CA ILE A 36 26.28 -18.88 50.52
C ILE A 36 27.14 -20.11 50.22
N LYS A 37 26.94 -20.67 49.04
CA LYS A 37 27.64 -21.87 48.60
C LYS A 37 28.90 -21.50 47.85
N ASN A 38 29.91 -22.38 47.95
CA ASN A 38 31.28 -22.07 47.51
C ASN A 38 31.76 -20.75 48.08
N TYR A 39 31.26 -20.40 49.26
CA TYR A 39 31.58 -19.13 49.88
C TYR A 39 32.92 -19.20 50.60
N PHE A 40 33.06 -20.19 51.50
CA PHE A 40 34.28 -20.34 52.27
C PHE A 40 35.42 -20.87 51.40
N GLN A 41 35.14 -21.92 50.63
CA GLN A 41 36.18 -22.64 49.91
C GLN A 41 37.01 -21.71 49.03
N HIS A 42 36.39 -20.69 48.46
CA HIS A 42 37.11 -19.73 47.66
C HIS A 42 37.65 -18.56 48.48
N ARG A 43 37.11 -18.32 49.67
CA ARG A 43 37.71 -17.34 50.57
C ARG A 43 39.16 -17.70 50.81
N GLU A 44 40.07 -16.83 50.37
CA GLU A 44 41.45 -17.27 50.20
C GLU A 44 42.30 -16.94 51.42
N PHE A 45 43.41 -17.67 51.55
CA PHE A 45 44.44 -17.35 52.52
C PHE A 45 45.79 -17.34 51.82
N SER A 46 46.73 -16.59 52.39
CA SER A 46 48.11 -16.60 51.93
C SER A 46 49.00 -16.83 53.13
N PHE A 47 49.96 -17.73 52.99
CA PHE A 47 50.75 -18.20 54.11
C PHE A 47 52.24 -17.94 53.87
N THR A 48 52.97 -17.72 54.97
CA THR A 48 54.34 -17.25 54.89
C THR A 48 55.15 -17.92 56.00
N LEU A 49 56.04 -18.84 55.63
CA LEU A 49 56.93 -19.55 56.54
C LEU A 49 58.33 -18.95 56.43
N LYS A 50 59.31 -19.63 57.03
CA LYS A 50 60.69 -19.16 57.19
C LYS A 50 61.25 -18.50 55.95
N ASP A 51 62.12 -17.49 56.16
CA ASP A 51 62.62 -16.61 55.09
C ASP A 51 61.49 -15.87 54.41
N ASP A 52 60.34 -15.77 55.07
CA ASP A 52 59.16 -15.10 54.55
C ASP A 52 58.82 -15.59 53.13
N ILE A 53 58.49 -16.87 53.07
CA ILE A 53 58.05 -17.49 51.81
C ILE A 53 56.53 -17.32 51.76
N TYR A 54 56.09 -16.16 51.28
CA TYR A 54 54.67 -15.88 51.18
C TYR A 54 54.12 -16.50 49.91
N ILE A 55 52.96 -17.13 50.03
CA ILE A 55 52.40 -17.98 48.98
C ILE A 55 50.89 -17.82 48.99
N ARG A 56 50.31 -17.60 47.81
CA ARG A 56 48.87 -17.52 47.61
C ARG A 56 48.30 -18.94 47.51
N TYR A 57 47.02 -19.02 47.09
CA TYR A 57 46.36 -20.28 46.79
C TYR A 57 46.37 -21.23 48.01
N GLN A 58 45.75 -20.76 49.08
CA GLN A 58 45.64 -21.52 50.32
C GLN A 58 44.20 -21.42 50.81
N SER A 59 43.58 -22.57 51.05
CA SER A 59 42.22 -22.61 51.59
C SER A 59 41.88 -24.06 51.93
N PHE A 60 40.97 -24.21 52.89
CA PHE A 60 40.49 -25.52 53.31
C PHE A 60 38.98 -25.45 53.48
N ASN A 61 38.33 -26.62 53.37
CA ASN A 61 36.88 -26.65 53.29
C ASN A 61 36.23 -26.12 54.57
N ASN A 62 36.43 -26.80 55.69
CA ASN A 62 35.82 -26.37 56.95
C ASN A 62 36.86 -26.27 58.05
N GLN A 63 36.40 -26.08 59.29
CA GLN A 63 37.31 -25.75 60.39
C GLN A 63 38.29 -26.88 60.68
N SER A 64 37.86 -28.13 60.54
CA SER A 64 38.65 -29.26 61.01
C SER A 64 39.97 -29.37 60.26
N ASP A 65 39.92 -29.61 58.95
CA ASP A 65 41.14 -29.74 58.17
C ASP A 65 41.87 -28.42 58.08
N LEU A 66 41.14 -27.31 58.13
CA LEU A 66 41.77 -25.99 58.30
C LEU A 66 42.76 -26.03 59.46
N GLU A 67 42.28 -26.36 60.66
CA GLU A 67 43.15 -26.56 61.81
C GLU A 67 44.29 -27.48 61.45
N LYS A 68 43.95 -28.73 61.10
CA LYS A 68 44.95 -29.77 60.92
C LYS A 68 46.12 -29.30 60.06
N GLU A 69 45.83 -28.61 58.96
CA GLU A 69 46.91 -28.12 58.11
C GLU A 69 47.61 -26.92 58.74
N MET A 70 46.86 -26.02 59.39
CA MET A 70 47.49 -24.89 60.05
C MET A 70 48.52 -25.36 61.07
N GLN A 71 48.20 -26.41 61.80
CA GLN A 71 49.14 -27.03 62.73
C GLN A 71 50.18 -27.88 62.01
N LYS A 72 49.89 -28.38 60.82
CA LYS A 72 50.89 -29.12 60.06
C LYS A 72 52.02 -28.23 59.57
N MET A 73 51.71 -26.96 59.27
CA MET A 73 52.70 -26.05 58.72
C MET A 73 53.12 -24.94 59.67
N ASN A 74 52.18 -24.38 60.43
CA ASN A 74 52.40 -23.22 61.29
C ASN A 74 53.01 -22.07 60.48
N PRO A 75 52.25 -21.44 59.59
CA PRO A 75 52.78 -20.28 58.86
C PRO A 75 53.07 -19.13 59.81
N TYR A 76 54.05 -18.31 59.43
CA TYR A 76 54.53 -17.24 60.28
C TYR A 76 53.97 -15.88 59.89
N LYS A 77 53.29 -15.78 58.75
CA LYS A 77 52.51 -14.60 58.38
C LYS A 77 51.34 -15.06 57.53
N ILE A 78 50.14 -14.61 57.88
CA ILE A 78 48.92 -15.13 57.30
C ILE A 78 48.04 -13.97 56.87
N ASP A 79 47.74 -13.90 55.58
CA ASP A 79 46.84 -12.88 55.05
C ASP A 79 45.50 -13.50 54.69
N ILE A 80 44.43 -12.90 55.18
CA ILE A 80 43.09 -13.18 54.64
C ILE A 80 43.02 -12.55 53.25
N GLY A 81 42.36 -13.25 52.34
CA GLY A 81 42.33 -12.83 50.94
C GLY A 81 40.93 -12.95 50.37
N ALA A 82 40.58 -12.00 49.50
CA ALA A 82 39.25 -11.90 48.94
C ALA A 82 38.81 -13.21 48.32
N VAL A 83 37.50 -13.45 48.34
CA VAL A 83 36.95 -14.61 47.67
C VAL A 83 37.01 -14.35 46.17
N TYR A 84 38.03 -14.91 45.51
CA TYR A 84 38.18 -14.69 44.09
C TYR A 84 37.09 -15.45 43.33
N SER A 85 37.09 -15.29 42.01
CA SER A 85 35.96 -15.74 41.20
C SER A 85 35.78 -17.25 41.23
N HIS A 86 36.78 -18.02 41.65
CA HIS A 86 36.67 -19.47 41.61
C HIS A 86 37.63 -20.08 42.62
N ARG A 87 37.87 -21.39 42.47
CA ARG A 87 38.72 -22.21 43.32
C ARG A 87 40.15 -21.66 43.38
N PRO A 88 40.58 -21.14 44.52
CA PRO A 88 41.95 -20.62 44.62
C PRO A 88 43.01 -21.69 44.47
N ASN A 89 42.92 -22.73 45.31
CA ASN A 89 43.93 -23.78 45.31
C ASN A 89 43.93 -24.60 44.03
N GLN A 90 42.89 -24.50 43.21
CA GLN A 90 42.86 -25.14 41.91
C GLN A 90 42.70 -24.07 40.83
N HIS A 91 43.50 -23.01 40.91
CA HIS A 91 43.28 -21.83 40.08
C HIS A 91 43.49 -22.13 38.60
N ASN A 92 44.45 -22.97 38.26
CA ASN A 92 44.88 -23.11 36.87
C ASN A 92 44.07 -24.16 36.12
N THR A 93 42.85 -24.44 36.52
CA THR A 93 42.05 -25.44 35.81
C THR A 93 41.27 -24.83 34.66
N VAL A 94 40.52 -23.75 34.91
CA VAL A 94 39.69 -23.10 33.92
C VAL A 94 40.59 -22.38 32.93
N LYS A 95 40.03 -21.96 31.79
CA LYS A 95 40.78 -21.16 30.82
C LYS A 95 41.41 -19.96 31.52
N LEU A 96 42.67 -19.68 31.15
CA LEU A 96 43.39 -18.58 31.74
C LEU A 96 42.68 -17.25 31.47
N GLY A 97 43.10 -16.22 32.19
CA GLY A 97 42.45 -14.93 32.05
C GLY A 97 40.98 -14.91 32.45
N ALA A 98 40.48 -15.99 33.03
CA ALA A 98 39.10 -16.06 33.50
C ALA A 98 38.99 -16.17 35.01
N PHE A 99 40.11 -16.04 35.73
CA PHE A 99 40.13 -16.09 37.19
C PHE A 99 40.48 -14.71 37.72
N GLN A 100 39.55 -14.11 38.46
CA GLN A 100 39.74 -12.76 38.98
C GLN A 100 39.11 -12.67 40.37
N ALA A 101 39.08 -11.47 40.92
CA ALA A 101 38.60 -11.22 42.27
C ALA A 101 37.26 -10.51 42.20
N GLN A 102 36.22 -11.12 42.77
CA GLN A 102 34.89 -10.53 42.71
C GLN A 102 34.65 -9.59 43.88
N GLU A 103 34.68 -10.12 45.10
CA GLU A 103 34.10 -9.44 46.25
C GLU A 103 35.04 -9.53 47.44
N LYS A 104 35.32 -8.39 48.07
CA LYS A 104 36.30 -8.31 49.13
C LYS A 104 35.77 -7.47 50.27
N GLU A 105 36.07 -7.90 51.49
CA GLU A 105 35.80 -7.09 52.66
C GLU A 105 36.60 -5.79 52.58
N LEU A 106 35.99 -4.69 53.00
CA LEU A 106 36.62 -3.40 52.82
C LEU A 106 37.63 -3.15 53.91
N VAL A 107 38.86 -2.83 53.51
CA VAL A 107 39.99 -2.78 54.42
C VAL A 107 40.48 -1.34 54.51
N PHE A 108 41.04 -1.00 55.67
CA PHE A 108 41.65 0.30 55.90
C PHE A 108 42.87 0.11 56.77
N ASP A 109 43.89 0.94 56.53
CA ASP A 109 45.11 0.92 57.33
C ASP A 109 45.60 2.35 57.47
N ILE A 110 46.13 2.66 58.66
CA ILE A 110 46.75 3.96 58.89
C ILE A 110 48.07 3.74 59.61
N ASP A 111 49.10 4.48 59.22
CA ASP A 111 50.44 4.26 59.74
C ASP A 111 50.81 5.35 60.74
N MET A 112 51.75 5.00 61.62
CA MET A 112 52.40 6.01 62.45
C MET A 112 53.46 6.76 61.66
N THR A 113 54.15 6.08 60.74
CA THR A 113 55.06 6.76 59.84
C THR A 113 54.35 7.88 59.08
N ASP A 114 53.03 7.77 58.95
CA ASP A 114 52.24 8.86 58.41
C ASP A 114 52.57 10.18 59.09
N TYR A 115 52.55 10.20 60.42
CA TYR A 115 52.77 11.42 61.18
C TYR A 115 54.23 11.86 61.22
N ASP A 116 55.13 11.13 60.55
CA ASP A 116 56.56 11.42 60.70
C ASP A 116 56.97 12.77 60.13
N ASP A 117 56.08 13.46 59.42
CA ASP A 117 56.40 14.79 58.92
C ASP A 117 56.76 15.76 60.05
N VAL A 118 56.21 15.54 61.23
CA VAL A 118 56.46 16.40 62.38
C VAL A 118 56.82 15.55 63.59
N ARG A 119 56.55 14.25 63.50
CA ARG A 119 56.81 13.35 64.63
C ARG A 119 58.27 13.38 65.03
N ARG A 120 58.54 13.88 66.23
CA ARG A 120 59.88 13.98 66.77
C ARG A 120 60.05 13.24 68.08
N CYS A 121 59.02 12.52 68.54
CA CYS A 121 59.10 11.86 69.83
C CYS A 121 59.98 10.63 69.79
N CYS A 122 59.80 9.77 68.79
CA CYS A 122 60.58 8.54 68.70
C CYS A 122 60.83 8.21 67.22
N SER A 123 61.28 6.98 66.98
CA SER A 123 61.88 6.59 65.72
C SER A 123 60.88 5.81 64.86
N SER A 124 61.38 5.27 63.74
CA SER A 124 60.57 4.46 62.84
C SER A 124 60.37 3.04 63.36
N ALA A 125 61.18 2.59 64.32
CA ALA A 125 60.98 1.32 64.98
C ALA A 125 60.59 1.46 66.44
N ASP A 126 60.89 2.59 67.07
CA ASP A 126 60.58 2.84 68.48
C ASP A 126 59.48 3.88 68.60
N ILE A 127 58.66 3.75 69.65
CA ILE A 127 57.55 4.67 69.88
C ILE A 127 57.60 5.14 71.33
N CYS A 128 56.62 5.96 71.69
CA CYS A 128 56.42 6.42 73.05
C CYS A 128 54.96 6.80 73.19
N PRO A 129 54.50 7.13 74.40
CA PRO A 129 53.08 7.53 74.55
C PRO A 129 52.69 8.72 73.69
N LYS A 130 53.63 9.62 73.36
CA LYS A 130 53.29 10.83 72.62
C LYS A 130 52.71 10.50 71.24
N CYS A 131 53.48 9.80 70.42
CA CYS A 131 52.95 9.39 69.12
C CYS A 131 51.71 8.54 69.27
N TRP A 132 51.62 7.75 70.35
CA TRP A 132 50.44 6.94 70.56
C TRP A 132 49.21 7.78 70.88
N THR A 133 49.39 9.03 71.30
CA THR A 133 48.24 9.92 71.39
C THR A 133 47.49 9.98 70.06
N LEU A 134 48.23 9.93 68.96
CA LEU A 134 47.59 9.90 67.65
C LEU A 134 46.85 8.59 67.43
N MET A 135 47.48 7.46 67.76
CA MET A 135 46.79 6.18 67.68
C MET A 135 45.58 6.12 68.61
N THR A 136 45.46 7.05 69.54
CA THR A 136 44.27 7.17 70.37
C THR A 136 43.24 8.15 69.82
N MET A 137 43.67 9.19 69.11
CA MET A 137 42.76 10.23 68.67
C MET A 137 42.25 10.03 67.24
N ALA A 138 43.15 9.72 66.30
CA ALA A 138 42.77 9.67 64.89
C ALA A 138 41.66 8.66 64.64
N ILE A 139 41.77 7.49 65.26
CA ILE A 139 40.78 6.43 65.05
C ILE A 139 39.39 6.92 65.39
N ARG A 140 39.27 7.80 66.39
CA ARG A 140 37.96 8.33 66.77
C ARG A 140 37.26 8.94 65.56
N ILE A 141 37.94 9.83 64.84
CA ILE A 141 37.33 10.50 63.70
C ILE A 141 36.95 9.49 62.63
N ILE A 142 37.90 8.65 62.23
CA ILE A 142 37.63 7.66 61.19
C ILE A 142 36.48 6.75 61.60
N ASP A 143 36.49 6.28 62.85
CA ASP A 143 35.42 5.42 63.32
C ASP A 143 34.07 6.11 63.21
N ARG A 144 33.89 7.22 63.93
CA ARG A 144 32.61 7.91 63.92
C ARG A 144 32.22 8.36 62.52
N ALA A 145 33.18 8.49 61.60
CA ALA A 145 32.83 8.77 60.21
C ALA A 145 31.88 7.72 59.68
N LEU A 146 32.31 6.46 59.69
CA LEU A 146 31.44 5.37 59.28
C LEU A 146 30.31 5.15 60.27
N LYS A 147 30.44 5.62 61.51
CA LYS A 147 29.37 5.41 62.47
C LYS A 147 28.23 6.40 62.32
N GLU A 148 28.44 7.53 61.64
CA GLU A 148 27.37 8.51 61.50
C GLU A 148 27.06 8.95 60.07
N ASP A 149 27.93 8.71 59.10
CA ASP A 149 27.55 9.12 57.74
C ASP A 149 27.92 8.08 56.70
N PHE A 150 27.84 6.80 57.04
CA PHE A 150 28.06 5.76 56.04
C PHE A 150 27.12 4.58 56.20
N GLY A 151 26.16 4.65 57.12
CA GLY A 151 25.14 3.62 57.23
C GLY A 151 25.66 2.20 57.41
N PHE A 152 26.68 2.03 58.23
CA PHE A 152 27.23 0.72 58.53
C PHE A 152 27.22 0.49 60.03
N LYS A 153 27.19 -0.78 60.43
CA LYS A 153 27.38 -1.14 61.83
C LYS A 153 28.20 -2.42 62.02
N HIS A 154 28.98 -2.82 61.02
CA HIS A 154 29.78 -4.03 61.08
C HIS A 154 31.27 -3.73 61.23
N ARG A 155 31.59 -2.70 62.00
CA ARG A 155 32.97 -2.22 62.06
C ARG A 155 33.78 -2.99 63.08
N LEU A 156 35.06 -3.17 62.78
CA LEU A 156 36.00 -3.88 63.62
C LEU A 156 37.35 -3.20 63.49
N TRP A 157 38.09 -3.08 64.59
CA TRP A 157 39.29 -2.27 64.61
C TRP A 157 40.40 -3.01 65.33
N VAL A 158 41.59 -3.00 64.71
CA VAL A 158 42.78 -3.63 65.27
C VAL A 158 43.98 -2.72 65.03
N TYR A 159 44.93 -2.78 65.95
CA TYR A 159 46.24 -2.15 65.79
C TYR A 159 47.24 -3.23 65.41
N SER A 160 47.99 -2.98 64.34
CA SER A 160 48.88 -4.02 63.79
C SER A 160 49.88 -4.50 64.84
N GLY A 161 50.60 -3.58 65.45
CA GLY A 161 51.58 -3.95 66.45
C GLY A 161 52.88 -3.19 66.32
N ARG A 162 53.27 -2.88 65.09
CA ARG A 162 54.47 -2.07 64.90
C ARG A 162 54.11 -0.63 64.57
N ARG A 163 53.46 -0.42 63.42
CA ARG A 163 53.18 0.94 62.98
C ARG A 163 51.70 1.21 62.72
N GLY A 164 51.05 0.35 61.95
CA GLY A 164 49.72 0.66 61.47
C GLY A 164 48.61 0.17 62.37
N VAL A 165 47.42 0.66 62.10
CA VAL A 165 46.18 0.11 62.65
C VAL A 165 45.31 -0.28 61.48
N HIS A 166 44.48 -1.29 61.71
CA HIS A 166 43.68 -1.93 60.67
C HIS A 166 42.19 -1.76 60.94
N CYS A 167 41.41 -1.90 59.87
CA CYS A 167 39.96 -1.90 59.97
C CYS A 167 39.44 -2.79 58.84
N TRP A 168 38.94 -3.96 59.20
CA TRP A 168 38.46 -4.95 58.24
C TRP A 168 36.94 -5.04 58.39
N VAL A 169 36.22 -4.20 57.67
CA VAL A 169 34.79 -4.10 57.83
C VAL A 169 34.11 -4.91 56.72
N CYS A 170 33.08 -5.65 57.11
CA CYS A 170 32.42 -6.60 56.24
C CYS A 170 30.95 -6.25 56.07
N ASP A 171 30.69 -4.97 55.80
CA ASP A 171 29.33 -4.45 55.71
C ASP A 171 28.43 -5.26 54.78
N GLU A 172 27.12 -5.11 54.97
CA GLU A 172 26.10 -5.95 54.32
C GLU A 172 26.41 -6.28 52.88
N SER A 173 26.73 -5.27 52.06
CA SER A 173 27.06 -5.49 50.66
C SER A 173 28.36 -4.85 50.23
N VAL A 174 28.89 -3.88 50.99
CA VAL A 174 30.15 -3.24 50.65
C VAL A 174 31.24 -4.26 50.41
N ARG A 175 31.15 -5.43 51.04
CA ARG A 175 32.01 -6.55 50.70
C ARG A 175 31.96 -6.88 49.22
N LYS A 176 30.95 -6.39 48.50
CA LYS A 176 30.66 -6.80 47.14
C LYS A 176 30.45 -5.60 46.22
N LEU A 177 31.03 -4.45 46.57
CA LEU A 177 30.95 -3.25 45.76
C LEU A 177 32.17 -3.13 44.85
N SER A 178 32.05 -2.22 43.88
CA SER A 178 33.09 -2.06 42.88
C SER A 178 34.30 -1.32 43.45
N SER A 179 35.46 -1.61 42.86
CA SER A 179 36.66 -0.84 43.20
C SER A 179 36.42 0.65 43.07
N ALA A 180 35.53 1.05 42.16
CA ALA A 180 35.18 2.46 42.03
C ALA A 180 34.69 3.03 43.35
N VAL A 181 33.81 2.29 44.05
CA VAL A 181 33.31 2.78 45.32
C VAL A 181 34.44 2.88 46.34
N ARG A 182 35.34 1.91 46.32
CA ARG A 182 36.53 1.96 47.17
C ARG A 182 37.27 3.27 46.96
N SER A 183 37.68 3.53 45.72
CA SER A 183 38.38 4.77 45.39
C SER A 183 37.54 5.99 45.79
N GLY A 184 36.23 5.89 45.65
CA GLY A 184 35.36 6.99 46.00
C GLY A 184 35.48 7.35 47.47
N ILE A 185 35.21 6.39 48.35
CA ILE A 185 35.30 6.65 49.78
C ILE A 185 36.70 7.11 50.15
N VAL A 186 37.73 6.51 49.52
CA VAL A 186 39.08 6.96 49.78
C VAL A 186 39.22 8.44 49.48
N GLU A 187 38.84 8.85 48.27
CA GLU A 187 38.84 10.26 47.90
C GLU A 187 38.08 11.09 48.91
N TYR A 188 36.99 10.53 49.44
CA TYR A 188 36.18 11.27 50.39
C TYR A 188 36.97 11.58 51.65
N LEU A 189 37.60 10.57 52.23
CA LEU A 189 38.28 10.78 53.51
C LEU A 189 39.66 11.41 53.36
N SER A 190 40.18 11.49 52.14
CA SER A 190 41.51 12.05 51.93
C SER A 190 41.49 13.57 52.01
N LEU A 191 41.48 14.11 53.23
CA LEU A 191 41.37 15.56 53.42
C LEU A 191 42.74 16.23 53.45
N VAL A 192 43.55 15.93 54.46
CA VAL A 192 44.93 16.43 54.52
C VAL A 192 45.79 15.50 53.67
N LYS A 193 46.27 16.02 52.56
CA LYS A 193 46.94 15.25 51.51
C LYS A 193 48.42 15.65 51.54
N GLY A 194 49.21 14.91 52.30
CA GLY A 194 50.60 15.28 52.47
C GLY A 194 51.51 14.16 52.94
N GLY A 195 52.63 13.99 52.25
CA GLY A 195 53.64 13.02 52.60
C GLY A 195 54.91 13.71 53.08
N GLN A 196 55.89 13.82 52.18
CA GLN A 196 57.13 14.53 52.48
C GLN A 196 57.54 15.48 51.35
N ASP A 197 56.69 15.68 50.35
CA ASP A 197 57.01 16.50 49.19
C ASP A 197 56.40 17.88 49.22
N VAL A 198 55.07 18.00 49.31
CA VAL A 198 54.39 19.29 49.26
C VAL A 198 54.32 19.87 50.67
N LYS A 199 54.31 21.20 50.76
CA LYS A 199 54.26 21.90 52.03
C LYS A 199 52.86 22.40 52.37
N LYS A 200 52.25 23.19 51.47
CA LYS A 200 50.90 23.70 51.68
C LYS A 200 49.88 22.62 51.34
N LYS A 201 50.02 21.49 52.05
CA LYS A 201 49.33 20.26 51.66
C LYS A 201 47.81 20.35 51.70
N VAL A 202 47.25 21.39 52.29
CA VAL A 202 45.79 21.54 52.41
C VAL A 202 45.41 22.91 51.87
N HIS A 203 45.03 22.96 50.59
CA HIS A 203 44.36 24.14 50.04
C HIS A 203 42.85 23.98 50.27
N LEU A 204 42.47 24.04 51.54
CA LEU A 204 41.05 24.00 51.88
C LEU A 204 40.32 25.18 51.25
N SER A 205 39.34 24.88 50.41
CA SER A 205 38.59 25.93 49.74
C SER A 205 37.65 26.61 50.73
N GLU A 206 36.86 27.55 50.21
CA GLU A 206 36.14 28.49 51.08
C GLU A 206 35.14 27.76 51.98
N LYS A 207 34.11 27.16 51.39
CA LYS A 207 33.04 26.62 52.23
C LYS A 207 33.40 25.24 52.75
N ILE A 208 33.01 25.00 54.00
CA ILE A 208 33.38 23.81 54.74
C ILE A 208 32.47 22.66 54.32
N HIS A 209 32.84 21.44 54.70
CA HIS A 209 31.98 20.28 54.55
C HIS A 209 31.65 19.81 55.95
N PRO A 210 30.38 19.75 56.35
CA PRO A 210 30.03 19.47 57.76
C PRO A 210 30.78 18.28 58.36
N PHE A 211 31.15 17.32 57.53
CA PHE A 211 32.16 16.34 57.92
C PHE A 211 33.35 17.01 58.58
N ILE A 212 33.93 18.00 57.89
CA ILE A 212 35.05 18.74 58.47
C ILE A 212 34.63 19.45 59.74
N ARG A 213 33.36 19.82 59.85
CA ARG A 213 32.89 20.49 61.07
C ARG A 213 33.02 19.56 62.27
N LYS A 214 32.49 18.34 62.16
CA LYS A 214 32.66 17.39 63.24
C LYS A 214 34.13 17.04 63.44
N SER A 215 34.90 16.97 62.36
CA SER A 215 36.33 16.78 62.47
C SER A 215 36.94 17.83 63.40
N ILE A 216 36.66 19.10 63.12
CA ILE A 216 37.16 20.20 63.95
C ILE A 216 36.75 20.02 65.39
N ASN A 217 35.45 19.79 65.61
CA ASN A 217 34.98 19.62 66.99
C ASN A 217 35.71 18.49 67.70
N ILE A 218 36.20 17.50 66.96
CA ILE A 218 37.07 16.51 67.59
C ILE A 218 38.48 17.07 67.78
N ILE A 219 38.94 17.93 66.87
CA ILE A 219 40.32 18.41 66.92
C ILE A 219 40.56 19.28 68.15
N LYS A 220 39.67 20.25 68.38
CA LYS A 220 39.90 21.15 69.51
C LYS A 220 39.68 20.48 70.85
N LYS A 221 39.50 19.17 70.91
CA LYS A 221 39.42 18.45 72.19
C LYS A 221 40.59 17.51 72.44
N TYR A 222 41.36 17.14 71.41
CA TYR A 222 42.38 16.13 71.57
C TYR A 222 43.72 16.46 70.94
N PHE A 223 43.83 17.51 70.12
CA PHE A 223 45.11 17.83 69.52
C PHE A 223 45.98 18.67 70.46
N GLU A 224 45.49 19.86 70.82
CA GLU A 224 46.29 20.82 71.56
C GLU A 224 46.84 20.24 72.85
N GLU A 225 46.08 19.35 73.50
CA GLU A 225 46.59 18.70 74.71
C GLU A 225 47.91 17.99 74.43
N TYR A 226 47.88 17.02 73.52
CA TYR A 226 49.11 16.32 73.15
C TYR A 226 50.17 17.30 72.68
N ALA A 227 49.78 18.28 71.85
CA ALA A 227 50.77 19.17 71.25
C ALA A 227 51.52 19.96 72.31
N LEU A 228 50.80 20.82 73.04
CA LEU A 228 51.43 21.73 73.99
C LEU A 228 51.54 21.14 75.38
N VAL A 229 51.37 19.83 75.55
CA VAL A 229 51.56 19.15 76.81
C VAL A 229 52.56 18.00 76.68
N ASN A 230 52.34 17.12 75.70
CA ASN A 230 53.28 16.01 75.50
C ASN A 230 54.43 16.39 74.58
N GLN A 231 54.31 17.48 73.85
CA GLN A 231 55.45 17.88 73.05
C GLN A 231 55.86 19.33 73.26
N ASP A 232 54.91 20.24 73.44
CA ASP A 232 55.18 21.68 73.50
C ASP A 232 55.98 22.09 72.26
N ILE A 233 55.37 21.88 71.11
CA ILE A 233 56.04 21.90 69.80
C ILE A 233 56.81 23.19 69.55
N LEU A 234 56.54 24.22 70.35
CA LEU A 234 57.33 25.45 70.25
C LEU A 234 58.41 25.44 71.33
N GLU A 235 59.36 24.51 71.15
CA GLU A 235 60.40 24.28 72.14
C GLU A 235 61.78 24.74 71.69
N ASN A 236 62.10 24.67 70.40
CA ASN A 236 63.39 25.12 69.90
C ASN A 236 63.22 25.38 68.41
N LYS A 237 64.29 25.89 67.78
CA LYS A 237 64.25 26.28 66.38
C LYS A 237 63.76 25.13 65.51
N GLU A 238 64.19 23.91 65.81
CA GLU A 238 63.93 22.75 64.96
C GLU A 238 62.44 22.60 64.65
N SER A 239 61.64 22.39 65.70
CA SER A 239 60.23 22.05 65.48
C SER A 239 59.50 23.15 64.71
N TRP A 240 59.53 24.38 65.22
CA TRP A 240 58.77 25.43 64.55
C TRP A 240 59.36 25.84 63.20
N ASP A 241 60.60 25.46 62.91
CA ASP A 241 61.10 25.67 61.57
C ASP A 241 60.51 24.66 60.60
N LYS A 242 60.04 23.52 61.09
CA LYS A 242 59.18 22.64 60.32
C LYS A 242 57.72 23.09 60.32
N ILE A 243 57.46 24.33 60.75
CA ILE A 243 56.09 24.83 60.87
C ILE A 243 55.88 26.10 60.04
N LEU A 244 56.64 27.15 60.31
CA LEU A 244 56.32 28.45 59.75
C LEU A 244 56.49 28.53 58.24
N ALA A 245 57.01 27.49 57.60
CA ALA A 245 57.33 27.55 56.17
C ALA A 245 56.16 27.11 55.30
N LEU A 246 54.92 27.26 55.79
CA LEU A 246 53.72 27.02 55.00
C LEU A 246 52.77 28.20 55.07
N VAL A 247 53.26 29.38 55.45
CA VAL A 247 52.41 30.47 55.89
C VAL A 247 52.60 31.69 54.99
N PRO A 248 51.58 32.51 54.78
CA PRO A 248 51.80 33.83 54.19
C PRO A 248 52.75 34.66 55.04
N GLU A 249 53.22 35.75 54.46
CA GLU A 249 54.45 36.40 54.91
C GLU A 249 54.27 37.76 55.56
N THR A 250 53.07 38.36 55.49
CA THR A 250 52.90 39.72 55.97
C THR A 250 53.28 39.86 57.45
N ILE A 251 53.22 38.77 58.20
CA ILE A 251 53.41 38.80 59.64
C ILE A 251 54.41 37.73 60.04
N HIS A 252 55.01 37.08 59.04
CA HIS A 252 55.82 35.89 59.28
C HIS A 252 57.04 36.14 60.15
N ASP A 253 57.30 37.39 60.53
CA ASP A 253 58.39 37.68 61.47
C ASP A 253 57.90 37.83 62.90
N GLU A 254 56.66 38.28 63.09
CA GLU A 254 56.12 38.41 64.44
C GLU A 254 56.03 37.07 65.15
N LEU A 255 55.80 35.99 64.40
CA LEU A 255 55.71 34.68 65.02
C LEU A 255 57.05 34.26 65.60
N GLN A 256 58.14 34.45 64.85
CA GLN A 256 59.46 34.19 65.42
C GLN A 256 59.81 35.17 66.53
N GLN A 257 59.38 36.42 66.39
CA GLN A 257 59.51 37.41 67.45
C GLN A 257 58.94 36.86 68.76
N SER A 258 57.80 36.18 68.67
CA SER A 258 57.24 35.50 69.83
C SER A 258 57.96 34.18 70.11
N PHE A 259 58.64 33.63 69.12
CA PHE A 259 59.36 32.37 69.31
C PHE A 259 60.50 32.54 70.30
N GLN A 260 61.30 33.58 70.13
CA GLN A 260 62.55 33.71 70.88
C GLN A 260 62.52 34.83 71.92
N LYS A 261 61.37 35.03 72.55
CA LYS A 261 61.26 35.82 73.77
C LYS A 261 60.41 35.08 74.78
N SER A 262 60.68 33.78 74.97
CA SER A 262 59.67 32.87 75.50
C SER A 262 60.13 32.15 76.76
N HIS A 263 59.14 31.80 77.58
CA HIS A 263 59.29 30.83 78.66
C HIS A 263 58.24 29.73 78.62
N ASN A 264 57.39 29.70 77.60
CA ASN A 264 56.38 28.66 77.41
C ASN A 264 56.15 28.53 75.91
N SER A 265 55.06 27.87 75.53
CA SER A 265 54.66 27.79 74.13
C SER A 265 53.16 28.05 73.99
N LEU A 266 52.64 29.01 74.73
CA LEU A 266 51.21 29.32 74.72
C LEU A 266 50.92 30.71 74.17
N GLN A 267 51.53 31.75 74.73
CA GLN A 267 51.34 33.10 74.20
C GLN A 267 51.77 33.20 72.74
N ARG A 268 52.67 32.32 72.29
CA ARG A 268 53.04 32.27 70.88
C ARG A 268 51.81 32.05 70.01
N TRP A 269 51.16 30.90 70.19
CA TRP A 269 49.94 30.62 69.45
C TRP A 269 48.85 31.62 69.76
N GLU A 270 48.86 32.20 70.96
CA GLU A 270 47.85 33.19 71.31
C GLU A 270 47.96 34.41 70.42
N HIS A 271 49.16 34.99 70.34
CA HIS A 271 49.37 36.12 69.44
C HIS A 271 49.23 35.70 67.99
N LEU A 272 49.47 34.42 67.68
CA LEU A 272 49.14 33.91 66.35
C LEU A 272 47.67 34.12 66.04
N LYS A 273 46.80 33.56 66.88
CA LYS A 273 45.37 33.78 66.75
C LYS A 273 45.04 35.27 66.68
N LYS A 274 45.70 36.06 67.53
CA LYS A 274 45.40 37.49 67.59
C LYS A 274 45.66 38.17 66.25
N VAL A 275 46.86 38.01 65.72
CA VAL A 275 47.18 38.65 64.45
C VAL A 275 46.31 38.07 63.34
N ALA A 276 45.92 36.79 63.46
CA ALA A 276 44.97 36.24 62.50
C ALA A 276 43.64 36.98 62.55
N SER A 277 43.22 37.38 63.75
CA SER A 277 42.03 38.22 63.87
C SER A 277 42.21 39.55 63.16
N ARG A 278 43.45 40.04 63.04
CA ARG A 278 43.74 41.20 62.23
C ARG A 278 44.32 40.84 60.87
N TYR A 279 44.49 39.56 60.58
CA TYR A 279 44.90 39.14 59.25
C TYR A 279 43.68 38.92 58.38
N GLN A 280 43.89 38.85 57.07
CA GLN A 280 42.81 38.83 56.09
C GLN A 280 42.97 37.59 55.21
N ASN A 281 42.37 36.48 55.63
CA ASN A 281 42.24 35.32 54.75
C ASN A 281 41.44 35.69 53.49
N ASN A 282 40.53 36.65 53.62
CA ASN A 282 39.74 37.16 52.50
C ASN A 282 39.82 38.68 52.52
N ILE A 283 40.61 39.25 51.60
CA ILE A 283 40.66 40.70 51.51
C ILE A 283 39.30 41.26 51.14
N LYS A 284 38.46 40.45 50.51
CA LYS A 284 37.16 40.93 50.04
C LYS A 284 36.20 41.17 51.20
N ASN A 285 35.88 40.12 51.95
CA ASN A 285 34.75 40.15 52.87
C ASN A 285 35.20 40.02 54.32
N ASP A 286 34.26 40.23 55.22
CA ASP A 286 34.49 40.16 56.66
C ASP A 286 34.15 38.76 57.19
N LYS A 287 34.89 37.77 56.69
CA LYS A 287 34.84 36.40 57.21
C LYS A 287 36.30 36.00 57.45
N TYR A 288 36.83 36.37 58.62
CA TYR A 288 38.19 36.01 58.99
C TYR A 288 38.18 34.56 59.46
N GLY A 289 38.74 33.67 58.65
CA GLY A 289 38.53 32.26 58.83
C GLY A 289 39.72 31.50 59.37
N PRO A 290 39.45 30.37 59.99
CA PRO A 290 40.52 29.57 60.59
C PRO A 290 41.23 28.69 59.57
N TRP A 291 41.08 29.03 58.29
CA TRP A 291 41.63 28.21 57.21
C TRP A 291 43.06 27.78 57.51
N LEU A 292 43.95 28.76 57.66
CA LEU A 292 45.38 28.45 57.76
C LEU A 292 45.72 27.87 59.13
N GLU A 293 45.25 28.50 60.20
CA GLU A 293 45.58 28.03 61.55
C GLU A 293 45.06 26.61 61.78
N TRP A 294 43.83 26.34 61.35
CA TRP A 294 43.29 25.02 61.58
C TRP A 294 43.81 23.99 60.59
N GLU A 295 44.19 24.43 59.39
CA GLU A 295 45.00 23.57 58.52
C GLU A 295 46.27 23.16 59.23
N ILE A 296 46.94 24.10 59.89
CA ILE A 296 48.12 23.80 60.68
C ILE A 296 47.81 22.72 61.70
N MET A 297 46.86 23.01 62.58
CA MET A 297 46.49 22.07 63.63
C MET A 297 46.19 20.70 63.07
N LEU A 298 45.29 20.63 62.09
CA LEU A 298 44.87 19.34 61.56
C LEU A 298 46.03 18.61 60.91
N GLN A 299 46.69 19.23 59.93
CA GLN A 299 47.82 18.61 59.28
C GLN A 299 48.85 18.10 60.28
N TYR A 300 48.96 18.72 61.45
CA TYR A 300 49.88 18.20 62.44
C TYR A 300 49.36 16.96 63.15
N CYS A 301 48.06 16.72 63.13
CA CYS A 301 47.50 15.47 63.64
C CYS A 301 46.29 15.13 62.78
N PHE A 302 46.49 14.28 61.77
CA PHE A 302 45.43 13.90 60.86
C PHE A 302 45.77 12.52 60.32
N PRO A 303 44.79 11.66 60.11
CA PRO A 303 45.10 10.31 59.59
C PRO A 303 45.51 10.34 58.14
N ARG A 304 46.80 10.14 57.87
CA ARG A 304 47.27 10.10 56.50
C ARG A 304 46.84 8.80 55.85
N LEU A 305 46.22 8.90 54.69
CA LEU A 305 45.58 7.76 54.04
C LEU A 305 46.52 7.11 53.04
N ASP A 306 46.24 5.83 52.76
CA ASP A 306 46.92 5.13 51.70
C ASP A 306 46.06 5.14 50.44
N ILE A 307 46.73 5.35 49.31
CA ILE A 307 46.04 5.53 48.04
C ILE A 307 45.89 4.23 47.26
N ASN A 308 46.55 3.15 47.69
CA ASN A 308 46.49 1.89 46.97
C ASN A 308 46.06 0.71 47.81
N VAL A 309 46.07 0.81 49.13
CA VAL A 309 45.69 -0.35 49.94
C VAL A 309 44.19 -0.34 50.23
N SER A 310 43.56 0.83 50.19
CA SER A 310 42.13 0.92 50.49
C SER A 310 41.27 0.94 49.24
N LYS A 311 41.83 0.58 48.09
CA LYS A 311 41.05 0.39 46.87
C LYS A 311 41.31 -0.96 46.21
N GLY A 312 42.54 -1.46 46.27
CA GLY A 312 42.88 -2.67 45.54
C GLY A 312 42.22 -3.90 46.11
N ILE A 313 42.11 -4.93 45.26
CA ILE A 313 41.52 -6.21 45.63
C ILE A 313 42.60 -7.27 45.53
N ASN A 314 43.83 -6.86 45.74
CA ASN A 314 44.97 -7.76 45.69
C ASN A 314 45.82 -7.71 46.95
N HIS A 315 45.97 -6.54 47.55
CA HIS A 315 46.68 -6.43 48.81
C HIS A 315 45.90 -7.16 49.89
N LEU A 316 46.50 -8.22 50.42
CA LEU A 316 45.90 -8.99 51.49
C LEU A 316 46.61 -8.66 52.80
N LEU A 317 45.86 -8.73 53.90
CA LEU A 317 46.39 -8.34 55.20
C LEU A 317 46.12 -9.42 56.22
N LYS A 318 46.71 -9.24 57.40
CA LYS A 318 46.87 -10.28 58.40
C LYS A 318 45.53 -10.82 58.85
N SER A 319 45.58 -11.92 59.52
CA SER A 319 44.44 -12.61 60.10
C SER A 319 44.18 -12.11 61.52
N PRO A 320 42.94 -12.18 61.97
CA PRO A 320 42.66 -11.94 63.38
C PRO A 320 43.51 -12.82 64.29
N PHE A 321 44.28 -12.20 65.18
CA PHE A 321 45.08 -12.89 66.19
C PHE A 321 46.16 -13.77 65.57
N SER A 322 46.58 -13.44 64.36
CA SER A 322 47.78 -14.03 63.78
C SER A 322 48.98 -13.21 64.23
N VAL A 323 50.05 -13.92 64.63
CA VAL A 323 51.18 -13.24 65.25
C VAL A 323 51.84 -12.28 64.27
N HIS A 324 52.29 -11.14 64.78
CA HIS A 324 53.30 -10.38 64.06
C HIS A 324 54.65 -10.77 64.65
N PRO A 325 55.38 -11.71 64.03
CA PRO A 325 56.69 -12.09 64.57
C PRO A 325 57.62 -10.91 64.86
N LYS A 326 57.59 -9.87 64.03
CA LYS A 326 58.54 -8.78 64.20
C LYS A 326 58.11 -7.74 65.24
N THR A 327 57.13 -8.03 66.09
CA THR A 327 56.87 -7.23 67.28
C THR A 327 56.56 -8.07 68.51
N GLY A 328 56.29 -9.36 68.36
CA GLY A 328 55.72 -10.13 69.43
C GLY A 328 54.23 -9.84 69.55
N ARG A 329 53.90 -8.55 69.52
CA ARG A 329 52.51 -8.12 69.59
C ARG A 329 51.68 -8.79 68.50
N ILE A 330 50.48 -9.20 68.88
CA ILE A 330 49.53 -9.82 67.95
C ILE A 330 48.32 -8.88 67.84
N SER A 331 47.44 -9.19 66.88
CA SER A 331 46.32 -8.32 66.56
C SER A 331 45.48 -8.02 67.80
N VAL A 332 45.45 -6.76 68.22
CA VAL A 332 44.75 -6.34 69.43
C VAL A 332 43.41 -5.72 69.01
N PRO A 333 42.29 -6.33 69.35
CA PRO A 333 40.99 -5.68 69.08
C PRO A 333 40.91 -4.31 69.74
N ILE A 334 40.42 -3.34 68.98
CA ILE A 334 40.33 -1.95 69.43
C ILE A 334 38.89 -1.50 69.29
N ASP A 335 38.37 -0.83 70.31
CA ASP A 335 36.99 -0.40 70.35
C ASP A 335 36.90 1.01 70.90
N LEU A 336 35.86 1.73 70.47
CA LEU A 336 35.49 2.97 71.14
C LEU A 336 35.34 2.74 72.64
N GLN A 337 34.71 1.63 73.01
CA GLN A 337 34.67 1.23 74.41
C GLN A 337 36.05 1.07 75.01
N LYS A 338 37.09 0.96 74.19
CA LYS A 338 38.46 0.84 74.67
C LYS A 338 39.36 2.00 74.24
N VAL A 339 38.94 2.82 73.28
CA VAL A 339 39.79 3.93 72.86
C VAL A 339 40.12 4.84 74.04
N ASP A 340 39.20 4.95 74.98
CA ASP A 340 39.42 5.76 76.18
C ASP A 340 40.28 5.04 77.22
N GLN A 341 40.63 3.77 77.00
CA GLN A 341 41.44 3.04 77.97
C GLN A 341 42.52 2.17 77.34
N PHE A 342 43.08 2.54 76.19
CA PHE A 342 44.12 1.72 75.59
C PHE A 342 45.51 2.28 75.89
N ASP A 343 46.48 1.37 75.97
CA ASP A 343 47.89 1.71 76.03
C ASP A 343 48.63 0.65 75.21
N PRO A 344 49.50 1.05 74.29
CA PRO A 344 50.18 0.05 73.45
C PRO A 344 51.24 -0.73 74.21
N PHE A 345 51.82 -0.14 75.24
CA PHE A 345 52.95 -0.76 75.92
C PHE A 345 52.52 -1.91 76.82
N THR A 346 51.33 -1.81 77.42
CA THR A 346 50.88 -2.84 78.34
C THR A 346 50.24 -4.03 77.62
N VAL A 347 49.57 -3.79 76.50
CA VAL A 347 48.91 -4.88 75.78
C VAL A 347 49.97 -5.87 75.34
N PRO A 348 49.66 -7.17 75.29
CA PRO A 348 50.70 -8.20 75.29
C PRO A 348 51.22 -8.59 73.92
N THR A 349 52.42 -9.15 73.92
CA THR A 349 53.05 -9.76 72.76
C THR A 349 52.71 -11.25 72.71
N ILE A 350 53.13 -11.90 71.61
CA ILE A 350 53.02 -13.36 71.55
C ILE A 350 53.83 -13.98 72.68
N SER A 351 55.01 -13.42 72.95
CA SER A 351 55.78 -13.87 74.11
C SER A 351 54.99 -13.71 75.39
N PHE A 352 54.31 -12.57 75.54
CA PHE A 352 53.63 -12.29 76.79
C PHE A 352 52.36 -13.13 76.92
N ILE A 353 51.58 -13.26 75.84
CA ILE A 353 50.41 -14.13 75.95
C ILE A 353 50.84 -15.57 76.16
N CYS A 354 52.00 -15.94 75.64
CA CYS A 354 52.50 -17.30 75.85
C CYS A 354 52.84 -17.51 77.31
N ARG A 355 53.65 -16.62 77.88
CA ARG A 355 53.95 -16.67 79.31
C ARG A 355 52.67 -16.61 80.13
N GLU A 356 51.64 -15.93 79.64
CA GLU A 356 50.33 -15.97 80.26
C GLU A 356 49.83 -17.41 80.33
N LEU A 357 49.66 -18.04 79.16
CA LEU A 357 49.25 -19.42 79.13
C LEU A 357 50.35 -20.36 79.61
N ASP A 358 51.60 -19.91 79.59
CA ASP A 358 52.69 -20.67 80.21
C ASP A 358 52.65 -20.42 81.72
N ALA A 359 51.59 -20.91 82.34
CA ALA A 359 51.37 -20.76 83.78
C ALA A 359 50.38 -21.79 84.28
N ARG A 381 42.82 -23.91 79.78
CA ARG A 381 42.06 -24.81 78.91
C ARG A 381 41.93 -24.21 77.52
N ASP A 382 41.75 -22.90 77.47
CA ASP A 382 41.42 -22.19 76.25
C ASP A 382 41.81 -20.73 76.46
N TYR A 383 41.32 -19.85 75.59
CA TYR A 383 41.46 -18.44 75.91
C TYR A 383 40.56 -18.03 77.07
N LYS A 384 39.73 -18.93 77.58
CA LYS A 384 38.76 -18.69 78.64
C LYS A 384 39.40 -18.44 80.03
N LYS A 385 40.72 -18.35 80.17
CA LYS A 385 41.34 -18.14 81.46
C LYS A 385 42.03 -16.79 81.57
N THR A 386 42.96 -16.49 80.66
CA THR A 386 43.75 -15.26 80.74
C THR A 386 42.97 -14.09 80.18
N SER A 387 43.66 -12.97 79.95
CA SER A 387 43.04 -11.79 79.34
C SER A 387 42.72 -11.99 77.87
N LEU A 388 42.94 -13.19 77.32
CA LEU A 388 42.60 -13.43 75.93
C LEU A 388 41.10 -13.58 75.73
N ALA A 389 40.39 -14.17 76.69
CA ALA A 389 38.93 -14.13 76.63
C ALA A 389 38.42 -12.70 76.69
N PRO A 390 38.92 -11.82 77.55
CA PRO A 390 38.58 -10.39 77.39
C PRO A 390 38.93 -9.84 76.01
N TYR A 391 40.13 -10.13 75.50
CA TYR A 391 40.53 -9.58 74.21
C TYR A 391 39.62 -10.04 73.09
N VAL A 392 39.12 -11.28 73.17
CA VAL A 392 38.19 -11.79 72.18
C VAL A 392 36.75 -11.53 72.58
N LYS A 393 36.52 -10.86 73.70
CA LYS A 393 35.18 -10.35 73.96
C LYS A 393 34.74 -9.42 72.84
N VAL A 394 35.66 -8.59 72.34
CA VAL A 394 35.37 -7.76 71.18
C VAL A 394 35.06 -8.62 69.96
N PHE A 395 35.88 -9.65 69.74
CA PHE A 395 35.66 -10.58 68.63
C PHE A 395 34.26 -11.17 68.69
N GLU A 396 33.98 -11.92 69.76
CA GLU A 396 32.69 -12.55 69.92
C GLU A 396 31.56 -11.55 70.03
N HIS A 397 31.86 -10.30 70.37
CA HIS A 397 30.83 -9.25 70.38
C HIS A 397 30.42 -8.89 68.96
N PHE A 398 31.41 -8.60 68.12
CA PHE A 398 31.16 -8.43 66.69
C PHE A 398 30.41 -9.63 66.14
N LEU A 399 30.83 -10.83 66.52
CA LEU A 399 30.14 -12.05 66.09
C LEU A 399 28.70 -12.05 66.55
N GLU A 400 28.45 -11.63 67.79
CA GLU A 400 27.08 -11.50 68.28
C GLU A 400 26.27 -10.59 67.37
N ASN A 401 26.85 -9.44 67.03
CA ASN A 401 26.19 -8.55 66.07
C ASN A 401 25.89 -9.27 64.77
N LEU A 402 26.82 -10.11 64.32
CA LEU A 402 26.58 -10.89 63.11
C LEU A 402 25.37 -11.80 63.27
N ASP A 403 25.29 -12.49 64.41
CA ASP A 403 24.10 -13.28 64.70
C ASP A 403 22.86 -12.42 64.58
N LYS A 404 22.90 -11.20 65.11
CA LYS A 404 21.82 -10.26 64.90
C LYS A 404 21.73 -9.83 63.44
N SER A 405 22.83 -9.83 62.71
CA SER A 405 22.77 -9.52 61.29
C SER A 405 22.07 -10.62 60.52
N ARG A 406 22.19 -11.86 60.96
CA ARG A 406 21.54 -12.98 60.31
C ARG A 406 20.09 -13.07 60.74
N LYS A 407 19.19 -13.10 59.76
CA LYS A 407 17.76 -13.14 60.02
C LYS A 407 17.31 -14.54 60.42
N TYR B 25 4.84 17.86 29.57
CA TYR B 25 3.70 18.30 28.77
C TYR B 25 2.97 17.07 28.20
N PRO B 26 3.69 16.15 27.49
CA PRO B 26 3.13 14.80 27.28
C PRO B 26 3.69 13.75 28.23
N HIS B 27 3.07 12.56 28.27
CA HIS B 27 3.72 11.43 28.91
C HIS B 27 5.05 11.12 28.27
N CYS B 28 5.24 11.56 27.01
CA CYS B 28 6.29 11.08 26.12
C CYS B 28 7.61 10.79 26.82
N LEU B 29 8.10 11.79 27.57
CA LEU B 29 9.40 11.72 28.21
C LEU B 29 9.58 10.38 28.90
N GLN B 30 10.46 9.55 28.37
CA GLN B 30 10.60 8.20 28.89
C GLN B 30 11.94 7.63 28.43
N PHE B 31 12.40 6.64 29.16
CA PHE B 31 13.72 6.08 28.92
C PHE B 31 13.58 4.87 28.01
N TYR B 32 14.23 4.95 26.86
CA TYR B 32 13.90 4.07 25.75
C TYR B 32 14.22 2.62 26.09
N LEU B 33 13.34 1.73 25.68
CA LEU B 33 13.38 0.35 26.13
C LEU B 33 12.32 -0.45 25.39
N GLN B 34 12.54 -1.76 25.29
CA GLN B 34 11.50 -2.69 24.89
C GLN B 34 10.93 -2.40 23.50
N PRO B 35 11.67 -2.74 22.44
CA PRO B 35 11.18 -2.54 21.07
C PRO B 35 9.74 -2.99 20.90
N PRO B 36 8.89 -2.12 20.38
CA PRO B 36 7.44 -2.39 20.32
C PRO B 36 7.03 -3.23 19.13
N SER B 37 7.07 -4.55 19.27
CA SER B 37 6.79 -5.44 18.14
C SER B 37 5.31 -5.38 17.76
N GLU B 38 4.96 -4.32 17.03
CA GLU B 38 3.72 -4.24 16.28
C GLU B 38 3.98 -4.68 14.84
N ASN B 39 3.07 -4.38 13.93
CA ASN B 39 3.36 -4.43 12.50
C ASN B 39 2.56 -3.33 11.81
N ILE B 40 3.23 -2.58 10.93
CA ILE B 40 2.84 -1.22 10.60
C ILE B 40 2.88 -1.01 9.10
N SER B 41 2.58 0.22 8.71
CA SER B 41 2.59 0.67 7.32
C SER B 41 3.98 1.07 6.86
N LEU B 42 4.38 0.55 5.70
CA LEU B 42 5.66 0.96 5.13
C LEU B 42 5.74 2.46 4.97
N ILE B 43 4.63 3.11 4.58
CA ILE B 43 4.66 4.55 4.40
C ILE B 43 5.02 5.23 5.71
N GLU B 44 4.26 4.93 6.76
CA GLU B 44 4.52 5.53 8.06
C GLU B 44 5.96 5.29 8.50
N PHE B 45 6.53 4.15 8.11
CA PHE B 45 7.92 3.86 8.46
C PHE B 45 8.85 4.96 7.96
N GLU B 46 8.93 5.11 6.65
CA GLU B 46 9.85 6.11 6.09
C GLU B 46 9.46 7.51 6.53
N ASN B 47 8.17 7.75 6.75
CA ASN B 47 7.76 9.03 7.31
C ASN B 47 8.46 9.31 8.63
N LEU B 48 8.28 8.43 9.60
CA LEU B 48 8.91 8.62 10.90
C LEU B 48 10.41 8.79 10.75
N ALA B 49 11.01 7.99 9.88
CA ALA B 49 12.44 8.11 9.63
C ALA B 49 12.81 9.55 9.31
N ILE B 50 12.21 10.07 8.25
CA ILE B 50 12.55 11.42 7.81
C ILE B 50 12.27 12.43 8.92
N ASP B 51 11.09 12.36 9.52
CA ASP B 51 10.71 13.30 10.56
C ASP B 51 11.79 13.37 11.64
N ARG B 52 12.08 12.23 12.24
CA ARG B 52 13.03 12.20 13.33
C ARG B 52 14.38 12.72 12.90
N VAL B 53 14.84 12.35 11.71
CA VAL B 53 16.16 12.83 11.28
C VAL B 53 16.15 14.35 11.18
N LYS B 54 15.05 14.89 10.67
CA LYS B 54 14.91 16.34 10.61
C LYS B 54 15.05 16.94 11.99
N LEU B 55 14.31 16.38 12.95
CA LEU B 55 14.36 16.88 14.32
C LEU B 55 15.78 16.90 14.84
N LEU B 56 16.52 15.82 14.60
CA LEU B 56 17.87 15.71 15.11
C LEU B 56 18.76 16.80 14.53
N LYS B 57 18.87 16.83 13.20
CA LYS B 57 19.71 17.82 12.55
C LYS B 57 19.37 19.21 13.04
N SER B 58 18.08 19.51 13.09
CA SER B 58 17.64 20.81 13.55
C SER B 58 18.18 21.11 14.94
N VAL B 59 17.81 20.27 15.92
CA VAL B 59 18.25 20.50 17.29
C VAL B 59 19.74 20.79 17.33
N GLU B 60 20.53 20.00 16.61
CA GLU B 60 21.96 20.28 16.55
C GLU B 60 22.21 21.71 16.09
N ASN B 61 21.59 22.11 14.99
CA ASN B 61 21.82 23.45 14.44
C ASN B 61 21.42 24.53 15.43
N LEU B 62 20.14 24.55 15.78
CA LEU B 62 19.60 25.47 16.77
C LEU B 62 20.54 25.60 17.95
N GLY B 63 21.03 24.47 18.47
CA GLY B 63 21.92 24.51 19.61
C GLY B 63 23.21 25.24 19.31
N VAL B 64 23.93 24.77 18.28
CA VAL B 64 25.22 25.38 17.98
C VAL B 64 25.09 26.85 17.63
N SER B 65 23.90 27.31 17.29
CA SER B 65 23.71 28.72 16.99
C SER B 65 23.87 29.58 18.23
N TYR B 66 22.97 29.43 19.19
CA TYR B 66 22.90 30.22 20.40
C TYR B 66 23.59 29.49 21.55
N VAL B 67 23.37 29.99 22.76
CA VAL B 67 23.69 29.25 23.96
C VAL B 67 22.41 28.65 24.51
N LYS B 68 22.55 27.71 25.44
CA LYS B 68 21.44 26.86 25.85
C LYS B 68 20.29 27.66 26.45
N GLY B 69 20.55 28.34 27.57
CA GLY B 69 19.48 28.93 28.36
C GLY B 69 18.76 30.09 27.70
N THR B 70 19.26 30.60 26.57
CA THR B 70 18.59 31.68 25.90
C THR B 70 17.18 31.27 25.46
N GLU B 71 16.26 32.22 25.50
CA GLU B 71 14.85 31.93 25.26
C GLU B 71 14.52 31.80 23.79
N GLN B 72 15.42 32.23 22.90
CA GLN B 72 15.33 31.79 21.51
C GLN B 72 15.49 30.28 21.44
N TYR B 73 16.56 29.78 22.05
CA TYR B 73 16.82 28.34 22.09
C TYR B 73 15.62 27.57 22.61
N GLN B 74 14.77 28.21 23.41
CA GLN B 74 13.57 27.51 23.85
C GLN B 74 12.46 27.68 22.82
N SER B 75 12.05 28.93 22.59
CA SER B 75 10.93 29.24 21.70
C SER B 75 11.01 28.48 20.39
N LYS B 76 12.13 28.62 19.68
CA LYS B 76 12.24 28.00 18.37
C LYS B 76 12.01 26.50 18.45
N LEU B 77 12.66 25.84 19.40
CA LEU B 77 12.57 24.39 19.47
C LEU B 77 11.17 23.95 19.88
N GLU B 78 10.65 24.51 20.98
CA GLU B 78 9.30 24.17 21.40
C GLU B 78 8.28 24.52 20.33
N SER B 79 8.66 25.30 19.32
CA SER B 79 7.81 25.47 18.16
C SER B 79 7.96 24.29 17.21
N GLU B 80 9.18 24.08 16.73
CA GLU B 80 9.43 23.00 15.77
C GLU B 80 8.99 21.66 16.34
N LEU B 81 9.45 21.33 17.55
CA LEU B 81 9.17 20.02 18.11
C LEU B 81 7.67 19.78 18.20
N ARG B 82 6.92 20.77 18.69
CA ARG B 82 5.47 20.61 18.74
C ARG B 82 4.89 20.52 17.33
N LYS B 83 5.54 21.14 16.36
CA LYS B 83 5.01 21.11 15.00
C LYS B 83 5.05 19.72 14.40
N LEU B 84 6.07 18.92 14.74
CA LEU B 84 6.24 17.61 14.13
C LEU B 84 5.65 16.49 14.98
N LYS B 85 4.62 16.80 15.75
CA LYS B 85 3.78 15.79 16.40
C LYS B 85 4.49 14.97 17.46
N PHE B 86 5.05 15.61 18.49
CA PHE B 86 5.68 14.86 19.56
C PHE B 86 5.39 15.32 20.99
N SER B 87 4.63 16.40 21.20
CA SER B 87 4.43 16.90 22.58
C SER B 87 3.11 17.65 22.68
N TYR B 88 2.10 16.98 23.23
CA TYR B 88 0.81 17.59 23.53
C TYR B 88 0.37 17.19 24.93
N ARG B 89 -0.90 17.41 25.29
CA ARG B 89 -1.35 17.26 26.66
C ARG B 89 -1.90 15.84 26.87
N GLU B 90 -2.58 15.61 27.99
CA GLU B 90 -2.79 14.27 28.52
C GLU B 90 -3.75 13.45 27.66
N ASN B 91 -3.51 12.15 27.67
CA ASN B 91 -4.29 11.17 26.90
C ASN B 91 -4.07 9.79 27.51
N LEU B 92 -4.34 8.74 26.72
CA LEU B 92 -4.46 7.38 27.22
C LEU B 92 -3.07 6.77 27.49
N GLU B 93 -3.03 5.44 27.67
CA GLU B 93 -1.90 4.72 28.25
C GLU B 93 -0.59 4.87 27.49
N ASP B 94 -0.48 4.26 26.31
CA ASP B 94 0.68 4.44 25.42
C ASP B 94 0.31 4.63 23.96
N GLU B 95 -0.93 4.35 23.55
CA GLU B 95 -1.36 4.47 22.16
C GLU B 95 -1.89 5.85 21.85
N TYR B 96 -1.64 6.80 22.71
CA TYR B 96 -1.64 8.21 22.35
C TYR B 96 -0.70 8.43 21.17
N GLU B 97 -0.98 9.45 20.36
CA GLU B 97 -0.28 9.55 19.09
C GLU B 97 1.19 9.96 19.25
N PRO B 98 1.51 11.16 19.76
CA PRO B 98 2.89 11.63 19.65
C PRO B 98 3.88 10.79 20.42
N ARG B 99 3.51 10.27 21.59
CA ARG B 99 4.44 9.41 22.30
C ARG B 99 4.75 8.17 21.46
N ARG B 100 3.74 7.62 20.80
CA ARG B 100 3.98 6.48 19.93
C ARG B 100 4.92 6.87 18.80
N ARG B 101 4.76 8.08 18.27
CA ARG B 101 5.62 8.52 17.18
C ARG B 101 7.06 8.61 17.65
N ASP B 102 7.30 9.28 18.77
CA ASP B 102 8.64 9.32 19.35
C ASP B 102 9.20 7.92 19.49
N HIS B 103 8.40 7.01 20.04
CA HIS B 103 8.84 5.66 20.31
C HIS B 103 9.36 4.99 19.05
N ILE B 104 8.49 4.86 18.04
CA ILE B 104 8.89 4.13 16.86
C ILE B 104 9.98 4.89 16.12
N SER B 105 9.99 6.21 16.21
CA SER B 105 11.07 6.99 15.59
C SER B 105 12.42 6.53 16.10
N HIS B 106 12.63 6.62 17.41
CA HIS B 106 13.90 6.18 17.94
C HIS B 106 14.16 4.74 17.55
N PHE B 107 13.27 3.83 17.97
CA PHE B 107 13.58 2.44 17.75
C PHE B 107 13.65 2.06 16.28
N ILE B 108 13.50 3.02 15.38
CA ILE B 108 13.97 2.78 14.02
C ILE B 108 15.38 3.33 13.86
N LEU B 109 15.57 4.63 14.10
CA LEU B 109 16.88 5.22 13.89
C LEU B 109 17.98 4.44 14.59
N ARG B 110 17.62 3.66 15.62
CA ARG B 110 18.57 2.70 16.17
C ARG B 110 19.25 1.94 15.04
N LEU B 111 18.47 1.47 14.08
CA LEU B 111 19.07 0.80 12.93
C LEU B 111 19.88 1.74 12.05
N ALA B 112 19.83 3.06 12.28
CA ALA B 112 20.56 3.96 11.40
C ALA B 112 22.04 3.91 11.68
N TYR B 113 22.43 4.26 12.88
CA TYR B 113 23.83 4.56 13.18
C TYR B 113 24.38 3.43 14.03
N CYS B 114 24.82 2.38 13.36
CA CYS B 114 25.49 1.27 14.01
C CYS B 114 26.79 0.94 13.30
N GLN B 115 27.38 1.94 12.63
CA GLN B 115 28.53 1.65 11.78
C GLN B 115 29.65 2.66 11.88
N SER B 116 29.77 3.36 13.00
CA SER B 116 30.96 4.16 13.27
C SER B 116 31.05 4.42 14.76
N GLU B 117 32.16 5.00 15.17
CA GLU B 117 32.16 5.68 16.45
C GLU B 117 31.65 7.09 16.29
N GLU B 118 32.19 7.81 15.30
CA GLU B 118 31.74 9.18 15.05
C GLU B 118 30.23 9.24 14.89
N LEU B 119 29.66 8.32 14.11
CA LEU B 119 28.22 8.31 13.94
C LEU B 119 27.52 8.07 15.27
N ARG B 120 27.75 6.90 15.87
CA ARG B 120 27.13 6.58 17.15
C ARG B 120 27.35 7.69 18.15
N ARG B 121 28.53 8.30 18.12
CA ARG B 121 28.75 9.48 18.94
C ARG B 121 27.68 10.52 18.67
N TRP B 122 27.67 11.05 17.45
CA TRP B 122 26.77 12.12 17.07
C TRP B 122 25.33 11.81 17.48
N PHE B 123 24.89 10.58 17.21
CA PHE B 123 23.54 10.18 17.57
C PHE B 123 23.32 10.27 19.07
N ILE B 124 24.21 9.64 19.84
CA ILE B 124 24.08 9.70 21.30
C ILE B 124 24.00 11.15 21.73
N GLN B 125 25.08 11.90 21.49
CA GLN B 125 25.19 13.29 21.88
C GLN B 125 23.91 14.09 21.60
N GLN B 126 23.35 13.91 20.41
CA GLN B 126 22.15 14.65 20.06
C GLN B 126 20.94 14.20 20.86
N GLU B 127 20.69 12.89 20.90
CA GLU B 127 19.57 12.40 21.68
C GLU B 127 19.68 12.85 23.13
N MET B 128 20.88 12.74 23.68
CA MET B 128 21.20 13.26 25.00
C MET B 128 20.68 14.68 25.18
N ASP B 129 21.16 15.60 24.35
CA ASP B 129 20.79 16.99 24.55
C ASP B 129 19.29 17.19 24.36
N LEU B 130 18.70 16.47 23.41
CA LEU B 130 17.26 16.57 23.22
C LEU B 130 16.54 16.21 24.50
N LEU B 131 16.71 14.97 24.95
CA LEU B 131 16.08 14.53 26.19
C LEU B 131 16.27 15.54 27.31
N ARG B 132 17.48 16.07 27.44
CA ARG B 132 17.70 17.15 28.40
C ARG B 132 16.65 18.24 28.25
N PHE B 133 16.59 18.83 27.06
CA PHE B 133 15.65 19.93 26.83
C PHE B 133 14.21 19.49 27.04
N ARG B 134 13.76 18.55 26.23
CA ARG B 134 12.39 18.06 26.26
C ARG B 134 11.95 17.66 27.65
N PHE B 135 12.89 17.33 28.52
CA PHE B 135 12.57 16.98 29.90
C PHE B 135 12.57 18.19 30.82
N SER B 136 13.33 19.21 30.49
CA SER B 136 13.46 20.33 31.43
C SER B 136 12.18 21.14 31.59
N ILE B 137 11.01 20.75 31.06
CA ILE B 137 9.82 21.58 31.14
C ILE B 137 8.69 20.92 31.91
N LEU B 138 8.82 19.65 32.30
CA LEU B 138 7.76 18.95 33.00
C LEU B 138 7.42 19.65 34.31
N PRO B 139 6.16 19.62 34.75
CA PRO B 139 5.82 20.14 36.08
C PRO B 139 6.48 19.32 37.18
N LYS B 140 6.80 20.02 38.28
CA LYS B 140 7.66 19.46 39.31
C LYS B 140 7.09 18.16 39.89
N ASP B 141 5.79 18.15 40.19
CA ASP B 141 5.17 16.93 40.69
C ASP B 141 5.26 15.81 39.65
N LYS B 142 4.94 16.14 38.40
CA LYS B 142 5.08 15.16 37.33
C LYS B 142 6.52 14.69 37.23
N ILE B 143 7.47 15.62 37.39
CA ILE B 143 8.87 15.26 37.37
C ILE B 143 9.14 14.16 38.38
N GLN B 144 8.88 14.45 39.65
CA GLN B 144 9.26 13.52 40.70
C GLN B 144 8.49 12.21 40.60
N ASP B 145 7.20 12.26 40.25
CA ASP B 145 6.45 11.02 40.20
C ASP B 145 6.91 10.16 39.03
N PHE B 146 7.27 10.78 37.90
CA PHE B 146 7.72 9.95 36.80
C PHE B 146 9.11 9.41 37.04
N LEU B 147 9.96 10.17 37.74
CA LEU B 147 11.20 9.60 38.24
C LEU B 147 10.91 8.38 39.08
N LYS B 148 9.90 8.47 39.95
CA LYS B 148 9.50 7.31 40.74
C LYS B 148 9.15 6.13 39.84
N ASP B 149 8.33 6.38 38.82
CA ASP B 149 8.01 5.33 37.86
C ASP B 149 9.25 4.81 37.13
N SER B 150 10.32 5.59 37.08
CA SER B 150 11.51 5.19 36.34
C SER B 150 12.29 4.10 37.06
N GLN B 151 12.79 4.41 38.26
CA GLN B 151 13.49 3.42 39.08
C GLN B 151 13.22 3.72 40.56
N LEU B 152 13.99 3.06 41.42
CA LEU B 152 13.63 2.96 42.84
C LEU B 152 13.94 4.23 43.62
N GLN B 153 15.21 4.61 43.70
CA GLN B 153 15.61 5.67 44.61
C GLN B 153 15.13 7.04 44.18
N PHE B 154 14.43 7.13 43.05
CA PHE B 154 14.09 8.42 42.45
C PHE B 154 12.94 9.03 43.25
N GLU B 155 13.28 9.47 44.46
CA GLU B 155 12.28 9.91 45.43
C GLU B 155 12.68 11.24 46.03
N ALA B 156 11.70 11.94 46.58
CA ALA B 156 11.84 13.33 46.98
C ALA B 156 11.78 13.50 48.49
N ILE B 157 12.45 14.55 48.96
CA ILE B 157 12.46 14.94 50.36
C ILE B 157 11.13 15.57 50.73
N SER B 158 10.94 15.78 52.02
CA SER B 158 9.87 16.66 52.50
C SER B 158 10.45 18.05 52.75
N ASP B 159 9.75 19.08 52.26
CA ASP B 159 10.28 20.44 52.33
C ASP B 159 10.53 20.92 53.75
N GLU B 160 9.90 20.30 54.75
CA GLU B 160 10.28 20.58 56.13
C GLU B 160 11.78 20.43 56.31
N GLU B 161 12.36 19.40 55.69
CA GLU B 161 13.80 19.19 55.78
C GLU B 161 14.59 20.34 55.15
N LYS B 162 13.98 21.12 54.25
CA LYS B 162 14.66 22.33 53.79
C LYS B 162 14.98 23.24 54.96
N THR B 163 13.97 23.58 55.77
CA THR B 163 14.22 24.34 56.99
C THR B 163 15.18 23.60 57.91
N LEU B 164 14.93 22.30 58.11
CA LEU B 164 15.70 21.54 59.08
C LEU B 164 17.18 21.45 58.70
N ARG B 165 17.51 21.61 57.41
CA ARG B 165 18.85 21.30 56.92
C ARG B 165 19.40 22.38 56.00
N GLU B 166 18.87 23.61 56.08
CA GLU B 166 19.41 24.69 55.29
C GLU B 166 20.90 24.87 55.54
N GLN B 167 21.31 24.86 56.81
CA GLN B 167 22.73 24.99 57.12
C GLN B 167 23.54 23.92 56.42
N GLU B 168 23.13 22.67 56.59
CA GLU B 168 23.83 21.54 55.98
C GLU B 168 23.95 21.74 54.47
N ILE B 169 22.82 21.95 53.80
CA ILE B 169 22.83 22.03 52.34
C ILE B 169 23.68 23.19 51.87
N VAL B 170 23.42 24.39 52.39
CA VAL B 170 24.11 25.58 51.91
C VAL B 170 25.59 25.51 52.22
N ALA B 171 25.95 25.44 53.52
CA ALA B 171 27.36 25.49 53.89
C ALA B 171 28.13 24.31 53.29
N SER B 172 27.47 23.16 53.15
CA SER B 172 28.13 21.99 52.59
C SER B 172 28.67 22.27 51.19
N SER B 173 27.79 22.57 50.27
CA SER B 173 28.24 22.66 48.89
C SER B 173 28.35 24.10 48.43
N PRO B 174 29.24 24.37 47.47
CA PRO B 174 29.23 25.68 46.79
C PRO B 174 28.27 25.75 45.61
N SER B 175 27.42 24.75 45.42
CA SER B 175 26.48 24.69 44.31
C SER B 175 25.16 25.36 44.63
N LEU B 176 25.18 26.32 45.55
CA LEU B 176 24.00 27.05 45.98
C LEU B 176 24.47 28.32 46.65
N SER B 177 23.70 29.40 46.46
CA SER B 177 24.14 30.73 46.89
C SER B 177 23.23 31.26 47.98
N GLY B 178 23.82 31.58 49.13
CA GLY B 178 23.08 32.27 50.18
C GLY B 178 22.02 31.39 50.82
N LEU B 179 20.87 32.02 51.10
CA LEU B 179 19.76 31.35 51.77
C LEU B 179 18.55 31.17 50.86
N LYS B 180 18.60 31.71 49.64
CA LYS B 180 17.43 31.87 48.79
C LYS B 180 17.10 30.63 47.97
N LEU B 181 17.60 29.46 48.35
CA LEU B 181 17.31 28.24 47.62
C LEU B 181 15.80 28.06 47.46
N GLY B 182 15.36 27.93 46.22
CA GLY B 182 13.94 27.82 45.91
C GLY B 182 13.27 26.60 46.50
N PHE B 183 11.98 26.44 46.22
CA PHE B 183 11.24 25.30 46.73
C PHE B 183 11.45 24.07 45.86
N GLU B 184 12.70 23.71 45.59
CA GLU B 184 12.96 22.53 44.78
C GLU B 184 12.69 21.27 45.59
N SER B 185 12.06 20.29 44.95
CA SER B 185 11.78 19.01 45.59
C SER B 185 13.09 18.23 45.65
N ILE B 186 13.91 18.50 46.67
CA ILE B 186 15.20 17.84 46.76
C ILE B 186 14.99 16.34 47.00
N TYR B 187 16.04 15.56 46.81
CA TYR B 187 15.87 14.13 46.64
C TYR B 187 16.78 13.32 47.55
N LYS B 188 16.25 12.20 48.00
CA LYS B 188 16.99 11.21 48.77
C LYS B 188 17.67 10.25 47.81
N ILE B 189 18.89 9.83 48.16
CA ILE B 189 19.71 9.06 47.23
C ILE B 189 20.36 7.91 47.96
N PRO B 190 20.77 6.87 47.23
CA PRO B 190 21.83 5.99 47.72
C PRO B 190 23.17 6.52 47.23
N PHE B 191 24.14 6.67 48.14
CA PHE B 191 25.47 7.09 47.75
C PHE B 191 26.03 6.24 46.62
N ALA B 192 25.63 4.96 46.57
CA ALA B 192 26.22 4.00 45.64
C ALA B 192 26.14 4.47 44.19
N ASP B 193 25.30 5.45 43.89
CA ASP B 193 25.27 6.07 42.57
C ASP B 193 25.54 7.56 42.62
N ALA B 194 26.01 8.08 43.76
CA ALA B 194 26.39 9.47 43.88
C ALA B 194 27.82 9.71 43.44
N LEU B 195 28.36 8.84 42.59
CA LEU B 195 29.79 8.57 42.52
C LEU B 195 30.65 9.79 42.18
N ASP B 196 30.04 10.95 41.95
CA ASP B 196 30.82 12.18 41.87
C ASP B 196 30.25 13.33 42.67
N LEU B 197 28.97 13.29 43.04
CA LEU B 197 28.39 14.39 43.81
C LEU B 197 29.04 14.53 45.18
N PHE B 198 29.58 13.45 45.73
CA PHE B 198 30.10 13.46 47.10
C PHE B 198 31.62 13.46 47.17
N ARG B 199 32.30 12.67 46.34
CA ARG B 199 33.75 12.59 46.42
C ARG B 199 34.39 13.94 46.15
N GLY B 200 33.74 14.78 45.35
CA GLY B 200 34.19 16.14 45.18
C GLY B 200 33.80 17.08 46.29
N ARG B 201 33.31 16.55 47.41
CA ARG B 201 32.84 17.34 48.53
C ARG B 201 31.89 18.44 48.07
N LYS B 202 30.77 18.02 47.49
CA LYS B 202 29.79 18.93 46.96
C LYS B 202 28.39 18.68 47.50
N VAL B 203 28.24 18.03 48.65
CA VAL B 203 26.93 17.69 49.16
C VAL B 203 27.05 17.30 50.63
N TYR B 204 25.98 17.57 51.39
CA TYR B 204 25.85 17.03 52.73
C TYR B 204 25.61 15.52 52.66
N LEU B 205 25.88 14.83 53.78
CA LEU B 205 25.72 13.39 53.86
C LEU B 205 24.83 13.02 55.04
N GLU B 206 23.83 12.19 54.78
CA GLU B 206 23.08 11.49 55.81
C GLU B 206 23.19 9.99 55.53
N ASP B 207 24.27 9.38 56.03
CA ASP B 207 24.56 7.97 55.79
C ASP B 207 24.48 7.62 54.31
N GLY B 208 25.22 8.37 53.51
CA GLY B 208 25.20 8.19 52.07
C GLY B 208 23.93 8.61 51.38
N PHE B 209 22.88 8.95 52.13
CA PHE B 209 21.65 9.44 51.54
C PHE B 209 21.73 10.96 51.34
N ALA B 210 22.76 11.36 50.62
CA ALA B 210 23.03 12.77 50.39
C ALA B 210 21.84 13.44 49.73
N TYR B 211 21.76 14.76 49.90
CA TYR B 211 20.64 15.54 49.40
C TYR B 211 21.20 16.62 48.48
N VAL B 212 20.80 16.57 47.22
CA VAL B 212 21.44 17.38 46.19
C VAL B 212 20.38 18.10 45.37
N PRO B 213 20.64 19.33 44.94
CA PRO B 213 19.68 20.03 44.09
C PRO B 213 19.39 19.30 42.78
N LEU B 214 18.31 19.75 42.13
CA LEU B 214 17.80 19.10 40.93
C LEU B 214 18.85 19.03 39.83
N LYS B 215 19.71 20.06 39.75
CA LYS B 215 20.70 20.13 38.68
C LYS B 215 21.46 18.82 38.54
N ASP B 216 22.06 18.36 39.63
CA ASP B 216 22.81 17.12 39.55
C ASP B 216 21.89 15.93 39.36
N ILE B 217 20.63 16.04 39.72
CA ILE B 217 19.69 14.98 39.37
C ILE B 217 19.64 14.81 37.86
N VAL B 218 19.39 15.92 37.15
CA VAL B 218 19.42 15.89 35.69
C VAL B 218 20.74 15.34 35.20
N ALA B 219 21.84 15.81 35.79
CA ALA B 219 23.16 15.33 35.40
C ALA B 219 23.25 13.82 35.48
N ILE B 220 22.95 13.25 36.64
CA ILE B 220 23.12 11.83 36.85
C ILE B 220 22.17 11.04 35.97
N ILE B 221 20.93 11.50 35.86
CA ILE B 221 19.98 10.87 34.94
C ILE B 221 20.60 10.78 33.56
N LEU B 222 21.15 11.89 33.09
CA LEU B 222 21.66 11.91 31.73
C LEU B 222 22.87 11.00 31.59
N ASN B 223 23.68 10.89 32.64
CA ASN B 223 24.88 10.09 32.52
C ASN B 223 24.56 8.61 32.52
N GLU B 224 23.73 8.16 33.46
CA GLU B 224 23.27 6.77 33.41
C GLU B 224 22.56 6.48 32.10
N PHE B 225 21.84 7.47 31.58
CA PHE B 225 21.16 7.29 30.30
C PHE B 225 22.17 7.04 29.20
N ARG B 226 23.19 7.89 29.11
CA ARG B 226 24.24 7.69 28.12
C ARG B 226 24.83 6.31 28.23
N ALA B 227 25.16 5.90 29.46
CA ALA B 227 25.77 4.60 29.66
C ALA B 227 24.87 3.49 29.12
N LYS B 228 23.69 3.34 29.70
CA LYS B 228 22.78 2.29 29.30
C LYS B 228 22.49 2.33 27.81
N LEU B 229 22.36 3.55 27.27
CA LEU B 229 22.01 3.69 25.87
C LEU B 229 23.12 3.15 24.97
N SER B 230 24.36 3.59 25.19
CA SER B 230 25.47 3.02 24.45
C SER B 230 25.52 1.51 24.60
N LYS B 231 25.29 1.03 25.82
CA LYS B 231 25.37 -0.40 26.07
C LYS B 231 24.38 -1.16 25.22
N ALA B 232 23.18 -0.61 25.07
CA ALA B 232 22.23 -1.21 24.14
C ALA B 232 22.71 -1.04 22.70
N LEU B 233 23.09 0.19 22.35
CA LEU B 233 23.40 0.55 20.97
C LEU B 233 24.35 -0.45 20.35
N ALA B 234 25.41 -0.79 21.07
CA ALA B 234 26.40 -1.67 20.47
C ALA B 234 25.81 -3.01 20.05
N LEU B 235 24.76 -3.47 20.74
CA LEU B 235 24.24 -4.80 20.50
C LEU B 235 23.72 -4.98 19.08
N THR B 236 22.78 -4.13 18.67
CA THR B 236 22.27 -4.21 17.31
C THR B 236 23.41 -4.19 16.31
N ALA B 237 24.34 -3.26 16.48
CA ALA B 237 25.52 -3.22 15.61
C ALA B 237 26.27 -4.54 15.60
N ARG B 238 26.15 -5.33 16.66
CA ARG B 238 26.70 -6.68 16.63
C ARG B 238 25.72 -7.69 16.06
N SER B 239 24.56 -7.27 15.58
CA SER B 239 23.53 -8.21 15.12
C SER B 239 22.87 -7.70 13.83
N LEU B 240 23.67 -7.24 12.88
CA LEU B 240 23.12 -6.61 11.69
C LEU B 240 22.50 -7.52 10.63
N PRO B 241 23.03 -8.75 10.36
CA PRO B 241 22.83 -9.37 9.04
C PRO B 241 21.38 -9.48 8.56
N ALA B 242 20.42 -9.43 9.49
CA ALA B 242 19.01 -9.57 9.14
C ALA B 242 18.63 -8.65 7.99
N VAL B 243 18.81 -7.34 8.20
CA VAL B 243 18.45 -6.37 7.17
C VAL B 243 19.08 -6.72 5.84
N GLN B 244 20.30 -7.27 5.86
CA GLN B 244 21.02 -7.58 4.62
C GLN B 244 20.19 -8.43 3.68
N SER B 245 19.22 -9.16 4.19
CA SER B 245 18.35 -10.00 3.37
C SER B 245 17.06 -9.30 2.97
N ASP B 246 16.96 -8.01 3.20
CA ASP B 246 15.84 -7.22 2.71
C ASP B 246 16.40 -5.98 2.00
N GLU B 247 15.59 -5.38 1.16
CA GLU B 247 16.00 -4.15 0.51
C GLU B 247 14.94 -3.07 0.54
N ARG B 248 13.79 -3.30 1.17
CA ARG B 248 12.88 -2.19 1.38
C ARG B 248 13.50 -1.15 2.29
N LEU B 249 14.18 -1.60 3.34
CA LEU B 249 14.88 -0.68 4.23
C LEU B 249 16.30 -0.45 3.75
N GLN B 250 16.44 -0.15 2.48
CA GLN B 250 17.75 0.04 1.88
C GLN B 250 18.29 1.44 2.17
N PRO B 251 17.47 2.49 2.10
CA PRO B 251 17.96 3.81 2.53
C PRO B 251 18.52 3.81 3.94
N LEU B 252 17.70 3.43 4.91
CA LEU B 252 18.14 3.46 6.30
C LEU B 252 19.04 2.29 6.64
N LEU B 253 19.37 1.47 5.64
CA LEU B 253 20.33 0.37 5.89
C LEU B 253 21.68 1.05 6.14
N ASN B 254 21.95 2.09 5.36
CA ASN B 254 23.16 2.96 5.40
C ASN B 254 23.02 4.02 4.31
N HIS B 255 22.00 4.89 4.39
CA HIS B 255 21.82 5.90 3.31
C HIS B 255 21.06 7.16 3.81
N LEU B 256 21.26 7.57 5.06
CA LEU B 256 20.63 8.79 5.55
C LEU B 256 21.49 10.01 5.27
N SER B 257 22.69 10.04 5.82
CA SER B 257 23.55 11.21 5.65
C SER B 257 24.09 11.20 4.24
N HIS B 258 23.34 11.77 3.31
CA HIS B 258 23.73 11.86 1.91
C HIS B 258 22.83 12.89 1.22
N SER B 259 22.87 12.88 -0.12
CA SER B 259 22.55 14.01 -0.99
C SER B 259 21.05 14.22 -1.23
N TYR B 260 20.22 13.78 -0.29
CA TYR B 260 18.86 14.26 -0.19
C TYR B 260 18.68 15.08 1.07
N THR B 261 17.94 16.17 0.94
CA THR B 261 17.71 17.12 2.02
C THR B 261 16.63 16.60 2.94
N GLY B 262 16.11 17.49 3.77
CA GLY B 262 14.79 17.27 4.32
C GLY B 262 13.89 16.86 3.17
N GLN B 263 13.68 17.75 2.21
CA GLN B 263 12.94 17.44 0.99
C GLN B 263 13.21 18.53 -0.04
N ASP B 264 12.64 18.35 -1.23
CA ASP B 264 12.89 19.21 -2.40
C ASP B 264 12.00 20.44 -2.34
N TYR B 265 12.41 21.42 -1.53
CA TYR B 265 11.74 22.71 -1.60
C TYR B 265 12.09 23.41 -2.89
N SER B 266 13.36 23.72 -3.09
CA SER B 266 13.76 24.51 -4.25
C SER B 266 13.87 23.60 -5.46
N THR B 267 12.83 22.83 -5.71
CA THR B 267 12.85 21.80 -6.74
C THR B 267 12.57 22.42 -8.10
N GLN B 268 12.29 21.55 -9.08
CA GLN B 268 12.02 21.99 -10.44
C GLN B 268 10.80 22.92 -10.50
N GLY B 269 10.96 24.04 -11.19
CA GLY B 269 9.86 24.90 -11.59
C GLY B 269 9.10 25.62 -10.49
N ASN B 270 9.81 26.33 -9.62
CA ASN B 270 9.19 27.13 -8.58
C ASN B 270 9.09 28.58 -9.05
N VAL B 271 8.73 29.49 -8.13
CA VAL B 271 8.44 30.86 -8.48
C VAL B 271 9.66 31.54 -9.09
N GLY B 272 9.47 32.17 -10.25
CA GLY B 272 10.52 32.94 -10.87
C GLY B 272 10.32 33.21 -12.35
N LYS B 273 10.62 34.44 -12.77
CA LYS B 273 10.74 34.76 -14.20
C LYS B 273 11.50 36.08 -14.31
N ILE B 274 12.68 36.04 -14.93
CA ILE B 274 13.54 37.22 -15.03
C ILE B 274 14.33 37.13 -16.33
N SER B 275 14.53 38.28 -16.97
CA SER B 275 15.24 38.33 -18.23
C SER B 275 16.74 38.26 -18.02
N LEU B 276 17.45 37.92 -19.10
CA LEU B 276 18.87 37.58 -19.02
C LEU B 276 19.69 38.72 -18.42
N ASP B 277 19.68 39.88 -19.07
CA ASP B 277 20.50 41.02 -18.71
C ASP B 277 20.61 41.24 -17.20
N GLN B 278 19.49 41.15 -16.50
CA GLN B 278 19.46 41.46 -15.08
C GLN B 278 20.33 40.54 -14.24
N ILE B 279 20.67 39.35 -14.76
CA ILE B 279 21.37 38.35 -13.95
C ILE B 279 22.57 38.95 -13.26
N ASP B 280 23.50 39.50 -14.05
CA ASP B 280 24.72 40.05 -13.47
C ASP B 280 24.40 41.06 -12.39
N LEU B 281 23.45 41.94 -12.66
CA LEU B 281 23.04 42.94 -11.67
C LEU B 281 22.63 42.26 -10.37
N LEU B 282 21.76 41.25 -10.47
CA LEU B 282 21.34 40.54 -9.26
C LEU B 282 22.51 39.81 -8.61
N SER B 283 23.49 39.38 -9.42
CA SER B 283 24.60 38.61 -8.89
C SER B 283 25.21 39.28 -7.68
N THR B 284 25.63 40.54 -7.86
CA THR B 284 26.34 41.29 -6.84
C THR B 284 25.60 41.34 -5.50
N LYS B 285 24.34 40.92 -5.46
CA LYS B 285 23.60 40.97 -4.21
C LYS B 285 22.87 39.68 -3.87
N SER B 286 22.94 38.64 -4.70
CA SER B 286 22.06 37.51 -4.44
C SER B 286 22.68 36.12 -4.60
N PHE B 287 23.94 35.99 -4.98
CA PHE B 287 24.46 34.69 -5.33
C PHE B 287 25.28 34.11 -4.19
N PRO B 288 24.86 32.99 -3.60
CA PRO B 288 25.61 32.41 -2.48
C PRO B 288 27.03 32.10 -2.90
N PRO B 289 27.98 32.32 -1.99
CA PRO B 289 29.41 32.41 -2.36
C PRO B 289 29.86 31.43 -3.42
N CYS B 290 29.48 30.16 -3.27
CA CYS B 290 29.83 29.16 -4.27
C CYS B 290 29.48 29.63 -5.66
N MET B 291 28.19 29.83 -5.90
CA MET B 291 27.73 30.31 -7.19
C MET B 291 28.45 31.58 -7.58
N ARG B 292 28.28 32.64 -6.78
CA ARG B 292 28.89 33.93 -7.07
C ARG B 292 30.30 33.84 -7.60
N GLN B 293 31.15 33.09 -6.89
CA GLN B 293 32.52 32.96 -7.35
C GLN B 293 32.59 32.20 -8.67
N LEU B 294 31.75 31.17 -8.84
CA LEU B 294 31.82 30.45 -10.11
C LEU B 294 31.38 31.34 -11.27
N HIS B 295 30.42 32.21 -11.03
CA HIS B 295 29.92 33.08 -12.08
C HIS B 295 30.94 34.13 -12.43
N LYS B 296 31.62 34.68 -11.43
CA LYS B 296 32.79 35.52 -11.70
C LYS B 296 33.78 34.78 -12.58
N ALA B 297 34.08 33.53 -12.22
CA ALA B 297 35.07 32.77 -12.98
C ALA B 297 34.66 32.64 -14.43
N LEU B 298 33.43 32.18 -14.68
CA LEU B 298 33.01 32.03 -16.07
C LEU B 298 32.83 33.38 -16.76
N ARG B 299 32.66 34.45 -16.00
CA ARG B 299 32.72 35.79 -16.58
C ARG B 299 34.10 36.08 -17.11
N GLU B 300 35.14 35.59 -16.42
CA GLU B 300 36.49 35.79 -16.93
C GLU B 300 36.84 34.75 -18.00
N ASN B 301 36.84 33.47 -17.62
CA ASN B 301 37.35 32.44 -18.51
C ASN B 301 36.55 32.35 -19.80
N HIS B 302 35.24 32.17 -19.67
CA HIS B 302 34.38 31.81 -20.79
C HIS B 302 34.72 30.41 -21.30
N HIS B 303 34.98 29.49 -20.37
CA HIS B 303 35.20 28.09 -20.70
C HIS B 303 35.20 27.29 -19.40
N LEU B 304 34.75 26.04 -19.48
CA LEU B 304 34.65 25.24 -18.28
C LEU B 304 34.78 23.75 -18.65
N ARG B 305 35.09 22.95 -17.65
CA ARG B 305 35.47 21.55 -17.80
C ARG B 305 34.23 20.69 -18.02
N HIS B 306 34.42 19.37 -17.94
CA HIS B 306 33.36 18.40 -18.22
C HIS B 306 32.31 18.39 -17.12
N GLY B 307 32.72 18.50 -15.86
CA GLY B 307 31.77 18.41 -14.78
C GLY B 307 31.24 19.75 -14.33
N GLY B 308 32.12 20.74 -14.24
CA GLY B 308 31.82 22.02 -13.63
C GLY B 308 30.47 22.62 -13.94
N ARG B 309 30.17 22.82 -15.23
CA ARG B 309 28.90 23.43 -15.61
C ARG B 309 27.73 22.68 -15.01
N MET B 310 27.85 21.35 -14.93
CA MET B 310 26.74 20.55 -14.44
C MET B 310 26.40 20.82 -13.01
N GLN B 311 27.11 21.74 -12.34
CA GLN B 311 26.53 22.37 -11.18
C GLN B 311 25.83 23.66 -11.58
N TYR B 312 26.62 24.62 -12.05
CA TYR B 312 26.06 25.91 -12.42
C TYR B 312 24.84 25.74 -13.29
N GLY B 313 24.96 24.90 -14.31
CA GLY B 313 23.86 24.63 -15.21
C GLY B 313 22.56 24.41 -14.47
N LEU B 314 22.49 23.36 -13.66
CA LEU B 314 21.21 23.07 -13.03
C LEU B 314 20.84 24.16 -12.05
N PHE B 315 21.85 24.80 -11.45
CA PHE B 315 21.56 25.88 -10.52
C PHE B 315 20.73 26.97 -11.18
N LEU B 316 20.90 27.16 -12.48
CA LEU B 316 20.15 28.22 -13.14
C LEU B 316 18.67 27.91 -13.17
N LYS B 317 18.31 26.62 -13.32
CA LYS B 317 16.90 26.26 -13.25
C LYS B 317 16.29 26.69 -11.94
N GLY B 318 17.13 27.00 -10.94
CA GLY B 318 16.66 27.60 -9.72
C GLY B 318 15.70 28.73 -10.00
N ILE B 319 16.14 29.70 -10.80
CA ILE B 319 15.20 30.73 -11.23
C ILE B 319 14.37 30.25 -12.40
N GLY B 320 14.82 29.23 -13.11
CA GLY B 320 14.00 28.63 -14.14
C GLY B 320 13.77 29.50 -15.36
N LEU B 321 14.82 29.75 -16.13
CA LEU B 321 14.68 30.44 -17.40
C LEU B 321 14.54 29.44 -18.53
N THR B 322 13.99 29.91 -19.65
CA THR B 322 13.73 29.00 -20.75
C THR B 322 15.03 28.57 -21.40
N LEU B 323 15.02 27.34 -21.93
CA LEU B 323 16.22 26.76 -22.49
C LEU B 323 16.81 27.64 -23.59
N GLU B 324 16.04 27.89 -24.64
CA GLU B 324 16.51 28.73 -25.73
C GLU B 324 17.02 30.07 -25.21
N GLN B 325 16.41 30.60 -24.15
CA GLN B 325 16.95 31.79 -23.51
C GLN B 325 18.25 31.46 -22.78
N ALA B 326 18.24 30.39 -21.99
CA ALA B 326 19.46 29.96 -21.34
C ALA B 326 20.51 29.55 -22.38
N LEU B 327 20.07 28.85 -23.43
CA LEU B 327 20.97 28.52 -24.52
C LEU B 327 21.60 29.78 -25.11
N GLN B 328 20.80 30.83 -25.28
CA GLN B 328 21.32 32.09 -25.81
C GLN B 328 22.35 32.70 -24.88
N PHE B 329 22.04 32.72 -23.59
CA PHE B 329 22.97 33.21 -22.58
C PHE B 329 24.30 32.48 -22.70
N TRP B 330 24.26 31.16 -22.66
CA TRP B 330 25.48 30.38 -22.73
C TRP B 330 26.19 30.59 -24.06
N LYS B 331 25.44 30.73 -25.15
CA LYS B 331 26.04 31.02 -26.44
C LYS B 331 26.87 32.28 -26.39
N GLN B 332 26.26 33.36 -25.91
CA GLN B 332 27.00 34.60 -25.66
C GLN B 332 28.28 34.29 -24.91
N GLU B 333 28.15 33.63 -23.76
CA GLU B 333 29.35 33.41 -22.97
C GLU B 333 30.26 32.34 -23.57
N PHE B 334 29.88 31.72 -24.69
CA PHE B 334 30.69 30.68 -25.32
C PHE B 334 31.51 31.22 -26.49
N ILE B 335 30.84 31.79 -27.48
CA ILE B 335 31.55 32.10 -28.71
C ILE B 335 32.32 33.41 -28.59
N LYS B 336 31.84 34.33 -27.76
CA LYS B 336 32.68 35.48 -27.41
C LYS B 336 33.99 35.03 -26.80
N GLY B 337 34.01 33.86 -26.17
CA GLY B 337 35.25 33.26 -25.71
C GLY B 337 35.80 32.30 -26.73
N LYS B 338 35.35 32.44 -27.98
CA LYS B 338 35.86 31.66 -29.11
C LYS B 338 35.65 30.16 -28.89
N MET B 339 34.38 29.78 -28.86
CA MET B 339 33.98 28.40 -29.02
C MET B 339 33.24 28.29 -30.35
N ASP B 340 33.74 27.42 -31.25
CA ASP B 340 33.31 27.30 -32.63
C ASP B 340 31.79 27.33 -32.79
N PRO B 341 31.24 28.30 -33.54
CA PRO B 341 29.79 28.47 -33.61
C PRO B 341 29.06 27.32 -34.27
N ASP B 342 29.77 26.27 -34.69
CA ASP B 342 29.13 25.07 -35.18
C ASP B 342 29.15 23.94 -34.15
N LYS B 343 30.26 23.78 -33.44
CA LYS B 343 30.34 22.79 -32.36
C LYS B 343 29.15 22.95 -31.40
N PHE B 344 28.87 24.19 -31.00
CA PHE B 344 27.84 24.50 -30.04
C PHE B 344 26.59 23.65 -30.22
N ASP B 345 26.14 23.51 -31.45
CA ASP B 345 24.95 22.70 -31.71
C ASP B 345 25.15 21.28 -31.25
N LYS B 346 26.11 20.57 -31.85
CA LYS B 346 26.30 19.16 -31.57
C LYS B 346 27.15 18.89 -30.33
N GLY B 347 27.47 19.93 -29.57
CA GLY B 347 28.29 19.75 -28.38
C GLY B 347 27.60 20.14 -27.09
N TYR B 348 28.04 21.24 -26.50
CA TYR B 348 27.56 21.65 -25.19
C TYR B 348 26.04 21.83 -25.18
N SER B 349 25.54 22.73 -26.02
CA SER B 349 24.12 23.04 -26.04
C SER B 349 23.26 21.79 -26.11
N TYR B 350 23.76 20.75 -26.76
CA TYR B 350 23.01 19.51 -26.86
C TYR B 350 22.62 18.98 -25.48
N ASN B 351 23.63 18.71 -24.66
CA ASN B 351 23.35 18.21 -23.31
C ASN B 351 22.69 19.28 -22.45
N ILE B 352 23.10 20.54 -22.62
CA ILE B 352 22.44 21.62 -21.90
C ILE B 352 20.93 21.55 -22.12
N ARG B 353 20.52 21.29 -23.35
CA ARG B 353 19.11 21.11 -23.64
C ARG B 353 18.57 19.86 -22.97
N HIS B 354 19.22 18.71 -23.22
CA HIS B 354 18.72 17.45 -22.69
C HIS B 354 18.52 17.51 -21.19
N SER B 355 19.18 18.45 -20.51
CA SER B 355 19.08 18.59 -19.06
C SER B 355 17.64 18.75 -18.57
N PHE B 356 16.70 18.89 -19.50
CA PHE B 356 15.29 18.91 -19.18
C PHE B 356 14.52 17.80 -19.89
N GLY B 357 15.18 16.69 -20.19
CA GLY B 357 14.56 15.63 -20.97
C GLY B 357 14.04 14.45 -20.18
N LYS B 358 14.25 13.24 -20.70
CA LYS B 358 13.69 12.05 -20.08
C LYS B 358 14.52 11.57 -18.91
N GLU B 359 15.77 11.17 -19.16
CA GLU B 359 16.63 10.67 -18.09
C GLU B 359 17.52 11.79 -17.57
N GLY B 360 17.70 11.80 -16.26
CA GLY B 360 18.26 12.92 -15.53
C GLY B 360 17.51 12.95 -14.22
N LYS B 361 16.49 12.08 -14.18
CA LYS B 361 15.56 11.99 -13.06
C LYS B 361 16.29 11.69 -11.78
N ARG B 362 16.29 12.67 -10.86
CA ARG B 362 16.98 12.68 -9.59
C ARG B 362 18.49 12.75 -9.77
N THR B 363 18.98 12.68 -11.00
CA THR B 363 20.40 12.83 -11.29
C THR B 363 20.70 14.17 -11.93
N ASP B 364 19.89 14.57 -12.89
CA ASP B 364 20.03 15.83 -13.58
C ASP B 364 18.77 16.67 -13.51
N TYR B 365 17.62 16.04 -13.43
CA TYR B 365 16.30 16.63 -13.44
C TYR B 365 16.03 17.41 -12.18
N THR B 366 17.04 17.49 -11.33
CA THR B 366 16.99 18.16 -10.04
C THR B 366 18.05 19.23 -9.95
N PRO B 367 17.86 20.23 -9.12
CA PRO B 367 18.98 21.10 -8.74
C PRO B 367 19.90 20.39 -7.78
N PHE B 368 20.91 21.09 -7.27
CA PHE B 368 21.83 20.53 -6.30
C PHE B 368 21.57 21.09 -4.91
N SER B 369 21.90 20.29 -3.91
CA SER B 369 21.81 20.69 -2.52
C SER B 369 23.20 20.59 -1.91
N CYS B 370 23.56 21.59 -1.10
CA CYS B 370 24.90 21.73 -0.54
C CYS B 370 25.48 20.38 -0.16
N LEU B 371 24.65 19.52 0.45
CA LEU B 371 25.10 18.19 0.80
C LEU B 371 25.39 17.33 -0.42
N LYS B 372 25.29 17.87 -1.62
CA LYS B 372 25.88 17.25 -2.79
C LYS B 372 27.10 18.02 -3.29
N ILE B 373 27.25 19.28 -2.93
CA ILE B 373 28.40 20.06 -3.34
C ILE B 373 29.39 20.08 -2.19
N ILE B 374 29.17 19.22 -1.21
CA ILE B 374 30.13 19.13 -0.12
C ILE B 374 30.62 17.70 0.02
N LEU B 375 29.70 16.78 0.30
CA LEU B 375 30.08 15.44 0.68
C LEU B 375 30.75 14.67 -0.45
N SER B 376 30.85 15.25 -1.64
CA SER B 376 31.40 14.55 -2.78
C SER B 376 31.83 15.59 -3.82
N ASN B 377 32.08 15.11 -5.04
CA ASN B 377 32.53 15.94 -6.16
C ASN B 377 33.77 16.72 -5.78
N PRO B 378 34.93 16.08 -5.68
CA PRO B 378 36.15 16.80 -5.35
C PRO B 378 36.48 17.83 -6.41
N PRO B 379 36.69 19.08 -6.01
CA PRO B 379 37.14 20.12 -6.96
C PRO B 379 38.65 20.16 -7.11
N SER B 380 39.09 20.20 -8.35
CA SER B 380 40.50 20.06 -8.71
C SER B 380 41.14 21.43 -8.93
N GLN B 381 42.38 21.40 -9.44
CA GLN B 381 43.17 22.60 -9.61
C GLN B 381 42.41 23.71 -10.31
N GLY B 382 42.63 24.94 -9.86
CA GLY B 382 42.19 26.14 -10.55
C GLY B 382 40.72 26.16 -10.93
N ASP B 383 39.96 25.19 -10.47
CA ASP B 383 38.55 25.11 -10.79
C ASP B 383 37.72 25.69 -9.66
N TYR B 384 36.42 25.81 -9.89
CA TYR B 384 35.64 26.71 -9.08
C TYR B 384 34.40 26.06 -8.49
N HIS B 385 33.84 25.09 -9.20
CA HIS B 385 32.73 24.32 -8.66
C HIS B 385 33.14 23.70 -7.33
N GLY B 386 32.22 23.75 -6.35
CA GLY B 386 32.53 23.19 -5.04
C GLY B 386 32.40 24.21 -3.93
N CYS B 387 32.07 23.75 -2.73
CA CYS B 387 31.88 24.63 -1.60
C CYS B 387 33.17 25.37 -1.24
N PRO B 388 33.21 26.69 -1.41
CA PRO B 388 34.36 27.45 -0.90
C PRO B 388 34.63 27.16 0.56
N PHE B 389 33.61 27.30 1.40
CA PHE B 389 33.80 27.16 2.83
C PHE B 389 34.42 25.82 3.21
N ARG B 390 34.31 24.83 2.34
CA ARG B 390 35.09 23.61 2.55
C ARG B 390 36.40 23.67 1.77
N HIS B 391 36.31 23.75 0.46
CA HIS B 391 37.49 23.44 -0.32
C HIS B 391 38.49 24.58 -0.36
N SER B 392 38.04 25.81 -0.17
CA SER B 392 38.94 26.95 -0.19
C SER B 392 39.79 26.94 1.07
N ASP B 393 41.11 26.93 0.90
CA ASP B 393 42.01 26.83 2.03
C ASP B 393 41.89 28.08 2.90
N PRO B 394 42.17 27.96 4.21
CA PRO B 394 41.65 28.92 5.18
C PRO B 394 41.98 30.39 4.96
N GLU B 395 43.24 30.78 4.87
CA GLU B 395 43.57 32.20 4.91
C GLU B 395 43.53 32.86 3.53
N LEU B 396 43.93 32.14 2.49
CA LEU B 396 43.57 32.55 1.15
C LEU B 396 42.09 32.90 1.12
N LEU B 397 41.25 32.00 1.63
CA LEU B 397 39.83 32.27 1.76
C LEU B 397 39.56 33.47 2.65
N LYS B 398 40.40 33.69 3.66
CA LYS B 398 40.20 34.84 4.53
C LYS B 398 40.24 36.13 3.72
N GLN B 399 41.35 36.35 3.03
CA GLN B 399 41.46 37.51 2.15
C GLN B 399 40.35 37.49 1.10
N LYS B 400 40.02 36.31 0.59
CA LYS B 400 39.02 36.19 -0.48
C LYS B 400 37.67 36.72 -0.03
N LEU B 401 37.12 36.13 1.03
CA LEU B 401 35.87 36.64 1.60
C LEU B 401 36.00 38.11 1.95
N GLN B 402 37.09 38.49 2.62
CA GLN B 402 37.27 39.89 2.98
C GLN B 402 37.11 40.81 1.78
N SER B 403 37.51 40.33 0.60
CA SER B 403 37.35 41.11 -0.63
C SER B 403 35.89 41.42 -0.93
N TYR B 404 34.97 40.83 -0.16
CA TYR B 404 33.57 41.21 -0.23
C TYR B 404 33.23 42.33 0.75
N LYS B 405 34.22 43.13 1.14
CA LYS B 405 34.02 44.28 2.03
C LYS B 405 33.35 43.85 3.33
N ILE B 406 34.04 43.01 4.08
CA ILE B 406 33.47 42.39 5.27
C ILE B 406 34.31 42.78 6.49
N SER B 407 33.62 43.08 7.59
CA SER B 407 34.30 43.36 8.84
C SER B 407 35.11 42.14 9.29
N PRO B 408 36.39 42.30 9.62
CA PRO B 408 37.21 41.13 9.95
C PRO B 408 36.74 40.37 11.17
N GLY B 409 35.98 40.99 12.07
CA GLY B 409 35.45 40.25 13.20
C GLY B 409 34.46 39.20 12.77
N GLY B 410 33.54 39.57 11.88
CA GLY B 410 32.66 38.57 11.30
C GLY B 410 33.42 37.48 10.58
N ILE B 411 34.44 37.87 9.80
CA ILE B 411 35.25 36.88 9.09
C ILE B 411 35.89 35.91 10.07
N SER B 412 36.35 36.42 11.21
CA SER B 412 37.01 35.58 12.20
C SER B 412 36.02 34.62 12.84
N GLN B 413 34.93 35.15 13.40
CA GLN B 413 33.92 34.29 14.00
C GLN B 413 33.37 33.30 13.00
N ILE B 414 33.45 33.63 11.71
CA ILE B 414 33.02 32.70 10.67
C ILE B 414 34.04 31.59 10.51
N LEU B 415 35.31 31.94 10.28
CA LEU B 415 36.35 30.93 10.12
C LEU B 415 36.40 30.00 11.32
N ASP B 416 36.01 30.48 12.49
CA ASP B 416 35.91 29.60 13.65
C ASP B 416 34.99 28.42 13.36
N LEU B 417 33.72 28.72 13.09
CA LEU B 417 32.78 27.66 12.73
C LEU B 417 33.27 26.87 11.54
N VAL B 418 33.97 27.53 10.61
CA VAL B 418 34.45 26.82 9.43
C VAL B 418 35.40 25.71 9.82
N LYS B 419 36.33 25.98 10.73
CA LYS B 419 37.16 24.89 11.20
C LYS B 419 36.38 23.97 12.12
N GLY B 420 35.25 24.42 12.65
CA GLY B 420 34.30 23.52 13.24
C GLY B 420 33.57 22.66 12.24
N THR B 421 34.01 22.69 10.97
CA THR B 421 33.56 21.80 9.89
C THR B 421 32.03 21.65 9.83
N HIS B 422 31.32 22.67 10.26
CA HIS B 422 29.89 22.77 10.06
C HIS B 422 29.63 24.10 9.37
N TYR B 423 29.25 24.04 8.10
CA TYR B 423 29.43 25.16 7.19
C TYR B 423 28.14 25.91 6.86
N GLN B 424 27.03 25.19 6.72
CA GLN B 424 25.76 25.83 6.41
C GLN B 424 25.55 27.05 7.29
N VAL B 425 25.80 26.90 8.57
CA VAL B 425 25.70 28.05 9.47
C VAL B 425 26.67 29.14 9.08
N ALA B 426 27.81 28.78 8.49
CA ALA B 426 28.75 29.82 8.08
C ALA B 426 28.19 30.63 6.93
N CYS B 427 27.75 29.95 5.86
CA CYS B 427 27.01 30.64 4.81
C CYS B 427 25.92 31.50 5.41
N GLN B 428 25.24 30.98 6.43
CA GLN B 428 24.14 31.69 7.07
C GLN B 428 24.62 33.01 7.65
N LYS B 429 25.57 32.94 8.58
CA LYS B 429 26.08 34.15 9.21
C LYS B 429 26.59 35.15 8.17
N TYR B 430 27.21 34.64 7.10
CA TYR B 430 27.65 35.55 6.04
C TYR B 430 26.48 36.34 5.48
N PHE B 431 25.44 35.63 5.04
CA PHE B 431 24.27 36.33 4.52
C PHE B 431 23.70 37.29 5.55
N GLU B 432 23.55 36.80 6.78
CA GLU B 432 23.06 37.63 7.88
C GLU B 432 23.80 38.95 7.92
N MET B 433 25.12 38.89 7.83
CA MET B 433 25.91 40.12 7.84
C MET B 433 25.63 40.96 6.61
N ILE B 434 25.81 40.36 5.43
CA ILE B 434 25.82 41.15 4.20
C ILE B 434 24.47 41.81 3.95
N HIS B 435 23.42 41.33 4.60
CA HIS B 435 22.16 42.06 4.56
C HIS B 435 21.78 42.62 5.92
N ASN B 436 22.60 42.39 6.94
CA ASN B 436 22.53 43.04 8.26
C ASN B 436 21.29 42.63 9.03
N VAL B 437 20.38 41.83 8.45
CA VAL B 437 19.17 41.45 9.16
C VAL B 437 19.52 40.43 10.24
N ASP B 438 19.01 40.64 11.45
CA ASP B 438 19.45 39.88 12.61
C ASP B 438 18.61 38.65 12.86
N ASP B 439 18.01 38.08 11.83
CA ASP B 439 17.49 36.72 11.89
C ASP B 439 17.77 36.04 10.56
N CYS B 440 18.12 34.77 10.62
CA CYS B 440 18.32 33.97 9.43
C CYS B 440 17.01 33.45 8.86
N GLY B 441 15.89 33.65 9.55
CA GLY B 441 14.58 33.33 9.02
C GLY B 441 14.31 31.86 8.83
N PHE B 442 15.31 31.01 8.89
CA PHE B 442 15.20 29.61 8.48
C PHE B 442 16.45 28.88 8.97
N SER B 443 16.64 27.68 8.48
CA SER B 443 17.91 26.97 8.60
C SER B 443 18.25 26.47 7.20
N LEU B 444 19.12 27.21 6.53
CA LEU B 444 19.37 27.00 5.11
C LEU B 444 19.83 25.57 4.85
N ASN B 445 19.38 25.02 3.73
CA ASN B 445 19.92 23.75 3.26
C ASN B 445 20.15 23.69 1.75
N HIS B 446 19.64 24.63 0.97
CA HIS B 446 19.76 24.56 -0.49
C HIS B 446 20.05 25.94 -1.06
N PRO B 447 21.04 26.06 -1.94
CA PRO B 447 21.38 27.39 -2.46
C PRO B 447 20.22 28.06 -3.14
N ASN B 448 19.35 27.31 -3.79
CA ASN B 448 18.22 27.94 -4.46
C ASN B 448 17.20 28.46 -3.45
N GLN B 449 17.05 27.79 -2.31
CA GLN B 449 16.22 28.36 -1.26
C GLN B 449 16.83 29.66 -0.75
N PHE B 450 18.14 29.65 -0.53
CA PHE B 450 18.87 30.89 -0.28
C PHE B 450 18.51 31.96 -1.30
N PHE B 451 18.41 31.57 -2.57
CA PHE B 451 18.15 32.54 -3.61
C PHE B 451 16.73 33.08 -3.49
N CYS B 452 15.75 32.19 -3.34
CA CYS B 452 14.37 32.60 -3.23
C CYS B 452 14.20 33.54 -2.04
N GLU B 453 14.92 33.29 -0.96
CA GLU B 453 14.92 34.24 0.15
C GLU B 453 15.50 35.57 -0.29
N SER B 454 16.73 35.56 -0.80
CA SER B 454 17.39 36.80 -1.17
C SER B 454 16.53 37.65 -2.08
N GLN B 455 15.73 37.01 -2.93
CA GLN B 455 14.80 37.77 -3.76
C GLN B 455 13.59 38.22 -2.97
N ARG B 456 13.18 37.44 -1.96
CA ARG B 456 12.05 37.83 -1.14
C ARG B 456 12.30 39.17 -0.46
N ILE B 457 13.40 39.28 0.28
CA ILE B 457 13.76 40.55 0.90
C ILE B 457 13.98 41.62 -0.15
N LEU B 458 14.20 41.23 -1.40
CA LEU B 458 14.43 42.16 -2.50
C LEU B 458 15.62 43.07 -2.22
N GLU C 8 75.73 -49.06 17.42
CA GLU C 8 75.22 -49.87 16.32
C GLU C 8 75.37 -49.11 15.01
N GLN C 9 75.35 -49.84 13.89
CA GLN C 9 75.65 -49.27 12.60
C GLN C 9 74.66 -48.15 12.25
N VAL C 10 75.02 -47.37 11.23
CA VAL C 10 74.24 -46.21 10.82
C VAL C 10 74.69 -45.83 9.42
N PHE C 11 73.82 -45.11 8.70
CA PHE C 11 74.16 -44.60 7.38
C PHE C 11 73.22 -43.47 7.03
N HIS C 12 73.76 -42.43 6.41
CA HIS C 12 73.01 -41.23 6.08
C HIS C 12 72.16 -41.46 4.84
N PHE C 13 71.15 -40.60 4.70
CA PHE C 13 70.19 -40.63 3.61
C PHE C 13 69.24 -39.45 3.79
N TYR C 14 68.41 -39.22 2.77
CA TYR C 14 67.36 -38.23 2.84
C TYR C 14 66.01 -38.91 2.71
N TRP C 15 64.96 -38.16 3.04
CA TRP C 15 63.60 -38.68 2.99
C TRP C 15 62.68 -37.62 2.41
N LEU C 16 61.78 -38.05 1.52
CA LEU C 16 60.77 -37.16 0.93
C LEU C 16 59.36 -37.58 1.26
N ASP C 17 59.01 -38.83 0.97
CA ASP C 17 57.64 -39.32 1.09
C ASP C 17 57.45 -40.07 2.40
N ALA C 18 56.23 -40.00 2.93
CA ALA C 18 55.84 -40.74 4.13
C ALA C 18 54.47 -41.34 3.86
N TYR C 19 54.44 -42.65 3.63
CA TYR C 19 53.22 -43.33 3.22
C TYR C 19 52.84 -44.43 4.20
N GLU C 20 51.54 -44.56 4.45
CA GLU C 20 51.04 -45.63 5.29
C GLU C 20 49.56 -45.82 5.01
N ASP C 21 49.02 -46.91 5.54
CA ASP C 21 47.58 -47.11 5.57
C ASP C 21 47.23 -48.01 6.76
N GLN C 22 46.18 -47.64 7.47
CA GLN C 22 45.79 -48.38 8.66
C GLN C 22 45.24 -49.76 8.30
N TYR C 23 44.24 -49.80 7.41
CA TYR C 23 43.53 -51.05 7.16
C TYR C 23 44.44 -52.11 6.58
N ASN C 24 45.00 -51.83 5.38
CA ASN C 24 45.82 -52.81 4.68
C ASN C 24 46.83 -53.46 5.62
N GLN C 25 47.42 -52.69 6.50
CA GLN C 25 48.10 -53.26 7.66
C GLN C 25 48.30 -52.18 8.71
N PRO C 26 47.82 -52.38 9.92
CA PRO C 26 48.05 -51.40 10.98
C PRO C 26 49.41 -51.59 11.64
N GLY C 27 49.87 -50.52 12.29
CA GLY C 27 51.17 -50.53 12.93
C GLY C 27 52.31 -50.70 11.95
N VAL C 28 52.19 -50.12 10.76
CA VAL C 28 53.20 -50.24 9.72
C VAL C 28 53.29 -48.95 8.92
N VAL C 29 54.48 -48.35 8.86
CA VAL C 29 54.69 -47.08 8.17
C VAL C 29 55.80 -47.28 7.14
N PHE C 30 55.88 -46.35 6.19
CA PHE C 30 56.90 -46.40 5.15
C PHE C 30 57.45 -45.00 4.91
N LEU C 31 58.77 -44.92 4.80
CA LEU C 31 59.45 -43.68 4.51
C LEU C 31 60.24 -43.85 3.22
N PHE C 32 60.36 -42.76 2.46
CA PHE C 32 60.95 -42.82 1.13
C PHE C 32 61.79 -41.58 0.91
N GLY C 33 62.95 -41.77 0.30
CA GLY C 33 63.79 -40.64 -0.05
C GLY C 33 65.04 -41.01 -0.81
N LYS C 34 66.11 -40.27 -0.55
CA LYS C 34 67.39 -40.46 -1.21
C LYS C 34 68.42 -40.98 -0.22
N VAL C 35 69.38 -41.76 -0.71
CA VAL C 35 70.39 -42.36 0.13
C VAL C 35 71.77 -42.14 -0.49
N TRP C 36 72.69 -41.62 0.30
CA TRP C 36 74.07 -41.45 -0.16
C TRP C 36 74.68 -42.80 -0.52
N ILE C 37 75.23 -42.91 -1.72
CA ILE C 37 75.90 -44.13 -2.15
C ILE C 37 77.29 -43.76 -2.67
N GLU C 38 78.28 -44.55 -2.30
CA GLU C 38 79.66 -44.28 -2.66
C GLU C 38 80.07 -44.97 -3.94
N SER C 39 79.38 -46.03 -4.35
CA SER C 39 79.73 -46.75 -5.58
C SER C 39 79.74 -45.81 -6.77
N ALA C 40 78.66 -45.07 -6.97
CA ALA C 40 78.60 -44.03 -7.98
C ALA C 40 78.82 -42.64 -7.40
N GLU C 41 79.17 -42.55 -6.11
CA GLU C 41 79.48 -41.28 -5.45
C GLU C 41 78.26 -40.35 -5.44
N THR C 42 77.07 -40.91 -5.43
CA THR C 42 75.85 -40.12 -5.53
C THR C 42 74.82 -40.59 -4.51
N HIS C 43 73.59 -40.11 -4.65
CA HIS C 43 72.48 -40.60 -3.86
C HIS C 43 71.49 -41.29 -4.78
N VAL C 44 70.96 -42.41 -4.31
CA VAL C 44 70.13 -43.30 -5.10
C VAL C 44 68.92 -43.70 -4.28
N SER C 45 68.13 -44.60 -4.86
CA SER C 45 66.87 -45.03 -4.29
C SER C 45 67.06 -45.93 -3.08
N CYS C 46 66.10 -45.87 -2.17
CA CYS C 46 65.94 -46.73 -1.01
C CYS C 46 64.66 -46.32 -0.31
N CYS C 47 64.18 -47.19 0.59
CA CYS C 47 63.04 -46.89 1.42
C CYS C 47 63.33 -47.34 2.83
N VAL C 48 62.32 -47.24 3.69
CA VAL C 48 62.38 -47.72 5.06
C VAL C 48 60.99 -48.20 5.48
N MET C 49 60.92 -49.41 6.00
CA MET C 49 59.71 -49.86 6.68
C MET C 49 59.85 -49.57 8.17
N VAL C 50 58.72 -49.36 8.84
CA VAL C 50 58.74 -49.01 10.25
C VAL C 50 57.61 -49.76 10.96
N LYS C 51 57.98 -50.60 11.90
CA LYS C 51 57.06 -51.22 12.83
C LYS C 51 57.02 -50.38 14.11
N ASN C 52 56.46 -50.94 15.19
CA ASN C 52 56.51 -50.34 16.52
C ASN C 52 55.81 -48.98 16.53
N ILE C 53 54.51 -49.03 16.25
CA ILE C 53 53.64 -47.86 16.26
C ILE C 53 52.66 -47.98 17.43
N GLU C 54 52.45 -46.88 18.12
CA GLU C 54 51.79 -46.88 19.43
C GLU C 54 50.55 -46.01 19.40
N ARG C 55 49.38 -46.64 19.38
CA ARG C 55 48.17 -45.93 19.75
C ARG C 55 48.30 -45.47 21.19
N THR C 56 47.81 -44.25 21.46
CA THR C 56 47.98 -43.64 22.76
C THR C 56 46.67 -43.00 23.20
N LEU C 57 46.40 -43.08 24.50
CA LEU C 57 45.14 -42.65 25.07
C LEU C 57 45.41 -41.77 26.27
N TYR C 58 44.52 -40.81 26.49
CA TYR C 58 44.58 -39.93 27.65
C TYR C 58 43.24 -40.04 28.38
N PHE C 59 43.25 -40.63 29.57
CA PHE C 59 42.02 -40.90 30.31
C PHE C 59 41.67 -39.69 31.17
N LEU C 60 40.60 -38.99 30.80
CA LEU C 60 40.07 -37.87 31.56
C LEU C 60 38.97 -38.37 32.48
N PRO C 61 39.07 -38.15 33.78
CA PRO C 61 38.17 -38.84 34.72
C PRO C 61 36.93 -38.08 35.11
N ARG C 62 36.04 -38.75 35.82
CA ARG C 62 35.12 -38.12 36.75
C ARG C 62 35.73 -38.20 38.15
N GLU C 63 34.97 -37.82 39.16
CA GLU C 63 35.42 -37.92 40.54
C GLU C 63 34.40 -38.65 41.41
N MET C 64 33.67 -39.61 40.84
CA MET C 64 32.59 -40.24 41.56
C MET C 64 32.26 -41.58 40.92
N LYS C 65 31.54 -42.41 41.67
CA LYS C 65 30.94 -43.63 41.16
C LYS C 65 29.47 -43.31 40.85
N ILE C 66 29.25 -42.68 39.71
CA ILE C 66 27.91 -42.25 39.30
C ILE C 66 27.26 -43.34 38.48
N ASP C 67 26.01 -43.65 38.79
CA ASP C 67 25.28 -44.68 38.06
C ASP C 67 25.02 -44.20 36.64
N LEU C 68 25.60 -44.88 35.66
CA LEU C 68 25.44 -44.49 34.25
C LEU C 68 24.00 -44.60 33.76
N ASN C 69 23.11 -45.23 34.52
CA ASN C 69 21.73 -45.43 34.09
C ASN C 69 20.76 -44.44 34.70
N THR C 70 21.17 -43.67 35.71
CA THR C 70 20.34 -42.59 36.24
C THR C 70 21.09 -41.29 36.46
N GLY C 71 22.41 -41.30 36.53
CA GLY C 71 23.18 -40.08 36.66
C GLY C 71 23.07 -39.41 38.03
N LYS C 72 23.55 -40.09 39.07
CA LYS C 72 23.56 -39.53 40.42
C LYS C 72 24.90 -39.80 41.07
N GLU C 73 25.42 -38.79 41.76
CA GLU C 73 26.66 -38.94 42.52
C GLU C 73 26.46 -39.94 43.66
N THR C 74 27.58 -40.40 44.22
CA THR C 74 27.55 -41.36 45.31
C THR C 74 28.46 -41.05 46.48
N GLY C 75 29.50 -40.21 46.30
CA GLY C 75 30.30 -39.81 47.45
C GLY C 75 31.62 -40.55 47.59
N THR C 76 32.34 -40.74 46.49
CA THR C 76 33.65 -41.39 46.54
C THR C 76 34.64 -40.71 45.60
N PRO C 77 35.88 -40.52 46.04
CA PRO C 77 36.91 -39.94 45.17
C PRO C 77 37.39 -40.92 44.12
N ILE C 78 38.40 -40.54 43.34
CA ILE C 78 38.98 -41.42 42.33
C ILE C 78 40.48 -41.46 42.54
N SER C 79 41.06 -42.65 42.38
CA SER C 79 42.50 -42.83 42.39
C SER C 79 42.97 -43.21 40.99
N MET C 80 44.21 -42.81 40.66
CA MET C 80 44.85 -43.32 39.46
C MET C 80 44.80 -44.84 39.45
N LYS C 81 44.98 -45.46 40.61
CA LYS C 81 44.77 -46.89 40.73
C LYS C 81 43.35 -47.28 40.31
N ASP C 82 42.35 -46.47 40.69
CA ASP C 82 40.97 -46.84 40.41
C ASP C 82 40.69 -46.85 38.91
N VAL C 83 40.95 -45.73 38.23
CA VAL C 83 40.74 -45.69 36.79
C VAL C 83 41.61 -46.73 36.10
N TYR C 84 42.81 -46.99 36.62
CA TYR C 84 43.62 -48.06 36.08
C TYR C 84 42.89 -49.40 36.20
N GLU C 85 42.19 -49.61 37.30
CA GLU C 85 41.41 -50.83 37.48
C GLU C 85 40.30 -50.91 36.44
N GLU C 86 39.58 -49.80 36.24
CA GLU C 86 38.48 -49.83 35.27
C GLU C 86 39.00 -50.03 33.86
N PHE C 87 40.17 -49.49 33.54
CA PHE C 87 40.84 -49.85 32.31
C PHE C 87 41.04 -51.35 32.22
N ASP C 88 41.73 -51.90 33.23
CA ASP C 88 42.03 -53.33 33.28
C ASP C 88 40.80 -54.18 33.03
N GLU C 89 39.69 -53.84 33.69
CA GLU C 89 38.51 -54.67 33.70
C GLU C 89 37.40 -54.12 32.81
N LYS C 90 37.72 -53.20 31.90
CA LYS C 90 36.81 -52.79 30.85
C LYS C 90 37.35 -53.09 29.47
N ILE C 91 38.61 -52.72 29.20
CA ILE C 91 39.23 -53.11 27.94
C ILE C 91 39.19 -54.62 27.78
N ALA C 92 39.80 -55.34 28.72
CA ALA C 92 39.71 -56.80 28.72
C ALA C 92 38.27 -57.28 28.80
N THR C 93 37.36 -56.45 29.32
CA THR C 93 35.95 -56.85 29.35
C THR C 93 35.38 -56.95 27.94
N LYS C 94 35.76 -56.01 27.06
CA LYS C 94 35.23 -56.03 25.70
C LYS C 94 36.29 -56.00 24.61
N TYR C 95 37.57 -55.97 24.96
CA TYR C 95 38.61 -55.89 23.95
C TYR C 95 39.84 -56.73 24.26
N LYS C 96 39.83 -57.52 25.33
CA LYS C 96 40.86 -58.51 25.66
C LYS C 96 42.27 -57.97 25.46
N ILE C 97 42.60 -56.95 26.25
CA ILE C 97 43.97 -56.43 26.27
C ILE C 97 44.94 -57.58 26.56
N MET C 98 46.00 -57.65 25.77
CA MET C 98 47.00 -58.69 25.96
C MET C 98 48.16 -58.22 26.83
N LYS C 99 48.60 -56.98 26.65
CA LYS C 99 49.56 -56.33 27.53
C LYS C 99 49.62 -54.85 27.16
N PHE C 100 49.97 -54.03 28.14
CA PHE C 100 49.87 -52.59 27.97
C PHE C 100 50.95 -51.91 28.80
N LYS C 101 50.78 -50.60 28.99
CA LYS C 101 51.64 -49.75 29.79
C LYS C 101 50.97 -48.39 29.92
N SER C 102 51.18 -47.73 31.05
CA SER C 102 50.52 -46.45 31.26
C SER C 102 51.21 -45.67 32.38
N LYS C 103 51.02 -44.35 32.34
CA LYS C 103 51.47 -43.42 33.36
C LYS C 103 50.43 -42.33 33.53
N PRO C 104 50.31 -41.75 34.72
CA PRO C 104 49.38 -40.63 34.90
C PRO C 104 50.05 -39.30 34.68
N VAL C 105 49.34 -38.39 34.00
CA VAL C 105 49.87 -37.09 33.64
C VAL C 105 48.76 -36.04 33.81
N GLU C 106 49.18 -34.82 34.16
CA GLU C 106 48.26 -33.70 34.29
C GLU C 106 48.35 -32.84 33.03
N LYS C 107 47.32 -32.88 32.22
CA LYS C 107 47.41 -32.32 30.88
C LYS C 107 46.32 -31.27 30.63
N ASN C 108 46.27 -30.81 29.37
CA ASN C 108 45.64 -29.54 29.01
C ASN C 108 44.74 -29.71 27.79
N TYR C 109 43.73 -28.83 27.68
CA TYR C 109 42.79 -28.87 26.57
C TYR C 109 42.12 -27.51 26.44
N ALA C 110 42.09 -26.96 25.22
CA ALA C 110 41.57 -25.62 25.00
C ALA C 110 40.73 -25.54 23.73
N PHE C 111 39.79 -26.46 23.56
CA PHE C 111 39.03 -26.51 22.32
C PHE C 111 37.57 -26.83 22.63
N GLU C 112 36.81 -27.20 21.60
CA GLU C 112 35.36 -27.31 21.71
C GLU C 112 34.97 -28.66 22.31
N ILE C 113 34.90 -28.69 23.64
CA ILE C 113 34.30 -29.78 24.41
C ILE C 113 33.78 -29.16 25.70
N PRO C 114 32.54 -29.46 26.09
CA PRO C 114 31.91 -28.68 27.16
C PRO C 114 32.45 -29.00 28.54
N ASP C 115 32.76 -27.93 29.27
CA ASP C 115 32.91 -27.93 30.73
C ASP C 115 34.19 -28.62 31.20
N VAL C 116 34.95 -29.22 30.30
CA VAL C 116 36.20 -29.87 30.68
C VAL C 116 37.30 -28.82 30.68
N PRO C 117 38.18 -28.80 31.67
CA PRO C 117 39.18 -27.73 31.77
C PRO C 117 40.52 -28.10 31.14
N GLU C 118 41.35 -27.07 30.97
CA GLU C 118 42.70 -27.21 30.42
C GLU C 118 43.70 -27.72 31.45
N LYS C 119 43.24 -28.22 32.58
CA LYS C 119 44.13 -28.82 33.57
C LYS C 119 43.37 -29.98 34.19
N SER C 120 43.83 -31.20 33.93
CA SER C 120 43.13 -32.34 34.51
C SER C 120 44.02 -33.56 34.64
N GLU C 121 43.51 -34.50 35.43
CA GLU C 121 44.05 -35.86 35.48
C GLU C 121 43.87 -36.54 34.13
N TYR C 122 44.87 -37.31 33.72
CA TYR C 122 44.74 -38.18 32.57
C TYR C 122 45.59 -39.41 32.80
N LEU C 123 45.04 -40.57 32.47
CA LEU C 123 45.81 -41.81 32.43
C LEU C 123 46.28 -42.02 31.00
N GLU C 124 47.55 -41.72 30.76
CA GLU C 124 48.18 -41.93 29.46
C GLU C 124 48.48 -43.42 29.30
N VAL C 125 47.75 -44.06 28.41
CA VAL C 125 47.85 -45.49 28.15
C VAL C 125 48.44 -45.69 26.76
N LYS C 126 49.56 -46.38 26.67
CA LYS C 126 50.14 -46.73 25.38
C LYS C 126 49.78 -48.17 25.04
N TYR C 127 49.73 -48.47 23.75
CA TYR C 127 49.70 -49.85 23.30
C TYR C 127 49.89 -49.88 21.80
N SER C 128 50.52 -50.95 21.33
CA SER C 128 50.80 -51.10 19.91
C SER C 128 49.51 -51.13 19.11
N ALA C 129 49.59 -50.62 17.88
CA ALA C 129 48.43 -50.57 16.99
C ALA C 129 47.82 -51.94 16.73
N GLU C 130 48.46 -53.02 17.19
CA GLU C 130 47.92 -54.36 16.98
C GLU C 130 46.47 -54.45 17.44
N MET C 131 46.15 -53.87 18.58
CA MET C 131 44.80 -54.00 19.10
C MET C 131 43.83 -53.09 18.32
N PRO C 132 42.61 -53.54 18.08
CA PRO C 132 41.63 -52.68 17.39
C PRO C 132 41.18 -51.48 18.20
N GLN C 133 40.26 -50.72 17.62
CA GLN C 133 39.85 -49.41 18.11
C GLN C 133 38.45 -49.52 18.72
N LEU C 134 37.92 -48.38 19.14
CA LEU C 134 36.73 -48.33 19.97
C LEU C 134 35.82 -47.18 19.55
N PRO C 135 34.62 -47.04 20.10
CA PRO C 135 33.88 -45.78 19.94
C PRO C 135 34.69 -44.61 20.47
N GLN C 136 34.59 -43.47 19.79
CA GLN C 136 35.44 -42.33 20.09
C GLN C 136 35.12 -41.75 21.47
N ASP C 137 33.88 -41.34 21.68
CA ASP C 137 33.46 -40.64 22.89
C ASP C 137 33.27 -41.58 24.08
N LEU C 138 33.86 -42.78 24.02
CA LEU C 138 33.75 -43.76 25.08
C LEU C 138 34.00 -43.15 26.46
N LYS C 139 33.31 -43.69 27.46
CA LYS C 139 33.51 -43.31 28.84
C LYS C 139 33.39 -44.56 29.71
N GLY C 140 33.80 -44.43 30.97
CA GLY C 140 33.66 -45.49 31.95
C GLY C 140 32.78 -45.02 33.10
N GLU C 141 32.44 -45.97 33.97
CA GLU C 141 31.60 -45.63 35.12
C GLU C 141 32.30 -44.61 36.02
N THR C 142 33.60 -44.76 36.21
CA THR C 142 34.33 -43.85 37.08
C THR C 142 34.95 -42.67 36.36
N PHE C 143 35.31 -42.80 35.09
CA PHE C 143 35.96 -41.72 34.37
C PHE C 143 35.02 -41.11 33.34
N SER C 144 35.44 -39.97 32.81
CA SER C 144 34.56 -39.13 31.99
C SER C 144 34.73 -39.37 30.49
N HIS C 145 35.96 -39.48 30.01
CA HIS C 145 36.23 -39.67 28.59
C HIS C 145 37.67 -40.11 28.42
N VAL C 146 38.06 -40.44 27.20
CA VAL C 146 39.44 -40.66 26.83
C VAL C 146 39.71 -39.99 25.50
N PHE C 147 40.68 -39.09 25.48
CA PHE C 147 41.20 -38.57 24.23
C PHE C 147 42.12 -39.58 23.57
N GLY C 148 42.25 -39.48 22.25
CA GLY C 148 43.20 -40.30 21.53
C GLY C 148 42.65 -41.66 21.14
N THR C 149 41.54 -41.68 20.42
CA THR C 149 40.91 -42.92 19.97
C THR C 149 41.04 -43.13 18.48
N ASN C 150 40.63 -42.14 17.69
CA ASN C 150 40.69 -42.19 16.24
C ASN C 150 42.00 -41.66 15.68
N THR C 151 43.07 -41.71 16.46
CA THR C 151 44.31 -41.06 16.10
C THR C 151 44.87 -41.60 14.79
N SER C 152 45.68 -40.78 14.14
CA SER C 152 46.33 -41.11 12.88
C SER C 152 47.76 -41.53 13.16
N SER C 153 48.04 -42.83 13.06
CA SER C 153 49.36 -43.39 13.29
C SER C 153 50.47 -42.54 12.70
N LEU C 154 50.24 -41.98 11.51
CA LEU C 154 51.24 -41.14 10.87
C LEU C 154 51.59 -39.94 11.74
N GLU C 155 50.61 -39.06 11.95
CA GLU C 155 50.87 -37.91 12.81
C GLU C 155 51.31 -38.35 14.19
N LEU C 156 50.90 -39.54 14.61
CA LEU C 156 51.35 -40.08 15.89
C LEU C 156 52.87 -40.18 15.91
N PHE C 157 53.44 -40.95 14.98
CA PHE C 157 54.88 -41.05 14.89
C PHE C 157 55.52 -39.68 14.77
N LEU C 158 54.99 -38.84 13.88
CA LEU C 158 55.62 -37.54 13.64
C LEU C 158 55.69 -36.73 14.92
N MET C 159 54.54 -36.38 15.48
CA MET C 159 54.49 -35.53 16.66
C MET C 159 54.96 -36.23 17.92
N ASN C 160 55.32 -37.52 17.84
CA ASN C 160 56.07 -38.11 18.93
C ASN C 160 57.56 -37.86 18.76
N ARG C 161 58.10 -38.26 17.60
CA ARG C 161 59.53 -38.12 17.34
C ARG C 161 59.91 -36.71 16.91
N LYS C 162 58.93 -35.84 16.65
CA LYS C 162 59.18 -34.41 16.43
C LYS C 162 60.12 -34.16 15.25
N ILE C 163 59.64 -34.50 14.07
CA ILE C 163 60.38 -34.26 12.84
C ILE C 163 59.85 -32.97 12.21
N LYS C 164 60.77 -32.13 11.72
CA LYS C 164 60.44 -30.81 11.22
C LYS C 164 60.15 -30.78 9.72
N GLY C 165 59.70 -31.89 9.15
CA GLY C 165 59.53 -31.98 7.72
C GLY C 165 60.74 -32.61 7.06
N PRO C 166 60.94 -32.35 5.78
CA PRO C 166 62.08 -32.94 5.07
C PRO C 166 63.39 -32.48 5.68
N CYS C 167 64.30 -33.43 5.88
CA CYS C 167 65.58 -33.16 6.51
C CYS C 167 66.46 -34.38 6.35
N TRP C 168 67.77 -34.17 6.50
CA TRP C 168 68.71 -35.27 6.45
C TRP C 168 68.47 -36.22 7.62
N LEU C 169 68.76 -37.50 7.40
CA LEU C 169 68.66 -38.49 8.47
C LEU C 169 69.73 -39.53 8.24
N GLU C 170 69.89 -40.41 9.24
CA GLU C 170 70.64 -41.64 9.07
C GLU C 170 69.89 -42.74 9.80
N VAL C 171 70.38 -43.96 9.70
CA VAL C 171 69.61 -45.12 10.14
C VAL C 171 70.42 -45.82 11.23
N LYS C 172 70.17 -45.47 12.49
CA LYS C 172 70.78 -46.17 13.61
C LYS C 172 70.05 -47.47 13.88
N SER C 173 70.81 -48.51 14.20
CA SER C 173 70.31 -49.87 14.35
C SER C 173 69.55 -50.34 13.09
N PRO C 174 70.21 -50.37 11.93
CA PRO C 174 69.53 -50.84 10.72
C PRO C 174 69.57 -52.36 10.67
N GLN C 175 68.41 -52.97 10.60
CA GLN C 175 68.29 -54.42 10.47
C GLN C 175 67.63 -54.72 9.13
N LEU C 176 68.15 -55.72 8.44
CA LEU C 176 67.71 -55.98 7.07
C LEU C 176 66.47 -56.84 7.06
N LEU C 177 65.71 -56.74 5.97
CA LEU C 177 64.33 -57.19 5.91
C LEU C 177 64.25 -58.65 5.48
N ASN C 178 63.00 -59.11 5.31
CA ASN C 178 62.75 -60.49 4.94
C ASN C 178 62.89 -60.70 3.43
N GLN C 179 62.06 -60.02 2.66
CA GLN C 179 62.06 -60.12 1.21
C GLN C 179 61.73 -58.77 0.59
N PRO C 180 62.67 -58.17 -0.13
CA PRO C 180 62.42 -56.87 -0.75
C PRO C 180 61.11 -56.82 -1.51
N VAL C 181 60.28 -55.84 -1.18
CA VAL C 181 59.05 -55.56 -1.93
C VAL C 181 59.04 -54.16 -2.53
N SER C 182 59.86 -53.24 -2.03
CA SER C 182 60.15 -52.00 -2.74
C SER C 182 60.91 -52.31 -4.02
N TRP C 183 61.19 -51.27 -4.80
CA TRP C 183 61.91 -51.42 -6.05
C TRP C 183 63.29 -50.79 -6.01
N CYS C 184 63.82 -50.52 -4.83
CA CYS C 184 65.12 -49.87 -4.72
C CYS C 184 66.24 -50.89 -4.62
N LYS C 185 67.39 -50.54 -5.21
CA LYS C 185 68.56 -51.41 -5.16
C LYS C 185 68.93 -51.82 -3.75
N VAL C 186 68.57 -51.01 -2.76
CA VAL C 186 68.90 -51.28 -1.36
C VAL C 186 67.66 -50.98 -0.52
N GLU C 187 67.71 -51.46 0.73
CA GLU C 187 66.59 -51.27 1.64
C GLU C 187 67.05 -51.54 3.06
N ALA C 188 66.40 -50.86 4.01
CA ALA C 188 66.76 -50.96 5.42
C ALA C 188 65.51 -50.79 6.28
N MET C 189 65.33 -51.70 7.23
CA MET C 189 64.17 -51.65 8.12
C MET C 189 64.53 -50.97 9.43
N ALA C 190 63.67 -50.03 9.85
CA ALA C 190 63.80 -49.39 11.14
C ALA C 190 62.93 -50.11 12.17
N LEU C 191 63.41 -50.14 13.41
CA LEU C 191 62.75 -50.92 14.45
C LEU C 191 62.19 -50.07 15.58
N LYS C 192 63.00 -49.20 16.17
CA LYS C 192 62.56 -48.40 17.30
C LYS C 192 62.33 -46.97 16.87
N PRO C 193 61.18 -46.37 17.23
CA PRO C 193 60.79 -45.08 16.64
C PRO C 193 61.63 -43.91 17.09
N ASP C 194 62.72 -44.13 17.82
CA ASP C 194 63.62 -43.05 18.21
C ASP C 194 65.03 -43.23 17.65
N LEU C 195 65.26 -44.26 16.82
CA LEU C 195 66.49 -44.32 16.05
C LEU C 195 66.54 -43.28 14.95
N VAL C 196 65.47 -42.49 14.80
CA VAL C 196 65.50 -41.34 13.92
C VAL C 196 66.66 -40.43 14.30
N ASN C 197 67.41 -39.99 13.31
CA ASN C 197 68.63 -39.21 13.53
C ASN C 197 68.53 -37.88 12.80
N VAL C 198 68.05 -36.86 13.52
CA VAL C 198 68.02 -35.51 12.98
C VAL C 198 69.45 -35.05 12.70
N ILE C 199 69.64 -34.41 11.55
CA ILE C 199 70.96 -33.88 11.17
C ILE C 199 70.74 -32.86 10.07
N LYS C 200 71.56 -31.81 10.08
CA LYS C 200 71.26 -30.55 9.40
C LYS C 200 72.44 -30.04 8.59
N ASP C 201 73.09 -30.94 7.83
CA ASP C 201 74.28 -30.52 7.09
C ASP C 201 73.92 -29.79 5.80
N VAL C 202 73.27 -30.50 4.86
CA VAL C 202 73.18 -30.05 3.48
C VAL C 202 71.71 -30.03 3.08
N SER C 203 71.45 -29.55 1.88
CA SER C 203 70.22 -29.87 1.20
C SER C 203 70.37 -31.23 0.50
N PRO C 204 69.27 -31.96 0.32
CA PRO C 204 69.37 -33.21 -0.42
C PRO C 204 69.90 -32.96 -1.81
N PRO C 205 70.57 -33.95 -2.40
CA PRO C 205 71.27 -33.73 -3.66
C PRO C 205 70.30 -33.55 -4.81
N PRO C 206 70.75 -33.01 -5.94
CA PRO C 206 69.90 -32.94 -7.12
C PRO C 206 69.26 -34.28 -7.44
N LEU C 207 67.97 -34.24 -7.78
CA LEU C 207 67.15 -35.44 -7.87
C LEU C 207 66.53 -35.54 -9.25
N VAL C 208 66.34 -36.79 -9.71
CA VAL C 208 65.73 -37.02 -11.01
C VAL C 208 64.32 -36.45 -11.06
N VAL C 209 63.98 -35.84 -12.18
CA VAL C 209 62.63 -35.34 -12.44
C VAL C 209 62.25 -35.71 -13.86
N MET C 210 60.96 -35.90 -14.10
CA MET C 210 60.45 -36.38 -15.38
C MET C 210 59.56 -35.33 -16.02
N ALA C 211 59.76 -35.09 -17.31
CA ALA C 211 58.92 -34.17 -18.08
C ALA C 211 57.87 -34.97 -18.85
N PHE C 212 56.91 -35.50 -18.11
CA PHE C 212 55.91 -36.40 -18.68
C PHE C 212 54.73 -35.63 -19.25
N SER C 213 54.21 -36.10 -20.38
CA SER C 213 52.97 -35.60 -20.97
C SER C 213 52.44 -36.68 -21.90
N MET C 214 51.24 -36.46 -22.44
CA MET C 214 50.62 -37.45 -23.31
C MET C 214 49.45 -36.83 -24.05
N LYS C 215 48.83 -37.62 -24.93
CA LYS C 215 47.72 -37.16 -25.76
C LYS C 215 46.78 -38.33 -26.01
N THR C 216 45.62 -38.31 -25.40
CA THR C 216 44.60 -39.31 -25.61
C THR C 216 43.76 -38.97 -26.84
N MET C 217 42.89 -39.90 -27.22
CA MET C 217 41.95 -39.66 -28.30
C MET C 217 40.74 -40.57 -28.14
N GLN C 218 39.62 -40.12 -28.71
CA GLN C 218 38.32 -40.70 -28.40
C GLN C 218 38.15 -42.06 -29.07
N ASN C 219 37.03 -42.71 -28.72
CA ASN C 219 36.62 -43.96 -29.36
C ASN C 219 35.11 -44.02 -29.27
N ALA C 220 34.43 -43.70 -30.37
CA ALA C 220 32.98 -43.78 -30.41
C ALA C 220 32.46 -45.21 -30.31
N LYS C 221 33.35 -46.21 -30.38
CA LYS C 221 32.90 -47.60 -30.35
C LYS C 221 32.21 -47.92 -29.03
N ASN C 222 32.95 -47.85 -27.92
CA ASN C 222 32.37 -48.01 -26.60
C ASN C 222 32.38 -46.72 -25.80
N HIS C 223 32.51 -45.59 -26.49
CA HIS C 223 32.50 -44.27 -25.87
C HIS C 223 33.58 -44.15 -24.80
N GLN C 224 34.82 -44.26 -25.25
CA GLN C 224 35.99 -44.08 -24.41
C GLN C 224 36.99 -43.18 -25.13
N ASN C 225 37.96 -42.67 -24.38
CA ASN C 225 39.00 -41.80 -24.92
C ASN C 225 40.36 -42.37 -24.52
N GLU C 226 40.86 -43.30 -25.32
CA GLU C 226 42.12 -43.95 -25.04
C GLU C 226 43.26 -43.16 -25.68
N ILE C 227 44.45 -43.76 -25.70
CA ILE C 227 45.66 -43.07 -26.14
C ILE C 227 46.51 -44.04 -26.94
N ILE C 228 47.17 -43.50 -27.98
CA ILE C 228 48.03 -44.32 -28.82
C ILE C 228 49.40 -43.67 -29.02
N ALA C 229 49.71 -42.66 -28.22
CA ALA C 229 51.00 -42.00 -28.33
C ALA C 229 51.28 -41.17 -27.08
N MET C 230 52.47 -41.32 -26.52
CA MET C 230 52.89 -40.50 -25.39
C MET C 230 54.41 -40.51 -25.33
N ALA C 231 54.95 -39.68 -24.45
CA ALA C 231 56.40 -39.51 -24.34
C ALA C 231 56.70 -38.79 -23.03
N ALA C 232 57.98 -38.45 -22.86
CA ALA C 232 58.45 -37.62 -21.76
C ALA C 232 59.92 -37.28 -21.97
N LEU C 233 60.32 -36.10 -21.49
CA LEU C 233 61.72 -35.74 -21.38
C LEU C 233 62.22 -36.07 -19.97
N VAL C 234 63.53 -36.28 -19.85
CA VAL C 234 64.11 -36.79 -18.63
C VAL C 234 65.33 -35.96 -18.24
N HIS C 235 65.31 -35.43 -17.03
CA HIS C 235 66.49 -34.84 -16.41
C HIS C 235 66.91 -35.75 -15.25
N HIS C 236 68.21 -35.93 -15.09
CA HIS C 236 68.72 -37.02 -14.25
C HIS C 236 69.32 -36.59 -12.93
N SER C 237 69.59 -35.29 -12.73
CA SER C 237 69.89 -34.80 -11.39
C SER C 237 69.59 -33.31 -11.36
N PHE C 238 68.40 -32.95 -10.89
CA PHE C 238 67.92 -31.57 -10.86
C PHE C 238 68.33 -30.92 -9.55
N ALA C 239 69.07 -29.82 -9.63
CA ALA C 239 69.47 -29.11 -8.44
C ALA C 239 68.25 -28.47 -7.77
N LEU C 240 68.13 -28.67 -6.46
CA LEU C 240 66.98 -28.19 -5.72
C LEU C 240 67.23 -26.83 -5.09
N ASP C 241 68.44 -26.59 -4.61
CA ASP C 241 68.80 -25.35 -3.95
C ASP C 241 69.71 -24.47 -4.80
N LYS C 242 69.55 -24.50 -6.12
CA LYS C 242 70.39 -23.73 -7.03
C LYS C 242 69.52 -23.25 -8.18
N ALA C 243 70.17 -22.85 -9.27
CA ALA C 243 69.46 -22.27 -10.41
C ALA C 243 68.92 -23.39 -11.31
N ALA C 244 68.42 -23.02 -12.48
CA ALA C 244 67.79 -24.03 -13.31
C ALA C 244 68.81 -24.71 -14.21
N PRO C 245 68.71 -26.03 -14.37
CA PRO C 245 69.60 -26.76 -15.27
C PRO C 245 69.16 -26.64 -16.72
N LYS C 246 69.96 -25.96 -17.51
CA LYS C 246 69.78 -25.95 -18.95
C LYS C 246 70.88 -26.80 -19.57
N PRO C 247 70.57 -27.67 -20.54
CA PRO C 247 69.30 -27.94 -21.23
C PRO C 247 68.17 -28.37 -20.32
N PRO C 248 66.93 -28.22 -20.79
CA PRO C 248 65.76 -28.58 -19.96
C PRO C 248 65.67 -30.06 -19.64
N PHE C 249 66.64 -30.87 -20.02
CA PHE C 249 66.55 -32.31 -19.87
C PHE C 249 67.94 -32.90 -19.95
N GLN C 250 68.01 -34.22 -19.79
CA GLN C 250 69.22 -34.96 -20.10
C GLN C 250 68.98 -36.20 -20.95
N SER C 251 67.72 -36.61 -21.15
CA SER C 251 67.35 -37.59 -22.15
C SER C 251 65.85 -37.52 -22.33
N HIS C 252 65.33 -38.30 -23.27
CA HIS C 252 63.89 -38.41 -23.49
C HIS C 252 63.62 -39.67 -24.30
N PHE C 253 62.39 -39.80 -24.78
CA PHE C 253 61.90 -41.01 -25.42
C PHE C 253 60.51 -40.69 -25.96
N CYS C 254 59.90 -41.69 -26.60
CA CYS C 254 58.48 -41.62 -26.96
C CYS C 254 58.00 -43.03 -27.27
N VAL C 255 56.70 -43.12 -27.56
CA VAL C 255 56.06 -44.40 -27.86
C VAL C 255 54.74 -44.09 -28.54
N VAL C 256 54.34 -44.95 -29.48
CA VAL C 256 53.19 -44.65 -30.33
C VAL C 256 52.59 -45.95 -30.84
N SER C 257 51.27 -46.05 -30.78
CA SER C 257 50.51 -47.20 -31.26
C SER C 257 49.54 -46.78 -32.37
N LYS C 258 48.86 -47.77 -32.95
CA LYS C 258 47.96 -47.51 -34.06
C LYS C 258 46.49 -47.62 -33.61
N PRO C 259 45.60 -46.83 -34.23
CA PRO C 259 44.18 -46.91 -33.89
C PRO C 259 43.42 -47.92 -34.73
N LYS C 260 42.09 -47.99 -34.54
CA LYS C 260 41.23 -48.88 -35.30
C LYS C 260 40.28 -48.12 -36.22
N ASP C 261 40.64 -46.89 -36.60
CA ASP C 261 39.85 -46.13 -37.58
C ASP C 261 40.64 -45.78 -38.82
N CYS C 262 41.89 -45.31 -38.68
CA CYS C 262 42.77 -45.10 -39.81
C CYS C 262 44.20 -45.36 -39.37
N ILE C 263 44.90 -46.22 -40.09
CA ILE C 263 46.18 -46.74 -39.66
C ILE C 263 47.29 -45.89 -40.26
N PHE C 264 48.51 -46.06 -39.73
CA PHE C 264 49.69 -45.23 -39.92
C PHE C 264 49.95 -44.80 -41.37
N PRO C 265 50.48 -43.60 -41.57
CA PRO C 265 51.07 -43.27 -42.88
C PRO C 265 52.41 -43.96 -43.04
N TYR C 266 52.86 -44.00 -44.30
CA TYR C 266 53.98 -44.85 -44.65
C TYR C 266 55.28 -44.40 -43.99
N ALA C 267 56.12 -45.38 -43.64
CA ALA C 267 57.51 -45.19 -43.24
C ALA C 267 57.66 -44.06 -42.20
N PHE C 268 57.12 -44.31 -41.01
CA PHE C 268 57.18 -43.30 -39.96
C PHE C 268 58.57 -43.24 -39.34
N LYS C 269 59.13 -44.41 -39.00
CA LYS C 269 60.51 -44.46 -38.51
C LYS C 269 61.47 -43.89 -39.54
N GLU C 270 61.27 -44.23 -40.82
CA GLU C 270 62.14 -43.74 -41.87
C GLU C 270 62.03 -42.22 -42.00
N VAL C 271 60.83 -41.68 -41.90
CA VAL C 271 60.66 -40.24 -42.08
C VAL C 271 61.20 -39.46 -40.88
N ILE C 272 61.01 -39.97 -39.68
CA ILE C 272 61.28 -39.15 -38.49
C ILE C 272 62.73 -39.23 -38.06
N GLU C 273 63.29 -40.44 -37.87
CA GLU C 273 64.60 -40.58 -37.26
C GLU C 273 65.68 -39.74 -37.95
N LYS C 274 65.43 -39.30 -39.19
CA LYS C 274 66.26 -38.25 -39.78
C LYS C 274 66.10 -36.95 -39.01
N LYS C 275 64.87 -36.62 -38.63
CA LYS C 275 64.56 -35.41 -37.86
C LYS C 275 64.70 -35.66 -36.36
N ASN C 276 64.30 -36.86 -35.91
CA ASN C 276 64.69 -37.39 -34.61
C ASN C 276 64.25 -36.54 -33.41
N VAL C 277 62.96 -36.51 -33.12
CA VAL C 277 62.47 -35.90 -31.89
C VAL C 277 62.44 -37.01 -30.83
N LYS C 278 63.17 -38.09 -31.11
CA LYS C 278 63.34 -39.22 -30.20
C LYS C 278 62.01 -39.93 -29.95
N VAL C 279 61.44 -40.44 -31.03
CA VAL C 279 60.22 -41.23 -30.99
C VAL C 279 60.57 -42.67 -31.34
N GLU C 280 59.89 -43.61 -30.68
CA GLU C 280 60.08 -45.02 -30.97
C GLU C 280 58.75 -45.62 -31.41
N VAL C 281 58.83 -46.54 -32.37
CA VAL C 281 57.65 -47.24 -32.84
C VAL C 281 57.16 -48.19 -31.76
N ALA C 282 55.85 -48.47 -31.77
CA ALA C 282 55.28 -49.47 -30.89
C ALA C 282 54.09 -50.12 -31.59
N ALA C 283 53.56 -51.17 -30.96
CA ALA C 283 52.48 -51.97 -31.53
C ALA C 283 51.19 -51.87 -30.74
N THR C 284 51.21 -52.17 -29.44
CA THR C 284 50.00 -52.21 -28.64
C THR C 284 50.09 -51.24 -27.48
N GLU C 285 48.95 -50.63 -27.15
CA GLU C 285 48.85 -49.86 -25.92
C GLU C 285 49.27 -50.72 -24.73
N ARG C 286 49.01 -52.03 -24.80
CA ARG C 286 49.66 -52.97 -23.90
C ARG C 286 51.18 -52.81 -23.94
N THR C 287 51.77 -52.96 -25.14
CA THR C 287 53.19 -52.72 -25.29
C THR C 287 53.56 -51.31 -24.85
N LEU C 288 52.65 -50.35 -25.04
CA LEU C 288 52.94 -48.97 -24.69
C LEU C 288 53.16 -48.84 -23.19
N LEU C 289 52.15 -49.22 -22.40
CA LEU C 289 52.30 -49.19 -20.94
C LEU C 289 53.46 -50.06 -20.49
N GLY C 290 53.69 -51.18 -21.17
CA GLY C 290 54.77 -52.08 -20.85
C GLY C 290 56.11 -51.37 -20.89
N PHE C 291 56.43 -50.78 -22.04
CA PHE C 291 57.71 -50.10 -22.11
C PHE C 291 57.69 -48.73 -21.45
N PHE C 292 56.50 -48.22 -21.09
CA PHE C 292 56.43 -47.04 -20.24
C PHE C 292 56.96 -47.35 -18.84
N LEU C 293 56.36 -48.34 -18.20
CA LEU C 293 56.87 -48.79 -16.91
C LEU C 293 58.30 -49.30 -17.05
N ALA C 294 58.66 -49.81 -18.23
CA ALA C 294 60.05 -50.16 -18.48
C ALA C 294 60.94 -48.92 -18.48
N LYS C 295 60.44 -47.80 -19.01
CA LYS C 295 61.21 -46.56 -18.94
C LYS C 295 61.35 -46.09 -17.51
N VAL C 296 60.30 -46.28 -16.71
CA VAL C 296 60.42 -46.06 -15.27
C VAL C 296 61.58 -46.89 -14.73
N HIS C 297 61.47 -48.21 -14.87
CA HIS C 297 62.47 -49.20 -14.51
C HIS C 297 63.88 -48.76 -14.94
N LYS C 298 63.97 -48.14 -16.11
CA LYS C 298 65.24 -47.69 -16.65
C LYS C 298 65.75 -46.43 -15.97
N ILE C 299 64.84 -45.57 -15.48
CA ILE C 299 65.21 -44.32 -14.83
C ILE C 299 64.69 -44.26 -13.40
N ASP C 300 63.42 -44.59 -13.20
CA ASP C 300 62.80 -44.57 -11.88
C ASP C 300 62.93 -43.20 -11.24
N PRO C 301 62.21 -42.21 -11.75
CA PRO C 301 62.25 -40.88 -11.14
C PRO C 301 61.50 -40.86 -9.82
N ASP C 302 61.38 -39.67 -9.22
CA ASP C 302 60.63 -39.54 -7.98
C ASP C 302 59.75 -38.30 -7.96
N ILE C 303 59.58 -37.63 -9.10
CA ILE C 303 58.67 -36.50 -9.24
C ILE C 303 58.05 -36.58 -10.63
N ILE C 304 56.74 -36.75 -10.69
CA ILE C 304 56.02 -36.87 -11.94
C ILE C 304 55.38 -35.53 -12.25
N VAL C 305 55.78 -34.93 -13.36
CA VAL C 305 55.35 -33.59 -13.74
C VAL C 305 54.39 -33.70 -14.91
N GLY C 306 53.26 -33.02 -14.80
CA GLY C 306 52.23 -33.03 -15.81
C GLY C 306 51.01 -32.25 -15.36
N HIS C 307 50.22 -31.75 -16.30
CA HIS C 307 49.03 -30.99 -15.96
C HIS C 307 47.80 -31.77 -16.39
N ASN C 308 46.64 -31.33 -15.93
CA ASN C 308 45.36 -31.94 -16.27
C ASN C 308 45.27 -33.37 -15.74
N ILE C 309 46.05 -33.68 -14.71
CA ILE C 309 46.29 -35.07 -14.34
C ILE C 309 45.06 -35.69 -13.69
N TYR C 310 44.64 -35.11 -12.56
CA TYR C 310 43.59 -35.73 -11.78
C TYR C 310 42.24 -35.61 -12.47
N GLY C 311 41.84 -34.39 -12.81
CA GLY C 311 40.57 -34.21 -13.47
C GLY C 311 40.44 -34.94 -14.79
N PHE C 312 41.54 -35.35 -15.40
CA PHE C 312 41.32 -35.96 -16.70
C PHE C 312 42.07 -37.27 -16.94
N GLU C 313 43.29 -37.42 -16.42
CA GLU C 313 44.20 -38.40 -17.01
C GLU C 313 44.58 -39.55 -16.08
N LEU C 314 45.10 -39.28 -14.89
CA LEU C 314 45.71 -40.32 -14.07
C LEU C 314 44.80 -41.53 -13.91
N GLU C 315 43.54 -41.28 -13.60
CA GLU C 315 42.57 -42.35 -13.49
C GLU C 315 42.50 -43.17 -14.76
N VAL C 316 42.73 -42.54 -15.90
CA VAL C 316 42.71 -43.29 -17.16
C VAL C 316 43.91 -44.21 -17.24
N LEU C 317 45.05 -43.77 -16.72
CA LEU C 317 46.20 -44.66 -16.63
C LEU C 317 45.89 -45.86 -15.76
N LEU C 318 45.21 -45.64 -14.63
CA LEU C 318 44.81 -46.77 -13.79
C LEU C 318 43.84 -47.68 -14.53
N GLN C 319 42.91 -47.10 -15.28
CA GLN C 319 41.99 -47.89 -16.08
C GLN C 319 42.76 -48.80 -17.04
N ARG C 320 43.74 -48.23 -17.74
CA ARG C 320 44.42 -48.99 -18.77
C ARG C 320 45.36 -50.03 -18.18
N ILE C 321 45.95 -49.77 -17.01
CA ILE C 321 46.75 -50.81 -16.39
C ILE C 321 45.86 -51.90 -15.80
N ASN C 322 44.60 -51.58 -15.47
CA ASN C 322 43.67 -52.63 -15.11
C ASN C 322 43.30 -53.46 -16.33
N VAL C 323 43.17 -52.82 -17.48
CA VAL C 323 42.72 -53.53 -18.68
C VAL C 323 43.84 -54.42 -19.23
N CYS C 324 44.98 -53.81 -19.58
CA CYS C 324 46.03 -54.55 -20.29
C CYS C 324 46.69 -55.60 -19.40
N LYS C 325 46.77 -55.35 -18.10
CA LYS C 325 47.29 -56.31 -17.12
C LYS C 325 48.74 -56.70 -17.42
N ALA C 326 49.60 -55.69 -17.54
CA ALA C 326 51.01 -55.95 -17.70
C ALA C 326 51.62 -56.43 -16.39
N PRO C 327 52.57 -57.36 -16.43
CA PRO C 327 53.22 -57.80 -15.19
C PRO C 327 54.04 -56.68 -14.58
N HIS C 328 54.24 -56.78 -13.26
CA HIS C 328 54.90 -55.74 -12.47
C HIS C 328 54.12 -54.42 -12.56
N TRP C 329 52.79 -54.52 -12.37
CA TRP C 329 51.95 -53.34 -12.42
C TRP C 329 52.39 -52.29 -11.41
N SER C 330 52.85 -52.74 -10.24
CA SER C 330 53.05 -51.85 -9.11
C SER C 330 54.18 -50.85 -9.32
N LYS C 331 55.00 -51.03 -10.36
CA LYS C 331 56.11 -50.11 -10.61
C LYS C 331 55.65 -48.68 -10.88
N ILE C 332 54.34 -48.45 -11.03
CA ILE C 332 53.87 -47.09 -11.25
C ILE C 332 54.14 -46.22 -10.03
N GLY C 333 54.06 -46.81 -8.84
CA GLY C 333 54.51 -46.14 -7.64
C GLY C 333 55.98 -46.41 -7.40
N ARG C 334 56.38 -46.57 -6.14
CA ARG C 334 57.73 -46.96 -5.78
C ARG C 334 57.67 -48.13 -4.82
N LEU C 335 56.85 -49.12 -5.15
CA LEU C 335 56.55 -50.21 -4.24
C LEU C 335 55.86 -51.32 -5.02
N LYS C 336 55.78 -52.49 -4.41
CA LYS C 336 54.92 -53.58 -4.88
C LYS C 336 53.82 -53.80 -3.87
N ARG C 337 52.60 -54.04 -4.36
CA ARG C 337 51.44 -54.22 -3.51
C ARG C 337 50.77 -55.56 -3.85
N SER C 338 49.88 -55.99 -2.96
CA SER C 338 49.13 -57.21 -3.19
C SER C 338 48.19 -57.08 -4.39
N ASN C 339 47.70 -55.88 -4.66
CA ASN C 339 46.79 -55.64 -5.77
C ASN C 339 46.66 -54.14 -5.97
N MET C 340 46.02 -53.76 -7.07
CA MET C 340 45.76 -52.37 -7.39
C MET C 340 44.38 -51.96 -6.88
N PRO C 341 44.26 -50.90 -6.08
CA PRO C 341 43.00 -50.64 -5.37
C PRO C 341 41.93 -50.04 -6.26
N LYS C 342 40.81 -49.67 -5.64
CA LYS C 342 39.71 -48.98 -6.31
C LYS C 342 40.19 -47.78 -7.10
N GLY C 350 39.02 -39.37 -4.92
CA GLY C 350 39.00 -40.19 -3.73
C GLY C 350 39.71 -41.51 -3.92
N GLU C 351 40.40 -41.66 -5.06
CA GLU C 351 41.15 -42.88 -5.38
C GLU C 351 42.63 -42.57 -5.57
N ARG C 352 43.15 -41.56 -4.85
CA ARG C 352 44.51 -41.09 -5.07
C ARG C 352 45.55 -41.91 -4.32
N ASN C 353 45.14 -42.70 -3.32
CA ASN C 353 46.10 -43.47 -2.56
C ASN C 353 46.78 -44.56 -3.38
N ALA C 354 46.17 -44.98 -4.48
CA ALA C 354 46.77 -45.99 -5.35
C ALA C 354 48.22 -45.65 -5.67
N THR C 355 48.47 -44.42 -6.11
CA THR C 355 49.82 -43.95 -6.33
C THR C 355 50.45 -43.56 -5.00
N CYS C 356 51.61 -44.14 -4.70
CA CYS C 356 52.31 -43.86 -3.47
C CYS C 356 53.81 -43.80 -3.74
N GLY C 357 54.54 -43.18 -2.81
CA GLY C 357 55.98 -43.15 -2.89
C GLY C 357 56.53 -42.44 -4.11
N ARG C 358 55.71 -41.64 -4.79
CA ARG C 358 56.14 -40.96 -6.01
C ARG C 358 55.47 -39.59 -6.04
N MET C 359 56.27 -38.55 -5.89
CA MET C 359 55.74 -37.18 -5.79
C MET C 359 54.94 -36.84 -7.03
N ILE C 360 53.62 -36.70 -6.87
CA ILE C 360 52.75 -36.36 -7.98
C ILE C 360 52.77 -34.85 -8.09
N CYS C 361 53.74 -34.33 -8.84
CA CYS C 361 53.80 -32.91 -9.08
C CYS C 361 52.52 -32.41 -9.72
N ASP C 362 52.32 -31.11 -9.67
CA ASP C 362 51.21 -30.45 -10.32
C ASP C 362 51.73 -29.42 -11.31
N VAL C 363 50.94 -29.15 -12.33
CA VAL C 363 51.27 -28.05 -13.22
C VAL C 363 50.08 -27.10 -13.28
N GLU C 364 48.88 -27.63 -13.10
CA GLU C 364 47.67 -26.79 -13.11
C GLU C 364 47.45 -26.12 -11.76
N ILE C 365 47.18 -26.93 -10.73
CA ILE C 365 46.84 -26.40 -9.42
C ILE C 365 47.94 -25.47 -8.92
N SER C 366 49.14 -26.01 -8.75
CA SER C 366 50.24 -25.24 -8.21
C SER C 366 50.49 -23.97 -9.01
N ALA C 367 50.13 -23.96 -10.29
CA ALA C 367 50.26 -22.73 -11.06
C ALA C 367 49.48 -21.60 -10.40
N LYS C 368 48.30 -21.90 -9.86
CA LYS C 368 47.48 -20.83 -9.30
C LYS C 368 48.00 -20.33 -7.96
N GLU C 369 49.13 -20.85 -7.48
CA GLU C 369 49.66 -20.34 -6.22
C GLU C 369 50.01 -18.86 -6.32
N LEU C 370 50.40 -18.40 -7.50
CA LEU C 370 51.06 -17.11 -7.59
C LEU C 370 50.29 -16.07 -8.39
N ILE C 371 49.94 -16.37 -9.64
CA ILE C 371 49.49 -15.35 -10.58
C ILE C 371 48.07 -15.63 -11.04
N ARG C 372 47.33 -14.57 -11.32
CA ARG C 372 45.92 -14.63 -11.65
C ARG C 372 45.69 -14.48 -13.15
N CYS C 373 44.69 -15.18 -13.66
CA CYS C 373 44.26 -15.07 -15.04
C CYS C 373 42.81 -15.52 -15.12
N LYS C 374 42.23 -15.49 -16.32
CA LYS C 374 40.89 -16.04 -16.51
C LYS C 374 40.94 -17.56 -16.49
N SER C 375 41.76 -18.14 -17.36
CA SER C 375 42.07 -19.55 -17.32
C SER C 375 43.39 -19.77 -16.59
N TYR C 376 43.44 -20.82 -15.78
CA TYR C 376 44.69 -21.37 -15.34
C TYR C 376 44.80 -22.81 -15.82
N HIS C 377 44.28 -23.05 -17.03
CA HIS C 377 44.48 -24.31 -17.75
C HIS C 377 45.71 -24.28 -18.65
N LEU C 378 46.64 -23.36 -18.36
CA LEU C 378 47.90 -23.17 -19.08
C LEU C 378 47.64 -22.57 -20.46
N SER C 379 46.37 -22.55 -20.86
CA SER C 379 46.00 -22.06 -22.18
C SER C 379 46.45 -20.63 -22.35
N GLU C 380 45.85 -19.71 -21.59
CA GLU C 380 46.30 -18.33 -21.61
C GLU C 380 47.73 -18.22 -21.12
N LEU C 381 48.09 -19.00 -20.11
CA LEU C 381 49.43 -18.93 -19.53
C LEU C 381 50.50 -19.21 -20.57
N VAL C 382 50.16 -19.95 -21.62
CA VAL C 382 51.13 -20.26 -22.67
C VAL C 382 51.86 -19.00 -23.12
N GLN C 383 51.17 -17.87 -23.17
CA GLN C 383 51.81 -16.67 -23.67
C GLN C 383 51.95 -15.57 -22.63
N GLN C 384 51.35 -15.69 -21.45
CA GLN C 384 51.50 -14.63 -20.45
C GLN C 384 52.90 -14.65 -19.85
N ILE C 385 53.24 -15.73 -19.15
CA ILE C 385 54.57 -15.89 -18.60
C ILE C 385 55.50 -16.58 -19.59
N LEU C 386 54.97 -17.58 -20.30
CA LEU C 386 55.79 -18.43 -21.15
C LEU C 386 56.00 -17.80 -22.52
N LYS C 387 55.02 -17.03 -22.99
CA LYS C 387 55.20 -16.10 -24.12
C LYS C 387 55.54 -16.84 -25.41
N THR C 388 54.65 -17.74 -25.81
CA THR C 388 54.78 -18.49 -27.06
C THR C 388 53.39 -18.94 -27.49
N GLU C 389 53.34 -19.85 -28.47
CA GLU C 389 52.11 -20.33 -29.07
C GLU C 389 51.77 -21.73 -28.57
N ARG C 390 50.47 -22.06 -28.60
CA ARG C 390 49.97 -23.38 -28.22
C ARG C 390 49.04 -23.90 -29.32
N VAL C 391 49.61 -24.64 -30.27
CA VAL C 391 48.81 -25.25 -31.33
C VAL C 391 48.08 -26.47 -30.76
N VAL C 392 46.76 -26.51 -30.93
CA VAL C 392 45.92 -27.57 -30.36
C VAL C 392 45.04 -28.13 -31.46
N ILE C 393 44.70 -29.42 -31.33
CA ILE C 393 44.03 -30.18 -32.37
C ILE C 393 42.86 -30.99 -31.80
N PRO C 394 41.62 -30.70 -32.19
CA PRO C 394 40.48 -31.50 -31.71
C PRO C 394 40.38 -32.89 -32.34
N MET C 395 39.27 -33.58 -32.04
CA MET C 395 39.13 -34.98 -32.45
C MET C 395 39.09 -35.15 -33.96
N GLU C 396 38.21 -34.41 -34.64
CA GLU C 396 37.98 -34.64 -36.06
C GLU C 396 39.22 -34.46 -36.93
N ASN C 397 40.27 -33.83 -36.43
CA ASN C 397 41.54 -33.77 -37.15
C ASN C 397 42.48 -34.91 -36.78
N ILE C 398 42.11 -35.73 -35.79
CA ILE C 398 42.96 -36.85 -35.42
C ILE C 398 42.98 -37.91 -36.52
N GLN C 399 41.89 -38.06 -37.27
CA GLN C 399 41.93 -38.94 -38.42
C GLN C 399 42.72 -38.33 -39.58
N ASN C 400 42.64 -37.00 -39.74
CA ASN C 400 43.53 -36.33 -40.69
C ASN C 400 44.98 -36.65 -40.38
N MET C 401 45.36 -36.58 -39.11
CA MET C 401 46.72 -36.87 -38.71
C MET C 401 47.02 -38.37 -38.71
N TYR C 402 46.00 -39.21 -38.61
CA TYR C 402 46.17 -40.63 -38.95
C TYR C 402 46.56 -40.77 -40.41
N SER C 403 46.02 -39.90 -41.26
CA SER C 403 46.39 -39.82 -42.67
C SER C 403 47.53 -38.85 -42.91
N GLU C 404 48.42 -38.68 -41.92
CA GLU C 404 49.43 -37.64 -42.00
C GLU C 404 50.67 -38.03 -41.21
N SER C 405 51.84 -37.76 -41.78
CA SER C 405 53.11 -37.95 -41.10
C SER C 405 53.75 -36.65 -40.65
N SER C 406 53.51 -35.55 -41.37
CA SER C 406 54.09 -34.28 -40.96
C SER C 406 53.38 -33.72 -39.73
N GLN C 407 52.04 -33.61 -39.78
CA GLN C 407 51.29 -33.09 -38.64
C GLN C 407 51.18 -34.06 -37.47
N LEU C 408 51.24 -35.37 -37.71
CA LEU C 408 51.27 -36.30 -36.59
C LEU C 408 52.58 -36.17 -35.82
N LEU C 409 53.70 -36.33 -36.51
CA LEU C 409 55.00 -35.97 -35.95
C LEU C 409 54.97 -34.57 -35.35
N TYR C 410 54.15 -33.68 -35.91
CA TYR C 410 54.07 -32.32 -35.39
C TYR C 410 53.38 -32.30 -34.03
N LEU C 411 52.34 -33.11 -33.85
CA LEU C 411 51.75 -33.27 -32.52
C LEU C 411 52.76 -33.88 -31.57
N LEU C 412 53.59 -34.78 -32.06
CA LEU C 412 54.60 -35.40 -31.21
C LEU C 412 55.60 -34.37 -30.70
N GLU C 413 56.23 -33.65 -31.62
CA GLU C 413 57.13 -32.57 -31.24
C GLU C 413 56.39 -31.48 -30.48
N HIS C 414 55.08 -31.33 -30.74
CA HIS C 414 54.27 -30.40 -29.98
C HIS C 414 54.18 -30.81 -28.53
N THR C 415 53.99 -32.11 -28.28
CA THR C 415 53.98 -32.64 -26.92
C THR C 415 55.35 -32.47 -26.28
N TRP C 416 56.40 -32.73 -27.05
CA TRP C 416 57.76 -32.41 -26.66
C TRP C 416 57.85 -31.00 -26.10
N LYS C 417 57.47 -30.02 -26.93
CA LYS C 417 57.48 -28.63 -26.51
C LYS C 417 56.51 -28.38 -25.35
N ASP C 418 55.42 -29.14 -25.29
CA ASP C 418 54.46 -28.97 -24.22
C ASP C 418 55.12 -29.24 -22.88
N ALA C 419 55.65 -30.44 -22.73
CA ALA C 419 56.40 -30.78 -21.52
C ALA C 419 57.52 -29.78 -21.29
N LYS C 420 58.18 -29.32 -22.36
CA LYS C 420 59.27 -28.35 -22.21
C LYS C 420 58.77 -27.09 -21.51
N PHE C 421 57.79 -26.43 -22.11
CA PHE C 421 57.21 -25.23 -21.50
C PHE C 421 56.71 -25.53 -20.10
N ILE C 422 56.16 -26.73 -19.88
CA ILE C 422 55.71 -27.12 -18.56
C ILE C 422 56.86 -27.05 -17.57
N LEU C 423 58.04 -27.47 -17.99
CA LEU C 423 59.21 -27.33 -17.13
C LEU C 423 59.59 -25.87 -16.96
N GLN C 424 59.60 -25.12 -18.05
CA GLN C 424 59.96 -23.71 -17.99
C GLN C 424 59.11 -22.98 -16.96
N ILE C 425 57.87 -23.42 -16.79
CA ILE C 425 57.01 -22.91 -15.72
C ILE C 425 57.74 -23.00 -14.39
N MET C 426 58.18 -24.20 -14.03
CA MET C 426 58.95 -24.35 -12.80
C MET C 426 60.23 -23.54 -12.83
N CYS C 427 60.95 -23.60 -13.95
CA CYS C 427 62.24 -22.92 -14.06
C CYS C 427 62.12 -21.43 -13.75
N GLU C 428 60.97 -20.82 -14.08
CA GLU C 428 60.80 -19.40 -13.80
C GLU C 428 60.15 -19.16 -12.45
N LEU C 429 58.99 -19.77 -12.21
CA LEU C 429 58.30 -19.57 -10.94
C LEU C 429 58.99 -20.23 -9.77
N ASN C 430 59.96 -21.12 -10.02
CA ASN C 430 60.75 -21.73 -8.96
C ASN C 430 59.84 -22.43 -7.95
N VAL C 431 58.90 -23.21 -8.48
CA VAL C 431 57.97 -23.95 -7.63
C VAL C 431 58.72 -24.89 -6.70
N LEU C 432 59.75 -25.57 -7.21
CA LEU C 432 60.39 -26.64 -6.44
C LEU C 432 61.02 -26.13 -5.15
N PRO C 433 62.03 -25.27 -5.16
CA PRO C 433 62.63 -24.86 -3.89
C PRO C 433 61.67 -24.04 -3.04
N LEU C 434 60.74 -23.33 -3.66
CA LEU C 434 59.73 -22.61 -2.89
C LEU C 434 58.94 -23.58 -2.03
N ALA C 435 58.23 -24.52 -2.67
CA ALA C 435 57.47 -25.51 -1.95
C ALA C 435 58.35 -26.26 -0.96
N LEU C 436 59.60 -26.53 -1.36
CA LEU C 436 60.51 -27.26 -0.48
C LEU C 436 60.72 -26.51 0.83
N GLN C 437 61.18 -25.26 0.72
CA GLN C 437 61.41 -24.46 1.92
C GLN C 437 60.12 -24.33 2.73
N ILE C 438 58.99 -24.15 2.06
CA ILE C 438 57.72 -24.04 2.77
C ILE C 438 57.50 -25.26 3.65
N THR C 439 57.44 -26.43 3.02
CA THR C 439 57.32 -27.67 3.76
C THR C 439 58.34 -27.76 4.89
N ASN C 440 59.59 -27.37 4.61
CA ASN C 440 60.61 -27.36 5.65
C ASN C 440 60.14 -26.59 6.87
N ILE C 441 59.64 -25.39 6.65
CA ILE C 441 59.07 -24.62 7.76
C ILE C 441 57.67 -25.11 8.10
N ALA C 442 56.98 -25.74 7.17
CA ALA C 442 55.62 -26.22 7.45
C ALA C 442 55.63 -27.37 8.44
N GLY C 443 56.40 -28.41 8.14
CA GLY C 443 56.33 -29.62 8.94
C GLY C 443 55.16 -30.52 8.57
N ASN C 444 55.19 -31.06 7.36
CA ASN C 444 54.17 -31.97 6.86
C ASN C 444 54.65 -32.51 5.52
N ILE C 445 54.00 -33.57 5.06
CA ILE C 445 54.51 -34.34 3.93
C ILE C 445 54.44 -33.51 2.66
N MET C 446 55.60 -33.15 2.11
CA MET C 446 55.64 -32.46 0.83
C MET C 446 54.90 -33.24 -0.24
N SER C 447 55.00 -34.57 -0.19
CA SER C 447 54.28 -35.40 -1.16
C SER C 447 52.78 -35.14 -1.10
N ARG C 448 52.28 -34.68 0.03
CA ARG C 448 50.91 -34.22 0.13
C ARG C 448 50.81 -32.70 0.11
N THR C 449 51.88 -32.01 -0.29
CA THR C 449 51.85 -30.55 -0.31
C THR C 449 51.45 -30.04 -1.68
N LEU C 450 52.19 -30.44 -2.71
CA LEU C 450 51.86 -30.07 -4.08
C LEU C 450 50.42 -30.40 -4.40
N MET C 451 49.93 -31.54 -3.90
CA MET C 451 48.58 -32.00 -4.17
C MET C 451 47.53 -30.97 -3.82
N GLY C 452 47.88 -29.94 -3.07
CA GLY C 452 46.95 -28.89 -2.76
C GLY C 452 46.36 -29.06 -1.38
N GLY C 453 46.47 -28.03 -0.56
CA GLY C 453 45.91 -28.10 0.77
C GLY C 453 46.28 -26.90 1.62
N ARG C 454 45.32 -26.42 2.40
CA ARG C 454 45.59 -25.44 3.43
C ARG C 454 45.42 -26.00 4.82
N SER C 455 44.66 -27.08 4.97
CA SER C 455 44.53 -27.73 6.27
C SER C 455 45.85 -28.33 6.73
N GLU C 456 46.57 -28.99 5.81
CA GLU C 456 47.84 -29.61 6.18
C GLU C 456 48.84 -28.57 6.63
N ARG C 457 49.15 -27.62 5.76
CA ARG C 457 50.20 -26.63 5.97
C ARG C 457 49.83 -25.63 7.00
N ASN C 458 48.74 -25.86 7.71
CA ASN C 458 48.45 -25.14 8.93
C ASN C 458 48.44 -26.06 10.15
N GLU C 459 47.69 -27.15 10.08
CA GLU C 459 47.58 -28.13 11.16
C GLU C 459 48.96 -28.66 11.53
N PHE C 460 49.56 -29.42 10.62
CA PHE C 460 50.76 -30.16 10.97
C PHE C 460 51.91 -29.21 11.27
N LEU C 461 51.67 -27.91 11.12
CA LEU C 461 52.60 -26.92 11.64
C LEU C 461 52.27 -26.55 13.08
N LEU C 462 51.02 -26.12 13.32
CA LEU C 462 50.64 -25.68 14.66
C LEU C 462 50.87 -26.77 15.69
N LEU C 463 50.55 -28.01 15.35
CA LEU C 463 50.71 -29.08 16.32
C LEU C 463 52.14 -29.19 16.84
N HIS C 464 53.14 -28.85 16.02
CA HIS C 464 54.51 -28.85 16.50
C HIS C 464 54.62 -28.13 17.83
N ALA C 465 54.27 -26.85 17.85
CA ALA C 465 54.32 -26.09 19.08
C ALA C 465 53.28 -26.55 20.09
N PHE C 466 52.03 -26.78 19.66
CA PHE C 466 50.98 -27.06 20.63
C PHE C 466 51.26 -28.32 21.44
N TYR C 467 52.05 -29.24 20.91
CA TYR C 467 52.41 -30.38 21.74
C TYR C 467 53.79 -30.24 22.36
N GLU C 468 54.38 -29.05 22.31
CA GLU C 468 55.38 -28.68 23.31
C GLU C 468 54.73 -28.04 24.51
N ASN C 469 53.44 -27.73 24.43
CA ASN C 469 52.69 -27.09 25.50
C ASN C 469 51.70 -28.04 26.16
N ASN C 470 51.85 -29.35 25.94
CA ASN C 470 51.19 -30.38 26.73
C ASN C 470 49.67 -30.18 26.80
N TYR C 471 49.10 -29.67 25.73
CA TYR C 471 47.67 -29.71 25.55
C TYR C 471 47.28 -31.05 24.94
N ILE C 472 45.98 -31.20 24.69
CA ILE C 472 45.46 -32.30 23.89
C ILE C 472 44.42 -31.73 22.96
N VAL C 473 44.60 -31.93 21.66
CA VAL C 473 43.75 -31.30 20.67
C VAL C 473 42.70 -32.29 20.20
N PRO C 474 41.66 -31.85 19.51
CA PRO C 474 40.78 -32.80 18.81
C PRO C 474 41.48 -33.35 17.59
N ASP C 475 40.79 -34.13 16.76
CA ASP C 475 41.45 -34.77 15.63
C ASP C 475 40.45 -34.96 14.49
N LYS C 476 40.89 -35.71 13.48
CA LYS C 476 40.14 -35.85 12.24
C LYS C 476 38.83 -36.62 12.48
N GLN C 477 37.89 -36.39 11.57
CA GLN C 477 36.61 -37.10 11.56
C GLN C 477 35.99 -36.92 10.19
N ILE C 478 34.73 -37.31 10.04
CA ILE C 478 33.98 -37.04 8.82
C ILE C 478 32.49 -36.93 9.14
N GLY C 512 33.37 -10.53 4.68
CA GLY C 512 33.99 -9.26 4.34
C GLY C 512 33.01 -8.11 4.36
N LEU C 513 33.31 -7.07 3.58
CA LEU C 513 32.43 -5.93 3.49
C LEU C 513 32.74 -5.15 2.21
N VAL C 514 31.78 -5.12 1.29
CA VAL C 514 31.89 -4.26 0.12
C VAL C 514 31.72 -2.81 0.57
N LEU C 515 32.10 -1.88 -0.30
CA LEU C 515 31.91 -0.46 -0.01
C LEU C 515 31.26 0.26 -1.19
N ASP C 516 30.50 -0.48 -2.01
CA ASP C 516 29.71 0.10 -3.09
C ASP C 516 30.59 0.88 -4.06
N PRO C 517 31.39 0.21 -4.90
CA PRO C 517 32.32 0.92 -5.77
C PRO C 517 31.64 1.98 -6.61
N LYS C 518 31.98 3.24 -6.34
CA LYS C 518 31.33 4.35 -7.01
C LYS C 518 31.83 4.44 -8.44
N VAL C 519 31.19 3.68 -9.33
CA VAL C 519 31.64 3.61 -10.71
C VAL C 519 31.73 5.01 -11.31
N GLY C 520 32.77 5.22 -12.10
CA GLY C 520 32.94 6.46 -12.83
C GLY C 520 34.38 6.63 -13.25
N PHE C 521 34.59 7.05 -14.48
CA PHE C 521 35.94 7.17 -15.01
C PHE C 521 36.78 8.10 -14.14
N TYR C 522 38.06 7.80 -14.02
CA TYR C 522 38.97 8.64 -13.26
C TYR C 522 40.18 8.99 -14.10
N ASP C 523 40.53 10.27 -14.07
CA ASP C 523 41.49 10.89 -14.97
C ASP C 523 42.86 11.08 -14.33
N LYS C 524 42.90 11.71 -13.17
CA LYS C 524 44.15 11.93 -12.46
C LYS C 524 44.73 10.59 -12.00
N PHE C 525 45.91 10.64 -11.40
CA PHE C 525 46.57 9.43 -10.98
C PHE C 525 45.78 8.72 -9.88
N ILE C 526 45.84 7.39 -9.89
CA ILE C 526 45.17 6.56 -8.90
C ILE C 526 46.18 5.65 -8.24
N LEU C 527 46.07 5.50 -6.94
CA LEU C 527 47.01 4.71 -6.15
C LEU C 527 46.32 3.43 -5.66
N LEU C 528 47.13 2.40 -5.46
CA LEU C 528 46.65 1.10 -5.02
C LEU C 528 47.27 0.79 -3.66
N LEU C 529 46.44 0.76 -2.61
CA LEU C 529 46.89 0.39 -1.28
C LEU C 529 46.64 -1.09 -1.03
N ASP C 530 47.68 -1.80 -0.63
CA ASP C 530 47.57 -3.22 -0.33
C ASP C 530 47.63 -3.42 1.18
N PHE C 531 46.62 -4.08 1.72
CA PHE C 531 46.67 -4.61 3.08
C PHE C 531 47.20 -6.03 3.11
N ASN C 532 48.35 -6.24 2.49
CA ASN C 532 49.05 -7.49 2.71
C ASN C 532 49.28 -7.68 4.20
N SER C 533 49.10 -8.91 4.68
CA SER C 533 49.29 -9.23 6.09
C SER C 533 48.37 -8.38 6.96
N LEU C 534 47.07 -8.63 6.80
CA LEU C 534 46.06 -7.94 7.59
C LEU C 534 45.55 -8.80 8.75
N TYR C 535 45.22 -10.06 8.48
CA TYR C 535 44.68 -10.91 9.55
C TYR C 535 45.74 -11.32 10.56
N PRO C 536 46.90 -11.87 10.18
CA PRO C 536 47.94 -12.09 11.19
C PRO C 536 48.27 -10.81 11.95
N SER C 537 48.24 -9.69 11.25
CA SER C 537 48.49 -8.40 11.89
C SER C 537 47.48 -8.14 13.01
N ILE C 538 46.19 -8.19 12.69
CA ILE C 538 45.19 -7.89 13.71
C ILE C 538 45.25 -8.90 14.84
N ILE C 539 45.51 -10.16 14.52
CA ILE C 539 45.53 -11.19 15.57
C ILE C 539 46.65 -10.93 16.55
N GLN C 540 47.85 -10.67 16.04
CA GLN C 540 48.95 -10.27 16.92
C GLN C 540 48.59 -9.02 17.69
N GLU C 541 48.07 -8.02 17.00
CA GLU C 541 47.78 -6.72 17.62
C GLU C 541 46.87 -6.87 18.83
N PHE C 542 45.96 -7.83 18.79
CA PHE C 542 44.97 -7.93 19.87
C PHE C 542 45.05 -9.26 20.62
N ASN C 543 46.12 -10.02 20.46
CA ASN C 543 46.46 -11.14 21.35
C ASN C 543 45.26 -12.06 21.58
N ILE C 544 44.81 -12.70 20.51
CA ILE C 544 43.74 -13.67 20.60
C ILE C 544 44.34 -15.07 20.51
N CYS C 545 43.84 -15.98 21.33
CA CYS C 545 44.33 -17.35 21.34
C CYS C 545 43.31 -18.19 22.08
N PHE C 546 43.15 -19.43 21.62
CA PHE C 546 42.10 -20.32 22.11
C PHE C 546 41.89 -20.20 23.60
N THR C 547 42.97 -20.35 24.36
CA THR C 547 42.93 -20.32 25.81
C THR C 547 42.46 -18.99 26.37
N THR C 548 42.32 -17.95 25.56
CA THR C 548 42.24 -16.60 26.07
C THR C 548 40.89 -15.93 25.79
N VAL C 549 39.81 -16.71 25.75
CA VAL C 549 38.47 -16.16 25.56
C VAL C 549 37.46 -17.07 26.23
N GLN C 550 36.56 -16.47 27.01
CA GLN C 550 35.43 -17.19 27.59
C GLN C 550 34.40 -17.42 26.48
N ARG C 551 34.68 -18.44 25.67
CA ARG C 551 33.98 -18.64 24.41
C ARG C 551 32.77 -19.57 24.63
N VAL C 552 31.69 -18.98 25.12
CA VAL C 552 30.38 -19.63 25.17
C VAL C 552 29.35 -18.61 25.59
N ILE C 568 27.55 -13.30 22.94
CA ILE C 568 28.47 -12.64 22.02
C ILE C 568 29.82 -12.48 22.72
N PRO C 569 30.90 -12.90 22.07
CA PRO C 569 32.21 -12.94 22.72
C PRO C 569 32.97 -11.63 22.61
N GLU C 570 33.91 -11.45 23.54
CA GLU C 570 34.63 -10.18 23.67
C GLU C 570 36.10 -10.43 23.98
N LEU C 571 36.96 -9.57 23.44
CA LEU C 571 38.38 -9.62 23.71
C LEU C 571 38.67 -9.38 25.19
N PRO C 572 39.57 -10.14 25.79
CA PRO C 572 40.00 -9.83 27.16
C PRO C 572 40.89 -8.60 27.21
N ASP C 573 41.19 -8.18 28.44
CA ASP C 573 42.16 -7.13 28.67
C ASP C 573 43.52 -7.55 28.14
N PRO C 574 44.15 -6.75 27.28
CA PRO C 574 45.49 -7.10 26.81
C PRO C 574 46.53 -7.16 27.93
N SER C 575 46.12 -6.86 29.16
CA SER C 575 47.03 -6.81 30.29
C SER C 575 47.63 -8.17 30.64
N LEU C 576 47.14 -9.26 30.05
CA LEU C 576 47.79 -10.55 30.22
C LEU C 576 49.04 -10.63 29.37
N GLU C 577 49.90 -11.60 29.69
CA GLU C 577 51.05 -11.89 28.87
C GLU C 577 50.60 -12.67 27.63
N MET C 578 51.12 -12.26 26.47
CA MET C 578 50.76 -12.93 25.22
C MET C 578 51.01 -14.42 25.32
N GLY C 579 50.09 -15.21 24.76
CA GLY C 579 50.05 -16.62 25.03
C GLY C 579 50.75 -17.50 24.01
N ILE C 580 49.98 -18.21 23.19
CA ILE C 580 50.51 -19.30 22.38
C ILE C 580 50.49 -18.97 20.90
N LEU C 581 49.31 -18.77 20.32
CA LEU C 581 49.22 -18.64 18.87
C LEU C 581 49.85 -17.34 18.38
N PRO C 582 49.49 -16.17 18.90
CA PRO C 582 50.20 -14.95 18.50
C PRO C 582 51.69 -15.07 18.67
N ARG C 583 52.17 -15.90 19.60
CA ARG C 583 53.61 -16.09 19.72
C ARG C 583 54.18 -16.74 18.47
N GLU C 584 53.48 -17.74 17.92
CA GLU C 584 53.96 -18.35 16.68
C GLU C 584 53.87 -17.39 15.52
N ILE C 585 52.75 -16.67 15.41
CA ILE C 585 52.63 -15.63 14.40
C ILE C 585 53.78 -14.65 14.52
N ARG C 586 54.17 -14.31 15.74
CA ARG C 586 55.25 -13.37 15.95
C ARG C 586 56.58 -13.95 15.53
N LYS C 587 56.80 -15.24 15.81
CA LYS C 587 58.00 -15.89 15.30
C LYS C 587 58.07 -15.76 13.79
N LEU C 588 56.94 -15.99 13.12
CA LEU C 588 56.94 -15.87 11.67
C LEU C 588 57.24 -14.44 11.22
N VAL C 589 56.64 -13.46 11.88
CA VAL C 589 56.85 -12.08 11.48
C VAL C 589 58.29 -11.65 11.70
N GLU C 590 58.86 -12.01 12.85
CA GLU C 590 60.26 -11.66 13.08
C GLU C 590 61.18 -12.40 12.14
N ARG C 591 60.81 -13.59 11.69
CA ARG C 591 61.64 -14.25 10.69
C ARG C 591 61.57 -13.51 9.36
N ARG C 592 60.40 -12.98 9.03
CA ARG C 592 60.33 -12.06 7.89
C ARG C 592 61.23 -10.85 8.12
N LYS C 593 61.25 -10.35 9.35
CA LYS C 593 62.13 -9.23 9.67
C LYS C 593 63.59 -9.59 9.44
N GLN C 594 63.99 -10.78 9.93
CA GLN C 594 65.32 -11.31 9.69
C GLN C 594 65.66 -11.32 8.21
N VAL C 595 64.75 -11.84 7.40
CA VAL C 595 64.97 -11.88 5.95
C VAL C 595 65.18 -10.47 5.42
N LYS C 596 64.28 -9.55 5.78
CA LYS C 596 64.37 -8.19 5.27
C LYS C 596 65.66 -7.51 5.73
N GLN C 597 66.17 -7.89 6.90
CA GLN C 597 67.40 -7.29 7.39
C GLN C 597 68.60 -7.81 6.60
N LEU C 598 68.82 -9.12 6.61
CA LEU C 598 69.95 -9.69 5.89
C LEU C 598 69.86 -9.50 4.38
N MET C 599 68.70 -9.06 3.87
CA MET C 599 68.54 -8.89 2.44
C MET C 599 69.32 -7.69 1.92
N LYS C 600 69.49 -6.65 2.74
CA LYS C 600 70.12 -5.42 2.28
C LYS C 600 71.61 -5.55 2.05
N GLN C 601 72.13 -6.78 2.07
CA GLN C 601 73.53 -7.04 1.82
C GLN C 601 73.90 -6.67 0.38
N GLN C 602 75.18 -6.77 0.06
CA GLN C 602 75.68 -6.50 -1.28
C GLN C 602 76.69 -7.56 -1.66
N ASP C 603 76.90 -7.71 -2.96
CA ASP C 603 77.87 -8.62 -3.55
C ASP C 603 77.58 -10.08 -3.22
N LEU C 604 76.38 -10.39 -2.76
CA LEU C 604 76.01 -11.76 -2.48
C LEU C 604 75.92 -12.55 -3.78
N ASN C 605 76.31 -13.82 -3.72
CA ASN C 605 76.12 -14.71 -4.85
C ASN C 605 74.64 -14.79 -5.19
N PRO C 606 74.25 -14.67 -6.46
CA PRO C 606 72.82 -14.76 -6.82
C PRO C 606 72.11 -15.95 -6.23
N ASP C 607 72.83 -17.03 -5.93
CA ASP C 607 72.24 -18.17 -5.25
C ASP C 607 71.57 -17.75 -3.96
N LEU C 608 72.34 -17.23 -3.00
CA LEU C 608 71.77 -16.84 -1.72
C LEU C 608 70.82 -15.67 -1.86
N ILE C 609 71.02 -14.83 -2.89
CA ILE C 609 70.07 -13.75 -3.15
C ILE C 609 68.68 -14.32 -3.37
N LEU C 610 68.56 -15.20 -4.37
CA LEU C 610 67.28 -15.84 -4.64
C LEU C 610 66.80 -16.63 -3.43
N GLN C 611 67.73 -17.28 -2.72
CA GLN C 611 67.36 -17.96 -1.49
C GLN C 611 66.60 -17.02 -0.56
N TYR C 612 67.19 -15.86 -0.26
CA TYR C 612 66.53 -14.88 0.59
C TYR C 612 65.17 -14.49 0.05
N ASP C 613 65.13 -14.02 -1.20
CA ASP C 613 63.89 -13.48 -1.73
C ASP C 613 62.78 -14.51 -1.70
N ILE C 614 63.07 -15.72 -2.18
CA ILE C 614 62.06 -16.77 -2.21
C ILE C 614 61.66 -17.17 -0.81
N ARG C 615 62.60 -17.18 0.13
CA ARG C 615 62.27 -17.47 1.52
C ARG C 615 61.26 -16.45 2.03
N GLN C 616 61.50 -15.17 1.76
CA GLN C 616 60.56 -14.13 2.16
C GLN C 616 59.18 -14.37 1.56
N LYS C 617 59.17 -14.67 0.26
CA LYS C 617 57.91 -14.99 -0.41
C LYS C 617 57.18 -16.11 0.32
N ALA C 618 57.87 -17.20 0.61
CA ALA C 618 57.25 -18.34 1.29
C ALA C 618 56.66 -17.93 2.63
N LEU C 619 57.42 -17.14 3.39
CA LEU C 619 56.92 -16.69 4.68
C LEU C 619 55.62 -15.91 4.50
N LYS C 620 55.62 -14.97 3.56
CA LYS C 620 54.40 -14.20 3.31
C LYS C 620 53.26 -15.13 2.91
N LEU C 621 53.56 -16.15 2.10
CA LEU C 621 52.56 -17.13 1.72
C LEU C 621 51.87 -17.70 2.94
N THR C 622 52.65 -18.31 3.83
CA THR C 622 52.00 -18.96 4.95
C THR C 622 51.32 -17.96 5.87
N ALA C 623 51.87 -16.76 5.99
CA ALA C 623 51.25 -15.75 6.85
C ALA C 623 49.87 -15.37 6.33
N ASN C 624 49.74 -15.21 5.01
CA ASN C 624 48.42 -14.96 4.44
C ASN C 624 47.52 -16.18 4.60
N SER C 625 48.10 -17.37 4.50
CA SER C 625 47.30 -18.58 4.69
C SER C 625 46.72 -18.65 6.10
N MET C 626 47.42 -18.05 7.07
CA MET C 626 47.20 -18.34 8.49
C MET C 626 45.73 -18.42 8.90
N TYR C 627 44.98 -17.34 8.73
CA TYR C 627 43.60 -17.34 9.23
C TYR C 627 42.75 -18.43 8.59
N GLY C 628 43.13 -18.85 7.38
CA GLY C 628 42.40 -19.90 6.69
C GLY C 628 42.19 -21.15 7.52
N CYS C 629 43.11 -21.40 8.46
CA CYS C 629 43.01 -22.57 9.33
C CYS C 629 41.80 -22.52 10.24
N LEU C 630 41.01 -21.45 10.20
CA LEU C 630 39.84 -21.31 11.06
C LEU C 630 38.53 -21.35 10.28
N GLY C 631 38.38 -20.50 9.26
CA GLY C 631 37.13 -20.43 8.52
C GLY C 631 36.74 -21.71 7.84
N PHE C 632 37.73 -22.58 7.57
CA PHE C 632 37.48 -23.88 6.94
C PHE C 632 36.83 -24.78 7.98
N SER C 633 35.52 -24.67 8.09
CA SER C 633 34.74 -25.38 9.11
C SER C 633 35.23 -26.80 9.32
N TYR C 634 35.49 -27.51 8.23
CA TYR C 634 35.88 -28.90 8.37
C TYR C 634 37.29 -29.07 8.92
N SER C 635 38.00 -27.99 9.26
CA SER C 635 39.28 -28.14 9.92
C SER C 635 39.06 -28.31 11.43
N ARG C 636 40.13 -28.69 12.12
CA ARG C 636 39.99 -29.08 13.52
C ARG C 636 39.71 -27.88 14.41
N PHE C 637 40.40 -26.76 14.18
CA PHE C 637 40.35 -25.62 15.08
C PHE C 637 39.22 -24.66 14.73
N TYR C 638 38.14 -25.17 14.14
CA TYR C 638 37.00 -24.36 13.72
C TYR C 638 36.18 -23.91 14.92
N ALA C 639 36.75 -23.03 15.74
CA ALA C 639 36.01 -22.42 16.86
C ALA C 639 35.39 -21.10 16.38
N LYS C 640 34.33 -21.24 15.59
CA LYS C 640 33.72 -20.15 14.82
C LYS C 640 33.62 -18.80 15.54
N PRO C 641 33.28 -18.73 16.85
CA PRO C 641 33.34 -17.42 17.52
C PRO C 641 34.63 -16.66 17.25
N LEU C 642 35.75 -17.37 17.20
CA LEU C 642 37.00 -16.78 16.74
C LEU C 642 36.80 -16.03 15.43
N ALA C 643 36.27 -16.73 14.43
CA ALA C 643 36.11 -16.13 13.10
C ALA C 643 35.17 -14.94 13.14
N ALA C 644 34.03 -15.08 13.82
CA ALA C 644 33.11 -13.97 13.95
C ALA C 644 33.83 -12.74 14.50
N LEU C 645 34.58 -12.94 15.58
CA LEU C 645 35.27 -11.83 16.21
C LEU C 645 36.26 -11.19 15.25
N VAL C 646 37.09 -12.00 14.60
CA VAL C 646 38.11 -11.46 13.71
C VAL C 646 37.47 -10.66 12.58
N THR C 647 36.36 -11.17 12.04
CA THR C 647 35.67 -10.46 10.98
C THR C 647 35.17 -9.11 11.47
N TYR C 648 34.48 -9.09 12.60
CA TYR C 648 34.05 -7.85 13.22
C TYR C 648 35.20 -6.86 13.31
N LYS C 649 36.35 -7.34 13.81
CA LYS C 649 37.50 -6.47 14.01
C LYS C 649 37.97 -5.86 12.70
N GLY C 650 38.32 -6.71 11.74
CA GLY C 650 38.76 -6.20 10.45
C GLY C 650 37.76 -5.28 9.78
N ARG C 651 36.47 -5.54 9.99
CA ARG C 651 35.43 -4.68 9.44
C ARG C 651 35.55 -3.27 10.00
N GLU C 652 35.56 -3.16 11.33
CA GLU C 652 35.73 -1.83 11.93
C GLU C 652 37.08 -1.23 11.54
N ILE C 653 38.09 -2.07 11.33
CA ILE C 653 39.40 -1.59 10.88
C ILE C 653 39.25 -0.84 9.57
N LEU C 654 38.68 -1.50 8.58
CA LEU C 654 38.48 -0.88 7.29
C LEU C 654 37.64 0.39 7.41
N MET C 655 36.62 0.35 8.25
CA MET C 655 35.75 1.51 8.40
C MET C 655 36.51 2.73 8.92
N HIS C 656 37.23 2.56 10.03
CA HIS C 656 38.09 3.63 10.53
C HIS C 656 39.05 4.11 9.46
N THR C 657 39.66 3.18 8.73
CA THR C 657 40.58 3.57 7.67
C THR C 657 39.90 4.52 6.70
N LYS C 658 38.69 4.16 6.28
CA LYS C 658 37.97 4.97 5.31
C LYS C 658 37.71 6.35 5.86
N GLU C 659 37.18 6.44 7.08
CA GLU C 659 36.82 7.75 7.59
C GLU C 659 38.05 8.61 7.82
N MET C 660 39.15 8.00 8.26
CA MET C 660 40.37 8.76 8.51
C MET C 660 40.91 9.35 7.22
N VAL C 661 41.04 8.53 6.18
CA VAL C 661 41.55 9.10 4.94
C VAL C 661 40.52 10.02 4.31
N GLN C 662 39.23 9.75 4.54
CA GLN C 662 38.17 10.66 4.10
C GLN C 662 38.41 12.05 4.62
N LYS C 663 38.79 12.16 5.90
CA LYS C 663 39.21 13.44 6.47
C LYS C 663 40.20 14.15 5.56
N MET C 664 41.13 13.40 5.00
CA MET C 664 42.32 13.96 4.37
C MET C 664 42.03 14.71 3.11
N ASN C 665 40.76 14.99 2.78
CA ASN C 665 40.38 15.75 1.59
C ASN C 665 40.65 14.95 0.33
N LEU C 666 40.45 13.64 0.42
CA LEU C 666 40.62 12.76 -0.74
C LEU C 666 39.37 11.93 -0.93
N GLU C 667 39.40 10.96 -1.83
CA GLU C 667 38.25 10.09 -2.06
C GLU C 667 38.68 8.64 -1.94
N VAL C 668 37.72 7.79 -1.68
CA VAL C 668 37.98 6.37 -1.43
C VAL C 668 36.98 5.54 -2.20
N ILE C 669 37.37 5.02 -3.36
CA ILE C 669 36.36 4.39 -4.19
C ILE C 669 36.11 2.96 -3.76
N TYR C 670 37.11 2.08 -3.86
CA TYR C 670 36.85 0.67 -3.67
C TYR C 670 37.53 0.15 -2.43
N GLY C 671 36.80 -0.67 -1.67
CA GLY C 671 37.35 -1.34 -0.52
C GLY C 671 37.10 -2.83 -0.59
N ASP C 672 37.97 -3.57 0.10
CA ASP C 672 37.80 -5.01 0.26
C ASP C 672 38.75 -5.47 1.36
N THR C 673 38.42 -6.61 1.95
CA THR C 673 39.16 -7.23 3.04
C THR C 673 40.66 -7.08 2.87
N ASP C 674 41.18 -7.30 1.66
CA ASP C 674 42.61 -7.22 1.42
C ASP C 674 42.91 -6.30 0.23
N SER C 675 42.28 -5.13 0.18
CA SER C 675 42.63 -4.15 -0.85
C SER C 675 41.92 -2.84 -0.57
N ILE C 676 42.54 -1.75 -1.02
CA ILE C 676 41.91 -0.43 -1.06
C ILE C 676 42.33 0.23 -2.35
N MET C 677 41.41 0.39 -3.29
CA MET C 677 41.64 1.24 -4.45
C MET C 677 41.16 2.64 -4.10
N ILE C 678 42.09 3.59 -4.13
CA ILE C 678 41.86 4.93 -3.61
C ILE C 678 42.14 5.95 -4.71
N ASN C 679 41.41 7.06 -4.69
CA ASN C 679 41.72 8.20 -5.52
C ASN C 679 42.91 8.96 -4.95
N THR C 680 43.57 9.73 -5.80
CA THR C 680 44.67 10.58 -5.40
C THR C 680 44.44 12.05 -5.72
N ASN C 681 43.78 12.34 -6.85
CA ASN C 681 43.37 13.69 -7.21
C ASN C 681 44.57 14.65 -7.30
N SER C 682 45.46 14.36 -8.25
CA SER C 682 46.59 15.23 -8.52
C SER C 682 47.16 14.91 -9.88
N THR C 683 48.03 15.80 -10.37
CA THR C 683 48.66 15.64 -11.68
C THR C 683 50.17 15.51 -11.60
N ASN C 684 50.78 15.72 -10.44
CA ASN C 684 52.21 15.58 -10.28
C ASN C 684 52.55 14.10 -10.10
N LEU C 685 53.79 13.81 -9.73
CA LEU C 685 54.20 12.42 -9.58
C LEU C 685 54.85 12.15 -8.24
N GLU C 686 55.45 13.16 -7.64
CA GLU C 686 56.27 12.96 -6.46
C GLU C 686 55.52 13.20 -5.16
N GLU C 687 54.85 14.35 -5.04
CA GLU C 687 53.93 14.59 -3.94
C GLU C 687 52.99 13.41 -3.73
N VAL C 688 52.72 12.66 -4.80
CA VAL C 688 51.95 11.42 -4.69
C VAL C 688 52.56 10.52 -3.61
N PHE C 689 53.85 10.21 -3.76
CA PHE C 689 54.52 9.37 -2.77
C PHE C 689 54.48 10.01 -1.38
N LYS C 690 54.50 11.34 -1.31
CA LYS C 690 54.39 11.98 -0.01
C LYS C 690 53.05 11.65 0.64
N LEU C 691 51.97 11.74 -0.14
CA LEU C 691 50.66 11.39 0.40
C LEU C 691 50.61 9.91 0.78
N GLY C 692 51.24 9.07 -0.04
CA GLY C 692 51.37 7.66 0.30
C GLY C 692 51.99 7.47 1.67
N ASN C 693 53.19 8.03 1.87
CA ASN C 693 53.87 7.89 3.15
C ASN C 693 53.05 8.51 4.27
N LYS C 694 52.34 9.61 3.97
CA LYS C 694 51.46 10.22 4.95
C LYS C 694 50.46 9.23 5.50
N VAL C 695 49.65 8.65 4.61
CA VAL C 695 48.64 7.70 5.09
C VAL C 695 49.30 6.45 5.64
N LYS C 696 50.49 6.11 5.14
CA LYS C 696 51.25 4.98 5.66
C LYS C 696 51.56 5.16 7.14
N SER C 697 51.87 6.38 7.55
CA SER C 697 52.04 6.66 8.97
C SER C 697 50.71 6.85 9.69
N GLU C 698 49.71 7.41 9.00
CA GLU C 698 48.40 7.62 9.60
C GLU C 698 47.83 6.33 10.14
N VAL C 699 47.74 5.30 9.30
CA VAL C 699 47.19 4.04 9.76
C VAL C 699 48.03 3.46 10.88
N ASN C 700 49.33 3.76 10.89
CA ASN C 700 50.18 3.28 11.98
C ASN C 700 49.85 3.97 13.29
N LYS C 701 49.36 5.22 13.23
CA LYS C 701 48.90 5.88 14.45
C LYS C 701 47.81 5.08 15.14
N LEU C 702 47.00 4.35 14.37
CA LEU C 702 46.06 3.41 14.97
C LEU C 702 46.80 2.26 15.62
N TYR C 703 47.64 1.57 14.86
CA TYR C 703 48.35 0.40 15.37
C TYR C 703 49.72 0.32 14.71
N LYS C 704 50.69 -0.18 15.47
CA LYS C 704 52.05 -0.27 14.98
C LYS C 704 52.25 -1.50 14.13
N LEU C 705 51.97 -2.69 14.69
CA LEU C 705 52.24 -3.93 13.98
C LEU C 705 51.57 -3.96 12.61
N LEU C 706 50.41 -3.33 12.49
CA LEU C 706 49.72 -3.30 11.21
C LEU C 706 50.57 -2.59 10.16
N GLU C 707 50.63 -3.18 8.97
CA GLU C 707 51.43 -2.64 7.88
C GLU C 707 50.53 -2.04 6.80
N ILE C 708 51.15 -1.61 5.72
CA ILE C 708 50.43 -1.11 4.54
C ILE C 708 51.43 -1.03 3.39
N ASP C 709 50.97 -1.26 2.15
CA ASP C 709 51.88 -1.32 1.02
C ASP C 709 51.44 -0.37 -0.06
N ILE C 710 52.30 0.58 -0.40
CA ILE C 710 52.00 1.57 -1.43
C ILE C 710 52.46 0.95 -2.75
N ASP C 711 51.60 0.13 -3.32
CA ASP C 711 52.07 -0.79 -4.34
C ASP C 711 52.18 -0.14 -5.72
N GLY C 712 51.06 0.30 -6.28
CA GLY C 712 51.01 0.65 -7.68
C GLY C 712 50.33 1.99 -7.94
N VAL C 713 50.52 2.48 -9.16
CA VAL C 713 50.03 3.78 -9.57
C VAL C 713 49.38 3.65 -10.94
N PHE C 714 48.20 4.25 -11.08
CA PHE C 714 47.45 4.22 -12.34
C PHE C 714 47.35 5.63 -12.92
N LYS C 715 47.52 5.72 -14.23
CA LYS C 715 47.31 6.99 -14.90
C LYS C 715 45.84 7.36 -14.93
N SER C 716 45.01 6.52 -15.55
CA SER C 716 43.58 6.74 -15.58
C SER C 716 42.89 5.39 -15.71
N LEU C 717 41.64 5.34 -15.28
CA LEU C 717 41.06 4.06 -14.92
C LEU C 717 39.55 4.08 -15.08
N LEU C 718 39.01 2.92 -15.45
CA LEU C 718 37.57 2.76 -15.56
C LEU C 718 37.10 1.68 -14.60
N LEU C 719 35.92 1.88 -14.03
CA LEU C 719 35.39 1.02 -12.97
C LEU C 719 34.06 0.42 -13.41
N LEU C 720 34.02 -0.90 -13.56
CA LEU C 720 32.77 -1.62 -13.76
C LEU C 720 32.42 -2.45 -12.55
N LYS C 721 33.32 -3.34 -12.14
CA LYS C 721 33.19 -4.11 -10.93
C LYS C 721 34.59 -4.44 -10.43
N LYS C 722 34.70 -4.80 -9.16
CA LYS C 722 35.89 -5.50 -8.76
C LYS C 722 36.05 -6.71 -9.66
N LYS C 723 37.29 -7.15 -9.86
CA LYS C 723 37.61 -8.31 -10.67
C LYS C 723 37.34 -8.07 -12.15
N LYS C 724 36.78 -6.92 -12.53
CA LYS C 724 36.40 -6.68 -13.92
C LYS C 724 36.46 -5.19 -14.21
N TYR C 725 37.49 -4.75 -14.93
CA TYR C 725 37.70 -3.33 -15.18
C TYR C 725 38.78 -3.18 -16.23
N ALA C 726 39.15 -1.93 -16.50
CA ALA C 726 40.17 -1.59 -17.48
C ALA C 726 41.02 -0.43 -16.97
N ALA C 727 42.31 -0.50 -17.23
CA ALA C 727 43.23 0.43 -16.57
C ALA C 727 44.55 0.50 -17.32
N LEU C 728 45.41 1.38 -16.82
CA LEU C 728 46.74 1.63 -17.34
C LEU C 728 47.74 1.42 -16.23
N VAL C 729 48.42 0.26 -16.23
CA VAL C 729 49.49 0.04 -15.27
C VAL C 729 50.63 0.99 -15.60
N VAL C 730 50.95 1.87 -14.66
CA VAL C 730 52.01 2.86 -14.84
C VAL C 730 52.98 2.65 -13.68
N GLU C 731 53.96 1.82 -13.90
CA GLU C 731 55.00 1.70 -12.89
C GLU C 731 56.07 2.75 -13.13
N PRO C 732 56.50 3.47 -12.10
CA PRO C 732 57.50 4.52 -12.32
C PRO C 732 58.88 3.96 -12.59
N THR C 733 59.32 4.01 -13.84
CA THR C 733 60.68 3.63 -14.14
C THR C 733 61.64 4.64 -13.52
N SER C 734 62.93 4.30 -13.56
CA SER C 734 63.94 5.16 -12.96
C SER C 734 63.92 6.56 -13.60
N ASP C 735 64.63 7.48 -12.96
CA ASP C 735 64.64 8.88 -13.37
C ASP C 735 63.23 9.47 -13.38
N GLY C 736 62.38 8.99 -12.49
CA GLY C 736 61.02 9.50 -12.41
C GLY C 736 60.21 9.34 -13.68
N ASN C 737 60.65 8.49 -14.59
CA ASN C 737 59.85 8.17 -15.76
C ASN C 737 58.97 6.98 -15.42
N TYR C 738 58.26 6.43 -16.41
CA TYR C 738 57.34 5.36 -16.10
C TYR C 738 57.01 4.57 -17.35
N VAL C 739 56.98 3.24 -17.21
CA VAL C 739 56.39 2.38 -18.21
C VAL C 739 54.87 2.43 -18.07
N THR C 740 54.17 2.36 -19.20
CA THR C 740 52.71 2.37 -19.21
C THR C 740 52.22 1.26 -20.11
N LYS C 741 51.40 0.36 -19.56
CA LYS C 741 50.82 -0.72 -20.35
C LYS C 741 49.32 -0.78 -20.09
N GLN C 742 48.57 -1.17 -21.10
CA GLN C 742 47.15 -1.34 -20.90
C GLN C 742 46.89 -2.61 -20.10
N GLU C 743 45.70 -2.68 -19.50
CA GLU C 743 45.27 -3.85 -18.76
C GLU C 743 43.76 -3.96 -18.85
N LEU C 744 43.29 -5.10 -19.37
CA LEU C 744 41.85 -5.35 -19.54
C LEU C 744 41.49 -6.53 -18.67
N LYS C 745 41.19 -6.26 -17.40
CA LYS C 745 40.82 -7.33 -16.49
C LYS C 745 39.38 -7.72 -16.80
N GLY C 746 39.24 -8.75 -17.64
CA GLY C 746 37.93 -9.34 -17.86
C GLY C 746 36.95 -8.51 -18.64
N LEU C 747 37.20 -8.28 -19.92
CA LEU C 747 36.21 -7.72 -20.83
C LEU C 747 36.11 -8.66 -22.02
N ASP C 748 35.32 -9.70 -21.87
CA ASP C 748 35.13 -10.69 -22.90
C ASP C 748 33.88 -10.36 -23.72
N ILE C 749 33.73 -11.06 -24.83
CA ILE C 749 32.62 -10.86 -25.76
C ILE C 749 32.07 -12.26 -26.04
N VAL C 750 31.04 -12.65 -25.29
CA VAL C 750 30.68 -14.06 -25.25
C VAL C 750 29.77 -14.43 -26.41
N ARG C 751 28.90 -13.52 -26.82
CA ARG C 751 27.99 -13.79 -27.93
C ARG C 751 28.76 -13.65 -29.23
N ARG C 752 29.26 -14.76 -29.74
CA ARG C 752 30.02 -14.73 -30.99
C ARG C 752 29.01 -14.57 -32.13
N ASP C 753 28.52 -13.35 -32.27
CA ASP C 753 27.44 -13.07 -33.21
C ASP C 753 27.59 -11.79 -34.00
N TRP C 754 28.49 -10.90 -33.61
CA TRP C 754 28.48 -9.52 -34.07
C TRP C 754 29.00 -9.42 -35.50
N CYS C 755 29.18 -8.20 -35.98
CA CYS C 755 29.73 -7.93 -37.29
C CYS C 755 31.06 -7.19 -37.15
N ASP C 756 31.78 -7.13 -38.27
CA ASP C 756 32.98 -6.31 -38.32
C ASP C 756 32.70 -4.90 -37.85
N LEU C 757 31.58 -4.31 -38.32
CA LEU C 757 31.27 -2.93 -37.99
C LEU C 757 31.16 -2.75 -36.49
N ALA C 758 30.29 -3.52 -35.85
CA ALA C 758 30.10 -3.39 -34.42
C ALA C 758 31.39 -3.69 -33.66
N LYS C 759 31.99 -4.84 -33.94
CA LYS C 759 33.19 -5.25 -33.21
C LYS C 759 34.27 -4.17 -33.28
N ASP C 760 34.59 -3.72 -34.48
CA ASP C 760 35.68 -2.77 -34.64
C ASP C 760 35.28 -1.40 -34.10
N THR C 761 34.02 -1.01 -34.25
CA THR C 761 33.55 0.24 -33.67
C THR C 761 33.82 0.27 -32.18
N GLY C 762 33.28 -0.72 -31.47
CA GLY C 762 33.51 -0.79 -30.05
C GLY C 762 34.97 -0.91 -29.70
N ASN C 763 35.75 -1.57 -30.56
CA ASN C 763 37.17 -1.71 -30.28
C ASN C 763 37.86 -0.35 -30.30
N PHE C 764 37.55 0.49 -31.29
CA PHE C 764 38.09 1.84 -31.22
C PHE C 764 37.53 2.60 -30.02
N VAL C 765 36.26 2.37 -29.70
CA VAL C 765 35.65 3.04 -28.56
C VAL C 765 36.50 2.83 -27.32
N ILE C 766 36.76 1.56 -26.99
CA ILE C 766 37.57 1.24 -25.83
C ILE C 766 38.99 1.78 -26.02
N GLY C 767 39.50 1.74 -27.25
CA GLY C 767 40.83 2.29 -27.48
C GLY C 767 40.93 3.76 -27.17
N GLN C 768 39.80 4.47 -27.26
CA GLN C 768 39.81 5.91 -27.03
C GLN C 768 40.27 6.25 -25.63
N ILE C 769 39.68 5.59 -24.62
CA ILE C 769 40.02 5.87 -23.23
C ILE C 769 41.49 5.64 -22.94
N LEU C 770 42.20 4.93 -23.81
CA LEU C 770 43.57 4.55 -23.53
C LEU C 770 44.56 5.62 -24.01
N SER C 771 44.39 6.80 -23.42
CA SER C 771 45.31 7.93 -23.50
C SER C 771 44.73 9.01 -22.60
N ASP C 772 45.54 10.02 -22.31
CA ASP C 772 45.18 11.00 -21.29
C ASP C 772 44.65 12.29 -21.88
N GLN C 773 43.89 12.21 -22.97
CA GLN C 773 43.20 13.40 -23.46
C GLN C 773 42.17 13.85 -22.43
N SER C 774 41.63 15.06 -22.64
CA SER C 774 40.69 15.59 -21.66
C SER C 774 39.39 14.80 -21.70
N ARG C 775 38.72 14.76 -20.56
CA ARG C 775 37.35 14.28 -20.51
C ARG C 775 36.50 14.97 -21.57
N ASP C 776 36.75 16.26 -21.79
CA ASP C 776 36.07 16.96 -22.88
C ASP C 776 36.51 16.40 -24.23
N THR C 777 37.83 16.25 -24.44
CA THR C 777 38.31 15.60 -25.64
C THR C 777 37.73 14.20 -25.77
N ILE C 778 37.64 13.49 -24.65
CA ILE C 778 37.04 12.16 -24.63
C ILE C 778 35.66 12.19 -25.25
N VAL C 779 34.80 13.07 -24.72
CA VAL C 779 33.46 13.20 -25.25
C VAL C 779 33.50 13.56 -26.72
N GLU C 780 34.31 14.56 -27.07
CA GLU C 780 34.32 15.09 -28.43
C GLU C 780 34.64 14.00 -29.45
N ASN C 781 35.77 13.32 -29.23
CA ASN C 781 36.24 12.24 -30.14
C ASN C 781 35.23 11.09 -30.10
N ILE C 782 34.80 10.71 -28.90
CA ILE C 782 33.81 9.60 -28.73
C ILE C 782 32.44 10.11 -29.16
N GLN C 783 32.37 11.28 -29.80
CA GLN C 783 31.09 11.81 -30.23
C GLN C 783 31.00 11.96 -31.74
N LYS C 784 31.96 12.68 -32.32
CA LYS C 784 31.93 12.85 -33.77
C LYS C 784 32.00 11.50 -34.47
N ARG C 785 32.91 10.64 -34.01
CA ARG C 785 33.00 9.29 -34.57
C ARG C 785 31.67 8.58 -34.50
N LEU C 786 31.01 8.65 -33.34
CA LEU C 786 29.72 7.99 -33.20
C LEU C 786 28.71 8.50 -34.20
N ILE C 787 28.55 9.82 -34.27
CA ILE C 787 27.57 10.40 -35.16
C ILE C 787 27.83 9.97 -36.59
N GLU C 788 29.09 10.08 -37.02
CA GLU C 788 29.45 9.66 -38.37
C GLU C 788 29.10 8.20 -38.60
N ILE C 789 29.41 7.33 -37.64
CA ILE C 789 29.14 5.91 -37.83
C ILE C 789 27.66 5.67 -37.99
N GLY C 790 26.86 6.38 -37.21
CA GLY C 790 25.42 6.27 -37.39
C GLY C 790 24.99 6.68 -38.78
N GLU C 791 25.49 7.82 -39.24
CA GLU C 791 24.99 8.37 -40.50
C GLU C 791 25.41 7.52 -41.69
N ASN C 792 26.67 7.05 -41.71
CA ASN C 792 27.20 6.39 -42.90
C ASN C 792 26.37 5.20 -43.34
N VAL C 793 25.56 4.63 -42.46
CA VAL C 793 24.55 3.67 -42.85
C VAL C 793 23.16 4.29 -42.85
N LEU C 794 22.90 5.28 -41.99
CA LEU C 794 21.60 5.94 -41.99
C LEU C 794 21.29 6.62 -43.32
N ASN C 795 22.29 6.87 -44.15
CA ASN C 795 22.07 7.32 -45.51
C ASN C 795 22.56 6.29 -46.51
N GLY C 796 22.61 5.02 -46.11
CA GLY C 796 22.91 3.91 -46.99
C GLY C 796 24.14 4.09 -47.87
N SER C 797 25.32 4.11 -47.27
CA SER C 797 26.53 4.36 -48.04
C SER C 797 27.67 3.43 -47.64
N VAL C 798 27.35 2.19 -47.27
CA VAL C 798 28.35 1.21 -46.86
C VAL C 798 27.97 -0.15 -47.42
N PRO C 799 28.92 -0.90 -47.96
CA PRO C 799 28.58 -2.17 -48.62
C PRO C 799 28.10 -3.23 -47.63
N VAL C 800 27.34 -4.18 -48.17
CA VAL C 800 26.84 -5.29 -47.37
C VAL C 800 27.99 -6.08 -46.76
N SER C 801 29.13 -6.13 -47.44
CA SER C 801 30.30 -6.78 -46.88
C SER C 801 30.58 -6.35 -45.45
N GLN C 802 30.19 -5.14 -45.09
CA GLN C 802 30.47 -4.58 -43.78
C GLN C 802 29.42 -4.96 -42.75
N PHE C 803 28.68 -6.04 -42.97
CA PHE C 803 27.66 -6.42 -42.00
C PHE C 803 27.62 -7.91 -41.72
N GLU C 804 28.67 -8.65 -42.09
CA GLU C 804 28.67 -10.10 -41.98
C GLU C 804 28.23 -10.55 -40.60
N ILE C 805 27.33 -11.54 -40.57
CA ILE C 805 26.82 -12.09 -39.32
C ILE C 805 27.06 -13.60 -39.37
N ASN C 806 28.19 -14.05 -38.84
CA ASN C 806 28.50 -15.46 -38.75
C ASN C 806 28.09 -15.94 -37.37
N LYS C 807 27.30 -17.00 -37.34
CA LYS C 807 26.87 -17.59 -36.07
C LYS C 807 26.99 -19.10 -36.12
N ALA C 808 27.15 -19.69 -34.93
CA ALA C 808 27.41 -21.11 -34.79
C ALA C 808 26.10 -21.89 -34.81
N LEU C 809 26.18 -23.17 -34.45
CA LEU C 809 25.06 -24.10 -34.51
C LEU C 809 25.36 -25.25 -33.57
N THR C 810 24.31 -25.78 -32.95
CA THR C 810 24.50 -26.86 -32.00
C THR C 810 23.85 -28.17 -32.42
N LYS C 811 22.61 -28.15 -32.88
CA LYS C 811 21.90 -29.37 -33.24
C LYS C 811 21.22 -29.15 -34.58
N ASP C 812 20.38 -30.11 -34.96
CA ASP C 812 19.58 -29.95 -36.16
C ASP C 812 18.65 -28.75 -35.97
N PRO C 813 18.35 -28.02 -37.04
CA PRO C 813 17.53 -26.81 -36.90
C PRO C 813 16.20 -27.04 -36.20
N GLN C 814 15.58 -28.21 -36.39
CA GLN C 814 14.27 -28.44 -35.78
C GLN C 814 14.37 -28.87 -34.33
N ASP C 815 15.54 -29.34 -33.89
CA ASP C 815 15.70 -29.79 -32.50
C ASP C 815 15.30 -28.73 -31.50
N TYR C 816 15.71 -27.50 -31.73
CA TYR C 816 15.48 -26.44 -30.78
C TYR C 816 14.00 -26.26 -30.50
N PRO C 817 13.59 -26.26 -29.23
CA PRO C 817 12.19 -25.91 -28.92
C PRO C 817 11.78 -24.56 -29.46
N ASP C 818 12.72 -23.77 -29.96
CA ASP C 818 12.40 -22.61 -30.78
C ASP C 818 12.38 -23.04 -32.25
N LYS C 819 11.32 -23.79 -32.59
CA LYS C 819 11.12 -24.16 -33.98
C LYS C 819 11.13 -22.93 -34.89
N LYS C 820 10.76 -21.78 -34.35
CA LYS C 820 10.74 -20.55 -35.12
C LYS C 820 11.21 -19.33 -34.34
N SER C 821 12.04 -19.49 -33.31
CA SER C 821 12.27 -18.39 -32.38
C SER C 821 13.75 -18.21 -32.06
N LEU C 822 14.60 -18.18 -33.08
CA LEU C 822 15.92 -17.57 -32.96
C LEU C 822 16.24 -16.79 -34.24
N PRO C 823 16.93 -15.66 -34.13
CA PRO C 823 17.17 -14.82 -35.30
C PRO C 823 18.19 -15.40 -36.26
N HIS C 824 18.61 -16.62 -36.02
CA HIS C 824 19.48 -17.26 -37.00
C HIS C 824 18.98 -18.64 -37.40
N VAL C 825 18.39 -19.39 -36.48
CA VAL C 825 17.95 -20.74 -36.80
C VAL C 825 17.02 -20.75 -38.00
N HIS C 826 16.29 -19.66 -38.22
CA HIS C 826 15.44 -19.56 -39.39
C HIS C 826 16.25 -19.78 -40.67
N VAL C 827 17.46 -19.22 -40.74
CA VAL C 827 18.27 -19.44 -41.93
C VAL C 827 18.69 -20.90 -42.03
N ALA C 828 18.90 -21.58 -40.90
CA ALA C 828 19.21 -23.00 -40.95
C ALA C 828 18.04 -23.78 -41.53
N LEU C 829 16.84 -23.50 -41.03
CA LEU C 829 15.61 -23.98 -41.65
C LEU C 829 15.66 -23.79 -43.16
N TRP C 830 15.92 -22.56 -43.60
CA TRP C 830 15.96 -22.26 -45.03
C TRP C 830 16.98 -23.14 -45.75
N ILE C 831 18.22 -23.12 -45.29
CA ILE C 831 19.31 -23.74 -46.02
C ILE C 831 19.13 -25.25 -46.09
N ASN C 832 18.46 -25.85 -45.11
CA ASN C 832 18.24 -27.28 -45.16
C ASN C 832 16.87 -27.66 -45.69
N SER C 833 16.00 -26.69 -45.98
CA SER C 833 14.69 -26.98 -46.52
C SER C 833 14.47 -26.41 -47.92
N GLN C 834 15.47 -25.77 -48.51
CA GLN C 834 15.25 -25.09 -49.78
C GLN C 834 16.15 -25.58 -50.90
N GLY C 835 17.40 -25.95 -50.61
CA GLY C 835 18.34 -26.35 -51.62
C GLY C 835 18.77 -27.80 -51.47
N GLY C 836 19.66 -28.21 -52.38
CA GLY C 836 20.27 -29.52 -52.29
C GLY C 836 21.62 -29.45 -51.62
N ARG C 837 21.75 -28.52 -50.67
CA ARG C 837 23.01 -28.26 -49.97
C ARG C 837 22.82 -28.56 -48.48
N LYS C 838 23.71 -29.37 -47.93
CA LYS C 838 23.56 -29.84 -46.57
C LYS C 838 24.15 -28.86 -45.57
N VAL C 839 23.48 -28.73 -44.42
CA VAL C 839 24.02 -28.04 -43.26
C VAL C 839 23.66 -28.87 -42.04
N LYS C 840 24.63 -29.11 -41.16
CA LYS C 840 24.40 -30.01 -40.05
C LYS C 840 25.25 -29.54 -38.87
N ALA C 841 25.42 -30.42 -37.87
CA ALA C 841 26.12 -30.06 -36.65
C ALA C 841 27.52 -29.53 -36.95
N GLY C 842 27.97 -28.62 -36.10
CA GLY C 842 29.29 -28.05 -36.25
C GLY C 842 29.47 -27.14 -37.43
N ASP C 843 28.39 -26.53 -37.93
CA ASP C 843 28.44 -25.65 -39.07
C ASP C 843 28.02 -24.25 -38.63
N THR C 844 28.23 -23.28 -39.52
CA THR C 844 27.89 -21.90 -39.20
C THR C 844 27.13 -21.28 -40.35
N VAL C 845 26.55 -20.11 -40.06
CA VAL C 845 25.73 -19.38 -41.01
C VAL C 845 26.25 -17.95 -41.09
N SER C 846 26.61 -17.51 -42.30
CA SER C 846 27.06 -16.15 -42.57
C SER C 846 25.90 -15.37 -43.19
N TYR C 847 24.96 -14.97 -42.35
CA TYR C 847 23.77 -14.26 -42.77
C TYR C 847 23.74 -12.87 -42.20
N VAL C 848 22.63 -12.18 -42.47
CA VAL C 848 22.31 -10.87 -41.91
C VAL C 848 20.79 -10.76 -41.78
N ILE C 849 20.36 -9.86 -40.89
CA ILE C 849 18.93 -9.56 -40.76
C ILE C 849 18.54 -8.51 -41.79
N CYS C 850 17.42 -8.75 -42.47
CA CYS C 850 17.02 -7.89 -43.59
C CYS C 850 15.52 -7.67 -43.55
N GLN C 851 15.12 -6.41 -43.40
CA GLN C 851 13.72 -6.04 -43.53
C GLN C 851 13.23 -6.33 -44.95
N ASP C 852 11.96 -6.72 -45.06
CA ASP C 852 11.28 -6.85 -46.35
C ASP C 852 10.06 -5.94 -46.42
N GLY C 853 9.97 -4.95 -45.54
CA GLY C 853 8.77 -4.15 -45.43
C GLY C 853 7.56 -5.03 -45.23
N SER C 854 7.55 -5.79 -44.14
CA SER C 854 6.49 -6.77 -43.94
C SER C 854 5.98 -6.81 -42.50
N ASN C 855 6.36 -5.84 -41.66
CA ASN C 855 5.85 -5.69 -40.30
C ASN C 855 5.87 -7.00 -39.51
N LEU C 856 6.78 -7.90 -39.87
CA LEU C 856 6.96 -9.16 -39.16
C LEU C 856 8.07 -8.99 -38.13
N THR C 857 8.25 -10.03 -37.32
CA THR C 857 9.32 -10.01 -36.32
C THR C 857 10.68 -9.84 -36.99
N ALA C 858 11.62 -9.28 -36.24
CA ALA C 858 13.01 -9.46 -36.63
C ALA C 858 13.48 -10.88 -36.39
N SER C 859 12.66 -11.70 -35.75
CA SER C 859 13.05 -13.06 -35.44
C SER C 859 13.24 -13.91 -36.68
N GLN C 860 12.64 -13.54 -37.81
CA GLN C 860 12.70 -14.39 -38.98
C GLN C 860 13.05 -13.70 -40.28
N ARG C 861 13.19 -12.38 -40.31
CA ARG C 861 13.64 -11.75 -41.55
C ARG C 861 15.15 -11.85 -41.65
N ALA C 862 15.66 -13.06 -41.46
CA ALA C 862 17.07 -13.35 -41.61
C ALA C 862 17.32 -13.91 -43.01
N TYR C 863 18.51 -13.64 -43.54
CA TYR C 863 18.76 -13.82 -44.96
C TYR C 863 20.24 -14.03 -45.23
N ALA C 864 20.54 -14.96 -46.13
CA ALA C 864 21.85 -15.04 -46.71
C ALA C 864 22.05 -13.87 -47.66
N PRO C 865 23.18 -13.17 -47.62
CA PRO C 865 23.30 -11.92 -48.37
C PRO C 865 23.34 -12.10 -49.87
N GLU C 866 23.54 -13.31 -50.37
CA GLU C 866 23.60 -13.51 -51.82
C GLU C 866 22.26 -13.19 -52.47
N GLN C 867 21.15 -13.47 -51.79
CA GLN C 867 19.86 -13.01 -52.28
C GLN C 867 19.70 -11.51 -52.09
N LEU C 868 20.35 -10.95 -51.07
CA LEU C 868 20.30 -9.51 -50.83
C LEU C 868 20.79 -8.74 -52.05
N GLN C 869 21.93 -9.14 -52.59
CA GLN C 869 22.45 -8.47 -53.78
C GLN C 869 21.71 -8.89 -55.06
N LYS C 870 20.72 -9.78 -54.95
CA LYS C 870 20.03 -10.28 -56.14
C LYS C 870 18.67 -9.62 -56.35
N GLN C 871 17.78 -9.72 -55.37
CA GLN C 871 16.42 -9.25 -55.54
C GLN C 871 16.36 -7.75 -55.30
N ASP C 872 15.14 -7.21 -55.18
CA ASP C 872 14.91 -5.78 -55.02
C ASP C 872 14.34 -5.41 -53.67
N ASN C 873 13.30 -6.11 -53.22
CA ASN C 873 12.59 -5.76 -52.00
C ASN C 873 13.27 -6.30 -50.75
N LEU C 874 14.55 -6.65 -50.85
CA LEU C 874 15.31 -7.13 -49.70
C LEU C 874 16.06 -5.94 -49.11
N THR C 875 15.35 -5.16 -48.30
CA THR C 875 15.92 -3.96 -47.69
C THR C 875 16.56 -4.37 -46.36
N ILE C 876 17.87 -4.63 -46.39
CA ILE C 876 18.59 -5.03 -45.19
C ILE C 876 18.32 -3.99 -44.10
N ASP C 877 17.72 -4.43 -43.01
CA ASP C 877 17.13 -3.51 -42.05
C ASP C 877 18.21 -2.73 -41.35
N THR C 878 18.39 -1.46 -41.71
CA THR C 878 19.34 -0.60 -41.03
C THR C 878 18.71 0.15 -39.87
N GLN C 879 17.62 -0.38 -39.31
CA GLN C 879 17.12 0.05 -38.01
C GLN C 879 17.63 -0.86 -36.91
N TYR C 880 17.34 -2.16 -37.04
CA TYR C 880 17.75 -3.14 -36.04
C TYR C 880 19.24 -3.05 -35.73
N TYR C 881 20.05 -2.82 -36.76
CA TYR C 881 21.49 -2.89 -36.58
C TYR C 881 22.04 -1.79 -35.72
N LEU C 882 21.19 -0.87 -35.24
CA LEU C 882 21.65 0.14 -34.32
C LEU C 882 21.32 -0.20 -32.88
N ALA C 883 20.04 -0.45 -32.59
CA ALA C 883 19.67 -0.73 -31.22
C ALA C 883 20.20 -2.06 -30.73
N GLN C 884 20.85 -2.87 -31.57
CA GLN C 884 21.32 -4.17 -31.14
C GLN C 884 22.77 -4.47 -31.51
N GLN C 885 23.41 -3.67 -32.34
CA GLN C 885 24.82 -3.92 -32.62
C GLN C 885 25.72 -2.80 -32.11
N ILE C 886 25.52 -1.56 -32.54
CA ILE C 886 26.41 -0.50 -32.12
C ILE C 886 26.13 -0.08 -30.69
N HIS C 887 24.91 0.41 -30.44
CA HIS C 887 24.56 0.94 -29.14
C HIS C 887 24.93 -0.03 -28.02
N PRO C 888 24.38 -1.25 -27.99
CA PRO C 888 24.65 -2.09 -26.82
C PRO C 888 26.13 -2.34 -26.59
N VAL C 889 26.89 -2.55 -27.66
CA VAL C 889 28.33 -2.69 -27.49
C VAL C 889 28.90 -1.45 -26.81
N VAL C 890 28.53 -0.27 -27.29
CA VAL C 890 29.04 0.95 -26.65
C VAL C 890 28.59 1.03 -25.20
N ALA C 891 27.42 0.46 -24.90
CA ALA C 891 26.86 0.56 -23.56
C ALA C 891 27.71 -0.20 -22.55
N ARG C 892 28.06 -1.44 -22.88
CA ARG C 892 28.93 -2.28 -22.08
C ARG C 892 30.08 -1.49 -21.49
N ILE C 893 30.68 -0.61 -22.29
CA ILE C 893 31.88 0.12 -21.91
C ILE C 893 31.57 1.58 -21.62
N CYS C 894 31.10 2.32 -22.61
CA CYS C 894 31.07 3.77 -22.51
C CYS C 894 30.05 4.29 -21.51
N GLU C 895 29.14 3.46 -21.06
CA GLU C 895 27.96 4.00 -20.38
C GLU C 895 28.29 4.82 -19.13
N PRO C 896 28.85 4.25 -18.09
CA PRO C 896 28.76 4.90 -16.79
C PRO C 896 29.65 6.12 -16.67
N ILE C 897 30.22 6.57 -17.79
CA ILE C 897 31.00 7.79 -17.75
C ILE C 897 30.12 8.92 -17.25
N ASP C 898 30.73 9.87 -16.53
CA ASP C 898 29.98 10.96 -15.94
C ASP C 898 29.22 11.75 -16.99
N GLY C 899 27.98 12.11 -16.66
CA GLY C 899 27.19 12.96 -17.53
C GLY C 899 26.67 12.23 -18.75
N ILE C 900 27.58 11.65 -19.53
CA ILE C 900 27.20 10.94 -20.75
C ILE C 900 26.47 9.67 -20.33
N ASP C 901 25.16 9.65 -20.54
CA ASP C 901 24.29 8.60 -20.04
C ASP C 901 23.57 7.94 -21.21
N ALA C 902 22.76 6.94 -20.89
CA ALA C 902 22.32 5.97 -21.90
C ALA C 902 21.62 6.64 -23.06
N VAL C 903 20.46 7.26 -22.81
CA VAL C 903 19.64 7.75 -23.91
C VAL C 903 20.41 8.74 -24.77
N LEU C 904 21.39 9.43 -24.17
CA LEU C 904 22.19 10.37 -24.94
C LEU C 904 22.86 9.68 -26.11
N ILE C 905 23.54 8.57 -25.84
CA ILE C 905 24.07 7.74 -26.92
C ILE C 905 23.00 7.52 -27.97
N ALA C 906 21.81 7.08 -27.54
CA ALA C 906 20.69 6.91 -28.45
C ALA C 906 20.49 8.16 -29.30
N THR C 907 20.36 9.28 -28.64
CA THR C 907 20.04 10.48 -29.38
C THR C 907 21.21 11.03 -30.11
N TRP C 908 22.31 10.29 -30.19
CA TRP C 908 23.38 10.63 -31.11
C TRP C 908 23.29 9.86 -32.41
N LEU C 909 22.68 8.68 -32.41
CA LEU C 909 22.61 7.88 -33.61
C LEU C 909 21.25 7.98 -34.29
N GLY C 910 20.21 7.50 -33.63
CA GLY C 910 18.88 7.55 -34.15
C GLY C 910 17.89 7.82 -33.04
N LEU C 911 17.11 8.88 -33.17
CA LEU C 911 16.16 9.24 -32.12
C LEU C 911 15.01 8.25 -32.19
N ASP C 912 15.22 7.11 -31.55
CA ASP C 912 14.18 6.09 -31.44
C ASP C 912 13.91 5.92 -29.96
N PRO C 913 13.66 7.01 -29.24
CA PRO C 913 13.80 6.99 -27.79
C PRO C 913 12.75 6.14 -27.10
N THR C 914 11.46 6.39 -27.36
CA THR C 914 10.37 5.82 -26.59
C THR C 914 10.55 4.34 -26.29
N GLN C 915 10.64 3.53 -27.34
CA GLN C 915 10.96 2.12 -27.15
C GLN C 915 12.28 1.96 -26.42
N PHE C 916 13.33 2.63 -26.91
CA PHE C 916 14.63 2.53 -26.28
C PHE C 916 14.63 3.12 -24.88
N ARG C 917 13.73 4.06 -24.60
CA ARG C 917 13.73 4.76 -23.32
C ARG C 917 13.55 3.80 -22.16
N VAL C 918 12.88 2.67 -22.39
CA VAL C 918 12.57 1.74 -21.31
C VAL C 918 13.85 1.12 -20.74
N HIS C 919 14.91 1.01 -21.55
CA HIS C 919 16.16 0.48 -21.06
C HIS C 919 16.91 1.57 -20.30
N HIS C 920 17.26 1.28 -19.05
CA HIS C 920 17.80 2.34 -18.20
C HIS C 920 19.00 1.93 -17.34
N TYR C 921 19.33 0.64 -17.22
CA TYR C 921 20.28 0.18 -16.21
C TYR C 921 19.81 0.66 -14.83
N HIS C 922 18.53 0.46 -14.57
CA HIS C 922 17.80 1.18 -13.54
C HIS C 922 17.92 0.55 -12.15
N LYS C 923 18.95 -0.27 -11.92
CA LYS C 923 19.15 -0.85 -10.60
C LYS C 923 20.18 -0.11 -9.77
N ASP C 924 20.95 0.80 -10.37
CA ASP C 924 22.06 1.45 -9.68
C ASP C 924 21.87 2.97 -9.61
N GLU C 925 20.67 3.42 -9.26
CA GLU C 925 20.39 4.83 -9.01
C GLU C 925 20.35 5.18 -7.54
N GLU C 926 21.10 4.44 -6.71
CA GLU C 926 21.04 4.61 -5.27
C GLU C 926 22.11 5.54 -4.72
N ASN C 927 23.21 5.73 -5.45
CA ASN C 927 24.38 6.46 -4.95
C ASN C 927 24.04 7.85 -4.46
N ASP C 928 22.87 8.36 -4.79
CA ASP C 928 22.49 9.71 -4.41
C ASP C 928 21.21 9.72 -3.59
N GLN C 936 10.38 10.15 0.80
CA GLN C 936 11.40 10.86 0.03
C GLN C 936 11.21 10.62 -1.47
N LEU C 937 10.23 11.32 -2.03
CA LEU C 937 10.08 11.55 -3.47
C LEU C 937 8.89 12.46 -3.68
N THR C 938 8.96 13.28 -4.73
CA THR C 938 7.75 14.02 -5.09
C THR C 938 6.65 13.05 -5.48
N ASP C 939 5.44 13.59 -5.63
CA ASP C 939 4.28 12.75 -5.86
C ASP C 939 4.41 11.95 -7.15
N GLU C 940 4.48 12.64 -8.28
CA GLU C 940 4.16 11.99 -9.55
C GLU C 940 5.28 11.06 -9.99
N GLU C 941 6.50 11.54 -10.00
CA GLU C 941 7.51 10.66 -10.58
C GLU C 941 7.90 9.55 -9.66
N LYS C 942 7.08 9.35 -8.63
CA LYS C 942 6.97 8.05 -8.01
C LYS C 942 6.12 7.10 -8.85
N TYR C 943 5.50 7.59 -9.90
CA TYR C 943 4.53 6.78 -10.62
C TYR C 943 4.85 6.74 -12.10
N ARG C 944 5.42 7.84 -12.59
CA ARG C 944 5.43 8.16 -14.01
C ARG C 944 5.64 6.92 -14.89
N ASP C 945 6.62 6.10 -14.57
CA ASP C 945 6.97 4.97 -15.41
C ASP C 945 6.05 3.79 -15.23
N CYS C 946 4.89 3.97 -14.63
CA CYS C 946 3.93 2.88 -14.55
C CYS C 946 3.02 2.92 -15.77
N GLU C 947 1.95 2.14 -15.74
CA GLU C 947 1.00 2.07 -16.84
C GLU C 947 -0.30 2.74 -16.42
N ARG C 948 -0.81 3.62 -17.28
CA ARG C 948 -1.98 4.40 -16.91
C ARG C 948 -3.20 3.50 -16.82
N PHE C 949 -4.34 4.10 -16.49
CA PHE C 949 -5.62 3.42 -16.48
C PHE C 949 -6.39 3.79 -17.73
N LYS C 950 -6.61 2.81 -18.60
CA LYS C 950 -7.41 2.96 -19.79
C LYS C 950 -8.82 2.48 -19.50
N CYS C 951 -9.79 3.05 -20.22
CA CYS C 951 -11.16 2.76 -19.88
C CYS C 951 -12.07 2.74 -21.10
N PRO C 952 -12.92 1.73 -21.22
CA PRO C 952 -13.86 1.66 -22.33
C PRO C 952 -15.16 2.37 -22.01
N CYS C 953 -15.63 3.19 -22.95
CA CYS C 953 -16.90 3.89 -22.75
C CYS C 953 -18.04 2.91 -22.99
N PRO C 954 -19.04 2.87 -22.11
CA PRO C 954 -20.14 1.92 -22.30
C PRO C 954 -21.08 2.31 -23.42
N THR C 955 -21.12 3.58 -23.82
CA THR C 955 -22.04 3.98 -24.87
C THR C 955 -21.37 4.61 -26.08
N CYS C 956 -20.49 5.59 -25.89
CA CYS C 956 -20.05 6.31 -27.07
C CYS C 956 -19.05 5.52 -27.90
N GLY C 957 -18.50 4.43 -27.38
CA GLY C 957 -17.53 3.64 -28.11
C GLY C 957 -16.09 4.10 -27.99
N THR C 958 -15.85 5.33 -27.58
CA THR C 958 -14.49 5.86 -27.51
C THR C 958 -13.77 5.24 -26.30
N GLU C 959 -12.54 5.67 -26.05
CA GLU C 959 -11.73 5.20 -24.94
C GLU C 959 -11.31 6.38 -24.09
N ASN C 960 -10.74 6.09 -22.93
CA ASN C 960 -10.38 7.15 -22.00
C ASN C 960 -9.14 6.74 -21.20
N ILE C 961 -8.56 7.72 -20.51
CA ILE C 961 -7.41 7.51 -19.65
C ILE C 961 -7.60 8.36 -18.40
N TYR C 962 -7.33 7.77 -17.24
CA TYR C 962 -7.68 8.39 -15.96
C TYR C 962 -6.41 8.56 -15.15
N ASP C 963 -5.78 9.72 -15.28
CA ASP C 963 -4.46 9.92 -14.71
C ASP C 963 -4.51 10.52 -13.31
N ASN C 964 -5.11 11.69 -13.17
CA ASN C 964 -5.22 12.38 -11.91
C ASN C 964 -6.69 12.67 -11.65
N VAL C 965 -7.05 12.73 -10.36
CA VAL C 965 -8.44 12.91 -9.97
C VAL C 965 -9.06 14.05 -10.75
N PHE C 966 -8.54 15.26 -10.55
CA PHE C 966 -9.01 16.38 -11.33
C PHE C 966 -8.63 16.20 -12.79
N ASP C 967 -9.46 16.72 -13.67
CA ASP C 967 -9.22 16.57 -15.10
C ASP C 967 -8.61 17.84 -15.70
N GLY C 968 -7.41 18.18 -15.24
CA GLY C 968 -6.68 19.23 -15.92
C GLY C 968 -6.49 20.56 -15.21
N SER C 969 -7.22 21.59 -15.65
CA SER C 969 -6.83 22.98 -15.44
C SER C 969 -7.55 23.58 -14.24
N GLY C 970 -6.79 23.83 -13.17
CA GLY C 970 -7.07 24.83 -12.16
C GLY C 970 -8.52 25.07 -11.73
N THR C 971 -8.94 26.33 -11.80
CA THR C 971 -10.30 26.68 -11.41
C THR C 971 -11.34 25.91 -12.22
N ASP C 972 -10.99 25.53 -13.45
CA ASP C 972 -11.90 24.73 -14.26
C ASP C 972 -12.06 23.31 -13.74
N MET C 973 -11.09 22.82 -12.98
CA MET C 973 -10.96 21.38 -12.70
C MET C 973 -12.29 20.73 -12.34
N GLU C 974 -12.47 19.51 -12.83
CA GLU C 974 -13.67 18.71 -12.68
C GLU C 974 -13.28 17.29 -12.32
N PRO C 975 -14.20 16.54 -11.71
CA PRO C 975 -13.89 15.15 -11.35
C PRO C 975 -13.74 14.28 -12.58
N SER C 976 -12.95 13.22 -12.44
CA SER C 976 -12.64 12.38 -13.58
C SER C 976 -13.90 11.75 -14.15
N LEU C 977 -14.67 11.07 -13.31
CA LEU C 977 -15.71 10.18 -13.77
C LEU C 977 -16.94 10.92 -14.28
N TYR C 978 -16.82 12.22 -14.50
CA TYR C 978 -18.02 13.02 -14.72
C TYR C 978 -18.56 12.88 -16.13
N ARG C 979 -17.78 13.26 -17.14
CA ARG C 979 -18.25 13.27 -18.51
C ARG C 979 -17.29 12.49 -19.38
N CYS C 980 -17.84 11.75 -20.35
CA CYS C 980 -17.01 11.09 -21.33
C CYS C 980 -16.18 12.12 -22.07
N SER C 981 -14.96 11.75 -22.44
CA SER C 981 -14.03 12.75 -22.97
C SER C 981 -14.47 13.26 -24.32
N ASN C 982 -14.90 12.37 -25.20
CA ASN C 982 -15.34 12.74 -26.53
C ASN C 982 -16.31 13.91 -26.46
N ILE C 983 -15.91 15.01 -27.09
CA ILE C 983 -16.57 16.31 -26.88
C ILE C 983 -18.08 16.17 -27.01
N ASP C 984 -18.54 15.64 -28.15
CA ASP C 984 -19.96 15.66 -28.46
C ASP C 984 -20.75 14.84 -27.45
N CYS C 985 -20.50 13.53 -27.39
CA CYS C 985 -21.37 12.65 -26.64
C CYS C 985 -21.52 13.16 -25.21
N LYS C 986 -22.68 12.93 -24.63
CA LYS C 986 -23.00 13.53 -23.35
C LYS C 986 -23.29 12.52 -22.25
N ALA C 987 -23.14 11.23 -22.51
CA ALA C 987 -23.23 10.26 -21.43
C ALA C 987 -22.22 10.61 -20.34
N SER C 988 -22.52 10.21 -19.12
CA SER C 988 -21.69 10.54 -17.96
C SER C 988 -21.22 9.27 -17.28
N PRO C 989 -19.95 8.89 -17.43
CA PRO C 989 -19.55 7.53 -17.05
C PRO C 989 -19.72 7.23 -15.59
N LEU C 990 -19.75 8.26 -14.73
CA LEU C 990 -19.96 8.04 -13.31
C LEU C 990 -21.12 7.10 -13.06
N THR C 991 -22.19 7.25 -13.80
CA THR C 991 -23.38 6.49 -13.47
C THR C 991 -23.25 5.08 -13.82
N PHE C 992 -22.03 4.64 -14.08
CA PHE C 992 -21.74 3.24 -14.31
C PHE C 992 -20.63 2.77 -13.41
N THR C 993 -20.63 3.27 -12.19
CA THR C 993 -19.63 2.87 -11.21
C THR C 993 -19.37 1.38 -11.29
N VAL C 994 -20.44 0.59 -11.14
CA VAL C 994 -20.28 -0.84 -11.02
C VAL C 994 -19.51 -1.40 -12.21
N GLN C 995 -19.86 -0.95 -13.42
CA GLN C 995 -19.12 -1.42 -14.58
C GLN C 995 -17.64 -1.14 -14.45
N LEU C 996 -17.29 0.12 -14.15
CA LEU C 996 -15.90 0.42 -13.83
C LEU C 996 -15.34 -0.60 -12.87
N SER C 997 -16.04 -0.79 -11.74
CA SER C 997 -15.61 -1.78 -10.77
C SER C 997 -15.10 -3.03 -11.44
N ASN C 998 -15.94 -3.63 -12.29
CA ASN C 998 -15.54 -4.85 -12.97
C ASN C 998 -14.15 -4.72 -13.56
N LYS C 999 -13.98 -3.80 -14.52
CA LYS C 999 -12.69 -3.73 -15.21
C LYS C 999 -11.57 -3.60 -14.21
N LEU C 1000 -11.77 -2.77 -13.19
CA LEU C 1000 -10.77 -2.63 -12.15
C LEU C 1000 -10.24 -3.98 -11.71
N ILE C 1001 -11.11 -4.81 -11.15
CA ILE C 1001 -10.67 -6.13 -10.77
C ILE C 1001 -10.18 -6.87 -12.00
N MET C 1002 -11.00 -6.92 -13.03
CA MET C 1002 -10.60 -7.69 -14.20
C MET C 1002 -9.34 -7.13 -14.83
N ASP C 1003 -8.84 -5.99 -14.35
CA ASP C 1003 -7.52 -5.59 -14.80
C ASP C 1003 -6.44 -6.04 -13.82
N ILE C 1004 -6.59 -5.70 -12.55
CA ILE C 1004 -5.57 -6.04 -11.57
C ILE C 1004 -5.27 -7.52 -11.60
N ARG C 1005 -6.26 -8.32 -11.91
CA ARG C 1005 -6.10 -9.75 -11.91
C ARG C 1005 -5.36 -10.25 -13.11
N ARG C 1006 -4.60 -9.38 -13.76
CA ARG C 1006 -3.53 -9.82 -14.63
C ARG C 1006 -2.17 -9.31 -14.21
N PHE C 1007 -2.08 -8.14 -13.60
CA PHE C 1007 -0.80 -7.70 -13.03
C PHE C 1007 -0.24 -8.72 -12.07
N ILE C 1008 -0.99 -9.05 -11.02
CA ILE C 1008 -0.56 -10.15 -10.17
C ILE C 1008 -0.20 -11.36 -11.01
N LYS C 1009 -1.01 -11.64 -12.02
CA LYS C 1009 -0.73 -12.77 -12.90
C LYS C 1009 0.70 -12.78 -13.38
N LYS C 1010 1.21 -11.61 -13.77
CA LYS C 1010 2.58 -11.53 -14.24
C LYS C 1010 3.56 -11.93 -13.13
N TYR C 1011 3.42 -11.31 -11.96
CA TYR C 1011 4.50 -11.37 -10.97
C TYR C 1011 4.75 -12.78 -10.52
N TYR C 1012 3.75 -13.42 -9.93
CA TYR C 1012 3.94 -14.79 -9.49
C TYR C 1012 4.39 -15.69 -10.63
N ASP C 1013 4.24 -15.24 -11.87
CA ASP C 1013 4.84 -15.94 -13.01
C ASP C 1013 6.11 -15.26 -13.49
N GLY C 1014 6.68 -14.39 -12.66
CA GLY C 1014 7.77 -13.51 -13.05
C GLY C 1014 8.83 -14.09 -13.95
N TRP C 1015 9.06 -13.40 -15.07
CA TRP C 1015 10.16 -13.74 -15.93
C TRP C 1015 11.48 -13.61 -15.19
N LEU C 1016 12.54 -14.11 -15.80
CA LEU C 1016 13.90 -13.82 -15.34
C LEU C 1016 14.73 -13.43 -16.54
N ILE C 1017 15.57 -12.40 -16.37
CA ILE C 1017 16.26 -11.80 -17.50
C ILE C 1017 17.71 -11.54 -17.14
N CYS C 1018 18.53 -11.33 -18.16
CA CYS C 1018 19.96 -11.21 -17.92
C CYS C 1018 20.37 -9.76 -17.74
N GLU C 1019 21.61 -9.57 -17.32
CA GLU C 1019 22.11 -8.27 -16.90
C GLU C 1019 23.26 -7.77 -17.75
N GLU C 1020 24.27 -8.60 -18.00
CA GLU C 1020 25.41 -8.15 -18.77
C GLU C 1020 24.91 -7.71 -20.14
N PRO C 1021 24.99 -6.44 -20.45
CA PRO C 1021 24.12 -5.85 -21.47
C PRO C 1021 24.30 -6.43 -22.86
N THR C 1022 25.13 -7.45 -22.97
CA THR C 1022 25.25 -8.18 -24.22
C THR C 1022 24.41 -9.45 -24.24
N CYS C 1023 24.48 -10.25 -23.19
CA CYS C 1023 23.90 -11.59 -23.23
C CYS C 1023 22.41 -11.56 -23.55
N ARG C 1024 21.61 -10.94 -22.69
CA ARG C 1024 20.17 -10.75 -22.92
C ARG C 1024 19.46 -12.08 -23.15
N ASN C 1025 19.45 -12.89 -22.09
CA ASN C 1025 18.70 -14.13 -22.07
C ASN C 1025 17.44 -13.96 -21.23
N ARG C 1026 16.40 -14.70 -21.59
CA ARG C 1026 15.10 -14.62 -20.94
C ARG C 1026 14.61 -16.02 -20.64
N THR C 1027 14.52 -16.36 -19.36
CA THR C 1027 13.96 -17.66 -19.01
C THR C 1027 13.44 -17.63 -17.59
N ARG C 1028 12.89 -18.77 -17.17
CA ARG C 1028 12.30 -18.93 -15.86
C ARG C 1028 12.92 -20.05 -15.06
N HIS C 1029 13.59 -21.01 -15.70
CA HIS C 1029 14.08 -22.13 -14.92
C HIS C 1029 15.22 -21.61 -14.07
N LEU C 1030 14.89 -21.20 -12.87
CA LEU C 1030 15.87 -20.59 -11.99
C LEU C 1030 17.01 -21.56 -11.77
N PRO C 1031 18.24 -21.20 -12.06
CA PRO C 1031 19.38 -22.09 -11.79
C PRO C 1031 19.73 -22.01 -10.32
N LEU C 1032 20.72 -22.80 -9.92
CA LEU C 1032 20.96 -23.06 -8.51
C LEU C 1032 22.21 -22.43 -7.93
N GLN C 1033 23.23 -22.15 -8.74
CA GLN C 1033 24.40 -21.51 -8.18
C GLN C 1033 24.05 -20.10 -7.71
N PHE C 1034 24.97 -19.50 -6.98
CA PHE C 1034 24.66 -18.21 -6.39
C PHE C 1034 25.94 -17.45 -6.09
N SER C 1035 25.77 -16.15 -5.85
CA SER C 1035 26.89 -15.25 -5.63
C SER C 1035 26.36 -14.05 -4.85
N ARG C 1036 27.13 -12.97 -4.84
CA ARG C 1036 26.76 -11.78 -4.09
C ARG C 1036 25.38 -11.27 -4.48
N THR C 1037 25.22 -10.87 -5.76
CA THR C 1037 23.95 -10.28 -6.20
C THR C 1037 22.83 -11.29 -6.28
N GLY C 1038 23.14 -12.58 -6.33
CA GLY C 1038 22.13 -13.60 -6.47
C GLY C 1038 22.61 -14.71 -7.38
N PRO C 1039 21.76 -15.14 -8.30
CA PRO C 1039 22.10 -16.24 -9.19
C PRO C 1039 22.76 -15.77 -10.48
N LEU C 1040 23.22 -16.76 -11.26
CA LEU C 1040 24.09 -16.53 -12.39
C LEU C 1040 23.51 -17.18 -13.63
N CYS C 1041 23.45 -16.43 -14.72
CA CYS C 1041 23.01 -16.97 -15.99
C CYS C 1041 23.81 -18.22 -16.34
N PRO C 1042 23.22 -19.23 -16.96
CA PRO C 1042 24.00 -20.39 -17.38
C PRO C 1042 24.95 -20.09 -18.53
N ALA C 1043 24.55 -19.23 -19.46
CA ALA C 1043 25.42 -18.95 -20.61
C ALA C 1043 26.49 -17.93 -20.26
N CYS C 1044 26.09 -16.70 -19.96
CA CYS C 1044 27.05 -15.66 -19.58
C CYS C 1044 27.44 -15.91 -18.13
N MET C 1045 28.33 -16.87 -17.94
CA MET C 1045 28.63 -17.32 -16.59
C MET C 1045 29.33 -16.27 -15.75
N LYS C 1046 29.48 -15.06 -16.29
CA LYS C 1046 30.14 -13.97 -15.59
C LYS C 1046 29.15 -12.87 -15.22
N ALA C 1047 27.89 -13.22 -14.97
CA ALA C 1047 26.92 -12.16 -14.76
C ALA C 1047 25.76 -12.66 -13.91
N THR C 1048 25.03 -11.68 -13.37
CA THR C 1048 23.95 -11.89 -12.43
C THR C 1048 22.69 -12.29 -13.17
N LEU C 1049 21.54 -12.22 -12.51
CA LEU C 1049 20.24 -12.26 -13.16
C LEU C 1049 19.27 -11.37 -12.41
N GLN C 1050 18.32 -10.79 -13.15
CA GLN C 1050 17.37 -9.89 -12.51
C GLN C 1050 15.94 -10.31 -12.76
N PRO C 1051 15.06 -10.05 -11.81
CA PRO C 1051 13.64 -10.16 -12.06
C PRO C 1051 13.25 -9.18 -13.16
N GLU C 1052 12.10 -9.45 -13.79
CA GLU C 1052 11.59 -8.50 -14.78
C GLU C 1052 10.61 -7.52 -14.15
N TYR C 1053 9.50 -8.02 -13.65
CA TYR C 1053 8.55 -7.10 -13.03
C TYR C 1053 8.94 -7.03 -11.57
N SER C 1054 9.98 -6.25 -11.31
CA SER C 1054 10.47 -6.06 -9.94
C SER C 1054 9.33 -5.67 -9.03
N ASP C 1055 9.22 -6.37 -7.90
CA ASP C 1055 8.06 -6.17 -7.04
C ASP C 1055 7.79 -4.69 -6.85
N LYS C 1056 8.85 -3.89 -6.71
CA LYS C 1056 8.70 -2.45 -6.56
C LYS C 1056 7.72 -1.90 -7.58
N SER C 1057 7.77 -2.43 -8.80
CA SER C 1057 6.75 -2.03 -9.75
C SER C 1057 5.37 -2.39 -9.22
N LEU C 1058 5.10 -3.67 -9.05
CA LEU C 1058 3.77 -4.12 -8.63
C LEU C 1058 3.18 -3.25 -7.54
N TYR C 1059 3.93 -3.01 -6.47
CA TYR C 1059 3.38 -2.16 -5.41
C TYR C 1059 3.22 -0.73 -5.89
N THR C 1060 4.16 -0.25 -6.71
CA THR C 1060 4.02 1.09 -7.24
C THR C 1060 2.69 1.24 -7.96
N GLN C 1061 2.42 0.32 -8.87
CA GLN C 1061 1.20 0.38 -9.67
C GLN C 1061 -0.04 0.31 -8.80
N LEU C 1062 -0.02 -0.54 -7.79
CA LEU C 1062 -1.22 -0.58 -6.97
C LEU C 1062 -1.41 0.72 -6.21
N CYS C 1063 -0.31 1.36 -5.82
CA CYS C 1063 -0.45 2.70 -5.27
C CYS C 1063 -1.02 3.64 -6.32
N PHE C 1064 -0.62 3.46 -7.57
CA PHE C 1064 -1.07 4.36 -8.62
C PHE C 1064 -2.58 4.28 -8.81
N TYR C 1065 -3.13 3.07 -8.79
CA TYR C 1065 -4.58 2.95 -8.77
C TYR C 1065 -5.14 3.65 -7.55
N ARG C 1066 -4.79 3.19 -6.35
CA ARG C 1066 -5.42 3.73 -5.16
C ARG C 1066 -5.31 5.24 -5.10
N TYR C 1067 -4.38 5.81 -5.88
CA TYR C 1067 -4.25 7.25 -5.92
C TYR C 1067 -5.49 7.92 -6.47
N ILE C 1068 -5.88 7.57 -7.70
CA ILE C 1068 -6.85 8.39 -8.42
C ILE C 1068 -8.29 8.10 -8.08
N PHE C 1069 -8.56 7.20 -7.13
CA PHE C 1069 -9.92 6.95 -6.68
C PHE C 1069 -10.17 7.49 -5.27
N ASP C 1070 -9.21 8.18 -4.68
CA ASP C 1070 -9.36 8.60 -3.30
C ASP C 1070 -9.36 10.11 -3.22
N ALA C 1071 -10.19 10.73 -4.05
CA ALA C 1071 -10.16 12.18 -4.25
C ALA C 1071 -10.06 12.94 -2.94
N GLU C 1072 -10.64 12.40 -1.87
CA GLU C 1072 -10.71 13.11 -0.60
C GLU C 1072 -9.37 13.76 -0.23
N CYS C 1073 -8.29 13.01 -0.35
CA CYS C 1073 -6.97 13.54 -0.04
C CYS C 1073 -6.65 14.77 -0.89
N ALA C 1074 -6.62 14.58 -2.20
CA ALA C 1074 -6.24 15.67 -3.09
C ALA C 1074 -7.16 16.87 -2.90
N LEU C 1075 -8.41 16.62 -2.52
CA LEU C 1075 -9.30 17.72 -2.18
C LEU C 1075 -8.81 18.46 -0.95
N GLU C 1076 -8.42 17.72 0.08
CA GLU C 1076 -7.96 18.36 1.31
C GLU C 1076 -6.69 19.15 1.10
N LYS C 1077 -5.75 18.62 0.31
CA LYS C 1077 -4.49 19.30 0.10
C LYS C 1077 -4.60 20.60 -0.71
N LEU C 1078 -5.80 20.97 -1.15
CA LEU C 1078 -5.93 22.12 -2.04
C LEU C 1078 -5.82 23.43 -1.26
N THR C 1079 -5.18 24.42 -1.87
CA THR C 1079 -4.82 25.64 -1.14
C THR C 1079 -5.98 26.62 -1.09
N THR C 1080 -6.42 27.11 -2.25
CA THR C 1080 -7.28 28.29 -2.29
C THR C 1080 -8.65 27.98 -1.68
N ASP C 1081 -9.04 28.80 -0.72
CA ASP C 1081 -10.33 28.62 -0.05
C ASP C 1081 -11.48 28.60 -1.06
N HIS C 1082 -11.63 29.69 -1.81
CA HIS C 1082 -12.83 29.89 -2.60
C HIS C 1082 -13.02 28.80 -3.65
N GLU C 1083 -11.92 28.37 -4.28
CA GLU C 1083 -12.01 27.26 -5.24
C GLU C 1083 -12.61 26.02 -4.59
N LYS C 1084 -12.05 25.62 -3.45
CA LYS C 1084 -12.56 24.48 -2.71
C LYS C 1084 -14.04 24.62 -2.43
N ASP C 1085 -14.42 25.73 -1.79
CA ASP C 1085 -15.80 25.91 -1.40
C ASP C 1085 -16.73 25.88 -2.60
N LYS C 1086 -16.33 26.54 -3.69
CA LYS C 1086 -17.20 26.62 -4.85
C LYS C 1086 -17.38 25.25 -5.50
N LEU C 1087 -16.30 24.50 -5.68
CA LEU C 1087 -16.44 23.20 -6.32
C LEU C 1087 -17.28 22.26 -5.45
N LYS C 1088 -17.05 22.29 -4.14
CA LYS C 1088 -17.83 21.43 -3.26
C LYS C 1088 -19.30 21.80 -3.32
N LYS C 1089 -19.59 23.10 -3.24
CA LYS C 1089 -20.94 23.58 -3.49
C LYS C 1089 -21.47 23.06 -4.81
N GLN C 1090 -20.60 22.97 -5.81
CA GLN C 1090 -21.04 22.56 -7.13
C GLN C 1090 -21.53 21.13 -7.14
N PHE C 1091 -20.59 20.17 -7.00
CA PHE C 1091 -20.96 18.80 -7.35
C PHE C 1091 -20.35 17.71 -6.49
N PHE C 1092 -20.12 17.94 -5.21
CA PHE C 1092 -19.67 16.86 -4.35
C PHE C 1092 -20.78 16.51 -3.38
N THR C 1093 -21.69 15.69 -3.86
CA THR C 1093 -22.78 15.11 -3.10
C THR C 1093 -22.23 14.07 -2.14
N PRO C 1094 -23.08 13.47 -1.34
CA PRO C 1094 -22.70 12.20 -0.72
C PRO C 1094 -22.64 11.07 -1.75
N LYS C 1095 -23.43 11.17 -2.81
CA LYS C 1095 -23.49 10.10 -3.80
C LYS C 1095 -22.17 9.93 -4.54
N VAL C 1096 -21.72 10.98 -5.22
CA VAL C 1096 -20.48 10.93 -5.99
C VAL C 1096 -19.33 10.47 -5.11
N LEU C 1097 -19.16 11.16 -3.99
CA LEU C 1097 -18.18 10.77 -3.00
C LEU C 1097 -18.28 9.29 -2.72
N GLN C 1098 -19.47 8.81 -2.37
CA GLN C 1098 -19.66 7.42 -1.98
C GLN C 1098 -19.21 6.47 -3.07
N ASP C 1099 -19.41 6.85 -4.33
CA ASP C 1099 -19.02 5.95 -5.40
C ASP C 1099 -17.50 5.86 -5.52
N TYR C 1100 -16.84 7.02 -5.48
CA TYR C 1100 -15.39 7.00 -5.36
C TYR C 1100 -14.99 6.08 -4.24
N ARG C 1101 -15.46 6.41 -3.03
CA ARG C 1101 -15.22 5.62 -1.84
C ARG C 1101 -15.30 4.13 -2.15
N LYS C 1102 -16.35 3.73 -2.87
CA LYS C 1102 -16.56 2.31 -3.15
C LYS C 1102 -15.40 1.72 -3.94
N LEU C 1103 -15.08 2.34 -5.07
CA LEU C 1103 -14.06 1.74 -5.93
C LEU C 1103 -12.67 1.83 -5.32
N LYS C 1104 -12.33 3.00 -4.79
CA LYS C 1104 -11.10 3.16 -4.03
C LYS C 1104 -10.96 2.09 -2.97
N ASN C 1105 -12.04 1.84 -2.24
CA ASN C 1105 -12.04 0.81 -1.21
C ASN C 1105 -11.69 -0.54 -1.80
N THR C 1106 -12.30 -0.89 -2.93
CA THR C 1106 -11.97 -2.16 -3.57
C THR C 1106 -10.48 -2.26 -3.82
N ALA C 1107 -9.91 -1.23 -4.44
CA ALA C 1107 -8.48 -1.25 -4.72
C ALA C 1107 -7.67 -1.44 -3.45
N GLU C 1108 -7.79 -0.47 -2.54
CA GLU C 1108 -6.95 -0.46 -1.34
C GLU C 1108 -7.02 -1.77 -0.58
N GLN C 1109 -8.23 -2.27 -0.32
CA GLN C 1109 -8.28 -3.56 0.36
C GLN C 1109 -7.60 -4.62 -0.47
N PHE C 1110 -7.68 -4.52 -1.81
CA PHE C 1110 -7.17 -5.65 -2.56
C PHE C 1110 -5.64 -5.70 -2.56
N LEU C 1111 -4.95 -4.59 -2.31
CA LEU C 1111 -3.50 -4.68 -2.12
C LEU C 1111 -3.15 -4.92 -0.66
N SER C 1112 -3.73 -4.15 0.24
CA SER C 1112 -3.41 -4.36 1.63
C SER C 1112 -3.87 -5.72 2.11
N ARG C 1113 -4.51 -6.50 1.24
CA ARG C 1113 -4.91 -7.85 1.57
C ARG C 1113 -3.76 -8.54 2.27
N SER C 1114 -2.70 -8.83 1.53
CA SER C 1114 -1.45 -9.16 2.16
C SER C 1114 -0.26 -9.21 1.21
N GLY C 1115 0.47 -8.11 1.00
CA GLY C 1115 1.79 -8.38 0.50
C GLY C 1115 2.94 -7.62 1.11
N TYR C 1116 2.74 -6.34 1.30
CA TYR C 1116 3.92 -5.51 1.30
C TYR C 1116 3.90 -4.36 2.28
N SER C 1117 2.75 -3.85 2.68
CA SER C 1117 2.76 -2.69 3.54
C SER C 1117 3.21 -3.03 4.95
N GLU C 1118 3.27 -4.31 5.28
CA GLU C 1118 3.62 -4.76 6.61
C GLU C 1118 5.12 -4.97 6.74
N VAL C 1119 5.63 -4.73 7.94
CA VAL C 1119 7.00 -5.08 8.27
C VAL C 1119 6.95 -5.67 9.68
N ASN C 1120 7.13 -6.99 9.77
CA ASN C 1120 6.87 -7.70 11.01
C ASN C 1120 7.92 -7.37 12.05
N LEU C 1121 7.66 -6.36 12.88
CA LEU C 1121 8.66 -5.93 13.85
C LEU C 1121 9.11 -7.08 14.75
N SER C 1122 8.20 -8.01 15.05
CA SER C 1122 8.54 -9.11 15.94
C SER C 1122 9.63 -10.03 15.40
N LYS C 1123 10.03 -9.86 14.15
CA LYS C 1123 11.20 -10.55 13.62
C LYS C 1123 12.32 -9.59 13.31
N LEU C 1124 12.13 -8.30 13.55
CA LEU C 1124 13.10 -7.31 13.14
C LEU C 1124 13.96 -6.82 14.29
N PHE C 1125 13.65 -7.20 15.53
CA PHE C 1125 14.42 -6.73 16.68
C PHE C 1125 14.81 -7.86 17.60
N ALA C 1126 14.77 -9.11 17.12
CA ALA C 1126 15.08 -10.26 17.95
C ALA C 1126 16.58 -10.47 18.05
N ALA D 155 -35.33 -19.05 -24.54
CA ALA D 155 -35.12 -19.02 -25.98
C ALA D 155 -33.69 -19.42 -26.34
N THR D 156 -32.95 -18.50 -26.97
CA THR D 156 -31.58 -18.80 -27.37
C THR D 156 -30.68 -19.28 -26.23
N PRO D 157 -30.86 -18.87 -24.98
CA PRO D 157 -30.13 -19.57 -23.90
C PRO D 157 -30.61 -21.00 -23.77
N SER D 158 -29.66 -21.93 -23.81
CA SER D 158 -29.90 -23.35 -23.55
C SER D 158 -30.86 -24.00 -24.54
N GLN D 159 -31.25 -23.28 -25.58
CA GLN D 159 -32.05 -23.88 -26.63
C GLN D 159 -31.37 -25.14 -27.15
N LYS D 160 -30.14 -24.98 -27.64
CA LYS D 160 -29.33 -26.12 -28.04
C LYS D 160 -29.07 -27.07 -26.88
N TYR D 161 -29.25 -26.61 -25.64
CA TYR D 161 -29.00 -27.44 -24.46
C TYR D 161 -30.26 -28.16 -24.01
N ASN D 162 -31.34 -27.41 -23.72
CA ASN D 162 -32.57 -28.00 -23.20
C ASN D 162 -33.11 -29.13 -24.06
N SER D 163 -32.72 -29.21 -25.33
CA SER D 163 -33.20 -30.26 -26.21
C SER D 163 -32.26 -31.45 -26.26
N ARG D 164 -31.54 -31.71 -25.18
CA ARG D 164 -30.66 -32.87 -25.12
C ARG D 164 -31.48 -34.16 -25.09
N SER D 165 -30.88 -35.25 -25.58
CA SER D 165 -31.55 -36.53 -25.73
C SER D 165 -30.80 -37.63 -24.99
N ASN D 166 -30.16 -37.29 -23.88
CA ASN D 166 -29.21 -38.19 -23.25
C ASN D 166 -29.30 -38.20 -21.72
N ARG D 167 -30.26 -37.51 -21.12
CA ARG D 167 -30.30 -37.36 -19.68
C ARG D 167 -30.33 -38.72 -18.98
N GLY D 168 -29.68 -38.80 -17.84
CA GLY D 168 -29.64 -40.00 -17.04
C GLY D 168 -28.95 -41.19 -17.68
N GLU D 169 -28.47 -41.06 -18.91
CA GLU D 169 -27.87 -42.18 -19.61
C GLU D 169 -26.56 -42.57 -18.97
N VAL D 170 -26.47 -43.81 -18.49
CA VAL D 170 -25.22 -44.34 -17.95
C VAL D 170 -24.27 -44.59 -19.13
N VAL D 171 -23.23 -43.78 -19.24
CA VAL D 171 -22.34 -43.82 -20.39
C VAL D 171 -21.10 -44.66 -20.12
N THR D 172 -20.57 -44.61 -18.91
CA THR D 172 -19.40 -45.42 -18.55
C THR D 172 -19.34 -45.53 -17.03
N SER D 173 -18.87 -46.68 -16.57
CA SER D 173 -18.85 -46.99 -15.14
C SER D 173 -17.97 -48.21 -14.95
N PHE D 174 -17.71 -48.54 -13.68
CA PHE D 174 -16.76 -49.60 -13.39
C PHE D 174 -16.86 -50.02 -11.94
N GLY D 175 -16.73 -51.33 -11.70
CA GLY D 175 -16.74 -51.87 -10.36
C GLY D 175 -17.57 -53.13 -10.25
N LEU D 176 -18.30 -53.27 -9.14
CA LEU D 176 -19.23 -54.38 -8.97
C LEU D 176 -20.52 -54.05 -9.71
N ALA D 177 -21.56 -54.85 -9.50
CA ALA D 177 -22.84 -54.63 -10.15
C ALA D 177 -23.67 -53.65 -9.32
N GLN D 178 -24.11 -52.56 -9.94
CA GLN D 178 -24.95 -51.59 -9.27
C GLN D 178 -25.97 -51.02 -10.25
N GLY D 179 -27.18 -50.80 -9.76
CA GLY D 179 -28.32 -50.46 -10.59
C GLY D 179 -28.43 -48.99 -10.90
N VAL D 180 -29.67 -48.56 -11.19
CA VAL D 180 -29.96 -47.21 -11.62
C VAL D 180 -30.38 -46.35 -10.43
N SER D 181 -31.41 -46.79 -9.72
CA SER D 181 -32.03 -45.94 -8.69
C SER D 181 -31.10 -45.81 -7.49
N TRP D 182 -29.98 -45.14 -7.69
CA TRP D 182 -29.04 -44.94 -6.60
C TRP D 182 -29.67 -44.08 -5.52
N SER D 183 -29.42 -44.45 -4.26
CA SER D 183 -30.03 -43.77 -3.13
C SER D 183 -29.17 -43.97 -1.88
N GLY D 184 -29.29 -43.02 -0.95
CA GLY D 184 -28.55 -43.06 0.29
C GLY D 184 -29.39 -42.53 1.43
N ARG D 185 -28.77 -42.46 2.61
CA ARG D 185 -29.46 -42.10 3.84
C ARG D 185 -29.56 -40.60 4.05
N GLY D 186 -29.41 -39.80 3.00
CA GLY D 186 -29.46 -38.37 3.18
C GLY D 186 -28.38 -37.90 4.14
N GLY D 187 -28.77 -37.50 5.34
CA GLY D 187 -27.82 -37.09 6.36
C GLY D 187 -28.02 -37.86 7.65
N ALA D 188 -28.40 -39.12 7.52
CA ALA D 188 -28.83 -39.93 8.66
C ALA D 188 -27.63 -40.32 9.51
N GLY D 189 -27.41 -39.58 10.60
CA GLY D 189 -26.53 -40.06 11.64
C GLY D 189 -25.07 -40.20 11.26
N ASN D 190 -24.63 -41.43 11.06
CA ASN D 190 -23.22 -41.75 10.89
C ASN D 190 -22.73 -41.14 9.58
N ILE D 191 -22.11 -39.96 9.67
CA ILE D 191 -21.49 -39.30 8.53
C ILE D 191 -20.09 -38.91 8.96
N SER D 192 -19.11 -39.78 8.70
CA SER D 192 -17.74 -39.49 9.08
C SER D 192 -17.13 -38.51 8.09
N LEU D 193 -16.60 -37.40 8.61
CA LEU D 193 -16.09 -36.34 7.74
C LEU D 193 -15.04 -35.54 8.49
N LYS D 194 -13.87 -35.38 7.86
CA LYS D 194 -12.84 -34.53 8.46
C LYS D 194 -11.78 -34.20 7.43
N VAL D 195 -11.22 -32.98 7.51
CA VAL D 195 -10.15 -32.55 6.64
C VAL D 195 -8.83 -32.70 7.39
N LEU D 196 -8.13 -33.80 7.10
CA LEU D 196 -7.05 -34.25 7.95
C LEU D 196 -5.81 -33.38 7.76
N GLY D 197 -4.71 -33.82 8.35
CA GLY D 197 -3.41 -33.29 8.01
C GLY D 197 -2.46 -33.08 9.18
N CYS D 198 -1.25 -33.61 9.04
CA CYS D 198 -0.13 -33.20 9.86
C CYS D 198 0.36 -31.87 9.30
N PRO D 199 0.43 -31.71 7.98
CA PRO D 199 0.39 -30.36 7.42
C PRO D 199 -1.02 -29.81 7.55
N GLU D 200 -1.11 -28.56 8.00
CA GLU D 200 -2.39 -27.93 8.29
C GLU D 200 -3.26 -27.91 7.04
N ALA D 201 -4.54 -27.58 7.18
CA ALA D 201 -5.48 -27.67 6.07
C ALA D 201 -5.92 -26.29 5.56
N LEU D 202 -5.08 -25.28 5.76
CA LEU D 202 -5.30 -23.95 5.19
C LEU D 202 -6.62 -23.35 5.69
N THR D 203 -6.66 -23.10 6.99
CA THR D 203 -7.78 -22.37 7.56
C THR D 203 -7.88 -20.97 6.98
N GLY D 204 -6.86 -20.14 7.20
CA GLY D 204 -6.91 -18.74 6.85
C GLY D 204 -6.42 -18.46 5.46
N SER D 205 -6.02 -17.21 5.24
CA SER D 205 -5.48 -16.77 3.97
C SER D 205 -3.95 -16.72 4.07
N TYR D 206 -3.30 -16.40 2.96
CA TYR D 206 -1.86 -16.20 2.97
C TYR D 206 -1.54 -14.86 3.58
N LYS D 207 -0.28 -14.49 3.49
CA LYS D 207 0.11 -13.11 3.72
C LYS D 207 1.09 -12.65 2.66
N SER D 208 0.95 -13.15 1.43
CA SER D 208 2.01 -13.01 0.45
C SER D 208 1.51 -12.41 -0.86
N MET D 209 2.25 -11.41 -1.33
CA MET D 209 2.16 -10.89 -2.67
C MET D 209 3.53 -10.82 -3.32
N PHE D 210 4.60 -11.05 -2.57
CA PHE D 210 5.98 -10.91 -3.04
C PHE D 210 6.80 -12.07 -2.51
N GLN D 211 7.76 -12.51 -3.30
CA GLN D 211 8.61 -13.61 -2.91
C GLN D 211 9.96 -13.09 -2.43
N LYS D 212 10.86 -14.03 -2.15
CA LYS D 212 12.25 -13.72 -1.84
C LYS D 212 13.10 -14.79 -2.50
N LEU D 213 13.98 -14.39 -3.39
CA LEU D 213 14.56 -15.34 -4.33
C LEU D 213 15.24 -16.51 -3.64
N PRO D 214 16.33 -16.31 -2.90
CA PRO D 214 17.13 -17.46 -2.46
C PRO D 214 16.34 -18.49 -1.68
N ASP D 215 15.23 -18.08 -1.06
CA ASP D 215 14.43 -19.06 -0.35
C ASP D 215 13.68 -19.98 -1.31
N ILE D 216 13.42 -19.52 -2.53
CA ILE D 216 12.94 -20.45 -3.54
C ILE D 216 13.92 -21.59 -3.68
N ARG D 217 15.16 -21.27 -4.05
CA ARG D 217 16.26 -22.21 -4.10
C ARG D 217 16.23 -23.10 -2.89
N GLU D 218 16.02 -22.50 -1.72
CA GLU D 218 15.92 -23.29 -0.50
C GLU D 218 14.84 -24.36 -0.61
N VAL D 219 13.68 -23.99 -1.14
CA VAL D 219 12.54 -24.91 -1.12
C VAL D 219 12.71 -25.99 -2.17
N LEU D 220 13.07 -25.60 -3.38
CA LEU D 220 13.54 -26.57 -4.36
C LEU D 220 14.49 -27.57 -3.72
N THR D 221 15.51 -27.07 -3.03
CA THR D 221 16.51 -27.90 -2.41
C THR D 221 15.87 -28.90 -1.46
N CYS D 222 15.26 -28.37 -0.38
CA CYS D 222 14.65 -29.22 0.63
C CYS D 222 13.80 -30.31 -0.01
N LYS D 223 13.01 -29.97 -1.01
CA LYS D 223 12.28 -30.98 -1.76
C LYS D 223 13.21 -32.06 -2.27
N ILE D 224 14.20 -31.65 -3.07
CA ILE D 224 15.10 -32.61 -3.70
C ILE D 224 15.74 -33.51 -2.66
N GLU D 225 16.27 -32.89 -1.60
CA GLU D 225 16.99 -33.63 -0.59
C GLU D 225 16.08 -34.64 0.07
N GLU D 226 15.03 -34.17 0.77
CA GLU D 226 14.17 -35.09 1.50
C GLU D 226 13.72 -36.25 0.64
N LEU D 227 13.26 -35.95 -0.58
CA LEU D 227 12.80 -37.02 -1.45
C LEU D 227 13.91 -38.01 -1.72
N GLY D 228 15.07 -37.52 -2.16
CA GLY D 228 16.17 -38.41 -2.46
C GLY D 228 16.51 -39.30 -1.28
N SER D 229 16.60 -38.71 -0.10
CA SER D 229 16.97 -39.49 1.08
C SER D 229 15.97 -40.59 1.35
N GLU D 230 14.68 -40.24 1.37
CA GLU D 230 13.67 -41.24 1.66
C GLU D 230 13.68 -42.35 0.62
N LEU D 231 14.05 -42.03 -0.61
CA LEU D 231 14.12 -43.07 -1.62
C LEU D 231 15.34 -43.96 -1.41
N LYS D 232 16.50 -43.33 -1.23
CA LYS D 232 17.75 -44.07 -1.05
C LYS D 232 17.66 -45.03 0.11
N GLU D 233 16.96 -44.64 1.17
CA GLU D 233 16.73 -45.54 2.29
C GLU D 233 16.25 -46.90 1.80
N HIS D 234 15.11 -46.91 1.12
CA HIS D 234 14.61 -48.18 0.59
C HIS D 234 15.54 -48.78 -0.44
N TYR D 235 16.25 -47.95 -1.19
CA TYR D 235 16.87 -48.44 -2.41
C TYR D 235 18.30 -48.95 -2.22
N LYS D 236 18.82 -48.94 -0.99
CA LYS D 236 20.08 -49.60 -0.63
C LYS D 236 21.15 -49.41 -1.69
N ILE D 237 21.50 -48.15 -1.93
CA ILE D 237 22.60 -47.79 -2.80
C ILE D 237 23.54 -46.90 -2.00
N GLU D 238 24.81 -46.88 -2.39
CA GLU D 238 25.82 -46.36 -1.48
C GLU D 238 25.87 -44.83 -1.49
N ALA D 239 26.24 -44.24 -2.61
CA ALA D 239 26.49 -42.80 -2.61
C ALA D 239 26.58 -42.31 -4.04
N PHE D 240 26.28 -41.03 -4.21
CA PHE D 240 26.25 -40.39 -5.52
C PHE D 240 27.50 -39.55 -5.69
N THR D 241 27.54 -38.75 -6.75
CA THR D 241 28.78 -38.16 -7.18
C THR D 241 28.66 -36.65 -7.38
N PRO D 242 29.59 -35.86 -6.84
CA PRO D 242 29.75 -34.48 -7.32
C PRO D 242 29.82 -34.47 -8.84
N LEU D 243 28.91 -33.77 -9.48
CA LEU D 243 28.59 -34.04 -10.87
C LEU D 243 29.67 -33.61 -11.84
N LEU D 244 30.90 -33.24 -11.46
CA LEU D 244 31.86 -32.81 -12.45
C LEU D 244 33.23 -33.41 -12.20
N ALA D 245 33.26 -34.69 -11.80
CA ALA D 245 34.51 -35.44 -11.67
C ALA D 245 34.41 -36.64 -12.61
N PRO D 246 34.67 -36.43 -13.90
CA PRO D 246 34.42 -37.50 -14.88
C PRO D 246 35.28 -38.73 -14.60
N ALA D 247 34.63 -39.89 -14.64
CA ALA D 247 35.31 -41.14 -14.33
C ALA D 247 34.54 -42.32 -14.91
N GLN D 248 35.18 -43.10 -15.78
CA GLN D 248 34.51 -44.10 -16.61
C GLN D 248 34.27 -45.36 -15.78
N GLU D 249 33.16 -45.38 -15.06
CA GLU D 249 32.70 -46.51 -14.26
C GLU D 249 31.19 -46.46 -14.20
N PRO D 250 30.52 -47.43 -13.57
CA PRO D 250 29.14 -47.20 -13.15
C PRO D 250 29.09 -46.13 -12.08
N VAL D 251 28.16 -45.19 -12.24
CA VAL D 251 28.06 -44.06 -11.33
C VAL D 251 26.61 -43.61 -11.24
N THR D 252 26.09 -43.52 -10.01
CA THR D 252 24.69 -43.21 -9.76
C THR D 252 24.55 -41.75 -9.35
N LEU D 253 23.62 -41.04 -9.98
CA LEU D 253 23.45 -39.63 -9.76
C LEU D 253 22.03 -39.31 -9.30
N LEU D 254 21.91 -38.19 -8.58
CA LEU D 254 20.64 -37.66 -8.12
C LEU D 254 20.45 -36.27 -8.69
N GLY D 255 19.23 -35.95 -9.10
CA GLY D 255 18.98 -34.59 -9.55
C GLY D 255 17.53 -34.38 -9.92
N GLN D 256 17.29 -33.25 -10.59
CA GLN D 256 15.98 -32.95 -11.13
C GLN D 256 16.13 -32.47 -12.56
N ILE D 257 15.12 -32.77 -13.39
CA ILE D 257 15.19 -32.60 -14.82
C ILE D 257 14.60 -31.26 -15.21
N GLY D 258 15.15 -30.65 -16.25
CA GLY D 258 14.68 -29.35 -16.68
C GLY D 258 14.98 -29.08 -18.13
N CYS D 259 14.37 -28.01 -18.63
CA CYS D 259 14.56 -27.54 -19.98
C CYS D 259 15.80 -26.67 -20.06
N ASP D 260 16.53 -26.79 -21.17
CA ASP D 260 17.63 -25.87 -21.41
C ASP D 260 17.12 -24.56 -21.99
N SER D 261 16.08 -24.63 -22.81
CA SER D 261 15.65 -23.49 -23.61
C SER D 261 14.32 -22.94 -23.10
N ASN D 262 13.80 -21.95 -23.81
CA ASN D 262 12.63 -21.21 -23.35
C ASN D 262 11.47 -22.14 -23.03
N GLY D 263 10.98 -22.86 -24.03
CA GLY D 263 9.71 -23.54 -23.91
C GLY D 263 9.77 -25.04 -23.74
N LYS D 264 9.24 -25.77 -24.72
CA LYS D 264 8.98 -27.19 -24.58
C LYS D 264 10.30 -27.97 -24.71
N LEU D 265 10.20 -29.27 -24.92
CA LEU D 265 11.33 -30.18 -24.88
C LEU D 265 11.41 -30.99 -26.18
N ASN D 266 12.26 -32.01 -26.15
CA ASN D 266 12.48 -32.96 -27.23
C ASN D 266 12.86 -34.28 -26.56
N ASN D 267 13.51 -35.17 -27.29
CA ASN D 267 14.24 -36.25 -26.63
C ASN D 267 15.74 -36.01 -26.65
N LYS D 268 16.17 -34.78 -26.90
CA LYS D 268 17.59 -34.48 -27.00
C LYS D 268 17.95 -33.14 -26.36
N SER D 269 17.19 -32.69 -25.39
CA SER D 269 17.62 -31.48 -24.71
C SER D 269 17.34 -31.50 -23.21
N VAL D 270 17.11 -32.68 -22.63
CA VAL D 270 16.94 -32.76 -21.19
C VAL D 270 18.21 -32.25 -20.54
N ILE D 271 18.08 -31.48 -19.47
CA ILE D 271 19.25 -31.06 -18.72
C ILE D 271 18.99 -31.38 -17.26
N LEU D 272 20.07 -31.58 -16.52
CA LEU D 272 19.97 -32.00 -15.14
C LEU D 272 20.49 -30.89 -14.23
N GLU D 273 19.94 -30.81 -13.03
CA GLU D 273 20.53 -29.95 -12.02
C GLU D 273 20.45 -30.66 -10.67
N GLY D 274 21.46 -30.41 -9.84
CA GLY D 274 21.62 -31.12 -8.59
C GLY D 274 21.27 -30.26 -7.39
N ASP D 275 21.34 -30.89 -6.22
CA ASP D 275 20.89 -30.21 -5.01
C ASP D 275 21.87 -29.11 -4.63
N ARG D 276 21.62 -28.50 -3.48
CA ARG D 276 22.57 -27.53 -2.96
C ARG D 276 23.84 -28.22 -2.47
N GLU D 277 23.69 -29.36 -1.79
CA GLU D 277 24.80 -29.96 -1.06
C GLU D 277 25.46 -31.13 -1.80
N HIS D 278 24.68 -32.16 -2.14
CA HIS D 278 25.27 -33.45 -2.50
C HIS D 278 26.30 -33.30 -3.61
N SER D 279 26.08 -32.37 -4.53
CA SER D 279 27.01 -32.22 -5.65
C SER D 279 27.30 -30.75 -5.93
N SER D 280 27.41 -29.95 -4.88
CA SER D 280 27.91 -28.58 -4.98
C SER D 280 27.01 -27.68 -5.82
N GLY D 281 25.90 -28.19 -6.33
CA GLY D 281 24.98 -27.31 -7.00
C GLY D 281 25.43 -26.78 -8.35
N ALA D 282 25.43 -27.60 -9.39
CA ALA D 282 25.65 -27.11 -10.74
C ALA D 282 24.85 -27.95 -11.72
N GLN D 283 24.99 -27.64 -13.00
CA GLN D 283 24.21 -28.28 -14.04
C GLN D 283 25.10 -29.01 -15.04
N ILE D 284 24.52 -29.99 -15.71
CA ILE D 284 25.21 -30.78 -16.73
C ILE D 284 24.22 -31.20 -17.80
N PRO D 285 24.55 -31.06 -19.07
CA PRO D 285 23.68 -31.60 -20.12
C PRO D 285 23.65 -33.12 -20.05
N VAL D 286 22.71 -33.70 -20.81
CA VAL D 286 22.41 -35.12 -20.74
C VAL D 286 22.06 -35.61 -22.13
N ASP D 287 21.85 -36.91 -22.24
CA ASP D 287 20.97 -37.50 -23.25
C ASP D 287 20.79 -38.96 -22.88
N LEU D 288 19.81 -39.59 -23.54
CA LEU D 288 19.37 -40.93 -23.16
C LEU D 288 19.25 -41.85 -24.37
N SER D 289 19.72 -41.42 -25.55
CA SER D 289 19.56 -42.21 -26.75
C SER D 289 19.88 -43.67 -26.52
N GLU D 290 21.03 -43.94 -25.88
CA GLU D 290 21.40 -45.33 -25.61
C GLU D 290 20.39 -46.03 -24.72
N LEU D 291 19.72 -45.29 -23.85
CA LEU D 291 18.81 -45.90 -22.90
C LEU D 291 17.54 -46.36 -23.63
N LYS D 292 16.65 -47.03 -22.91
CA LYS D 292 15.55 -47.74 -23.53
C LYS D 292 14.19 -47.09 -23.26
N GLU D 293 13.80 -46.91 -22.00
CA GLU D 293 12.42 -46.54 -21.69
C GLU D 293 12.38 -45.59 -20.51
N TYR D 294 11.74 -44.45 -20.70
CA TYR D 294 11.74 -43.40 -19.71
C TYR D 294 10.46 -42.59 -19.81
N SER D 295 10.32 -41.65 -18.89
CA SER D 295 9.23 -40.68 -18.92
C SER D 295 9.66 -39.52 -18.04
N LEU D 296 9.85 -38.36 -18.63
CA LEU D 296 10.35 -37.22 -17.88
C LEU D 296 9.53 -35.98 -18.19
N PHE D 297 9.66 -35.01 -17.31
CA PHE D 297 8.98 -33.74 -17.41
C PHE D 297 9.52 -32.83 -16.31
N PRO D 298 9.49 -31.53 -16.51
CA PRO D 298 10.15 -30.62 -15.58
C PRO D 298 9.63 -30.76 -14.15
N GLY D 299 10.40 -30.21 -13.23
CA GLY D 299 10.09 -30.28 -11.82
C GLY D 299 10.37 -31.63 -11.19
N GLN D 300 10.39 -32.67 -12.01
CA GLN D 300 10.44 -34.04 -11.52
C GLN D 300 11.84 -34.36 -11.00
N VAL D 301 11.94 -34.84 -9.75
CA VAL D 301 13.21 -35.25 -9.18
C VAL D 301 13.40 -36.74 -9.40
N VAL D 302 14.62 -37.17 -9.69
CA VAL D 302 14.85 -38.57 -10.01
C VAL D 302 16.31 -38.93 -9.80
N ILE D 303 16.54 -40.21 -9.64
CA ILE D 303 17.85 -40.84 -9.67
C ILE D 303 18.09 -41.33 -11.08
N MET D 304 19.36 -41.40 -11.48
CA MET D 304 19.74 -41.85 -12.80
C MET D 304 21.08 -42.56 -12.72
N GLU D 305 21.45 -43.25 -13.80
CA GLU D 305 22.78 -43.85 -13.88
C GLU D 305 23.30 -43.76 -15.30
N GLY D 306 24.54 -43.29 -15.44
CA GLY D 306 25.22 -43.19 -16.71
C GLY D 306 26.72 -43.35 -16.63
N ILE D 307 27.43 -42.81 -17.62
CA ILE D 307 28.88 -42.89 -17.71
C ILE D 307 29.42 -41.51 -18.08
N ASN D 308 30.16 -40.89 -17.17
CA ASN D 308 30.64 -39.51 -17.33
C ASN D 308 32.04 -39.54 -17.93
N THR D 309 32.13 -39.32 -19.24
CA THR D 309 33.44 -39.31 -19.89
C THR D 309 34.11 -37.96 -19.76
N THR D 310 33.51 -36.93 -20.34
CA THR D 310 34.18 -35.64 -20.51
C THR D 310 34.02 -34.73 -19.30
N GLY D 311 33.10 -35.04 -18.39
CA GLY D 311 32.78 -34.11 -17.32
C GLY D 311 31.60 -33.23 -17.64
N ARG D 312 31.69 -32.43 -18.69
CA ARG D 312 30.60 -31.56 -19.09
C ARG D 312 29.64 -32.26 -20.05
N LYS D 313 29.59 -33.58 -20.01
CA LYS D 313 28.66 -34.34 -20.82
C LYS D 313 28.49 -35.70 -20.15
N LEU D 314 27.43 -36.40 -20.53
CA LEU D 314 27.21 -37.75 -20.02
C LEU D 314 26.24 -38.43 -20.97
N VAL D 315 26.11 -39.75 -20.80
CA VAL D 315 25.12 -40.53 -21.53
C VAL D 315 24.52 -41.53 -20.55
N ALA D 316 23.21 -41.70 -20.64
CA ALA D 316 22.51 -42.48 -19.64
C ALA D 316 22.78 -43.97 -19.80
N THR D 317 22.52 -44.70 -18.74
CA THR D 317 22.56 -46.15 -18.73
C THR D 317 21.28 -46.76 -18.16
N LYS D 318 20.68 -46.13 -17.16
CA LYS D 318 19.49 -46.70 -16.54
C LYS D 318 18.77 -45.64 -15.71
N LEU D 319 17.49 -45.90 -15.46
CA LEU D 319 16.61 -44.99 -14.75
C LEU D 319 15.77 -45.81 -13.78
N TYR D 320 16.20 -45.83 -12.52
CA TYR D 320 15.47 -46.58 -11.50
C TYR D 320 14.11 -45.95 -11.27
N GLU D 321 13.21 -46.73 -10.70
CA GLU D 321 11.80 -46.39 -10.69
C GLU D 321 11.41 -45.66 -9.41
N GLY D 322 10.43 -44.76 -9.55
CA GLY D 322 9.86 -44.09 -8.41
C GLY D 322 9.14 -45.02 -7.47
N VAL D 323 8.62 -44.49 -6.36
CA VAL D 323 8.01 -45.30 -5.31
C VAL D 323 6.86 -44.55 -4.68
N PRO D 324 5.73 -45.21 -4.41
CA PRO D 324 4.67 -44.59 -3.63
C PRO D 324 4.78 -44.93 -2.15
N LEU D 325 4.28 -44.01 -1.33
CA LEU D 325 4.22 -44.27 0.09
C LEU D 325 3.00 -45.12 0.41
N PRO D 326 3.01 -45.84 1.53
CA PRO D 326 1.82 -46.60 1.90
C PRO D 326 0.72 -45.67 2.37
N PHE D 327 -0.50 -45.96 1.93
CA PHE D 327 -1.62 -45.10 2.21
C PHE D 327 -1.96 -45.13 3.69
N TYR D 328 -3.00 -44.40 4.07
CA TYR D 328 -3.46 -44.45 5.44
C TYR D 328 -3.94 -45.87 5.75
N GLN D 329 -3.41 -46.43 6.84
CA GLN D 329 -3.85 -47.73 7.34
C GLN D 329 -4.67 -47.51 8.61
N PRO D 330 -5.95 -47.29 8.47
CA PRO D 330 -6.74 -46.75 9.56
C PRO D 330 -7.04 -47.75 10.66
N THR D 331 -7.86 -47.32 11.60
CA THR D 331 -8.22 -48.13 12.75
C THR D 331 -9.11 -49.28 12.33
N GLU D 332 -9.56 -50.06 13.31
CA GLU D 332 -10.51 -51.13 13.06
C GLU D 332 -11.63 -51.12 14.09
N GLU D 333 -12.05 -49.94 14.53
CA GLU D 333 -13.20 -49.80 15.40
C GLU D 333 -14.12 -48.70 14.87
N ASP D 334 -13.55 -47.76 14.12
CA ASP D 334 -14.33 -46.64 13.60
C ASP D 334 -15.06 -47.01 12.32
N ALA D 335 -14.31 -47.33 11.27
CA ALA D 335 -14.87 -47.55 9.94
C ALA D 335 -15.32 -49.00 9.82
N ASP D 336 -16.59 -49.23 10.15
CA ASP D 336 -17.25 -50.53 9.94
C ASP D 336 -18.63 -50.28 9.36
N PHE D 337 -18.69 -49.42 8.36
CA PHE D 337 -19.93 -48.77 7.97
C PHE D 337 -20.53 -49.41 6.71
N GLU D 338 -21.59 -48.80 6.22
CA GLU D 338 -22.48 -49.33 5.20
C GLU D 338 -22.19 -48.69 3.85
N GLN D 339 -23.06 -48.94 2.88
CA GLN D 339 -22.96 -48.33 1.57
C GLN D 339 -23.06 -46.80 1.71
N SER D 340 -22.73 -46.10 0.64
CA SER D 340 -22.70 -44.63 0.69
C SER D 340 -22.57 -44.02 -0.69
N MET D 341 -23.34 -42.97 -0.96
CA MET D 341 -23.37 -42.34 -2.27
C MET D 341 -22.81 -40.92 -2.20
N VAL D 342 -21.86 -40.61 -3.08
CA VAL D 342 -21.37 -39.25 -3.22
C VAL D 342 -21.35 -38.87 -4.69
N LEU D 343 -21.90 -37.71 -5.01
CA LEU D 343 -21.81 -37.13 -6.34
C LEU D 343 -20.96 -35.88 -6.31
N VAL D 344 -20.41 -35.54 -7.47
CA VAL D 344 -19.45 -34.45 -7.61
C VAL D 344 -19.51 -33.97 -9.06
N ALA D 345 -19.25 -32.68 -9.24
CA ALA D 345 -19.19 -32.13 -10.59
C ALA D 345 -18.43 -30.81 -10.56
N CYS D 346 -17.62 -30.59 -11.59
CA CYS D 346 -16.76 -29.43 -11.70
C CYS D 346 -17.50 -28.27 -12.35
N GLY D 347 -16.76 -27.23 -12.72
CA GLY D 347 -17.33 -26.11 -13.46
C GLY D 347 -16.74 -26.04 -14.86
N PRO D 348 -17.16 -25.05 -15.66
CA PRO D 348 -18.07 -23.94 -15.41
C PRO D 348 -19.52 -24.38 -15.37
N TYR D 349 -20.45 -23.43 -15.31
CA TYR D 349 -21.85 -23.71 -15.01
C TYR D 349 -22.79 -23.01 -15.97
N THR D 350 -22.48 -23.08 -17.26
CA THR D 350 -23.38 -22.64 -18.32
C THR D 350 -22.73 -22.93 -19.66
N THR D 351 -23.52 -22.86 -20.71
CA THR D 351 -22.95 -22.66 -22.02
C THR D 351 -22.46 -21.23 -22.11
N SER D 352 -21.27 -21.05 -22.68
CA SER D 352 -20.58 -19.78 -22.53
C SER D 352 -21.18 -18.70 -23.40
N ASP D 353 -22.49 -18.49 -23.28
CA ASP D 353 -23.10 -17.28 -23.81
C ASP D 353 -24.19 -16.69 -22.92
N SER D 354 -24.70 -17.40 -21.93
CA SER D 354 -25.82 -16.95 -21.12
C SER D 354 -25.40 -16.78 -19.67
N ILE D 355 -26.36 -16.35 -18.85
CA ILE D 355 -26.25 -16.45 -17.39
C ILE D 355 -27.57 -17.03 -16.91
N THR D 356 -27.65 -18.34 -16.84
CA THR D 356 -28.85 -19.03 -16.42
C THR D 356 -28.60 -20.08 -15.35
N TYR D 357 -27.49 -20.81 -15.45
CA TYR D 357 -27.21 -21.96 -14.60
C TYR D 357 -28.29 -23.01 -14.71
N ASP D 358 -28.92 -23.08 -15.89
CA ASP D 358 -29.74 -24.22 -16.27
C ASP D 358 -29.12 -25.57 -15.89
N PRO D 359 -27.87 -25.86 -16.24
CA PRO D 359 -27.29 -27.12 -15.79
C PRO D 359 -27.28 -27.25 -14.28
N LEU D 360 -27.09 -26.13 -13.58
CA LEU D 360 -27.18 -26.18 -12.12
C LEU D 360 -28.57 -26.60 -11.69
N LEU D 361 -29.60 -26.13 -12.39
CA LEU D 361 -30.96 -26.55 -12.11
C LEU D 361 -31.11 -28.06 -12.29
N ASP D 362 -30.67 -28.56 -13.45
CA ASP D 362 -30.76 -30.00 -13.69
C ASP D 362 -30.05 -30.77 -12.59
N LEU D 363 -28.86 -30.30 -12.22
CA LEU D 363 -28.11 -30.94 -11.16
C LEU D 363 -28.93 -31.00 -9.89
N ILE D 364 -29.30 -29.84 -9.35
CA ILE D 364 -30.02 -29.80 -8.08
C ILE D 364 -31.30 -30.61 -8.17
N ALA D 365 -31.86 -30.74 -9.37
CA ALA D 365 -33.00 -31.64 -9.54
C ALA D 365 -32.60 -33.07 -9.25
N VAL D 366 -31.56 -33.55 -9.92
CA VAL D 366 -31.05 -34.89 -9.67
C VAL D 366 -30.75 -35.08 -8.19
N ILE D 367 -30.15 -34.06 -7.59
CA ILE D 367 -29.82 -34.09 -6.17
C ILE D 367 -31.06 -34.37 -5.34
N ASN D 368 -32.05 -33.48 -5.44
CA ASN D 368 -33.27 -33.67 -4.67
C ASN D 368 -33.91 -35.00 -4.98
N HIS D 369 -33.67 -35.52 -6.19
CA HIS D 369 -34.24 -36.81 -6.58
C HIS D 369 -33.64 -37.94 -5.77
N ASP D 370 -32.31 -37.99 -5.65
CA ASP D 370 -31.66 -39.23 -5.25
C ASP D 370 -31.14 -39.26 -3.81
N ARG D 371 -31.22 -38.16 -3.07
CA ARG D 371 -30.86 -38.15 -1.65
C ARG D 371 -29.45 -38.69 -1.37
N PRO D 372 -28.40 -37.95 -1.68
CA PRO D 372 -27.04 -38.42 -1.43
C PRO D 372 -26.50 -38.02 -0.05
N ASP D 373 -25.49 -38.77 0.39
CA ASP D 373 -24.85 -38.48 1.67
C ASP D 373 -24.28 -37.07 1.66
N VAL D 374 -23.31 -36.83 0.79
CA VAL D 374 -22.68 -35.53 0.64
C VAL D 374 -22.25 -35.37 -0.81
N CYS D 375 -22.49 -34.19 -1.35
CA CYS D 375 -21.96 -33.87 -2.66
C CYS D 375 -20.91 -32.77 -2.51
N ILE D 376 -20.05 -32.65 -3.52
CA ILE D 376 -19.01 -31.63 -3.55
C ILE D 376 -18.87 -31.14 -4.97
N LEU D 377 -18.83 -29.82 -5.14
CA LEU D 377 -18.98 -29.18 -6.43
C LEU D 377 -17.81 -28.23 -6.65
N PHE D 378 -16.82 -28.68 -7.42
CA PHE D 378 -15.71 -27.81 -7.75
C PHE D 378 -16.21 -26.55 -8.43
N GLY D 379 -15.43 -25.49 -8.33
CA GLY D 379 -15.66 -24.32 -9.14
C GLY D 379 -15.32 -24.63 -10.57
N PRO D 380 -15.04 -23.60 -11.36
CA PRO D 380 -15.12 -22.20 -10.95
C PRO D 380 -16.47 -21.60 -11.33
N PHE D 381 -17.20 -21.12 -10.33
CA PHE D 381 -18.60 -20.76 -10.55
C PHE D 381 -18.77 -19.55 -11.44
N LEU D 382 -17.68 -18.90 -11.86
CA LEU D 382 -17.80 -17.81 -12.82
C LEU D 382 -16.42 -17.67 -13.47
N ASP D 383 -16.26 -18.23 -14.66
CA ASP D 383 -14.96 -18.13 -15.30
C ASP D 383 -14.68 -16.70 -15.71
N ALA D 384 -13.40 -16.39 -15.92
CA ALA D 384 -13.05 -15.11 -16.49
C ALA D 384 -12.90 -15.20 -18.01
N LYS D 385 -12.36 -16.31 -18.50
CA LYS D 385 -12.27 -16.53 -19.94
C LYS D 385 -13.64 -16.79 -20.52
N HIS D 386 -14.67 -16.81 -19.68
CA HIS D 386 -16.05 -16.93 -20.15
C HIS D 386 -16.43 -15.63 -20.84
N GLU D 387 -16.59 -15.70 -22.16
CA GLU D 387 -16.76 -14.54 -23.02
C GLU D 387 -17.72 -13.52 -22.44
N GLN D 388 -18.74 -13.99 -21.74
CA GLN D 388 -19.71 -13.09 -21.17
C GLN D 388 -19.11 -12.11 -20.17
N VAL D 389 -17.87 -12.33 -19.74
CA VAL D 389 -17.25 -11.52 -18.70
C VAL D 389 -16.21 -10.56 -19.28
N GLU D 390 -15.24 -11.09 -20.01
CA GLU D 390 -14.04 -10.31 -20.26
C GLU D 390 -14.22 -9.22 -21.28
N ASN D 391 -15.43 -8.95 -21.74
CA ASN D 391 -15.74 -7.69 -22.38
C ASN D 391 -16.28 -6.68 -21.40
N CYS D 392 -16.24 -6.98 -20.11
CA CYS D 392 -16.77 -6.12 -19.07
C CYS D 392 -18.26 -5.84 -19.30
N LEU D 393 -19.04 -6.91 -19.24
CA LEU D 393 -20.45 -6.85 -19.58
C LEU D 393 -21.36 -6.73 -18.36
N LEU D 394 -21.27 -7.69 -17.43
CA LEU D 394 -22.34 -7.90 -16.47
C LEU D 394 -22.66 -6.62 -15.70
N THR D 395 -23.95 -6.28 -15.68
CA THR D 395 -24.45 -5.10 -14.99
C THR D 395 -24.67 -5.40 -13.51
N SER D 396 -23.58 -5.73 -12.83
CA SER D 396 -23.65 -6.09 -11.42
C SER D 396 -22.24 -6.11 -10.87
N PRO D 397 -22.10 -6.07 -9.57
CA PRO D 397 -20.84 -6.49 -8.95
C PRO D 397 -20.57 -7.96 -9.20
N PHE D 398 -19.54 -8.54 -8.58
CA PHE D 398 -19.19 -9.93 -8.81
C PHE D 398 -19.49 -10.81 -7.61
N GLU D 399 -18.94 -10.46 -6.46
CA GLU D 399 -19.24 -11.11 -5.20
C GLU D 399 -20.74 -11.33 -5.07
N ASP D 400 -21.52 -10.35 -5.52
CA ASP D 400 -22.98 -10.53 -5.54
C ASP D 400 -23.37 -11.75 -6.34
N ILE D 401 -22.78 -11.92 -7.52
CA ILE D 401 -23.21 -13.02 -8.38
C ILE D 401 -22.78 -14.34 -7.77
N PHE D 402 -21.57 -14.39 -7.25
CA PHE D 402 -21.16 -15.53 -6.43
C PHE D 402 -22.23 -15.83 -5.38
N LYS D 403 -22.64 -14.79 -4.65
CA LYS D 403 -23.59 -14.97 -3.56
C LYS D 403 -24.90 -15.55 -4.06
N GLN D 404 -25.43 -14.99 -5.14
CA GLN D 404 -26.67 -15.49 -5.70
C GLN D 404 -26.53 -16.95 -6.08
N CYS D 405 -25.63 -17.22 -7.02
CA CYS D 405 -25.48 -18.58 -7.54
C CYS D 405 -24.93 -19.54 -6.52
N LEU D 406 -24.71 -19.10 -5.28
CA LEU D 406 -24.55 -20.01 -4.15
C LEU D 406 -25.83 -20.18 -3.37
N ARG D 407 -26.53 -19.06 -3.14
CA ARG D 407 -27.80 -19.06 -2.42
C ARG D 407 -28.77 -20.04 -3.04
N THR D 408 -28.88 -20.01 -4.37
CA THR D 408 -29.82 -20.92 -5.02
C THR D 408 -29.51 -22.37 -4.66
N ILE D 409 -28.23 -22.73 -4.65
CA ILE D 409 -27.86 -24.11 -4.36
C ILE D 409 -28.24 -24.46 -2.94
N ILE D 410 -27.69 -23.71 -1.98
CA ILE D 410 -27.92 -24.04 -0.58
C ILE D 410 -29.40 -24.13 -0.30
N GLU D 411 -30.19 -23.21 -0.85
CA GLU D 411 -31.63 -23.24 -0.62
C GLU D 411 -32.26 -24.51 -1.18
N GLY D 412 -32.18 -24.72 -2.49
CA GLY D 412 -32.82 -25.87 -3.08
C GLY D 412 -32.36 -27.18 -2.46
N THR D 413 -31.11 -27.23 -2.01
CA THR D 413 -30.59 -28.45 -1.41
C THR D 413 -31.21 -28.71 -0.04
N ARG D 414 -31.34 -27.67 0.79
CA ARG D 414 -31.77 -27.82 2.17
C ARG D 414 -32.97 -28.73 2.31
N SER D 415 -33.76 -28.86 1.26
CA SER D 415 -34.86 -29.81 1.23
C SER D 415 -34.38 -31.21 1.53
N SER D 416 -33.56 -31.77 0.65
CA SER D 416 -33.28 -33.19 0.67
C SER D 416 -32.28 -33.59 1.75
N GLY D 417 -31.93 -32.68 2.65
CA GLY D 417 -31.07 -33.02 3.77
C GLY D 417 -29.81 -33.78 3.42
N SER D 418 -28.89 -33.12 2.72
CA SER D 418 -27.63 -33.74 2.33
C SER D 418 -26.51 -32.75 2.55
N HIS D 419 -25.29 -33.28 2.71
CA HIS D 419 -24.15 -32.42 2.97
C HIS D 419 -23.51 -31.92 1.69
N LEU D 420 -22.91 -30.75 1.79
CA LEU D 420 -22.26 -30.10 0.65
C LEU D 420 -20.95 -29.49 1.11
N VAL D 421 -19.94 -29.61 0.25
CA VAL D 421 -18.62 -29.06 0.49
C VAL D 421 -18.10 -28.53 -0.83
N PHE D 422 -17.42 -27.39 -0.77
CA PHE D 422 -17.05 -26.64 -1.95
C PHE D 422 -15.55 -26.67 -2.18
N VAL D 423 -15.17 -26.78 -3.44
CA VAL D 423 -13.77 -26.79 -3.86
C VAL D 423 -13.52 -25.59 -4.75
N PRO D 424 -12.83 -24.58 -4.23
CA PRO D 424 -12.54 -23.40 -5.03
C PRO D 424 -11.43 -23.63 -6.04
N SER D 425 -11.41 -22.78 -7.06
CA SER D 425 -10.47 -22.93 -8.17
C SER D 425 -9.94 -21.55 -8.54
N LEU D 426 -9.21 -21.47 -9.65
CA LEU D 426 -8.39 -20.30 -9.94
C LEU D 426 -9.08 -19.30 -10.84
N ARG D 427 -10.39 -19.25 -10.82
CA ARG D 427 -11.03 -18.32 -11.74
C ARG D 427 -12.16 -17.52 -11.14
N ASP D 428 -12.66 -17.87 -9.96
CA ASP D 428 -13.83 -17.21 -9.39
C ASP D 428 -13.42 -15.80 -8.97
N VAL D 429 -13.38 -14.93 -9.97
CA VAL D 429 -12.54 -13.74 -10.02
C VAL D 429 -12.58 -12.94 -8.73
N HIS D 430 -13.69 -13.01 -8.00
CA HIS D 430 -13.77 -12.30 -6.74
C HIS D 430 -12.75 -12.83 -5.75
N HIS D 431 -12.39 -14.10 -5.88
CA HIS D 431 -11.34 -14.70 -5.07
C HIS D 431 -10.00 -14.59 -5.80
N GLU D 432 -8.98 -14.11 -5.10
CA GLU D 432 -7.71 -13.85 -5.78
C GLU D 432 -7.17 -15.14 -6.38
N PRO D 433 -6.47 -15.05 -7.47
CA PRO D 433 -5.83 -16.21 -8.13
C PRO D 433 -4.42 -16.54 -7.68
N VAL D 434 -4.31 -17.22 -6.53
CA VAL D 434 -3.03 -17.79 -6.17
C VAL D 434 -3.25 -19.29 -5.98
N TYR D 435 -2.19 -19.99 -5.68
CA TYR D 435 -2.33 -21.43 -5.51
C TYR D 435 -1.18 -21.91 -4.64
N PRO D 436 -1.46 -22.70 -3.61
CA PRO D 436 -2.80 -23.16 -3.29
C PRO D 436 -3.68 -22.04 -2.77
N GLN D 437 -5.03 -22.25 -2.80
CA GLN D 437 -6.11 -21.32 -2.52
C GLN D 437 -6.66 -21.50 -1.13
N PRO D 438 -6.74 -20.43 -0.36
CA PRO D 438 -7.49 -20.48 0.87
C PRO D 438 -8.92 -20.93 0.59
N PRO D 439 -9.63 -21.44 1.57
CA PRO D 439 -11.04 -21.77 1.34
C PRO D 439 -11.81 -20.49 1.08
N PHE D 440 -12.93 -20.64 0.39
CA PHE D 440 -13.73 -19.49 0.02
C PHE D 440 -14.10 -18.66 1.24
N SER D 441 -14.42 -17.41 0.99
CA SER D 441 -15.02 -16.58 2.01
C SER D 441 -16.53 -16.72 1.94
N TYR D 442 -17.19 -16.52 3.07
CA TYR D 442 -18.64 -16.46 3.10
C TYR D 442 -19.09 -16.03 4.48
N SER D 443 -20.15 -15.23 4.54
CA SER D 443 -20.54 -14.67 5.83
C SER D 443 -22.04 -14.57 6.00
N ASP D 444 -22.82 -15.47 5.41
CA ASP D 444 -24.26 -15.42 5.67
C ASP D 444 -24.83 -16.83 5.59
N LEU D 445 -24.83 -17.52 6.71
CA LEU D 445 -25.26 -18.91 6.78
C LEU D 445 -26.61 -19.00 7.46
N SER D 446 -27.48 -19.83 6.90
CA SER D 446 -28.68 -20.22 7.63
C SER D 446 -28.22 -21.02 8.84
N ARG D 447 -28.34 -20.41 10.02
CA ARG D 447 -27.60 -20.85 11.20
C ARG D 447 -27.63 -22.36 11.38
N GLU D 448 -28.79 -22.98 11.09
CA GLU D 448 -28.95 -24.41 11.27
C GLU D 448 -28.07 -25.24 10.35
N ASP D 449 -27.29 -24.61 9.47
CA ASP D 449 -26.52 -25.34 8.49
C ASP D 449 -25.03 -25.24 8.68
N LYS D 450 -24.57 -24.43 9.64
CA LYS D 450 -23.18 -24.55 10.08
C LYS D 450 -22.89 -25.95 10.62
N LYS D 451 -23.94 -26.74 10.84
CA LYS D 451 -23.75 -28.16 11.16
C LYS D 451 -23.49 -28.98 9.92
N GLN D 452 -23.95 -28.53 8.76
CA GLN D 452 -23.97 -29.35 7.56
C GLN D 452 -22.87 -29.00 6.57
N VAL D 453 -22.82 -27.77 6.07
CA VAL D 453 -21.95 -27.45 4.94
C VAL D 453 -20.68 -26.78 5.43
N GLN D 454 -19.54 -27.35 5.05
CA GLN D 454 -18.23 -26.80 5.34
C GLN D 454 -17.47 -26.59 4.03
N PHE D 455 -16.71 -25.50 3.97
CA PHE D 455 -15.84 -25.29 2.83
C PHE D 455 -14.51 -26.02 3.03
N VAL D 456 -13.66 -25.99 2.00
CA VAL D 456 -12.29 -26.46 2.10
C VAL D 456 -11.40 -25.54 1.26
N SER D 457 -10.11 -25.76 1.38
CA SER D 457 -9.12 -25.05 0.60
C SER D 457 -8.88 -25.76 -0.72
N GLU D 458 -8.18 -25.08 -1.61
CA GLU D 458 -7.69 -25.72 -2.81
C GLU D 458 -6.18 -25.80 -2.73
N PRO D 459 -5.59 -26.98 -2.85
CA PRO D 459 -6.33 -28.24 -2.87
C PRO D 459 -6.75 -28.62 -1.49
N CYS D 460 -7.19 -29.87 -1.32
CA CYS D 460 -7.35 -30.42 0.02
C CYS D 460 -7.33 -31.93 -0.07
N SER D 461 -7.49 -32.55 1.10
CA SER D 461 -7.46 -34.01 1.22
C SER D 461 -8.49 -34.35 2.29
N LEU D 462 -9.57 -35.00 1.88
CA LEU D 462 -10.70 -35.15 2.78
C LEU D 462 -10.92 -36.60 3.19
N SER D 463 -11.60 -36.76 4.32
CA SER D 463 -11.75 -38.03 4.99
C SER D 463 -13.23 -38.29 5.19
N ILE D 464 -13.74 -39.35 4.55
CA ILE D 464 -15.09 -39.82 4.74
C ILE D 464 -15.02 -41.27 5.17
N ASN D 465 -15.72 -41.59 6.26
CA ASN D 465 -15.82 -42.96 6.79
C ASN D 465 -14.46 -43.63 6.83
N GLY D 466 -13.42 -42.85 7.09
CA GLY D 466 -12.07 -43.37 7.01
C GLY D 466 -11.75 -43.77 5.59
N VAL D 467 -12.09 -42.92 4.63
CA VAL D 467 -11.61 -43.05 3.27
C VAL D 467 -11.15 -41.68 2.83
N ILE D 468 -10.19 -41.66 1.92
CA ILE D 468 -9.46 -40.43 1.60
C ILE D 468 -9.79 -39.98 0.20
N PHE D 469 -9.72 -38.66 -0.01
CA PHE D 469 -9.96 -38.06 -1.31
C PHE D 469 -8.95 -36.97 -1.58
N GLY D 470 -8.37 -37.00 -2.77
CA GLY D 470 -7.55 -35.92 -3.25
C GLY D 470 -8.41 -34.93 -4.01
N LEU D 471 -8.39 -33.69 -3.57
CA LEU D 471 -9.26 -32.65 -4.11
C LEU D 471 -8.39 -31.62 -4.79
N THR D 472 -8.35 -31.69 -6.11
CA THR D 472 -7.64 -30.74 -6.94
C THR D 472 -8.64 -29.96 -7.78
N SER D 473 -8.42 -28.66 -7.92
CA SER D 473 -9.20 -27.85 -8.84
C SER D 473 -8.35 -27.29 -9.98
N THR D 474 -7.26 -28.00 -10.30
CA THR D 474 -6.28 -27.62 -11.30
C THR D 474 -6.75 -27.91 -12.70
N ASP D 475 -5.83 -27.86 -13.64
CA ASP D 475 -6.02 -28.45 -14.96
C ASP D 475 -4.89 -29.42 -15.23
N LEU D 476 -4.48 -30.16 -14.21
CA LEU D 476 -3.20 -30.86 -14.23
C LEU D 476 -3.03 -31.71 -15.47
N LEU D 477 -3.94 -32.67 -15.67
CA LEU D 477 -3.72 -33.65 -16.71
C LEU D 477 -3.44 -33.01 -18.05
N PHE D 478 -4.17 -31.95 -18.39
CA PHE D 478 -3.85 -31.26 -19.63
C PHE D 478 -2.43 -30.71 -19.60
N HIS D 479 -2.05 -30.07 -18.48
CA HIS D 479 -0.70 -29.53 -18.39
C HIS D 479 0.35 -30.60 -18.64
N LEU D 480 0.38 -31.62 -17.79
CA LEU D 480 1.40 -32.65 -17.96
C LEU D 480 1.32 -33.27 -19.34
N GLY D 481 0.13 -33.32 -19.92
CA GLY D 481 0.05 -33.66 -21.32
C GLY D 481 0.86 -32.72 -22.19
N ALA D 482 0.90 -31.45 -21.81
CA ALA D 482 1.54 -30.46 -22.67
C ALA D 482 3.06 -30.53 -22.64
N GLU D 483 3.68 -31.38 -21.83
CA GLU D 483 5.14 -31.32 -21.77
C GLU D 483 5.84 -32.67 -21.85
N GLU D 484 5.18 -33.75 -21.42
CA GLU D 484 5.86 -35.02 -21.18
C GLU D 484 6.60 -35.53 -22.40
N ILE D 485 7.59 -36.39 -22.16
CA ILE D 485 8.25 -37.17 -23.20
C ILE D 485 8.50 -38.57 -22.67
N SER D 486 8.11 -39.59 -23.45
CA SER D 486 8.38 -40.97 -23.13
C SER D 486 8.81 -41.71 -24.39
N SER D 487 9.89 -42.48 -24.28
CA SER D 487 10.35 -43.25 -25.43
C SER D 487 9.38 -44.37 -25.78
N SER D 488 8.57 -44.81 -24.83
CA SER D 488 7.63 -45.88 -25.08
C SER D 488 6.74 -45.55 -26.26
N SER D 489 6.64 -46.50 -27.20
CA SER D 489 5.91 -46.23 -28.43
C SER D 489 5.03 -47.38 -28.90
N GLY D 490 5.04 -48.53 -28.23
CA GLY D 490 4.21 -49.63 -28.67
C GLY D 490 2.76 -49.51 -28.25
N THR D 491 2.51 -49.59 -26.94
CA THR D 491 1.19 -49.43 -26.38
C THR D 491 1.34 -48.78 -25.02
N SER D 492 0.57 -47.74 -24.74
CA SER D 492 0.72 -46.98 -23.51
C SER D 492 -0.51 -46.11 -23.29
N ASP D 493 -1.12 -46.23 -22.13
CA ASP D 493 -2.09 -45.24 -21.69
C ASP D 493 -1.31 -44.06 -21.14
N ARG D 494 -1.16 -43.03 -21.97
CA ARG D 494 -0.57 -41.76 -21.54
C ARG D 494 -1.07 -41.38 -20.16
N PHE D 495 -2.38 -41.51 -19.96
CA PHE D 495 -2.97 -41.18 -18.68
C PHE D 495 -2.34 -42.02 -17.57
N SER D 496 -2.46 -43.34 -17.66
CA SER D 496 -1.89 -44.24 -16.66
C SER D 496 -0.51 -43.76 -16.20
N ARG D 497 0.36 -43.46 -17.15
CA ARG D 497 1.69 -43.01 -16.80
C ARG D 497 1.64 -41.71 -16.00
N ILE D 498 0.92 -40.70 -16.50
CA ILE D 498 0.95 -39.42 -15.79
C ILE D 498 0.36 -39.57 -14.39
N LEU D 499 -0.67 -40.40 -14.26
CA LEU D 499 -1.15 -40.80 -12.94
C LEU D 499 0.00 -41.32 -12.09
N LYS D 500 0.69 -42.36 -12.57
CA LYS D 500 1.77 -42.97 -11.81
C LYS D 500 2.75 -41.92 -11.34
N HIS D 501 3.08 -40.96 -12.20
CA HIS D 501 3.96 -39.89 -11.82
C HIS D 501 3.35 -39.06 -10.69
N ILE D 502 2.18 -38.47 -10.94
CA ILE D 502 1.54 -37.60 -9.95
C ILE D 502 1.46 -38.29 -8.62
N LEU D 503 1.45 -39.63 -8.62
CA LEU D 503 1.40 -40.38 -7.38
C LEU D 503 2.60 -40.06 -6.49
N THR D 504 3.80 -40.36 -6.98
CA THR D 504 4.93 -40.48 -6.06
C THR D 504 5.52 -39.14 -5.64
N GLN D 505 5.35 -38.09 -6.43
CA GLN D 505 6.12 -36.88 -6.13
C GLN D 505 5.63 -36.12 -4.95
N ARG D 506 4.69 -36.61 -4.15
CA ARG D 506 4.24 -35.98 -2.90
C ARG D 506 3.57 -34.63 -3.15
N SER D 507 3.45 -34.19 -4.40
CA SER D 507 2.94 -32.87 -4.73
C SER D 507 1.49 -32.95 -5.17
N TYR D 508 1.00 -31.78 -5.58
CA TYR D 508 -0.14 -31.68 -6.46
C TYR D 508 0.24 -31.06 -7.78
N TYR D 509 1.48 -30.65 -7.94
CA TYR D 509 1.84 -29.94 -9.15
C TYR D 509 3.32 -30.15 -9.42
N PRO D 510 3.79 -31.39 -9.55
CA PRO D 510 5.22 -31.61 -9.72
C PRO D 510 5.79 -30.98 -10.98
N LEU D 511 4.95 -30.43 -11.83
CA LEU D 511 5.45 -29.70 -13.00
C LEU D 511 6.09 -28.40 -12.57
N TYR D 512 7.36 -28.23 -12.91
CA TYR D 512 8.06 -26.98 -12.61
C TYR D 512 9.26 -26.81 -13.52
N PRO D 513 9.41 -25.66 -14.18
CA PRO D 513 8.67 -24.40 -14.18
C PRO D 513 7.18 -24.58 -14.45
N PRO D 514 6.33 -23.69 -13.95
CA PRO D 514 4.89 -23.86 -14.12
C PRO D 514 4.41 -23.25 -15.42
N GLN D 515 3.27 -23.73 -15.89
CA GLN D 515 2.71 -23.27 -17.14
C GLN D 515 2.43 -21.77 -17.09
N GLU D 516 2.39 -21.14 -18.25
CA GLU D 516 2.55 -19.69 -18.35
C GLU D 516 1.46 -18.92 -17.63
N ASP D 517 0.54 -19.62 -17.05
CA ASP D 517 -0.50 -18.95 -16.29
C ASP D 517 -0.65 -19.49 -14.87
N MET D 518 -0.46 -20.79 -14.68
CA MET D 518 -0.91 -21.45 -13.47
C MET D 518 0.00 -21.01 -12.34
N ALA D 519 -0.19 -19.77 -11.91
CA ALA D 519 0.72 -19.19 -10.93
C ALA D 519 0.72 -20.01 -9.64
N ILE D 520 1.79 -19.88 -8.87
CA ILE D 520 1.92 -20.61 -7.62
C ILE D 520 2.73 -19.75 -6.66
N ASP D 521 2.96 -20.22 -5.43
CA ASP D 521 3.86 -19.49 -4.54
C ASP D 521 4.45 -20.48 -3.53
N TYR D 522 5.71 -20.85 -3.74
CA TYR D 522 6.28 -22.00 -3.05
C TYR D 522 6.29 -21.83 -1.54
N GLU D 523 6.76 -20.68 -1.07
CA GLU D 523 7.17 -20.56 0.33
C GLU D 523 6.03 -20.67 1.29
N SER D 524 4.88 -20.98 0.75
CA SER D 524 3.81 -21.61 1.50
C SER D 524 3.36 -22.91 0.87
N PHE D 525 3.55 -23.06 -0.44
CA PHE D 525 3.09 -24.24 -1.14
C PHE D 525 3.69 -25.50 -0.56
N TYR D 526 4.96 -25.44 -0.17
CA TYR D 526 5.61 -26.63 0.32
C TYR D 526 5.11 -27.00 1.70
N VAL D 527 4.63 -26.04 2.48
CA VAL D 527 4.20 -26.32 3.85
C VAL D 527 2.70 -26.41 3.99
N TYR D 528 1.94 -26.23 2.92
CA TYR D 528 0.49 -26.33 3.07
C TYR D 528 -0.16 -27.41 2.25
N ALA D 529 0.43 -27.82 1.13
CA ALA D 529 -0.28 -28.68 0.20
C ALA D 529 0.62 -29.79 -0.32
N GLN D 530 1.33 -30.45 0.58
CA GLN D 530 2.03 -31.66 0.19
C GLN D 530 1.29 -32.86 0.74
N LEU D 531 1.33 -33.96 -0.01
CA LEU D 531 0.45 -35.09 0.24
C LEU D 531 0.61 -35.57 1.67
N PRO D 532 -0.37 -35.33 2.53
CA PRO D 532 -0.22 -35.76 3.93
C PRO D 532 -0.12 -37.26 4.04
N VAL D 533 -0.88 -37.98 3.23
CA VAL D 533 -0.71 -39.41 3.04
C VAL D 533 -0.98 -39.69 1.57
N THR D 534 -0.26 -40.68 1.03
CA THR D 534 -0.68 -41.22 -0.24
C THR D 534 -2.15 -41.60 -0.14
N PRO D 535 -3.02 -40.96 -0.88
CA PRO D 535 -4.45 -41.09 -0.59
C PRO D 535 -5.08 -42.28 -1.29
N ASP D 536 -6.37 -42.45 -1.10
CA ASP D 536 -7.10 -43.58 -1.66
C ASP D 536 -7.85 -43.23 -2.94
N VAL D 537 -8.51 -42.08 -2.99
CA VAL D 537 -9.29 -41.69 -4.13
C VAL D 537 -8.88 -40.29 -4.56
N LEU D 538 -8.83 -40.05 -5.87
CA LEU D 538 -8.36 -38.78 -6.39
C LEU D 538 -9.31 -38.28 -7.45
N ILE D 539 -9.74 -37.03 -7.33
CA ILE D 539 -10.59 -36.42 -8.34
C ILE D 539 -9.86 -35.22 -8.92
N ILE D 540 -9.96 -35.08 -10.24
CA ILE D 540 -9.13 -34.14 -10.96
C ILE D 540 -9.87 -33.66 -12.20
N PRO D 541 -10.23 -32.40 -12.26
CA PRO D 541 -10.86 -31.86 -13.47
C PRO D 541 -9.92 -31.92 -14.64
N SER D 542 -10.38 -31.54 -15.82
CA SER D 542 -9.50 -31.59 -16.97
C SER D 542 -10.12 -30.75 -18.08
N GLU D 543 -9.56 -30.91 -19.26
CA GLU D 543 -10.25 -30.69 -20.52
C GLU D 543 -10.11 -31.92 -21.39
N LEU D 544 -9.99 -33.08 -20.75
CA LEU D 544 -9.75 -34.34 -21.43
C LEU D 544 -10.88 -35.33 -21.17
N ARG D 545 -11.08 -36.21 -22.13
CA ARG D 545 -12.19 -37.14 -22.11
C ARG D 545 -12.22 -37.94 -20.82
N TYR D 546 -13.40 -38.02 -20.21
CA TYR D 546 -13.61 -38.68 -18.93
C TYR D 546 -13.13 -40.13 -18.97
N PHE D 547 -12.80 -40.66 -17.81
CA PHE D 547 -12.47 -42.07 -17.68
C PHE D 547 -12.34 -42.41 -16.21
N VAL D 548 -11.97 -43.65 -15.93
CA VAL D 548 -11.83 -44.15 -14.58
C VAL D 548 -10.75 -45.22 -14.55
N LYS D 549 -9.91 -45.21 -13.52
CA LYS D 549 -8.90 -46.24 -13.38
C LYS D 549 -8.67 -46.61 -11.93
N ASP D 550 -8.55 -47.91 -11.71
CA ASP D 550 -7.88 -48.47 -10.53
C ASP D 550 -6.42 -48.70 -10.88
N VAL D 551 -5.52 -48.00 -10.21
CA VAL D 551 -4.10 -48.08 -10.48
C VAL D 551 -3.36 -48.24 -9.16
N LEU D 552 -2.90 -49.46 -8.88
CA LEU D 552 -1.95 -49.74 -7.81
C LEU D 552 -2.46 -49.22 -6.47
N GLY D 553 -3.61 -49.75 -6.07
CA GLY D 553 -4.23 -49.30 -4.84
C GLY D 553 -4.57 -47.83 -4.85
N CYS D 554 -4.91 -47.28 -6.01
CA CYS D 554 -5.29 -45.88 -6.13
C CYS D 554 -6.51 -45.79 -7.02
N VAL D 555 -7.39 -44.84 -6.70
CA VAL D 555 -8.66 -44.69 -7.37
C VAL D 555 -8.69 -43.33 -8.02
N CYS D 556 -8.86 -43.29 -9.34
CA CYS D 556 -8.91 -42.01 -10.03
C CYS D 556 -10.01 -42.02 -11.05
N VAL D 557 -10.58 -40.83 -11.28
CA VAL D 557 -11.65 -40.64 -12.24
C VAL D 557 -11.48 -39.28 -12.86
N ASN D 558 -11.30 -39.25 -14.18
CA ASN D 558 -11.52 -38.01 -14.90
C ASN D 558 -13.01 -37.85 -15.06
N PRO D 559 -13.63 -36.94 -14.29
CA PRO D 559 -15.06 -36.69 -14.45
C PRO D 559 -15.38 -35.87 -15.67
N GLY D 560 -14.39 -35.31 -16.34
CA GLY D 560 -14.66 -34.40 -17.44
C GLY D 560 -15.34 -33.15 -16.95
N ARG D 561 -15.61 -32.21 -17.85
CA ARG D 561 -16.26 -30.97 -17.46
C ARG D 561 -17.75 -31.21 -17.32
N LEU D 562 -18.49 -30.14 -17.02
CA LEU D 562 -19.94 -30.22 -17.00
C LEU D 562 -20.56 -29.77 -18.30
N THR D 563 -19.93 -28.82 -18.99
CA THR D 563 -20.55 -28.19 -20.15
C THR D 563 -19.45 -27.89 -21.17
N LYS D 564 -19.29 -28.78 -22.14
CA LYS D 564 -18.20 -28.71 -23.09
C LYS D 564 -18.47 -27.59 -24.09
N GLY D 565 -18.24 -26.36 -23.65
CA GLY D 565 -18.39 -25.21 -24.51
C GLY D 565 -19.81 -24.71 -24.61
N GLN D 566 -20.65 -25.41 -25.38
CA GLN D 566 -22.06 -25.07 -25.50
C GLN D 566 -22.97 -26.29 -25.40
N VAL D 567 -22.43 -27.47 -25.12
CA VAL D 567 -23.18 -28.71 -25.25
C VAL D 567 -23.22 -29.42 -23.92
N GLY D 568 -23.86 -30.58 -23.88
CA GLY D 568 -23.95 -31.35 -22.66
C GLY D 568 -22.59 -31.83 -22.19
N GLY D 569 -22.61 -32.41 -20.99
CA GLY D 569 -21.38 -32.85 -20.36
C GLY D 569 -21.60 -33.96 -19.38
N THR D 570 -20.90 -33.94 -18.25
CA THR D 570 -20.81 -35.09 -17.37
C THR D 570 -20.90 -34.65 -15.91
N PHE D 571 -20.79 -35.65 -15.04
CA PHE D 571 -20.70 -35.51 -13.60
C PHE D 571 -20.41 -36.91 -13.03
N ALA D 572 -19.80 -36.94 -11.86
CA ALA D 572 -19.22 -38.17 -11.32
C ALA D 572 -19.96 -38.62 -10.07
N ARG D 573 -20.13 -39.93 -9.93
CA ARG D 573 -20.82 -40.48 -8.78
C ARG D 573 -20.15 -41.78 -8.36
N LEU D 574 -20.13 -42.02 -7.05
CA LEU D 574 -19.38 -43.17 -6.56
C LEU D 574 -19.92 -43.62 -5.21
N TYR D 575 -19.50 -44.82 -4.84
CA TYR D 575 -19.96 -45.53 -3.65
C TYR D 575 -18.78 -45.87 -2.76
N LEU D 576 -19.01 -45.88 -1.45
CA LEU D 576 -17.94 -46.17 -0.52
C LEU D 576 -18.39 -47.14 0.56
N ARG D 577 -17.49 -48.03 0.97
CA ARG D 577 -17.68 -48.97 2.07
C ARG D 577 -16.35 -49.67 2.34
N ARG D 578 -16.11 -50.04 3.60
CA ARG D 578 -14.89 -50.77 3.92
C ARG D 578 -15.22 -52.11 4.56
N PRO D 579 -14.44 -53.15 4.26
CA PRO D 579 -14.67 -54.45 4.89
C PRO D 579 -14.21 -54.48 6.33
N ALA D 580 -14.27 -55.65 6.97
CA ALA D 580 -13.96 -55.76 8.38
C ALA D 580 -13.09 -56.99 8.66
N ALA D 581 -12.06 -57.20 7.85
CA ALA D 581 -11.09 -58.27 8.07
C ALA D 581 -9.86 -58.00 7.21
N ASP D 582 -8.93 -58.94 7.18
CA ASP D 582 -7.70 -58.80 6.41
C ASP D 582 -7.98 -59.15 4.94
N GLY D 583 -6.92 -59.29 4.15
CA GLY D 583 -7.05 -59.67 2.76
C GLY D 583 -5.83 -59.28 1.97
N ALA D 584 -6.02 -58.63 0.82
CA ALA D 584 -4.93 -57.93 0.16
C ALA D 584 -4.54 -56.66 0.89
N GLU D 585 -5.16 -56.42 2.05
CA GLU D 585 -4.92 -55.33 2.98
C GLU D 585 -5.30 -53.97 2.41
N ARG D 586 -5.73 -53.91 1.16
CA ARG D 586 -6.21 -52.67 0.57
C ARG D 586 -7.48 -52.93 -0.21
N GLN D 587 -8.41 -53.65 0.42
CA GLN D 587 -9.71 -53.83 -0.20
C GLN D 587 -10.30 -52.47 -0.51
N SER D 588 -10.46 -52.18 -1.79
CA SER D 588 -10.81 -50.86 -2.28
C SER D 588 -12.01 -50.30 -1.52
N PRO D 589 -11.80 -49.26 -0.70
CA PRO D 589 -12.95 -48.62 -0.07
C PRO D 589 -13.91 -48.05 -1.08
N CYS D 590 -13.42 -47.69 -2.26
CA CYS D 590 -14.31 -47.41 -3.38
C CYS D 590 -15.04 -48.70 -3.75
N ILE D 591 -16.37 -48.63 -3.80
CA ILE D 591 -17.17 -49.81 -4.07
C ILE D 591 -17.40 -49.95 -5.57
N ALA D 592 -18.01 -48.96 -6.18
CA ALA D 592 -18.18 -48.91 -7.62
C ALA D 592 -18.41 -47.46 -8.01
N VAL D 593 -18.13 -47.16 -9.26
CA VAL D 593 -18.13 -45.80 -9.75
C VAL D 593 -18.96 -45.73 -11.02
N GLN D 594 -19.73 -44.66 -11.16
CA GLN D 594 -20.46 -44.41 -12.39
C GLN D 594 -20.18 -43.01 -12.89
N VAL D 595 -19.79 -42.90 -14.15
CA VAL D 595 -19.80 -41.63 -14.85
C VAL D 595 -21.14 -41.55 -15.55
N VAL D 596 -22.08 -40.81 -14.97
CA VAL D 596 -23.39 -40.64 -15.55
C VAL D 596 -23.40 -39.33 -16.30
N ARG D 597 -23.66 -39.40 -17.60
CA ARG D 597 -23.79 -38.19 -18.40
C ARG D 597 -24.91 -37.34 -17.85
N ILE D 598 -24.81 -36.04 -18.09
CA ILE D 598 -25.89 -35.12 -17.73
C ILE D 598 -27.19 -35.57 -18.38
N VAL E 12 23.40 65.75 18.94
CA VAL E 12 22.15 65.01 18.81
C VAL E 12 21.27 65.66 17.73
N PRO E 13 21.35 65.14 16.50
CA PRO E 13 20.49 65.66 15.43
C PRO E 13 19.05 65.23 15.59
N SER E 14 18.22 65.55 14.58
CA SER E 14 16.78 65.33 14.69
C SER E 14 16.42 63.88 14.98
N SER E 15 17.27 62.93 14.60
CA SER E 15 16.97 61.52 14.81
C SER E 15 16.70 61.22 16.28
N GLU E 16 17.71 61.43 17.13
CA GLU E 16 17.54 61.23 18.56
C GLU E 16 16.88 62.43 19.23
N GLN E 17 16.93 63.60 18.60
CA GLN E 17 16.15 64.74 19.07
C GLN E 17 14.66 64.43 19.07
N ALA E 18 14.22 63.50 18.21
CA ALA E 18 12.83 63.07 18.22
C ALA E 18 12.38 62.70 19.62
N TRP E 19 13.17 61.87 20.31
CA TRP E 19 12.84 61.57 21.70
C TRP E 19 13.22 62.72 22.62
N LEU E 20 14.45 63.24 22.49
CA LEU E 20 14.91 64.26 23.43
C LEU E 20 14.03 65.51 23.46
N GLU E 21 13.12 65.66 22.51
CA GLU E 21 12.18 66.77 22.51
C GLU E 21 10.98 66.55 23.41
N ASP E 22 10.71 65.31 23.82
CA ASP E 22 9.62 65.07 24.75
C ASP E 22 9.79 65.87 26.02
N ALA E 23 11.04 66.13 26.41
CA ALA E 23 11.34 67.03 27.51
C ALA E 23 11.14 68.50 27.15
N GLN E 24 10.77 68.80 25.91
CA GLN E 24 10.60 70.20 25.53
C GLN E 24 9.30 70.48 24.78
N VAL E 25 8.74 69.51 24.06
CA VAL E 25 7.51 69.75 23.32
C VAL E 25 6.42 68.70 23.59
N PHE E 26 6.75 67.42 23.41
CA PHE E 26 5.73 66.37 23.35
C PHE E 26 4.83 66.27 24.57
N ILE E 27 5.42 65.92 25.72
CA ILE E 27 4.60 65.52 26.86
C ILE E 27 3.81 66.71 27.39
N GLN E 28 4.43 67.89 27.45
CA GLN E 28 3.77 69.08 27.95
C GLN E 28 2.63 69.56 27.06
N LYS E 29 2.40 68.91 25.92
CA LYS E 29 1.42 69.37 24.95
C LYS E 29 0.38 68.34 24.59
N THR E 30 0.74 67.05 24.52
CA THR E 30 -0.18 66.02 24.07
C THR E 30 -0.57 65.00 25.14
N LEU E 31 0.29 64.73 26.12
CA LEU E 31 0.03 63.71 27.13
C LEU E 31 -0.55 64.29 28.42
N CYS E 32 -0.87 65.58 28.44
CA CYS E 32 -1.39 66.23 29.63
C CYS E 32 -2.46 67.23 29.21
N PRO E 33 -3.41 67.54 30.09
CA PRO E 33 -4.40 68.58 29.77
C PRO E 33 -3.77 69.96 29.71
N ALA E 34 -3.80 70.58 28.53
CA ALA E 34 -3.23 71.90 28.34
C ALA E 34 -4.17 73.02 28.78
N VAL E 35 -5.31 72.68 29.38
CA VAL E 35 -6.23 73.69 29.89
C VAL E 35 -5.59 74.50 31.02
N LYS E 36 -4.62 73.91 31.73
CA LYS E 36 -3.93 74.57 32.82
C LYS E 36 -2.44 74.25 32.71
N GLU E 37 -1.69 74.51 33.77
CA GLU E 37 -0.23 74.48 33.68
C GLU E 37 0.27 73.10 33.27
N PRO E 38 1.40 73.04 32.53
CA PRO E 38 2.00 71.74 32.21
C PRO E 38 2.67 71.11 33.43
N ASN E 39 2.12 70.00 33.90
CA ASN E 39 2.62 69.37 35.12
C ASN E 39 4.09 69.00 34.97
N VAL E 40 4.84 69.17 36.07
CA VAL E 40 6.20 68.66 36.14
C VAL E 40 6.22 67.23 36.68
N GLN E 41 5.15 66.77 37.31
CA GLN E 41 5.07 65.41 37.82
C GLN E 41 4.95 64.36 36.72
N LEU E 42 4.78 64.77 35.47
CA LEU E 42 4.46 63.82 34.41
C LEU E 42 5.53 63.73 33.34
N THR E 43 5.98 64.87 32.80
CA THR E 43 6.90 64.83 31.67
C THR E 43 8.19 64.08 31.99
N PRO E 44 9.03 64.51 32.94
CA PRO E 44 10.25 63.76 33.20
C PRO E 44 10.00 62.43 33.88
N LEU E 45 8.89 62.30 34.62
CA LEU E 45 8.59 61.03 35.26
C LEU E 45 8.39 59.93 34.24
N VAL E 46 7.61 60.19 33.18
CA VAL E 46 7.47 59.20 32.11
C VAL E 46 8.78 59.10 31.33
N ILE E 47 9.46 60.24 31.14
CA ILE E 47 10.78 60.24 30.50
C ILE E 47 11.71 59.21 31.11
N ASP E 48 11.65 59.06 32.42
CA ASP E 48 12.52 58.09 33.09
C ASP E 48 11.86 56.73 33.25
N CYS E 49 10.54 56.69 33.44
CA CYS E 49 9.86 55.41 33.63
C CYS E 49 9.95 54.53 32.40
N VAL E 50 9.98 55.12 31.20
CA VAL E 50 10.13 54.31 30.00
C VAL E 50 11.43 53.52 30.06
N LYS E 51 12.54 54.18 30.39
CA LYS E 51 13.81 53.46 30.50
C LYS E 51 13.82 52.56 31.72
N THR E 52 13.06 52.89 32.76
CA THR E 52 12.98 52.01 33.93
C THR E 52 12.42 50.65 33.54
N VAL E 53 11.21 50.65 32.97
CA VAL E 53 10.62 49.39 32.55
C VAL E 53 11.37 48.79 31.37
N TRP E 54 12.14 49.58 30.63
CA TRP E 54 12.98 49.05 29.57
C TRP E 54 14.12 48.23 30.14
N LEU E 55 14.99 48.87 30.94
CA LEU E 55 16.12 48.21 31.57
C LEU E 55 15.70 47.17 32.60
N SER E 56 14.42 47.09 32.93
CA SER E 56 13.92 45.95 33.70
C SER E 56 14.41 44.64 33.08
N GLN E 57 14.15 44.43 31.80
CA GLN E 57 14.72 43.29 31.09
C GLN E 57 15.67 43.73 29.97
N GLY E 58 15.22 44.57 29.04
CA GLY E 58 16.10 45.18 28.06
C GLY E 58 16.98 44.25 27.24
N ARG E 59 16.35 43.45 26.38
CA ARG E 59 17.06 42.47 25.54
C ARG E 59 17.80 43.11 24.37
N ASN E 60 17.67 44.42 24.16
CA ASN E 60 18.12 45.06 22.93
C ASN E 60 19.65 45.20 22.93
N GLN E 61 20.19 45.91 21.94
CA GLN E 61 21.64 46.09 21.86
C GLN E 61 22.14 47.08 22.90
N GLY E 62 21.27 47.95 23.37
CA GLY E 62 21.63 49.03 24.28
C GLY E 62 21.49 50.36 23.58
N SER E 63 20.35 51.02 23.80
CA SER E 63 20.09 52.32 23.21
C SER E 63 19.07 53.01 24.11
N THR E 64 19.55 53.94 24.96
CA THR E 64 18.69 54.55 25.97
C THR E 64 17.45 55.20 25.35
N LEU E 65 17.46 55.46 24.05
CA LEU E 65 16.27 55.93 23.37
C LEU E 65 15.50 54.74 22.80
N PRO E 66 14.34 54.43 23.31
CA PRO E 66 13.49 53.43 22.65
C PRO E 66 12.87 54.03 21.40
N LEU E 67 13.61 53.99 20.28
CA LEU E 67 13.20 54.68 19.07
C LEU E 67 11.82 54.24 18.58
N SER E 68 11.38 53.03 18.93
CA SER E 68 10.18 52.46 18.31
C SER E 68 8.90 53.20 18.70
N TYR E 69 8.78 53.69 19.92
CA TYR E 69 7.51 54.22 20.43
C TYR E 69 7.47 55.74 20.36
N SER E 70 6.26 56.27 20.39
CA SER E 70 5.98 57.70 20.42
C SER E 70 4.58 57.89 21.01
N PHE E 71 4.01 59.08 20.84
CA PHE E 71 2.66 59.36 21.30
C PHE E 71 1.91 60.14 20.23
N VAL E 72 0.77 59.62 19.83
CA VAL E 72 -0.14 60.28 18.90
C VAL E 72 -1.55 60.17 19.47
N SER E 73 -2.31 61.26 19.40
CA SER E 73 -3.65 61.29 19.97
C SER E 73 -4.48 60.14 19.42
N VAL E 74 -5.43 59.67 20.23
CA VAL E 74 -6.02 58.36 20.02
C VAL E 74 -6.86 58.33 18.75
N GLN E 75 -7.62 59.38 18.46
CA GLN E 75 -8.34 59.45 17.18
C GLN E 75 -7.54 60.20 16.12
N ASP E 76 -6.29 59.79 15.94
CA ASP E 76 -5.50 60.16 14.77
C ASP E 76 -4.93 58.97 14.04
N LEU E 77 -4.93 57.78 14.65
CA LEU E 77 -4.59 56.57 13.92
C LEU E 77 -5.46 56.44 12.68
N LYS E 78 -6.77 56.68 12.82
CA LYS E 78 -7.67 56.63 11.67
C LYS E 78 -7.36 57.69 10.64
N THR E 79 -6.48 58.64 10.95
CA THR E 79 -6.03 59.63 9.98
C THR E 79 -4.66 59.30 9.39
N HIS E 80 -3.80 58.60 10.14
CA HIS E 80 -2.43 58.38 9.73
C HIS E 80 -2.03 56.91 9.66
N GLN E 81 -2.48 56.08 10.61
CA GLN E 81 -2.25 54.65 10.57
C GLN E 81 -3.61 53.96 10.37
N ARG E 82 -4.03 53.88 9.11
CA ARG E 82 -5.35 53.28 8.76
C ARG E 82 -5.32 51.76 8.98
N LEU E 83 -4.63 51.33 10.04
CA LEU E 83 -4.43 49.89 10.34
C LEU E 83 -4.24 49.69 11.84
N PRO E 84 -4.41 48.45 12.36
CA PRO E 84 -4.29 48.17 13.80
C PRO E 84 -2.88 48.29 14.38
N CYS E 85 -2.77 48.29 15.72
CA CYS E 85 -1.45 48.41 16.39
C CYS E 85 -1.49 47.69 17.75
N CYS E 86 -0.70 46.62 17.86
CA CYS E 86 -0.61 45.80 19.12
C CYS E 86 0.85 45.43 19.34
N SER E 87 1.41 45.88 20.47
CA SER E 87 2.79 45.64 20.86
C SER E 87 2.93 45.52 22.37
N HIS E 88 4.07 44.96 22.76
CA HIS E 88 4.65 44.90 24.10
C HIS E 88 5.99 45.63 24.03
N LEU E 89 6.75 45.59 25.13
CA LEU E 89 8.02 46.30 25.23
C LEU E 89 9.19 45.40 24.86
N SER E 90 10.16 45.97 24.15
CA SER E 90 11.50 45.45 23.88
C SER E 90 11.57 44.39 22.79
N TRP E 91 10.45 43.98 22.20
CA TRP E 91 10.50 42.98 21.14
C TRP E 91 11.29 43.49 19.94
N SER E 92 12.45 42.89 19.68
CA SER E 92 13.12 43.12 18.41
C SER E 92 12.28 42.56 17.28
N SER E 93 12.58 43.00 16.06
CA SER E 93 11.75 42.61 14.92
C SER E 93 11.71 41.09 14.78
N SER E 94 12.79 40.40 15.16
CA SER E 94 12.83 38.95 15.08
C SER E 94 11.95 38.31 16.17
N ALA E 95 12.18 38.71 17.43
CA ALA E 95 11.38 38.18 18.51
C ALA E 95 9.91 38.51 18.34
N TYR E 96 9.65 39.66 17.70
CA TYR E 96 8.26 40.04 17.37
C TYR E 96 7.77 39.01 16.34
N GLN E 97 8.60 38.73 15.33
CA GLN E 97 8.26 37.70 14.36
C GLN E 97 8.27 36.31 14.98
N ALA E 98 8.49 36.21 16.28
CA ALA E 98 8.49 34.95 17.01
C ALA E 98 7.40 34.93 18.07
N TRP E 99 6.19 35.38 17.73
CA TRP E 99 5.06 35.30 18.63
C TRP E 99 3.74 34.94 17.95
N ALA E 100 3.74 34.68 16.64
CA ALA E 100 2.52 34.68 15.84
C ALA E 100 1.95 33.28 15.62
N GLN E 101 2.08 32.37 16.58
CA GLN E 101 1.60 31.00 16.39
C GLN E 101 0.79 30.43 17.55
N GLU E 102 0.89 30.99 18.76
CA GLU E 102 0.48 30.32 20.00
C GLU E 102 -0.80 29.51 19.87
N ALA E 103 -1.80 30.05 19.18
CA ALA E 103 -3.00 29.27 18.86
C ALA E 103 -3.27 29.21 17.37
N GLY E 104 -3.14 30.33 16.65
CA GLY E 104 -3.42 30.27 15.20
C GLY E 104 -2.82 31.43 14.40
N PRO E 105 -2.22 31.17 13.22
CA PRO E 105 -1.64 32.22 12.38
C PRO E 105 -2.52 32.59 11.17
N ASN E 106 -3.76 32.11 11.12
CA ASN E 106 -4.66 32.38 9.98
C ASN E 106 -4.84 33.89 9.78
N GLY E 107 -4.18 34.45 8.76
CA GLY E 107 -4.28 35.89 8.46
C GLY E 107 -3.18 36.69 9.13
N ASN E 108 -2.77 37.79 8.49
CA ASN E 108 -1.68 38.68 8.95
C ASN E 108 -1.83 38.99 10.45
N PRO E 109 -0.76 38.84 11.25
CA PRO E 109 -0.81 39.13 12.69
C PRO E 109 -0.93 40.64 12.93
N LEU E 110 -1.48 41.03 14.10
CA LEU E 110 -1.68 42.45 14.47
C LEU E 110 -0.38 43.24 14.24
N PRO E 111 -0.43 44.40 13.55
CA PRO E 111 0.77 45.22 13.26
C PRO E 111 1.49 45.79 14.49
N ARG E 112 2.74 46.23 14.30
CA ARG E 112 3.57 46.76 15.41
C ARG E 112 3.76 48.27 15.32
N GLU E 113 2.71 49.06 15.05
CA GLU E 113 2.93 50.49 15.03
C GLU E 113 3.16 50.89 16.48
N GLN E 114 4.43 51.04 16.86
CA GLN E 114 4.82 51.03 18.25
C GLN E 114 4.69 52.42 18.84
N LEU E 115 3.93 52.53 19.93
CA LEU E 115 3.79 53.76 20.68
C LEU E 115 3.68 53.40 22.16
N LEU E 116 3.74 54.43 23.01
CA LEU E 116 3.59 54.23 24.45
C LEU E 116 2.22 54.71 24.85
N LEU E 117 1.25 53.79 24.91
CA LEU E 117 -0.15 54.19 24.90
C LEU E 117 -0.50 54.94 26.17
N LEU E 118 -0.80 56.23 26.05
CA LEU E 118 -1.16 57.06 27.19
C LEU E 118 -2.46 57.78 26.89
N GLY E 119 -3.47 57.56 27.73
CA GLY E 119 -4.77 58.14 27.48
C GLY E 119 -5.43 58.62 28.76
N THR E 120 -6.25 59.66 28.62
CA THR E 120 -7.00 60.21 29.74
C THR E 120 -8.22 59.33 30.01
N LEU E 121 -8.27 58.73 31.18
CA LEU E 121 -9.33 57.78 31.50
C LEU E 121 -10.58 58.52 31.95
N THR E 122 -11.73 58.18 31.33
CA THR E 122 -13.00 58.76 31.72
C THR E 122 -14.10 57.72 31.54
N ASP E 123 -15.12 57.80 32.40
CA ASP E 123 -16.28 56.91 32.29
C ASP E 123 -17.17 57.26 31.11
N LEU E 124 -16.72 58.19 30.26
CA LEU E 124 -17.40 58.57 29.04
C LEU E 124 -16.34 58.79 27.98
N SER E 125 -16.76 59.26 26.81
CA SER E 125 -15.79 59.77 25.83
C SER E 125 -16.06 61.21 25.42
N ALA E 126 -17.28 61.52 24.98
CA ALA E 126 -17.54 62.79 24.32
C ALA E 126 -18.00 63.85 25.34
N ASP E 127 -18.46 64.97 24.81
CA ASP E 127 -19.01 66.06 25.61
C ASP E 127 -20.46 65.84 26.00
N LEU E 128 -20.92 64.59 25.97
CA LEU E 128 -22.30 64.24 26.29
C LEU E 128 -22.31 63.46 27.60
N GLU E 129 -23.40 63.56 28.35
CA GLU E 129 -23.43 63.04 29.71
C GLU E 129 -24.64 62.19 30.06
N GLN E 130 -25.76 62.28 29.36
CA GLN E 130 -26.97 61.57 29.76
C GLN E 130 -27.41 60.51 28.76
N GLU E 131 -27.67 60.89 27.51
CA GLU E 131 -28.28 59.97 26.56
C GLU E 131 -27.26 59.00 25.98
N CYS E 132 -26.21 59.54 25.35
CA CYS E 132 -25.22 58.72 24.67
C CYS E 132 -24.21 58.10 25.65
N ARG E 133 -24.54 58.11 26.94
CA ARG E 133 -23.64 57.60 27.97
C ARG E 133 -23.18 56.19 27.65
N ASN E 134 -21.86 56.00 27.69
CA ASN E 134 -21.25 54.69 27.55
C ASN E 134 -20.93 54.05 28.88
N GLY E 135 -20.75 54.84 29.93
CA GLY E 135 -20.44 54.31 31.24
C GLY E 135 -19.02 53.81 31.32
N SER E 136 -18.64 52.99 30.34
CA SER E 136 -17.35 52.32 30.37
C SER E 136 -16.22 53.33 30.22
N LEU E 137 -15.00 52.86 30.48
CA LEU E 137 -13.85 53.72 30.58
C LEU E 137 -13.17 53.83 29.22
N TYR E 138 -12.90 55.07 28.78
CA TYR E 138 -12.36 55.32 27.46
C TYR E 138 -11.43 56.53 27.51
N VAL E 139 -10.83 56.84 26.37
CA VAL E 139 -9.64 57.68 26.32
C VAL E 139 -9.99 59.06 25.80
N ARG E 140 -9.38 60.05 26.45
CA ARG E 140 -9.44 61.46 26.08
C ARG E 140 -8.02 61.97 25.90
N ASP E 141 -7.83 62.78 24.86
CA ASP E 141 -6.54 63.36 24.56
C ASP E 141 -6.74 64.78 24.04
N ASN E 142 -5.69 65.36 23.45
CA ASN E 142 -5.75 66.72 22.95
C ASN E 142 -6.15 66.81 21.48
N THR E 143 -6.02 65.73 20.72
CA THR E 143 -6.46 65.70 19.34
C THR E 143 -7.14 64.37 19.00
N GLY E 144 -7.81 63.75 19.97
CA GLY E 144 -8.47 62.49 19.75
C GLY E 144 -9.18 61.96 20.98
N VAL E 145 -10.40 61.48 20.81
CA VAL E 145 -11.23 61.06 21.94
C VAL E 145 -11.94 59.77 21.60
N LEU E 146 -11.41 58.64 22.04
CA LEU E 146 -11.83 57.37 21.46
C LEU E 146 -12.26 56.35 22.51
N SER E 147 -12.85 55.27 22.00
CA SER E 147 -13.21 54.11 22.80
C SER E 147 -12.07 53.10 22.80
N CYS E 148 -12.05 52.27 23.84
CA CYS E 148 -10.98 51.29 24.05
C CYS E 148 -11.54 50.12 24.85
N GLU E 149 -11.52 48.94 24.25
CA GLU E 149 -12.22 47.79 24.81
C GLU E 149 -11.54 47.33 26.09
N LEU E 150 -12.28 47.39 27.20
CA LEU E 150 -11.77 47.02 28.52
C LEU E 150 -11.73 45.52 28.70
N ILE E 151 -11.28 45.09 29.89
CA ILE E 151 -11.36 43.69 30.29
C ILE E 151 -12.08 43.58 31.63
N ASP E 152 -11.54 44.21 32.67
CA ASP E 152 -12.09 44.10 34.02
C ASP E 152 -11.95 45.45 34.72
N LEU E 153 -12.83 45.69 35.70
CA LEU E 153 -12.94 46.98 36.35
C LEU E 153 -12.95 46.85 37.86
N ASP E 154 -12.03 47.54 38.52
CA ASP E 154 -12.23 47.96 39.90
C ASP E 154 -12.69 49.43 39.84
N LEU E 155 -12.77 50.11 40.99
CA LEU E 155 -13.58 51.32 41.07
C LEU E 155 -12.81 52.61 41.36
N SER E 156 -11.49 52.62 41.28
CA SER E 156 -10.74 53.79 41.74
C SER E 156 -9.82 54.32 40.65
N TRP E 157 -10.31 54.36 39.42
CA TRP E 157 -9.51 54.86 38.30
C TRP E 157 -10.34 55.71 37.35
N LEU E 158 -11.14 56.63 37.89
CA LEU E 158 -12.00 57.48 37.09
C LEU E 158 -11.49 58.92 37.13
N GLY E 159 -11.17 59.47 35.96
CA GLY E 159 -10.77 60.86 35.84
C GLY E 159 -9.28 61.10 35.93
N HIS E 160 -8.48 60.26 35.26
CA HIS E 160 -7.03 60.38 35.29
C HIS E 160 -6.46 59.95 33.95
N LEU E 161 -5.14 59.79 33.89
CA LEU E 161 -4.45 59.42 32.67
C LEU E 161 -3.57 58.21 32.94
N PHE E 162 -3.67 57.20 32.07
CA PHE E 162 -3.04 55.91 32.28
C PHE E 162 -2.26 55.50 31.04
N LEU E 163 -1.13 54.82 31.26
CA LEU E 163 -0.20 54.47 30.21
C LEU E 163 0.11 52.98 30.25
N PHE E 164 0.44 52.43 29.08
CA PHE E 164 0.64 51.00 28.91
C PHE E 164 1.63 50.77 27.77
N PRO E 165 2.59 49.85 27.95
CA PRO E 165 3.42 49.42 26.83
C PRO E 165 2.80 48.25 26.07
N ARG E 166 1.90 47.53 26.73
CA ARG E 166 1.15 46.42 26.12
C ARG E 166 -0.21 46.95 25.67
N TRP E 167 -0.50 46.81 24.38
CA TRP E 167 -1.72 47.43 23.87
C TRP E 167 -2.08 46.88 22.50
N SER E 168 -3.36 47.04 22.17
CA SER E 168 -3.95 46.60 20.88
C SER E 168 -4.93 47.68 20.40
N TYR E 169 -4.87 48.01 19.11
CA TYR E 169 -5.72 49.10 18.57
C TYR E 169 -6.38 48.62 17.28
N LEU E 170 -7.35 49.40 16.78
CA LEU E 170 -8.04 49.04 15.52
C LEU E 170 -8.57 50.30 14.85
N PRO E 171 -8.25 50.53 13.55
CA PRO E 171 -8.77 51.66 12.80
C PRO E 171 -10.17 51.22 12.32
N PRO E 172 -11.22 52.18 11.88
CA PRO E 172 -12.62 52.07 11.45
C PRO E 172 -12.82 51.27 10.17
N ALA E 173 -14.08 51.13 9.74
CA ALA E 173 -14.42 50.50 8.47
C ALA E 173 -14.99 51.52 7.49
N ARG E 174 -16.05 52.21 7.86
CA ARG E 174 -16.52 53.40 7.15
C ARG E 174 -16.97 54.40 8.19
N TRP E 175 -16.32 55.56 8.23
CA TRP E 175 -16.67 56.58 9.23
C TRP E 175 -18.12 57.02 9.15
N ASN E 176 -18.84 56.62 8.11
CA ASN E 176 -20.29 56.80 8.05
C ASN E 176 -21.04 55.63 8.69
N SER E 177 -20.41 54.47 8.81
CA SER E 177 -21.07 53.26 9.27
C SER E 177 -20.87 53.07 10.77
N SER E 178 -21.25 51.90 11.26
CA SER E 178 -21.09 51.57 12.69
C SER E 178 -19.65 51.23 13.02
N GLY E 179 -18.92 50.61 12.10
CA GLY E 179 -17.61 50.07 12.40
C GLY E 179 -16.49 51.10 12.49
N GLU E 180 -16.48 51.88 13.58
CA GLU E 180 -15.43 52.86 13.79
C GLU E 180 -14.38 52.34 14.77
N GLY E 181 -13.25 53.02 14.84
CA GLY E 181 -12.08 52.51 15.51
C GLY E 181 -12.23 52.38 17.02
N HIS E 182 -11.24 51.72 17.62
CA HIS E 182 -11.28 51.38 19.04
C HIS E 182 -9.92 50.80 19.44
N LEU E 183 -9.79 50.46 20.72
CA LEU E 183 -8.56 49.88 21.25
C LEU E 183 -8.87 48.63 22.08
N GLU E 184 -7.82 47.81 22.24
CA GLU E 184 -7.87 46.56 23.06
C GLU E 184 -6.87 46.76 24.21
N LEU E 185 -7.37 46.70 25.44
CA LEU E 185 -6.59 46.97 26.65
C LEU E 185 -6.26 45.66 27.34
N TRP E 186 -4.97 45.36 27.45
CA TRP E 186 -4.53 44.04 27.93
C TRP E 186 -4.37 43.98 29.44
N ASP E 187 -3.76 45.00 30.05
CA ASP E 187 -3.32 44.91 31.44
C ASP E 187 -4.04 45.96 32.28
N ALA E 188 -3.80 45.87 33.60
CA ALA E 188 -4.38 46.73 34.62
C ALA E 188 -4.11 48.20 34.32
N PRO E 189 -4.90 49.12 34.87
CA PRO E 189 -4.66 50.55 34.58
C PRO E 189 -3.35 51.01 35.22
N VAL E 190 -2.39 51.37 34.37
CA VAL E 190 -1.08 51.79 34.83
C VAL E 190 -0.92 53.29 34.58
N PRO E 191 -1.10 54.12 35.59
CA PRO E 191 -0.74 55.53 35.45
C PRO E 191 0.69 55.79 35.85
N VAL E 192 1.48 56.44 34.99
CA VAL E 192 2.87 56.73 35.34
C VAL E 192 2.95 57.89 36.32
N PHE E 193 1.82 58.54 36.60
CA PHE E 193 1.68 59.57 37.64
C PHE E 193 2.33 59.08 38.93
N PRO E 194 2.84 59.98 39.76
CA PRO E 194 3.48 59.53 41.00
C PRO E 194 2.46 58.98 41.98
N LEU E 195 1.99 57.75 41.70
CA LEU E 195 0.98 57.11 42.52
C LEU E 195 1.58 55.96 43.32
N VAL E 207 -25.52 46.06 54.57
CA VAL E 207 -25.67 45.35 53.30
C VAL E 207 -26.39 44.03 53.56
N LEU E 208 -26.93 43.43 52.50
CA LEU E 208 -27.70 42.19 52.60
C LEU E 208 -27.00 41.11 51.79
N TYR E 209 -26.23 40.27 52.47
CA TYR E 209 -25.73 39.06 51.83
C TYR E 209 -26.90 38.23 51.33
N PRO E 210 -26.71 37.49 50.25
CA PRO E 210 -27.80 36.67 49.73
C PRO E 210 -28.31 35.65 50.73
N GLU E 211 -27.37 34.83 51.23
CA GLU E 211 -27.75 33.77 52.16
C GLU E 211 -28.01 34.31 53.56
N SER E 212 -27.37 35.42 53.93
CA SER E 212 -27.58 36.00 55.25
C SER E 212 -28.77 36.95 55.31
N ALA E 213 -29.46 37.15 54.20
CA ALA E 213 -30.68 37.98 54.18
C ALA E 213 -31.72 37.33 53.29
N SER E 214 -31.84 36.01 53.36
CA SER E 214 -32.62 35.24 52.39
C SER E 214 -34.12 35.46 52.50
N CYS E 215 -34.60 36.35 53.37
CA CYS E 215 -36.04 36.53 53.51
C CYS E 215 -36.44 37.99 53.68
N LEU E 216 -35.72 38.92 53.07
CA LEU E 216 -35.98 40.34 53.34
C LEU E 216 -37.02 40.94 52.39
N LEU E 217 -36.74 40.96 51.09
CA LEU E 217 -37.79 41.29 50.13
C LEU E 217 -38.51 40.04 49.63
N ARG E 218 -38.14 38.87 50.12
CA ARG E 218 -38.93 37.66 49.87
C ARG E 218 -40.40 37.88 50.20
N LEU E 219 -40.69 38.83 51.09
CA LEU E 219 -42.03 39.35 51.29
C LEU E 219 -42.05 40.81 50.87
N ARG E 220 -43.09 41.20 50.13
CA ARG E 220 -43.22 42.58 49.71
C ARG E 220 -43.43 43.52 50.89
N ASN E 221 -44.13 43.06 51.93
CA ASN E 221 -44.53 43.88 53.05
C ASN E 221 -43.36 44.42 53.88
N LYS E 222 -42.12 44.11 53.54
CA LYS E 222 -41.00 44.40 54.45
C LYS E 222 -39.94 45.31 53.86
N LEU E 223 -39.60 45.17 52.58
CA LEU E 223 -38.39 45.76 52.02
C LEU E 223 -38.68 46.49 50.71
N ARG E 224 -39.71 47.34 50.71
CA ARG E 224 -40.02 48.16 49.55
C ARG E 224 -39.81 49.64 49.87
N GLY E 225 -39.87 50.46 48.82
CA GLY E 225 -39.82 51.92 48.96
C GLY E 225 -38.46 52.57 48.82
N VAL E 226 -37.59 52.39 49.81
CA VAL E 226 -36.35 53.17 49.90
C VAL E 226 -35.18 52.31 49.42
N GLN E 227 -34.03 52.96 49.22
CA GLN E 227 -32.84 52.29 48.70
C GLN E 227 -31.99 51.78 49.85
N ARG E 228 -31.68 50.48 49.83
CA ARG E 228 -30.88 49.83 50.88
C ARG E 228 -29.65 49.17 50.26
N ASN E 229 -28.60 49.03 51.06
CA ASN E 229 -27.35 48.43 50.63
C ASN E 229 -27.43 46.92 50.61
N LEU E 230 -26.61 46.29 49.77
CA LEU E 230 -26.57 44.82 49.66
C LEU E 230 -25.16 44.37 49.35
N ALA E 231 -24.99 43.06 49.16
CA ALA E 231 -23.68 42.45 48.93
C ALA E 231 -23.87 40.96 48.63
N GLY E 232 -22.84 40.36 48.03
CA GLY E 232 -22.86 38.94 47.75
C GLY E 232 -21.94 38.60 46.59
N SER E 233 -21.87 37.30 46.27
CA SER E 233 -20.99 36.79 45.22
C SER E 233 -21.79 36.59 43.93
N LEU E 234 -21.40 37.30 42.88
CA LEU E 234 -22.12 37.24 41.61
C LEU E 234 -22.07 35.84 41.03
N VAL E 235 -23.23 35.22 40.80
CA VAL E 235 -23.22 33.82 40.40
C VAL E 235 -23.97 33.64 39.08
N ARG E 236 -24.96 34.51 38.83
CA ARG E 236 -25.79 34.34 37.63
C ARG E 236 -26.09 35.73 37.06
N LEU E 237 -25.26 36.18 36.12
CA LEU E 237 -25.39 37.51 35.52
C LEU E 237 -25.58 37.39 34.02
N SER E 238 -26.65 38.01 33.51
CA SER E 238 -26.93 38.08 32.08
C SER E 238 -26.29 39.33 31.49
N ALA E 239 -26.68 39.67 30.26
CA ALA E 239 -26.15 40.83 29.56
C ALA E 239 -26.86 42.10 30.01
N LEU E 240 -26.48 43.22 29.38
CA LEU E 240 -26.96 44.56 29.68
C LEU E 240 -27.63 45.13 28.44
N VAL E 241 -28.94 45.33 28.50
CA VAL E 241 -29.72 45.70 27.32
C VAL E 241 -29.93 47.21 27.31
N LYS E 242 -29.92 47.79 26.11
CA LYS E 242 -30.31 49.17 25.91
C LYS E 242 -31.80 49.23 25.63
N SER E 243 -32.30 50.42 25.33
CA SER E 243 -33.70 50.61 24.97
C SER E 243 -33.84 52.02 24.40
N LYS E 244 -35.10 52.45 24.21
CA LYS E 244 -35.37 53.86 23.99
C LYS E 244 -35.28 54.65 25.30
N GLN E 245 -35.90 54.13 26.36
CA GLN E 245 -35.88 54.79 27.66
C GLN E 245 -35.25 53.93 28.75
N LYS E 246 -35.72 52.70 28.94
CA LYS E 246 -35.34 51.88 30.10
C LYS E 246 -34.26 50.90 29.67
N ALA E 247 -33.00 51.33 29.76
CA ALA E 247 -31.85 50.47 29.51
C ALA E 247 -31.32 49.97 30.85
N TYR E 248 -31.16 48.66 30.97
CA TYR E 248 -30.84 48.10 32.28
C TYR E 248 -30.32 46.68 32.15
N PHE E 249 -30.02 46.07 33.30
CA PHE E 249 -29.76 44.64 33.38
C PHE E 249 -30.13 44.18 34.78
N ILE E 250 -30.30 42.86 34.92
CA ILE E 250 -30.70 42.25 36.18
C ILE E 250 -29.72 41.13 36.50
N LEU E 251 -29.04 41.24 37.64
CA LEU E 251 -28.02 40.29 38.05
C LEU E 251 -28.50 39.43 39.22
N SER E 252 -27.89 38.24 39.34
CA SER E 252 -28.22 37.26 40.37
C SER E 252 -26.95 36.72 41.02
N LEU E 253 -27.04 36.45 42.31
CA LEU E 253 -25.86 36.26 43.12
C LEU E 253 -26.18 35.26 44.23
N GLY E 254 -25.20 35.04 45.09
CA GLY E 254 -25.31 34.09 46.17
C GLY E 254 -23.96 33.79 46.79
N ARG E 255 -23.72 32.49 46.94
CA ARG E 255 -22.50 31.92 47.51
C ARG E 255 -22.27 30.57 46.84
N SER E 256 -21.56 29.67 47.51
CA SER E 256 -21.02 28.45 46.91
C SER E 256 -22.14 27.54 46.40
N HIS E 257 -21.72 26.42 45.77
CA HIS E 257 -22.55 25.54 44.93
C HIS E 257 -23.58 24.70 45.67
N PRO E 258 -23.29 24.14 46.89
CA PRO E 258 -24.34 23.44 47.65
C PRO E 258 -25.31 24.41 48.36
N ALA E 259 -25.74 25.44 47.63
CA ALA E 259 -26.77 26.36 48.10
C ALA E 259 -27.42 26.94 46.84
N VAL E 260 -28.60 26.41 46.49
CA VAL E 260 -29.16 26.63 45.17
C VAL E 260 -29.85 27.98 45.02
N THR E 261 -30.06 28.71 46.11
CA THR E 261 -30.84 29.94 46.07
C THR E 261 -29.96 31.15 45.74
N HIS E 262 -30.49 32.06 44.92
CA HIS E 262 -29.81 33.28 44.54
C HIS E 262 -30.58 34.47 45.07
N VAL E 263 -30.01 35.67 44.85
CA VAL E 263 -30.73 36.93 45.06
C VAL E 263 -30.45 37.81 43.84
N SER E 264 -31.33 38.77 43.60
CA SER E 264 -31.22 39.56 42.37
C SER E 264 -31.24 41.04 42.67
N ILE E 265 -30.45 41.78 41.87
CA ILE E 265 -30.41 43.23 41.89
C ILE E 265 -30.60 43.68 40.44
N ILE E 266 -30.95 44.95 40.24
CA ILE E 266 -31.12 45.50 38.90
C ILE E 266 -30.25 46.75 38.81
N VAL E 267 -29.95 47.17 37.58
CA VAL E 267 -29.08 48.30 37.31
C VAL E 267 -29.61 49.05 36.10
N GLN E 268 -30.01 50.31 36.30
CA GLN E 268 -30.67 51.12 35.28
C GLN E 268 -30.19 52.57 35.29
N VAL E 269 -28.88 52.79 35.39
CA VAL E 269 -28.38 54.16 35.45
C VAL E 269 -27.19 54.37 34.52
N PRO E 270 -27.16 55.48 33.78
CA PRO E 270 -25.98 55.77 32.93
C PRO E 270 -24.66 55.76 33.67
N ALA E 271 -24.66 56.12 34.95
CA ALA E 271 -23.47 55.98 35.78
C ALA E 271 -23.38 54.60 36.42
N GLN E 272 -24.09 53.61 35.88
CA GLN E 272 -24.12 52.29 36.47
C GLN E 272 -23.95 51.15 35.47
N LEU E 273 -24.07 51.41 34.17
CA LEU E 273 -23.59 50.44 33.20
C LEU E 273 -22.13 50.09 33.46
N VAL E 274 -21.40 51.01 34.11
CA VAL E 274 -20.04 50.76 34.58
C VAL E 274 -19.95 49.46 35.35
N TRP E 275 -20.99 49.09 36.09
CA TRP E 275 -20.92 47.90 36.91
C TRP E 275 -21.14 46.63 36.11
N HIS E 276 -22.04 46.63 35.12
CA HIS E 276 -22.03 45.50 34.21
C HIS E 276 -20.72 45.43 33.45
N ARG E 277 -20.06 46.57 33.24
CA ARG E 277 -18.69 46.55 32.75
C ARG E 277 -17.71 46.15 33.84
N ALA E 278 -18.14 46.13 35.11
CA ALA E 278 -17.29 45.80 36.25
C ALA E 278 -17.66 44.54 37.00
N LEU E 279 -18.95 44.18 37.04
CA LEU E 279 -19.38 43.00 37.77
C LEU E 279 -18.98 41.73 37.02
N ARG E 280 -18.54 40.72 37.76
CA ARG E 280 -18.01 39.49 37.18
C ARG E 280 -18.49 38.27 37.97
N PRO E 281 -18.81 37.17 37.30
CA PRO E 281 -19.20 35.95 38.02
C PRO E 281 -18.07 35.40 38.86
N GLY E 282 -18.45 34.57 39.83
CA GLY E 282 -17.50 34.05 40.79
C GLY E 282 -16.91 35.08 41.72
N THR E 283 -17.18 36.36 41.52
CA THR E 283 -16.67 37.44 42.34
C THR E 283 -17.79 38.02 43.20
N ALA E 284 -17.40 38.75 44.23
CA ALA E 284 -18.31 39.26 45.24
C ALA E 284 -18.11 40.76 45.42
N TYR E 285 -19.17 41.41 45.91
CA TYR E 285 -19.21 42.86 45.99
C TYR E 285 -19.98 43.27 47.23
N VAL E 286 -19.73 44.50 47.66
CA VAL E 286 -20.48 45.15 48.73
C VAL E 286 -20.88 46.52 48.21
N LEU E 287 -22.18 46.73 48.02
CA LEU E 287 -22.72 47.92 47.38
C LEU E 287 -23.71 48.61 48.30
N THR E 288 -23.85 49.92 48.11
CA THR E 288 -24.78 50.75 48.85
C THR E 288 -25.65 51.52 47.86
N GLU E 289 -26.72 52.13 48.38
CA GLU E 289 -27.61 52.97 47.57
C GLU E 289 -28.22 52.18 46.40
N LEU E 290 -29.02 51.18 46.75
CA LEU E 290 -29.69 50.34 45.77
C LEU E 290 -31.20 50.42 45.99
N ARG E 291 -31.92 50.99 45.03
CA ARG E 291 -33.35 51.18 45.14
C ARG E 291 -34.11 49.85 45.14
N VAL E 292 -35.40 49.94 45.44
CA VAL E 292 -36.34 48.84 45.36
C VAL E 292 -36.84 48.69 43.92
N SER E 293 -37.59 47.63 43.64
CA SER E 293 -38.31 47.48 42.39
C SER E 293 -39.81 47.35 42.69
N LYS E 294 -40.63 48.03 41.89
CA LYS E 294 -42.09 47.93 41.95
C LYS E 294 -42.56 47.62 40.52
N ILE E 295 -42.61 46.33 40.17
CA ILE E 295 -42.89 45.94 38.80
C ILE E 295 -44.39 46.00 38.56
N ARG E 296 -44.78 46.66 37.47
CA ARG E 296 -46.19 46.84 37.15
C ARG E 296 -46.83 45.53 36.70
N GLY E 297 -47.99 45.21 37.26
CA GLY E 297 -48.74 44.04 36.88
C GLY E 297 -48.03 42.72 37.14
N GLN E 298 -46.89 42.78 37.84
CA GLN E 298 -46.09 41.60 38.14
C GLN E 298 -45.72 41.63 39.61
N ARG E 299 -46.04 40.54 40.32
CA ARG E 299 -45.83 40.46 41.76
C ARG E 299 -44.47 39.82 42.06
N GLN E 300 -43.43 40.51 41.61
CA GLN E 300 -42.06 39.99 41.54
C GLN E 300 -41.04 41.00 42.08
N HIS E 301 -41.31 41.53 43.27
CA HIS E 301 -40.47 42.59 43.83
C HIS E 301 -39.07 42.09 44.15
N VAL E 302 -38.06 42.76 43.59
CA VAL E 302 -36.66 42.58 43.96
C VAL E 302 -35.98 43.93 43.76
N TRP E 303 -34.69 44.02 44.07
CA TRP E 303 -34.10 45.34 44.14
C TRP E 303 -33.36 45.73 42.84
N MET E 304 -33.02 47.01 42.76
CA MET E 304 -32.27 47.63 41.67
C MET E 304 -31.22 48.52 42.30
N THR E 305 -30.35 49.11 41.48
CA THR E 305 -29.46 50.16 41.91
C THR E 305 -30.03 51.51 41.49
N SER E 306 -29.27 52.59 41.65
CA SER E 306 -29.68 53.90 41.14
C SER E 306 -28.46 54.82 41.10
N GLN E 307 -28.71 56.08 40.73
CA GLN E 307 -27.66 56.95 40.22
C GLN E 307 -26.57 57.26 41.26
N SER E 308 -26.92 57.26 42.54
CA SER E 308 -26.05 57.82 43.58
C SER E 308 -25.31 56.74 44.36
N SER E 309 -24.81 55.70 43.69
CA SER E 309 -24.28 54.52 44.36
C SER E 309 -22.82 54.27 43.98
N ARG E 310 -22.06 53.74 44.95
CA ARG E 310 -20.67 53.33 44.74
C ARG E 310 -20.35 52.20 45.71
N LEU E 311 -19.78 51.12 45.19
CA LEU E 311 -19.52 49.90 45.93
C LEU E 311 -18.02 49.72 46.14
N LEU E 312 -17.66 48.57 46.72
CA LEU E 312 -16.28 48.13 46.76
C LEU E 312 -16.23 46.61 46.67
N LEU E 313 -15.02 46.11 46.43
CA LEU E 313 -14.82 44.74 46.00
C LEU E 313 -14.85 43.78 47.18
N LEU E 314 -15.64 42.72 47.05
CA LEU E 314 -15.77 41.70 48.09
C LEU E 314 -15.37 40.34 47.54
N ASP E 349 -44.37 9.13 21.95
CA ASP E 349 -44.55 10.58 22.14
C ASP E 349 -43.93 11.39 20.99
N PRO E 350 -44.73 11.73 19.99
CA PRO E 350 -44.31 12.74 19.02
C PRO E 350 -44.23 14.13 19.62
N GLU E 351 -44.71 14.32 20.85
CA GLU E 351 -44.51 15.55 21.59
C GLU E 351 -43.02 15.90 21.70
N SER E 352 -42.14 14.94 21.47
CA SER E 352 -40.70 15.18 21.45
C SER E 352 -40.25 15.89 20.19
N LEU E 353 -41.18 16.42 19.39
CA LEU E 353 -40.79 17.43 18.42
C LEU E 353 -40.15 18.56 19.20
N VAL E 354 -40.94 19.24 20.02
CA VAL E 354 -40.42 20.25 20.94
C VAL E 354 -39.93 19.57 22.19
N ARG E 355 -38.71 19.90 22.60
CA ARG E 355 -38.14 19.40 23.84
C ARG E 355 -37.41 20.55 24.50
N TYR E 356 -37.07 20.39 25.78
CA TYR E 356 -36.54 21.48 26.57
C TYR E 356 -35.08 21.18 26.92
N SER E 357 -34.19 22.07 26.47
CA SER E 357 -32.76 21.82 26.50
C SER E 357 -32.22 21.84 27.93
N ARG E 358 -30.91 21.65 28.05
CA ARG E 358 -30.20 21.60 29.31
C ARG E 358 -29.09 22.66 29.31
N LEU E 359 -28.33 22.72 30.41
CA LEU E 359 -27.36 23.78 30.63
C LEU E 359 -26.01 23.18 31.02
N LEU E 360 -24.95 23.68 30.40
CA LEU E 360 -23.59 23.31 30.78
C LEU E 360 -22.64 24.46 30.46
N SER E 361 -21.54 24.50 31.19
CA SER E 361 -20.52 25.52 31.03
C SER E 361 -19.42 25.07 30.07
N TYR E 362 -18.69 26.05 29.55
CA TYR E 362 -17.48 25.76 28.79
C TYR E 362 -16.70 27.07 28.64
N SER E 363 -15.56 26.97 27.98
CA SER E 363 -14.74 28.13 27.65
C SER E 363 -13.86 27.73 26.48
N GLY E 364 -14.03 28.38 25.35
CA GLY E 364 -13.38 27.94 24.13
C GLY E 364 -12.70 29.08 23.41
N ALA E 365 -12.57 28.91 22.10
CA ALA E 365 -11.86 29.85 21.25
C ALA E 365 -12.68 30.16 20.01
N VAL E 366 -12.55 31.39 19.52
CA VAL E 366 -13.34 31.85 18.39
C VAL E 366 -12.88 31.08 17.15
N THR E 367 -13.75 30.20 16.66
CA THR E 367 -13.37 29.33 15.56
C THR E 367 -14.49 29.14 14.54
N GLY E 368 -15.60 29.85 14.66
CA GLY E 368 -16.63 29.78 13.64
C GLY E 368 -17.29 31.11 13.38
N VAL E 369 -17.27 31.53 12.11
CA VAL E 369 -17.56 32.89 11.67
C VAL E 369 -18.81 32.85 10.80
N LEU E 370 -19.79 32.04 11.21
CA LEU E 370 -20.87 31.56 10.34
C LEU E 370 -21.36 32.59 9.34
N ASN E 371 -21.91 33.70 9.82
CA ASN E 371 -22.42 34.75 8.94
C ASN E 371 -21.54 35.97 9.15
N GLU E 372 -20.43 36.03 8.40
CA GLU E 372 -19.51 37.17 8.44
C GLU E 372 -20.22 38.52 8.52
N PRO E 373 -21.20 38.85 7.67
CA PRO E 373 -21.93 40.11 7.86
C PRO E 373 -22.62 40.19 9.21
N ALA E 374 -23.50 39.24 9.52
CA ALA E 374 -24.22 39.23 10.78
C ALA E 374 -23.42 38.59 11.90
N GLY E 375 -22.13 38.36 11.68
CA GLY E 375 -21.19 37.95 12.71
C GLY E 375 -21.65 36.87 13.66
N LEU E 376 -22.39 35.89 13.16
CA LEU E 376 -22.82 34.79 14.02
C LEU E 376 -21.63 33.88 14.29
N TYR E 377 -21.32 33.66 15.57
CA TYR E 377 -20.00 33.20 15.98
C TYR E 377 -20.11 32.05 16.96
N GLU E 378 -19.23 31.07 16.81
CA GLU E 378 -19.20 29.93 17.71
C GLU E 378 -17.76 29.49 17.98
N LEU E 379 -17.61 28.67 19.01
CA LEU E 379 -16.33 28.16 19.44
C LEU E 379 -16.18 26.69 19.04
N ASP E 380 -14.99 26.16 19.31
CA ASP E 380 -14.61 24.78 19.00
C ASP E 380 -14.67 24.51 17.50
N GLY E 381 -15.01 25.54 16.72
CA GLY E 381 -15.29 25.36 15.31
C GLY E 381 -16.59 24.62 15.06
N GLN E 382 -17.13 24.01 16.11
CA GLN E 382 -18.27 23.09 15.99
C GLN E 382 -19.25 23.29 17.15
N LEU E 383 -19.43 24.53 17.58
CA LEU E 383 -20.48 24.83 18.56
C LEU E 383 -21.42 25.92 18.05
N GLY E 384 -21.93 25.78 16.83
CA GLY E 384 -22.64 26.83 16.13
C GLY E 384 -23.49 27.71 17.02
N LEU E 385 -23.24 29.02 17.00
CA LEU E 385 -23.76 29.90 18.03
C LEU E 385 -24.04 31.28 17.44
N CYS E 386 -25.09 31.91 17.94
CA CYS E 386 -25.54 33.19 17.44
C CYS E 386 -25.99 34.06 18.61
N LEU E 387 -25.44 35.26 18.70
CA LEU E 387 -25.85 36.21 19.72
C LEU E 387 -27.24 36.73 19.34
N ALA E 388 -28.27 36.09 19.89
CA ALA E 388 -29.63 36.28 19.38
C ALA E 388 -30.20 37.64 19.79
N TYR E 389 -30.34 37.88 21.08
CA TYR E 389 -31.06 39.07 21.54
C TYR E 389 -30.14 40.19 22.02
N GLN E 390 -28.91 39.87 22.42
CA GLN E 390 -28.00 40.92 22.84
C GLN E 390 -27.77 41.90 21.72
N GLN E 391 -27.89 43.19 22.03
CA GLN E 391 -27.54 44.24 21.08
C GLN E 391 -26.04 44.47 21.19
N PHE E 392 -25.29 43.53 20.63
CA PHE E 392 -23.85 43.44 20.81
C PHE E 392 -23.11 44.22 19.72
N ARG E 393 -23.45 45.51 19.59
CA ARG E 393 -22.79 46.37 18.61
C ARG E 393 -21.28 46.32 18.75
N GLY E 394 -20.78 46.37 19.99
CA GLY E 394 -19.34 46.32 20.20
C GLY E 394 -18.74 45.00 19.76
N LEU E 395 -19.46 43.90 19.95
CA LEU E 395 -18.99 42.60 19.51
C LEU E 395 -19.46 42.27 18.09
N ARG E 396 -19.30 43.22 17.17
CA ARG E 396 -19.66 42.95 15.78
C ARG E 396 -18.64 43.44 14.76
N ARG E 397 -17.61 44.19 15.17
CA ARG E 397 -16.52 44.58 14.28
C ARG E 397 -15.17 44.25 14.88
N VAL E 398 -15.15 43.42 15.92
CA VAL E 398 -13.94 43.23 16.74
C VAL E 398 -13.35 41.84 16.54
N MET E 399 -14.19 40.80 16.53
CA MET E 399 -13.69 39.44 16.67
C MET E 399 -12.85 39.04 15.47
N ARG E 400 -12.07 37.97 15.71
CA ARG E 400 -11.12 37.34 14.76
C ARG E 400 -10.55 36.08 15.44
N PRO E 401 -10.12 35.04 14.69
CA PRO E 401 -9.59 33.82 15.30
C PRO E 401 -8.39 34.13 16.22
N GLY E 402 -8.38 33.57 17.44
CA GLY E 402 -7.27 33.81 18.39
C GLY E 402 -7.78 34.24 19.75
N VAL E 403 -9.09 34.45 19.88
CA VAL E 403 -9.71 34.88 21.12
C VAL E 403 -10.19 33.64 21.87
N CYS E 404 -10.06 33.65 23.19
CA CYS E 404 -10.48 32.55 24.05
C CYS E 404 -11.36 33.11 25.15
N LEU E 405 -12.61 32.67 25.20
CA LEU E 405 -13.59 33.26 26.10
C LEU E 405 -14.31 32.18 26.89
N GLN E 406 -15.17 32.64 27.80
CA GLN E 406 -15.79 31.86 28.85
C GLN E 406 -17.31 31.94 28.73
N LEU E 407 -18.00 30.92 29.25
CA LEU E 407 -19.44 30.88 29.12
C LEU E 407 -20.02 29.77 29.98
N GLN E 408 -21.29 29.93 30.35
CA GLN E 408 -21.96 28.99 31.24
C GLN E 408 -23.42 28.88 30.82
N ASP E 409 -23.97 27.66 30.88
CA ASP E 409 -25.41 27.44 30.85
C ASP E 409 -26.03 27.98 29.56
N VAL E 410 -25.59 27.42 28.43
CA VAL E 410 -26.14 27.74 27.12
C VAL E 410 -26.48 26.44 26.41
N HIS E 411 -27.68 26.36 25.85
CA HIS E 411 -28.21 25.08 25.38
C HIS E 411 -27.35 24.48 24.30
N LEU E 412 -27.26 23.15 24.32
CA LEU E 412 -26.73 22.39 23.20
C LEU E 412 -27.90 21.70 22.52
N LEU E 413 -28.11 22.05 21.26
CA LEU E 413 -29.15 21.48 20.42
C LEU E 413 -28.50 20.39 19.57
N GLN E 414 -28.89 19.15 19.85
CA GLN E 414 -28.53 17.96 19.10
C GLN E 414 -29.71 17.00 19.21
N SER E 415 -29.63 15.91 18.45
CA SER E 415 -30.79 15.04 18.24
C SER E 415 -31.98 15.87 17.75
N VAL E 416 -31.68 16.95 17.04
CA VAL E 416 -32.69 17.84 16.47
C VAL E 416 -32.71 17.77 14.96
N GLY E 417 -31.55 17.84 14.32
CA GLY E 417 -31.52 17.77 12.88
C GLY E 417 -32.16 18.98 12.24
N GLY E 418 -32.62 18.81 11.00
CA GLY E 418 -33.26 19.88 10.27
C GLY E 418 -32.35 21.07 10.06
N GLY E 419 -31.30 20.88 9.26
CA GLY E 419 -30.32 21.92 9.04
C GLY E 419 -28.92 21.44 9.41
N THR E 420 -28.83 20.75 10.55
CA THR E 420 -27.63 20.03 10.99
C THR E 420 -27.95 19.33 12.30
N ARG E 421 -27.06 18.40 12.67
CA ARG E 421 -27.10 17.77 13.99
C ARG E 421 -25.89 18.14 14.83
N ARG E 422 -25.12 19.14 14.38
CA ARG E 422 -23.90 19.54 15.07
C ARG E 422 -24.25 20.13 16.43
N PRO E 423 -23.25 20.38 17.29
CA PRO E 423 -23.55 20.91 18.61
C PRO E 423 -24.03 22.34 18.54
N VAL E 424 -25.31 22.52 18.24
CA VAL E 424 -25.86 23.87 18.13
C VAL E 424 -25.82 24.54 19.49
N LEU E 425 -25.33 25.77 19.52
CA LEU E 425 -25.31 26.54 20.76
C LEU E 425 -26.47 27.53 20.73
N ALA E 426 -27.31 27.47 21.77
CA ALA E 426 -28.47 28.34 21.88
C ALA E 426 -28.36 29.18 23.14
N PRO E 427 -28.05 30.46 23.03
CA PRO E 427 -27.85 31.32 24.20
C PRO E 427 -29.11 31.98 24.77
N CYS E 428 -29.85 31.24 25.60
CA CYS E 428 -30.82 31.89 26.47
C CYS E 428 -30.04 32.76 27.45
N LEU E 429 -30.29 34.07 27.42
CA LEU E 429 -29.32 35.00 27.96
C LEU E 429 -29.23 34.92 29.48
N ARG E 430 -28.62 33.85 29.98
CA ARG E 430 -28.30 33.69 31.40
C ARG E 430 -26.84 33.98 31.68
N GLY E 431 -25.93 33.25 31.03
CA GLY E 431 -24.52 33.53 31.12
C GLY E 431 -24.06 34.38 29.96
N ALA E 432 -23.93 35.69 30.17
CA ALA E 432 -23.59 36.59 29.08
C ALA E 432 -22.18 36.35 28.58
N VAL E 433 -21.79 37.09 27.55
CA VAL E 433 -20.44 36.96 27.01
C VAL E 433 -19.44 37.34 28.09
N LEU E 434 -18.34 36.59 28.14
CA LEU E 434 -17.31 36.78 29.16
C LEU E 434 -16.01 37.08 28.44
N LEU E 435 -15.74 38.38 28.24
CA LEU E 435 -14.56 38.81 27.49
C LEU E 435 -13.35 38.82 28.42
N GLN E 436 -12.38 37.97 28.14
CA GLN E 436 -11.12 37.94 28.89
C GLN E 436 -9.89 37.82 28.00
N SER E 437 -10.04 37.87 26.68
CA SER E 437 -8.91 37.67 25.78
C SER E 437 -9.15 38.40 24.47
N PHE E 438 -8.06 38.71 23.79
CA PHE E 438 -8.05 39.29 22.46
C PHE E 438 -7.35 38.32 21.51
N SER E 439 -7.09 38.80 20.28
CA SER E 439 -6.42 37.99 19.23
C SER E 439 -5.65 38.90 18.28
N ARG E 440 -4.33 39.00 18.48
CA ARG E 440 -3.47 39.87 17.62
C ARG E 440 -3.60 39.45 16.16
N GLN E 441 -4.56 40.04 15.43
CA GLN E 441 -4.79 39.72 14.01
C GLN E 441 -5.35 40.95 13.27
N LYS E 442 -4.56 41.50 12.35
CA LYS E 442 -4.99 42.68 11.53
C LYS E 442 -5.97 42.19 10.46
N PRO E 443 -6.86 43.06 9.91
CA PRO E 443 -7.84 42.65 8.90
C PRO E 443 -7.27 42.43 7.49
N GLY E 444 -8.12 41.94 6.58
CA GLY E 444 -7.76 41.70 5.19
C GLY E 444 -8.25 42.77 4.25
N ALA E 445 -8.69 42.39 3.04
CA ALA E 445 -9.11 43.36 2.04
C ALA E 445 -10.35 42.95 1.24
N HIS E 446 -11.01 41.84 1.57
CA HIS E 446 -12.09 41.29 0.76
C HIS E 446 -13.46 41.38 1.40
N SER E 447 -13.53 41.34 2.74
CA SER E 447 -14.79 41.31 3.47
C SER E 447 -15.76 42.39 2.98
N SER E 448 -15.26 43.47 2.39
CA SER E 448 -16.09 44.50 1.82
C SER E 448 -17.25 43.92 1.02
N ARG E 449 -16.95 43.08 0.04
CA ARG E 449 -18.03 42.59 -0.81
C ARG E 449 -18.83 41.48 -0.16
N GLN E 450 -18.40 40.94 0.97
CA GLN E 450 -19.04 39.76 1.54
C GLN E 450 -19.45 39.95 3.00
N ALA E 451 -19.47 41.19 3.50
CA ALA E 451 -19.98 41.43 4.85
C ALA E 451 -20.83 42.67 4.99
N TYR E 452 -20.83 43.59 4.03
CA TYR E 452 -21.39 44.93 4.24
C TYR E 452 -22.91 44.91 4.19
N GLY E 453 -23.55 45.13 5.35
CA GLY E 453 -24.94 45.50 5.36
C GLY E 453 -25.88 44.67 6.21
N ALA E 454 -25.36 43.81 7.08
CA ALA E 454 -26.22 42.85 7.78
C ALA E 454 -27.20 43.50 8.74
N SER E 455 -27.30 44.82 8.82
CA SER E 455 -28.10 45.46 9.85
C SER E 455 -29.52 44.92 9.92
N LEU E 456 -30.08 44.50 8.79
CA LEU E 456 -31.44 43.97 8.77
C LEU E 456 -31.61 42.88 9.83
N TYR E 457 -30.65 41.96 9.91
CA TYR E 457 -30.62 40.88 10.89
C TYR E 457 -31.06 41.35 12.27
N GLU E 458 -30.63 42.55 12.64
CA GLU E 458 -30.79 43.03 14.00
C GLU E 458 -32.26 43.06 14.41
N GLN E 459 -33.16 43.31 13.45
CA GLN E 459 -34.58 43.24 13.74
C GLN E 459 -35.23 42.00 13.18
N LEU E 460 -34.52 41.26 12.34
CA LEU E 460 -35.09 40.07 11.70
C LEU E 460 -35.74 39.15 12.72
N VAL E 461 -35.02 38.80 13.79
CA VAL E 461 -35.62 38.02 14.86
C VAL E 461 -36.85 38.75 15.39
N TRP E 462 -36.67 40.00 15.82
CA TRP E 462 -37.78 40.80 16.27
C TRP E 462 -38.79 41.08 15.16
N GLU E 463 -38.42 40.79 13.91
CA GLU E 463 -39.33 41.03 12.79
C GLU E 463 -40.58 40.17 12.90
N ARG E 464 -40.43 38.86 12.82
CA ARG E 464 -41.55 37.93 12.90
C ARG E 464 -41.28 36.85 13.94
N GLN E 465 -40.62 37.24 15.04
CA GLN E 465 -40.38 36.37 16.19
C GLN E 465 -39.82 35.02 15.72
N LEU E 466 -38.63 35.08 15.14
CA LEU E 466 -38.11 33.98 14.36
C LEU E 466 -37.64 32.85 15.27
N GLY E 467 -38.18 31.65 15.06
CA GLY E 467 -37.54 30.47 15.58
C GLY E 467 -36.13 30.32 15.03
N LEU E 468 -35.27 29.71 15.82
CA LEU E 468 -33.84 29.73 15.50
C LEU E 468 -33.43 28.72 14.44
N PRO E 469 -33.90 27.47 14.46
CA PRO E 469 -33.64 26.62 13.29
C PRO E 469 -34.18 27.25 12.01
N LEU E 470 -35.40 27.79 12.09
CA LEU E 470 -35.90 28.63 11.02
C LEU E 470 -34.93 29.76 10.72
N TYR E 471 -34.35 30.35 11.76
CA TYR E 471 -33.44 31.48 11.56
C TYR E 471 -32.23 31.05 10.73
N LEU E 472 -31.60 29.94 11.09
CA LEU E 472 -30.44 29.48 10.36
C LEU E 472 -30.81 29.14 8.92
N TRP E 473 -31.94 28.46 8.74
CA TRP E 473 -32.36 28.12 7.38
C TRP E 473 -32.55 29.39 6.56
N ALA E 474 -33.14 30.42 7.15
CA ALA E 474 -33.36 31.66 6.43
C ALA E 474 -32.03 32.33 6.10
N THR E 475 -31.09 32.31 7.03
CA THR E 475 -29.77 32.83 6.74
C THR E 475 -29.17 32.13 5.53
N LYS E 476 -29.26 30.80 5.50
CA LYS E 476 -28.79 30.05 4.34
C LYS E 476 -29.46 30.53 3.06
N ALA E 477 -30.78 30.68 3.11
CA ALA E 477 -31.51 31.17 1.95
C ALA E 477 -30.95 32.52 1.49
N LEU E 478 -30.66 33.40 2.44
CA LEU E 478 -30.17 34.73 2.10
C LEU E 478 -28.78 34.65 1.49
N GLU E 479 -27.95 33.75 2.04
CA GLU E 479 -26.66 33.45 1.43
C GLU E 479 -26.83 33.17 -0.05
N GLU E 480 -27.63 32.16 -0.34
CA GLU E 480 -27.78 31.72 -1.73
C GLU E 480 -28.37 32.82 -2.60
N LEU E 481 -29.38 33.51 -2.07
CA LEU E 481 -29.92 34.68 -2.75
C LEU E 481 -28.80 35.62 -3.17
N ALA E 482 -28.06 36.12 -2.19
CA ALA E 482 -26.98 37.05 -2.45
C ALA E 482 -26.04 36.50 -3.51
N CYS E 483 -25.76 35.21 -3.45
CA CYS E 483 -24.96 34.59 -4.50
C CYS E 483 -25.63 34.74 -5.86
N LYS E 484 -26.95 34.67 -5.91
CA LYS E 484 -27.65 34.65 -7.18
C LYS E 484 -27.83 36.05 -7.77
N LEU E 485 -28.09 37.04 -6.93
CA LEU E 485 -28.49 38.36 -7.42
C LEU E 485 -27.54 39.47 -6.98
N CYS E 486 -27.21 39.51 -5.71
CA CYS E 486 -26.50 40.68 -5.21
C CYS E 486 -25.03 40.63 -5.62
N PRO E 487 -24.43 41.78 -5.96
CA PRO E 487 -25.17 43.03 -6.11
C PRO E 487 -25.22 43.49 -7.56
N HIS E 488 -24.81 42.60 -8.48
CA HIS E 488 -24.72 42.96 -9.88
C HIS E 488 -26.07 43.37 -10.46
N VAL E 489 -27.15 43.06 -9.76
CA VAL E 489 -28.48 43.58 -10.12
C VAL E 489 -29.13 44.36 -9.00
N LEU E 490 -28.70 44.18 -7.75
CA LEU E 490 -29.32 44.88 -6.62
C LEU E 490 -28.25 45.09 -5.55
N ARG E 491 -27.90 46.36 -5.31
CA ARG E 491 -26.85 46.69 -4.34
C ARG E 491 -27.13 46.04 -3.00
N HIS E 492 -26.04 45.59 -2.35
CA HIS E 492 -26.17 44.75 -1.18
C HIS E 492 -26.79 45.50 0.00
N HIS E 493 -26.26 46.69 0.32
CA HIS E 493 -26.70 47.37 1.54
C HIS E 493 -28.15 47.83 1.44
N GLN E 494 -28.57 48.27 0.26
CA GLN E 494 -29.98 48.63 0.08
C GLN E 494 -30.87 47.40 0.22
N PHE E 495 -30.42 46.26 -0.31
CA PHE E 495 -31.15 45.02 -0.11
C PHE E 495 -31.02 44.49 1.31
N LEU E 496 -30.16 45.08 2.12
CA LEU E 496 -29.92 44.59 3.46
C LEU E 496 -30.14 45.66 4.52
N GLN E 497 -30.64 46.82 4.13
CA GLN E 497 -31.06 47.83 5.10
C GLN E 497 -32.21 47.28 5.95
N HIS E 498 -32.39 47.88 7.12
CA HIS E 498 -33.53 47.56 7.97
C HIS E 498 -34.83 47.91 7.23
N SER E 499 -35.59 46.88 6.88
CA SER E 499 -36.72 47.06 5.97
C SER E 499 -37.87 47.81 6.62
N SER E 500 -38.53 48.64 5.82
CA SER E 500 -39.75 49.35 6.17
C SER E 500 -40.27 50.06 4.92
N PRO E 501 -41.56 50.27 4.78
CA PRO E 501 -42.06 51.13 3.69
C PRO E 501 -41.38 52.49 3.77
N GLY E 502 -40.59 52.79 2.73
CA GLY E 502 -39.67 53.90 2.74
C GLY E 502 -38.22 53.48 2.69
N SER E 503 -37.92 52.25 3.09
CA SER E 503 -36.65 51.59 2.83
C SER E 503 -36.85 50.09 2.88
N PRO E 504 -37.73 49.53 2.04
CA PRO E 504 -38.04 48.10 2.14
C PRO E 504 -37.09 47.23 1.31
N SER E 505 -36.44 46.27 1.95
CA SER E 505 -35.69 45.28 1.20
C SER E 505 -36.65 44.21 0.67
N LEU E 506 -36.11 43.20 -0.01
CA LEU E 506 -36.94 42.17 -0.61
C LEU E 506 -36.95 40.89 0.19
N GLY E 507 -35.79 40.45 0.65
CA GLY E 507 -35.74 39.39 1.65
C GLY E 507 -36.64 39.67 2.83
N LEU E 508 -36.92 40.95 3.09
CA LEU E 508 -38.05 41.33 3.92
C LEU E 508 -39.25 40.45 3.64
N GLN E 509 -39.55 40.23 2.37
CA GLN E 509 -40.73 39.50 1.98
C GLN E 509 -40.43 38.25 1.16
N LEU E 510 -39.33 38.23 0.40
CA LEU E 510 -39.12 37.21 -0.62
C LEU E 510 -39.41 35.81 -0.10
N LEU E 511 -39.07 35.54 1.14
CA LEU E 511 -39.32 34.25 1.73
C LEU E 511 -40.78 34.05 2.13
N ALA E 512 -41.67 34.93 1.67
CA ALA E 512 -43.07 34.96 2.11
C ALA E 512 -43.71 33.59 2.31
N PRO E 513 -43.71 32.65 1.36
CA PRO E 513 -44.37 31.37 1.63
C PRO E 513 -43.75 30.65 2.81
N THR E 514 -42.43 30.60 2.88
CA THR E 514 -41.77 30.12 4.08
C THR E 514 -42.22 30.92 5.29
N LEU E 515 -41.96 32.24 5.25
CA LEU E 515 -42.24 33.18 6.31
C LEU E 515 -43.57 32.92 6.99
N ASP E 516 -44.58 32.57 6.20
CA ASP E 516 -45.95 32.48 6.68
C ASP E 516 -46.39 31.05 6.94
N LEU E 517 -46.25 30.16 5.95
CA LEU E 517 -46.72 28.79 6.13
C LEU E 517 -45.96 28.08 7.24
N LEU E 518 -44.72 28.47 7.50
CA LEU E 518 -43.99 27.73 8.51
C LEU E 518 -44.21 28.25 9.92
N ALA E 519 -44.20 29.56 10.12
CA ALA E 519 -44.24 30.13 11.48
C ALA E 519 -45.08 31.40 11.53
N PRO E 520 -46.38 31.27 11.76
CA PRO E 520 -47.21 32.45 11.99
C PRO E 520 -46.99 33.00 13.40
N PRO E 521 -47.38 34.24 13.67
CA PRO E 521 -47.12 34.84 14.98
C PRO E 521 -48.15 34.50 16.05
N GLY E 522 -48.04 35.12 17.22
CA GLY E 522 -49.03 34.96 18.27
C GLY E 522 -48.51 34.99 19.69
N SER E 523 -47.21 34.78 19.88
CA SER E 523 -46.61 34.77 21.21
C SER E 523 -45.96 36.11 21.50
N PRO E 524 -46.35 36.82 22.57
CA PRO E 524 -45.78 38.14 22.84
C PRO E 524 -44.30 38.07 23.18
N VAL E 525 -43.72 39.26 23.39
CA VAL E 525 -42.27 39.43 23.47
C VAL E 525 -41.70 38.66 24.65
N ARG E 526 -40.45 38.26 24.53
CA ARG E 526 -39.68 37.66 25.63
C ARG E 526 -38.89 38.76 26.32
N ASN E 527 -39.16 38.98 27.60
CA ASN E 527 -38.62 40.10 28.36
C ASN E 527 -37.72 39.61 29.48
N ALA E 528 -36.89 40.53 29.99
CA ALA E 528 -35.96 40.20 31.06
C ALA E 528 -36.69 39.70 32.30
N HIS E 529 -37.92 40.18 32.53
CA HIS E 529 -38.75 39.58 33.56
C HIS E 529 -39.05 38.12 33.24
N ASN E 530 -39.20 37.80 31.96
CA ASN E 530 -39.65 36.48 31.53
C ASN E 530 -38.53 35.61 30.98
N GLU E 531 -37.29 36.10 30.95
CA GLU E 531 -36.15 35.25 30.59
C GLU E 531 -35.20 35.06 31.76
N ILE E 532 -34.72 36.14 32.36
CA ILE E 532 -33.76 36.04 33.45
C ILE E 532 -34.43 35.91 34.80
N LEU E 533 -35.65 36.44 34.95
CA LEU E 533 -36.32 36.53 36.24
C LEU E 533 -37.36 35.42 36.45
N GLU E 534 -38.35 35.35 35.58
CA GLU E 534 -39.44 34.42 35.80
C GLU E 534 -38.98 32.98 35.57
N GLU E 535 -39.43 32.10 36.45
CA GLU E 535 -39.24 30.67 36.27
C GLU E 535 -40.54 29.99 36.69
N PRO E 536 -41.19 29.21 35.82
CA PRO E 536 -40.73 28.73 34.51
C PRO E 536 -40.80 29.78 33.41
N HIS E 537 -39.95 29.62 32.40
CA HIS E 537 -40.01 30.41 31.18
C HIS E 537 -40.02 29.48 29.98
N HIS E 538 -40.93 29.71 29.04
CA HIS E 538 -41.04 28.94 27.81
C HIS E 538 -40.22 29.54 26.68
N CYS E 539 -39.13 30.22 27.00
CA CYS E 539 -38.37 30.96 26.02
C CYS E 539 -38.03 30.07 24.82
N PRO E 540 -38.08 30.59 23.60
CA PRO E 540 -37.91 29.73 22.42
C PRO E 540 -36.54 29.09 22.34
N LEU E 541 -35.48 29.82 22.71
CA LEU E 541 -34.13 29.30 22.60
C LEU E 541 -33.96 28.00 23.37
N GLN E 542 -34.46 27.96 24.62
CA GLN E 542 -34.36 26.76 25.43
C GLN E 542 -35.09 25.58 24.80
N LYS E 543 -36.03 25.85 23.91
CA LYS E 543 -36.80 24.82 23.25
C LYS E 543 -36.08 24.38 21.97
N TYR E 544 -35.80 23.08 21.87
CA TYR E 544 -35.19 22.50 20.67
C TYR E 544 -36.18 21.55 20.01
N THR E 545 -36.39 21.75 18.71
CA THR E 545 -37.51 21.11 18.02
C THR E 545 -37.11 20.65 16.63
N ARG E 546 -37.49 19.41 16.30
CA ARG E 546 -37.37 18.89 14.95
C ARG E 546 -38.00 19.84 13.95
N LEU E 547 -37.40 19.94 12.77
CA LEU E 547 -37.85 20.88 11.74
C LEU E 547 -37.41 20.36 10.38
N GLN E 548 -38.38 20.02 9.53
CA GLN E 548 -38.06 19.44 8.25
C GLN E 548 -37.57 20.54 7.31
N THR E 549 -37.37 20.22 6.04
CA THR E 549 -36.73 21.16 5.12
C THR E 549 -37.75 21.68 4.11
N PRO E 550 -37.94 22.99 4.02
CA PRO E 550 -38.96 23.53 3.11
C PRO E 550 -38.49 23.79 1.69
N SER E 551 -37.24 24.21 1.49
CA SER E 551 -36.86 24.71 0.18
C SER E 551 -35.38 25.08 0.08
N SER E 552 -34.99 25.56 -1.11
CA SER E 552 -33.67 26.10 -1.41
C SER E 552 -33.75 26.70 -2.80
N PHE E 553 -32.88 27.66 -3.08
CA PHE E 553 -32.93 28.43 -4.32
C PHE E 553 -31.66 28.21 -5.13
N PRO E 554 -31.56 27.07 -5.80
CA PRO E 554 -30.34 26.76 -6.55
C PRO E 554 -30.10 27.69 -7.73
N THR E 555 -28.96 27.50 -8.39
CA THR E 555 -28.59 28.31 -9.54
C THR E 555 -29.35 27.87 -10.77
N LEU E 556 -29.76 28.85 -11.59
CA LEU E 556 -30.34 28.54 -12.89
C LEU E 556 -29.56 27.44 -13.59
N ALA E 557 -28.28 27.70 -13.83
CA ALA E 557 -27.42 26.69 -14.45
C ALA E 557 -27.49 25.39 -13.68
N THR E 558 -27.47 25.47 -12.33
CA THR E 558 -27.55 24.26 -11.51
C THR E 558 -28.67 23.36 -12.01
N LEU E 559 -29.88 23.89 -12.07
CA LEU E 559 -31.01 23.07 -12.52
C LEU E 559 -30.80 22.61 -13.95
N LYS E 560 -30.26 23.49 -14.79
CA LYS E 560 -30.10 23.16 -16.20
C LYS E 560 -29.29 21.89 -16.36
N GLU E 561 -28.02 21.94 -15.94
CA GLU E 561 -27.19 20.75 -16.02
C GLU E 561 -27.79 19.61 -15.21
N GLU E 562 -28.42 19.92 -14.08
CA GLU E 562 -28.94 18.88 -13.20
C GLU E 562 -29.95 18.01 -13.92
N GLY E 563 -31.02 18.65 -14.40
CA GLY E 563 -31.99 17.95 -15.22
C GLY E 563 -31.34 17.25 -16.39
N GLN E 564 -30.51 17.98 -17.14
CA GLN E 564 -29.83 17.37 -18.27
C GLN E 564 -29.23 16.03 -17.88
N ARG E 565 -28.51 16.00 -16.78
CA ARG E 565 -27.81 14.80 -16.34
C ARG E 565 -28.80 13.72 -15.95
N LYS E 566 -29.73 14.06 -15.05
CA LYS E 566 -30.68 13.04 -14.59
C LYS E 566 -31.38 12.39 -15.77
N ALA E 567 -31.94 13.20 -16.67
CA ALA E 567 -32.62 12.66 -17.83
C ALA E 567 -31.68 11.83 -18.68
N TRP E 568 -30.64 12.46 -19.26
CA TRP E 568 -29.69 11.75 -20.11
C TRP E 568 -29.27 10.41 -19.52
N ALA E 569 -28.97 10.39 -18.23
CA ALA E 569 -28.57 9.13 -17.63
C ALA E 569 -29.72 8.15 -17.66
N SER E 570 -30.94 8.64 -17.44
CA SER E 570 -32.07 7.75 -17.35
C SER E 570 -32.36 7.07 -18.68
N PHE E 571 -31.56 7.38 -19.70
CA PHE E 571 -31.84 7.04 -21.08
C PHE E 571 -31.67 5.53 -21.29
N ASP E 572 -32.66 4.78 -20.85
CA ASP E 572 -32.70 3.36 -21.16
C ASP E 572 -33.07 3.19 -22.62
N PRO E 573 -32.19 2.64 -23.45
CA PRO E 573 -32.57 2.39 -24.85
C PRO E 573 -33.64 1.31 -24.96
N LYS E 574 -33.47 0.22 -24.22
CA LYS E 574 -34.32 -0.95 -24.42
C LYS E 574 -35.76 -0.67 -23.99
N ALA E 575 -35.96 -0.27 -22.74
CA ALA E 575 -37.31 -0.12 -22.22
C ALA E 575 -38.12 0.92 -22.98
N LEU E 576 -37.51 1.64 -23.92
CA LEU E 576 -38.27 2.55 -24.76
C LEU E 576 -39.35 1.81 -25.52
N LEU E 577 -38.96 0.86 -26.38
CA LEU E 577 -39.92 -0.07 -26.94
C LEU E 577 -39.63 -1.47 -26.42
N PRO E 578 -40.60 -2.12 -25.85
CA PRO E 578 -40.39 -3.45 -25.30
C PRO E 578 -40.61 -4.57 -26.31
N LEU E 579 -40.53 -5.81 -25.83
CA LEU E 579 -40.86 -6.97 -26.64
C LEU E 579 -42.33 -6.88 -27.06
N PRO E 580 -42.71 -7.51 -28.19
CA PRO E 580 -41.90 -8.24 -29.17
C PRO E 580 -41.52 -7.39 -30.37
N GLU E 581 -42.31 -6.34 -30.63
CA GLU E 581 -42.03 -5.45 -31.74
C GLU E 581 -40.62 -4.89 -31.68
N ALA E 582 -39.98 -4.94 -30.51
CA ALA E 582 -38.55 -4.69 -30.42
C ALA E 582 -37.79 -5.43 -31.50
N SER E 583 -38.22 -6.64 -31.86
CA SER E 583 -37.58 -7.43 -32.90
C SER E 583 -38.43 -7.49 -34.17
N TYR E 584 -39.19 -6.45 -34.45
CA TYR E 584 -40.17 -6.51 -35.53
C TYR E 584 -40.13 -5.24 -36.37
N LEU E 585 -38.94 -4.77 -36.70
CA LEU E 585 -38.83 -3.58 -37.51
C LEU E 585 -37.59 -3.70 -38.38
N PRO E 586 -37.62 -3.15 -39.59
CA PRO E 586 -36.41 -3.08 -40.40
C PRO E 586 -35.42 -2.11 -39.79
N SER E 587 -34.13 -2.36 -40.04
CA SER E 587 -33.08 -1.55 -39.45
C SER E 587 -33.19 -0.08 -39.81
N CYS E 588 -34.02 0.29 -40.79
CA CYS E 588 -34.26 1.70 -41.06
C CYS E 588 -35.37 2.23 -40.16
N GLN E 589 -36.57 1.65 -40.29
CA GLN E 589 -37.75 2.21 -39.62
C GLN E 589 -37.60 2.26 -38.12
N LEU E 590 -36.88 1.32 -37.53
CA LEU E 590 -36.77 1.29 -36.08
C LEU E 590 -35.96 2.47 -35.57
N ASN E 591 -34.71 2.57 -36.01
CA ASN E 591 -33.89 3.72 -35.67
C ASN E 591 -34.58 5.02 -36.04
N ARG E 592 -35.40 5.00 -37.09
CA ARG E 592 -36.21 6.15 -37.43
C ARG E 592 -37.14 6.51 -36.28
N ARG E 593 -38.03 5.59 -35.91
CA ARG E 593 -39.09 5.86 -34.95
C ARG E 593 -38.57 6.02 -33.54
N LEU E 594 -37.32 5.68 -33.27
CA LEU E 594 -36.87 5.72 -31.88
C LEU E 594 -35.73 6.70 -31.66
N ALA E 595 -35.59 7.71 -32.51
CA ALA E 595 -34.50 8.66 -32.36
C ALA E 595 -34.88 9.86 -31.50
N TRP E 596 -36.02 9.85 -30.85
CA TRP E 596 -36.56 11.03 -30.19
C TRP E 596 -37.15 10.66 -28.84
N SER E 597 -37.00 11.54 -27.86
CA SER E 597 -37.63 11.30 -26.57
C SER E 597 -37.84 12.63 -25.85
N TRP E 598 -38.67 12.57 -24.80
CA TRP E 598 -39.05 13.72 -24.01
C TRP E 598 -39.20 13.29 -22.57
N LEU E 599 -39.15 14.26 -21.66
CA LEU E 599 -39.61 14.00 -20.30
C LEU E 599 -39.70 15.31 -19.55
N CYS E 600 -40.37 15.23 -18.39
CA CYS E 600 -40.55 16.38 -17.52
C CYS E 600 -40.51 15.91 -16.07
N LEU E 601 -40.11 16.83 -15.20
CA LEU E 601 -39.87 16.53 -13.80
C LEU E 601 -40.37 17.69 -12.94
N LEU E 602 -40.44 17.44 -11.64
CA LEU E 602 -41.09 18.29 -10.67
C LEU E 602 -40.13 18.71 -9.56
N PRO E 603 -40.49 19.75 -8.79
CA PRO E 603 -39.78 19.99 -7.53
C PRO E 603 -40.17 19.01 -6.44
N SER E 604 -41.36 18.42 -6.52
CA SER E 604 -41.78 17.47 -5.50
C SER E 604 -40.79 16.31 -5.37
N ALA E 605 -40.28 15.82 -6.50
CA ALA E 605 -39.25 14.78 -6.49
C ALA E 605 -37.95 15.27 -5.89
N PHE E 606 -37.89 16.52 -5.46
CA PHE E 606 -36.68 17.11 -4.90
C PHE E 606 -36.90 17.38 -3.42
N CYS E 607 -35.94 16.95 -2.61
CA CYS E 607 -35.91 17.31 -1.20
C CYS E 607 -34.71 18.22 -1.00
N PRO E 608 -34.89 19.50 -0.64
CA PRO E 608 -36.21 20.09 -0.40
C PRO E 608 -36.94 20.48 -1.67
N ALA E 609 -38.14 21.03 -1.52
CA ALA E 609 -38.92 21.50 -2.65
C ALA E 609 -38.32 22.79 -3.19
N GLN E 610 -37.31 22.67 -4.05
CA GLN E 610 -36.68 23.83 -4.63
C GLN E 610 -37.68 24.63 -5.44
N VAL E 611 -37.35 25.91 -5.66
CA VAL E 611 -38.30 26.88 -6.17
C VAL E 611 -37.64 27.71 -7.24
N LEU E 612 -38.33 27.90 -8.35
CA LEU E 612 -37.81 28.70 -9.44
C LEU E 612 -37.92 30.18 -9.11
N LEU E 613 -36.89 30.93 -9.45
CA LEU E 613 -36.95 32.37 -9.24
C LEU E 613 -35.86 33.05 -10.04
N GLY E 614 -36.18 34.21 -10.59
CA GLY E 614 -35.21 35.03 -11.27
C GLY E 614 -35.81 36.36 -11.66
N VAL E 615 -35.39 36.92 -12.79
CA VAL E 615 -36.08 38.07 -13.37
C VAL E 615 -36.47 37.70 -14.80
N LEU E 616 -37.73 37.90 -15.13
CA LEU E 616 -38.17 37.62 -16.49
C LEU E 616 -37.68 38.73 -17.41
N VAL E 617 -36.95 38.38 -18.45
CA VAL E 617 -36.46 39.35 -19.41
C VAL E 617 -36.68 38.80 -20.80
N ALA E 618 -36.99 39.69 -21.74
CA ALA E 618 -37.05 39.36 -23.15
C ALA E 618 -35.71 39.74 -23.79
N SER E 619 -35.65 39.67 -25.12
CA SER E 619 -34.41 40.01 -25.82
C SER E 619 -34.73 40.47 -27.22
N SER E 620 -34.00 41.49 -27.66
CA SER E 620 -34.08 41.94 -29.04
C SER E 620 -33.38 41.00 -29.99
N HIS E 621 -32.95 39.85 -29.50
CA HIS E 621 -32.18 38.90 -30.29
C HIS E 621 -32.72 37.48 -30.25
N LYS E 622 -33.48 37.09 -29.22
CA LYS E 622 -34.24 35.85 -29.25
C LYS E 622 -35.74 36.05 -29.20
N GLY E 623 -36.22 37.24 -28.82
CA GLY E 623 -37.65 37.50 -28.83
C GLY E 623 -38.47 36.47 -28.09
N CYS E 624 -37.97 35.99 -26.96
CA CYS E 624 -38.69 34.99 -26.19
C CYS E 624 -38.40 35.20 -24.71
N LEU E 625 -39.16 34.50 -23.87
CA LEU E 625 -38.91 34.51 -22.44
C LEU E 625 -37.48 34.11 -22.15
N GLN E 626 -36.94 34.68 -21.07
CA GLN E 626 -35.70 34.17 -20.49
C GLN E 626 -35.71 34.57 -19.03
N LEU E 627 -35.74 33.57 -18.15
CA LEU E 627 -35.42 33.84 -16.76
C LEU E 627 -33.95 34.14 -16.66
N ARG E 628 -33.62 35.25 -16.01
CA ARG E 628 -32.26 35.76 -15.94
C ARG E 628 -31.83 35.90 -14.49
N ASP E 629 -30.55 35.62 -14.26
CA ASP E 629 -29.88 35.83 -12.99
C ASP E 629 -28.43 36.16 -13.30
N GLN E 630 -27.67 36.47 -12.25
CA GLN E 630 -26.23 36.64 -12.41
C GLN E 630 -25.61 35.44 -13.12
N SER E 631 -26.09 34.24 -12.80
CA SER E 631 -25.49 33.04 -13.39
C SER E 631 -25.86 32.87 -14.85
N GLY E 632 -26.90 33.53 -15.34
CA GLY E 632 -27.25 33.37 -16.73
C GLY E 632 -28.73 33.49 -17.02
N SER E 633 -29.28 32.53 -17.76
CA SER E 633 -30.68 32.60 -18.14
C SER E 633 -31.18 31.22 -18.52
N LEU E 634 -32.44 31.16 -18.92
CA LEU E 634 -33.12 29.91 -19.18
C LEU E 634 -34.40 30.18 -19.94
N PRO E 635 -34.77 29.34 -20.91
CA PRO E 635 -36.02 29.54 -21.65
C PRO E 635 -37.22 29.02 -20.85
N CYS E 636 -38.17 29.89 -20.57
CA CYS E 636 -39.31 29.56 -19.74
C CYS E 636 -40.61 29.77 -20.50
N LEU E 637 -41.70 29.32 -19.89
CA LEU E 637 -43.02 29.34 -20.53
C LEU E 637 -44.06 29.66 -19.48
N LEU E 638 -44.42 30.94 -19.39
CA LEU E 638 -45.48 31.38 -18.51
C LEU E 638 -46.81 30.80 -18.94
N LEU E 639 -47.78 30.84 -18.03
CA LEU E 639 -49.16 30.53 -18.39
C LEU E 639 -50.08 31.41 -17.55
N ALA E 640 -50.62 32.47 -18.17
CA ALA E 640 -51.79 33.13 -17.63
C ALA E 640 -52.99 32.23 -17.85
N LYS E 641 -53.75 31.98 -16.78
CA LYS E 641 -54.59 30.80 -16.71
C LYS E 641 -55.71 30.83 -17.75
N HIS E 642 -56.42 29.71 -17.85
CA HIS E 642 -57.61 29.57 -18.69
C HIS E 642 -57.31 29.88 -20.14
N SER E 643 -56.10 29.56 -20.58
CA SER E 643 -55.70 29.65 -21.99
C SER E 643 -55.70 31.07 -22.50
N GLN E 644 -56.06 32.03 -21.65
CA GLN E 644 -55.86 33.43 -21.99
C GLN E 644 -54.49 33.83 -21.45
N PRO E 645 -53.49 33.92 -22.30
CA PRO E 645 -52.12 34.12 -21.83
C PRO E 645 -51.73 35.58 -21.63
N LEU E 646 -50.50 35.81 -21.21
CA LEU E 646 -50.02 37.15 -20.87
C LEU E 646 -49.87 37.99 -22.11
N SER E 647 -50.58 39.11 -22.16
CA SER E 647 -50.23 40.22 -23.03
C SER E 647 -49.79 41.44 -22.25
N ASP E 648 -49.70 41.34 -20.93
CA ASP E 648 -49.32 42.47 -20.10
C ASP E 648 -47.81 42.64 -20.16
N PRO E 649 -47.30 43.75 -20.69
CA PRO E 649 -45.84 43.94 -20.80
C PRO E 649 -45.20 44.64 -19.62
N ARG E 650 -45.92 44.91 -18.54
CA ARG E 650 -45.29 45.51 -17.37
C ARG E 650 -44.41 44.51 -16.66
N LEU E 651 -44.82 43.24 -16.63
CA LEU E 651 -44.01 42.20 -16.02
C LEU E 651 -42.63 42.08 -16.65
N ILE E 652 -42.45 42.61 -17.86
CA ILE E 652 -41.14 42.60 -18.49
C ILE E 652 -40.12 43.19 -17.54
N GLY E 653 -39.01 42.48 -17.34
CA GLY E 653 -37.93 42.95 -16.50
C GLY E 653 -38.35 43.12 -15.06
N CYS E 654 -38.70 42.02 -14.40
CA CYS E 654 -39.10 42.08 -12.99
C CYS E 654 -38.75 40.77 -12.29
N LEU E 655 -38.63 40.87 -10.97
CA LEU E 655 -38.41 39.71 -10.13
C LEU E 655 -39.63 38.81 -10.13
N VAL E 656 -39.40 37.51 -10.28
CA VAL E 656 -40.47 36.54 -10.48
C VAL E 656 -40.09 35.24 -9.80
N ARG E 657 -41.11 34.53 -9.32
CA ARG E 657 -40.93 33.32 -8.53
C ARG E 657 -42.10 32.39 -8.74
N ALA E 658 -41.83 31.08 -8.69
CA ALA E 658 -42.85 30.06 -8.86
C ALA E 658 -42.40 28.78 -8.19
N GLU E 659 -43.36 28.00 -7.69
CA GLU E 659 -43.07 26.83 -6.86
C GLU E 659 -43.45 25.51 -7.49
N ARG E 660 -44.72 25.32 -7.84
CA ARG E 660 -45.17 24.06 -8.45
C ARG E 660 -45.02 24.19 -9.96
N PHE E 661 -43.86 23.81 -10.46
CA PHE E 661 -43.51 24.08 -11.85
C PHE E 661 -43.37 22.78 -12.61
N GLN E 662 -42.87 22.88 -13.85
CA GLN E 662 -42.49 21.70 -14.60
C GLN E 662 -41.20 21.99 -15.36
N LEU E 663 -40.21 21.12 -15.20
CA LEU E 663 -38.95 21.26 -15.91
C LEU E 663 -38.89 20.18 -16.98
N ILE E 664 -38.67 20.58 -18.23
CA ILE E 664 -38.86 19.67 -19.35
C ILE E 664 -37.57 19.60 -20.14
N VAL E 665 -37.26 18.39 -20.61
CA VAL E 665 -36.07 18.14 -21.39
C VAL E 665 -36.45 17.32 -22.61
N GLU E 666 -35.81 17.63 -23.73
CA GLU E 666 -36.03 16.98 -25.01
C GLU E 666 -34.73 16.38 -25.50
N ARG E 667 -34.79 15.13 -25.92
CA ARG E 667 -33.61 14.35 -26.24
C ARG E 667 -33.69 13.92 -27.69
N ASP E 668 -32.63 14.19 -28.46
CA ASP E 668 -32.55 13.68 -29.81
C ASP E 668 -31.16 13.11 -30.06
N VAL E 669 -31.12 12.03 -30.84
CA VAL E 669 -29.92 11.23 -30.99
C VAL E 669 -29.84 10.72 -32.41
N ARG E 670 -28.62 10.56 -32.89
CA ARG E 670 -28.36 10.00 -34.23
C ARG E 670 -27.99 8.53 -34.03
N SER E 671 -29.02 7.68 -33.96
CA SER E 671 -28.82 6.26 -33.75
C SER E 671 -28.77 5.51 -35.08
N SER E 672 -27.99 4.44 -35.11
CA SER E 672 -27.85 3.61 -36.30
C SER E 672 -27.85 2.13 -35.94
N PHE E 673 -28.76 1.72 -35.05
CA PHE E 673 -28.73 0.35 -34.55
C PHE E 673 -29.16 -0.63 -35.63
N PRO E 674 -28.45 -1.75 -35.80
CA PRO E 674 -28.82 -2.72 -36.84
C PRO E 674 -29.96 -3.65 -36.48
N SER E 675 -30.02 -4.13 -35.25
CA SER E 675 -31.00 -5.15 -34.91
C SER E 675 -31.38 -5.00 -33.44
N TRP E 676 -32.01 -6.03 -32.88
CA TRP E 676 -32.66 -5.96 -31.58
C TRP E 676 -31.92 -6.72 -30.49
N LYS E 677 -30.75 -7.27 -30.77
CA LYS E 677 -29.97 -7.95 -29.76
C LYS E 677 -28.68 -7.22 -29.44
N GLU E 678 -28.42 -6.08 -30.07
CA GLU E 678 -27.31 -5.21 -29.73
C GLU E 678 -27.74 -4.03 -28.90
N LEU E 679 -28.98 -4.03 -28.40
CA LEU E 679 -29.53 -2.88 -27.69
C LEU E 679 -28.83 -2.64 -26.36
N SER E 680 -27.77 -3.37 -26.08
CA SER E 680 -26.83 -3.10 -25.02
C SER E 680 -25.40 -3.19 -25.55
N MET E 681 -25.17 -2.58 -26.71
CA MET E 681 -23.86 -2.63 -27.33
C MET E 681 -23.52 -1.30 -27.99
N PRO E 682 -22.45 -0.65 -27.55
CA PRO E 682 -22.16 0.69 -28.05
C PRO E 682 -21.47 0.71 -29.40
N GLY E 683 -22.19 0.97 -30.49
CA GLY E 683 -21.53 1.35 -31.71
C GLY E 683 -22.31 2.27 -32.62
N PHE E 684 -23.54 2.60 -32.26
CA PHE E 684 -24.48 3.10 -33.24
C PHE E 684 -25.16 4.38 -32.79
N ILE E 685 -24.44 5.27 -32.13
CA ILE E 685 -25.04 6.49 -31.61
C ILE E 685 -24.02 7.61 -31.70
N GLN E 686 -24.37 8.69 -32.40
CA GLN E 686 -23.42 9.75 -32.70
C GLN E 686 -23.76 11.08 -32.04
N LYS E 687 -24.94 11.63 -32.32
CA LYS E 687 -25.30 12.97 -31.86
C LYS E 687 -26.31 12.90 -30.75
N GLN E 688 -26.11 13.73 -29.73
CA GLN E 688 -27.01 13.83 -28.57
C GLN E 688 -27.33 15.31 -28.33
N GLN E 689 -28.36 15.78 -29.00
CA GLN E 689 -28.86 17.14 -28.78
C GLN E 689 -29.85 17.14 -27.62
N ALA E 690 -29.77 18.18 -26.80
CA ALA E 690 -30.54 18.28 -25.57
C ALA E 690 -31.17 19.66 -25.49
N ARG E 691 -32.49 19.71 -25.57
CA ARG E 691 -33.22 20.94 -25.31
C ARG E 691 -33.79 20.89 -23.90
N VAL E 692 -34.01 22.07 -23.32
CA VAL E 692 -34.55 22.16 -21.98
C VAL E 692 -35.33 23.46 -21.85
N TYR E 693 -36.36 23.43 -21.02
CA TYR E 693 -37.13 24.64 -20.78
C TYR E 693 -38.07 24.43 -19.61
N VAL E 694 -38.57 25.54 -19.09
CA VAL E 694 -39.45 25.55 -17.93
C VAL E 694 -40.86 25.83 -18.41
N GLN E 695 -41.83 25.23 -17.71
CA GLN E 695 -43.24 25.36 -18.02
C GLN E 695 -43.99 25.59 -16.72
N PHE E 696 -44.82 26.63 -16.68
CA PHE E 696 -45.39 26.94 -15.38
C PHE E 696 -46.50 27.97 -15.55
N PHE E 697 -47.44 27.94 -14.61
CA PHE E 697 -48.56 28.87 -14.62
C PHE E 697 -48.10 30.25 -14.16
N LEU E 698 -48.70 31.28 -14.74
CA LEU E 698 -48.50 32.62 -14.20
C LEU E 698 -49.43 32.86 -13.02
N ALA E 699 -50.60 32.21 -13.00
CA ALA E 699 -51.62 32.49 -12.00
C ALA E 699 -51.12 32.30 -10.57
N ASP E 700 -50.00 31.61 -10.39
CA ASP E 700 -49.42 31.43 -9.07
C ASP E 700 -48.11 32.21 -8.91
N ALA E 701 -47.90 33.21 -9.77
CA ALA E 701 -46.64 33.94 -9.75
C ALA E 701 -46.46 34.71 -8.46
N LEU E 702 -45.22 34.78 -8.01
CA LEU E 702 -44.79 35.71 -6.98
C LEU E 702 -43.97 36.78 -7.68
N ILE E 703 -44.35 38.04 -7.47
CA ILE E 703 -43.90 39.11 -8.35
C ILE E 703 -43.25 40.19 -7.50
N LEU E 704 -42.34 40.94 -8.11
CA LEU E 704 -41.85 42.18 -7.51
C LEU E 704 -41.12 42.98 -8.57
N PRO E 705 -41.08 44.30 -8.45
CA PRO E 705 -40.25 45.12 -9.34
C PRO E 705 -38.87 45.34 -8.74
N VAL E 706 -37.99 45.91 -9.55
CA VAL E 706 -36.64 46.21 -9.12
C VAL E 706 -36.54 47.68 -8.70
N PRO E 707 -36.45 47.97 -7.40
CA PRO E 707 -36.14 49.34 -6.98
C PRO E 707 -34.69 49.65 -7.27
N ARG E 708 -34.43 50.46 -8.30
CA ARG E 708 -33.08 50.66 -8.80
C ARG E 708 -32.12 51.02 -7.67
N PRO E 709 -31.20 50.12 -7.33
CA PRO E 709 -30.27 50.42 -6.24
C PRO E 709 -29.24 51.45 -6.66
N CYS E 710 -29.41 52.69 -6.22
CA CYS E 710 -28.62 53.77 -6.75
C CYS E 710 -28.05 54.65 -5.64
N LEU E 711 -27.47 55.78 -6.02
CA LEU E 711 -26.98 56.75 -5.04
C LEU E 711 -28.07 57.79 -4.80
N HIS E 712 -29.13 57.35 -4.12
CA HIS E 712 -30.27 58.20 -3.82
C HIS E 712 -29.94 59.17 -2.69
N HIS E 730 -46.25 64.94 -24.29
CA HIS E 730 -46.08 65.98 -25.30
C HIS E 730 -45.08 65.54 -26.36
N LEU E 731 -43.80 65.55 -25.99
CA LEU E 731 -42.77 65.04 -26.88
C LEU E 731 -42.95 63.54 -27.04
N GLY E 732 -43.40 63.12 -28.22
CA GLY E 732 -43.76 61.74 -28.44
C GLY E 732 -45.21 61.60 -28.88
N GLN E 733 -45.55 60.52 -29.58
CA GLN E 733 -46.89 60.32 -30.09
C GLN E 733 -47.42 58.97 -29.64
N SER E 734 -48.56 58.54 -30.18
CA SER E 734 -49.14 57.25 -29.80
C SER E 734 -50.25 56.91 -30.77
N ARG E 735 -50.88 55.76 -30.52
CA ARG E 735 -52.01 55.28 -31.30
C ARG E 735 -52.58 54.06 -30.60
N LEU E 736 -53.88 53.81 -30.81
CA LEU E 736 -54.54 52.62 -30.30
C LEU E 736 -55.08 51.81 -31.47
N PHE E 737 -55.10 50.49 -31.31
CA PHE E 737 -55.53 49.62 -32.40
C PHE E 737 -55.83 48.23 -31.87
N LEU E 738 -56.96 47.67 -32.29
CA LEU E 738 -57.38 46.33 -31.90
C LEU E 738 -56.75 45.36 -32.88
N LEU E 739 -55.60 44.80 -32.52
CA LEU E 739 -54.85 43.96 -33.42
C LEU E 739 -55.40 42.54 -33.43
N CYS E 740 -55.51 41.95 -34.62
CA CYS E 740 -56.18 40.67 -34.79
C CYS E 740 -55.37 39.68 -35.59
N HIS E 741 -54.11 39.97 -35.90
CA HIS E 741 -53.24 38.97 -36.52
C HIS E 741 -51.80 39.25 -36.17
N LYS E 742 -51.19 38.32 -35.43
CA LYS E 742 -49.78 38.39 -35.06
C LYS E 742 -49.03 37.46 -36.00
N GLU E 743 -48.36 38.03 -37.00
CA GLU E 743 -47.80 37.23 -38.08
C GLU E 743 -46.55 36.50 -37.61
N ALA E 744 -45.85 35.88 -38.56
CA ALA E 744 -44.83 34.89 -38.25
C ALA E 744 -43.46 35.54 -38.14
N LEU E 745 -42.85 35.44 -36.97
CA LEU E 745 -41.46 35.84 -36.78
C LEU E 745 -40.61 34.77 -37.45
N MET E 746 -40.51 34.88 -38.77
CA MET E 746 -39.79 33.87 -39.53
C MET E 746 -38.80 34.56 -40.46
N LYS E 747 -37.94 33.75 -41.06
CA LYS E 747 -36.89 34.25 -41.95
C LYS E 747 -37.49 34.55 -43.31
N ARG E 748 -37.53 35.83 -43.67
CA ARG E 748 -37.92 36.27 -45.00
C ARG E 748 -36.78 37.07 -45.62
N ASN E 749 -37.02 37.57 -46.83
CA ASN E 749 -36.10 38.43 -47.54
C ASN E 749 -36.76 39.76 -47.79
N PHE E 750 -36.14 40.83 -47.29
CA PHE E 750 -36.67 42.18 -47.34
C PHE E 750 -35.71 43.06 -48.16
N CYS E 751 -35.98 44.36 -48.17
CA CYS E 751 -35.16 45.27 -48.94
C CYS E 751 -33.78 45.46 -48.29
N VAL E 752 -32.99 46.32 -48.91
CA VAL E 752 -31.64 46.66 -48.49
C VAL E 752 -31.51 48.17 -48.67
N PRO E 753 -30.81 48.88 -47.79
CA PRO E 753 -30.69 50.34 -47.90
C PRO E 753 -30.44 50.78 -49.34
N PRO E 754 -31.24 51.71 -49.85
CA PRO E 754 -31.24 51.98 -51.28
C PRO E 754 -30.13 52.94 -51.70
N GLY E 755 -29.76 52.84 -52.97
CA GLY E 755 -28.81 53.77 -53.58
C GLY E 755 -27.34 53.54 -53.33
N ALA E 756 -26.95 53.46 -52.06
CA ALA E 756 -25.55 53.29 -51.69
C ALA E 756 -25.16 51.82 -51.86
N SER E 757 -24.00 51.44 -51.31
CA SER E 757 -23.47 50.10 -51.41
C SER E 757 -24.47 49.09 -50.86
N PRO E 758 -25.08 48.27 -51.71
CA PRO E 758 -26.09 47.33 -51.26
C PRO E 758 -25.44 46.02 -50.80
N GLU E 759 -26.27 45.16 -50.21
CA GLU E 759 -25.84 43.86 -49.72
C GLU E 759 -26.97 42.86 -49.95
N VAL E 760 -26.73 41.63 -49.52
CA VAL E 760 -27.70 40.55 -49.74
C VAL E 760 -28.99 40.88 -48.98
N PRO E 761 -30.16 40.56 -49.52
CA PRO E 761 -31.39 40.70 -48.73
C PRO E 761 -31.41 39.66 -47.62
N LYS E 762 -30.63 39.93 -46.56
CA LYS E 762 -30.35 39.04 -45.46
C LYS E 762 -31.58 38.27 -45.01
N PRO E 763 -31.49 36.96 -44.87
CA PRO E 763 -32.67 36.17 -44.49
C PRO E 763 -33.09 36.48 -43.07
N ALA E 764 -33.75 37.63 -42.88
CA ALA E 764 -33.99 38.15 -41.55
C ALA E 764 -35.17 37.44 -40.90
N LEU E 765 -34.98 37.01 -39.67
CA LEU E 765 -36.06 36.47 -38.86
C LEU E 765 -36.87 37.66 -38.38
N SER E 766 -37.77 38.14 -39.24
CA SER E 766 -38.59 39.30 -38.90
C SER E 766 -40.06 38.94 -39.02
N PHE E 767 -40.95 39.92 -38.86
CA PHE E 767 -42.38 39.62 -38.95
C PHE E 767 -43.17 40.91 -39.08
N TYR E 768 -44.49 40.80 -38.99
CA TYR E 768 -45.40 41.92 -38.97
C TYR E 768 -46.68 41.48 -38.28
N VAL E 769 -47.72 42.31 -38.38
CA VAL E 769 -49.00 42.07 -37.72
C VAL E 769 -50.07 42.83 -38.48
N LEU E 770 -51.30 42.32 -38.39
CA LEU E 770 -52.48 42.98 -38.93
C LEU E 770 -53.37 43.42 -37.77
N GLY E 771 -53.65 44.71 -37.69
CA GLY E 771 -54.45 45.21 -36.60
C GLY E 771 -55.55 46.19 -36.96
N SER E 772 -56.80 45.85 -36.67
CA SER E 772 -57.91 46.73 -36.96
C SER E 772 -57.76 48.05 -36.21
N TRP E 773 -58.34 49.10 -36.76
CA TRP E 773 -58.30 50.43 -36.17
C TRP E 773 -59.68 50.84 -35.70
N LEU E 774 -59.71 51.55 -34.56
CA LEU E 774 -60.96 52.12 -34.06
C LEU E 774 -60.72 53.60 -33.77
N GLY E 775 -59.48 53.96 -33.43
CA GLY E 775 -59.11 55.34 -33.22
C GLY E 775 -57.64 55.57 -33.52
N GLY E 776 -57.35 56.57 -34.35
CA GLY E 776 -56.02 56.79 -34.86
C GLY E 776 -55.08 57.45 -33.86
N THR E 777 -54.10 58.17 -34.39
CA THR E 777 -53.04 58.76 -33.59
C THR E 777 -53.60 59.75 -32.57
N GLN E 778 -52.74 60.14 -31.63
CA GLN E 778 -53.14 61.00 -30.53
C GLN E 778 -52.00 61.96 -30.22
N ARG E 779 -52.11 62.63 -29.08
CA ARG E 779 -51.05 63.46 -28.52
C ARG E 779 -50.64 62.90 -27.17
N LYS E 780 -49.35 62.93 -26.89
CA LYS E 780 -48.83 62.44 -25.61
C LYS E 780 -49.23 63.43 -24.53
N GLU E 781 -50.35 63.16 -23.86
CA GLU E 781 -50.99 64.13 -22.97
C GLU E 781 -50.83 63.72 -21.50
N GLY E 782 -49.66 63.19 -21.15
CA GLY E 782 -49.36 62.86 -19.77
C GLY E 782 -50.38 61.94 -19.14
N THR E 783 -51.16 62.48 -18.20
CA THR E 783 -52.21 61.69 -17.57
C THR E 783 -53.39 61.45 -18.50
N GLY E 784 -53.59 62.32 -19.50
CA GLY E 784 -54.55 62.09 -20.54
C GLY E 784 -53.89 61.64 -21.83
N TRP E 785 -54.71 61.54 -22.88
CA TRP E 785 -54.24 61.23 -24.21
C TRP E 785 -54.78 62.26 -25.19
N GLY E 786 -54.33 62.16 -26.43
CA GLY E 786 -54.93 62.93 -27.49
C GLY E 786 -56.26 62.30 -27.91
N LEU E 787 -56.84 62.88 -28.94
CA LEU E 787 -58.06 62.26 -29.42
C LEU E 787 -57.71 61.09 -30.34
N PRO E 788 -58.37 59.94 -30.18
CA PRO E 788 -58.13 58.83 -31.13
C PRO E 788 -58.66 59.18 -32.50
N GLU E 789 -57.76 59.35 -33.47
CA GLU E 789 -58.15 59.90 -34.77
C GLU E 789 -59.17 58.98 -35.45
N PRO E 790 -60.23 59.55 -36.03
CA PRO E 790 -61.24 58.70 -36.70
C PRO E 790 -60.76 58.27 -38.08
N GLN E 791 -60.77 56.95 -38.30
CA GLN E 791 -60.45 56.36 -39.59
C GLN E 791 -61.58 56.52 -40.59
N GLY E 792 -62.64 57.26 -40.26
CA GLY E 792 -63.75 57.39 -41.16
C GLY E 792 -63.36 58.02 -42.49
N ASN E 793 -62.51 59.04 -42.44
CA ASN E 793 -62.04 59.70 -43.66
C ASN E 793 -60.98 58.89 -44.39
N ASP E 794 -60.74 57.63 -43.99
CA ASP E 794 -59.74 56.80 -44.63
C ASP E 794 -60.34 55.38 -44.70
N ASP E 795 -61.05 55.11 -45.80
CA ASP E 795 -61.64 53.78 -45.97
C ASP E 795 -60.59 52.70 -46.11
N ASN E 796 -59.41 53.05 -46.60
CA ASN E 796 -58.34 52.09 -46.75
C ASN E 796 -57.90 51.59 -45.38
N ASP E 797 -57.84 50.27 -45.23
CA ASP E 797 -57.19 49.63 -44.08
C ASP E 797 -57.84 50.07 -42.76
N GLN E 798 -59.07 49.60 -42.56
CA GLN E 798 -59.59 49.50 -41.21
C GLN E 798 -58.59 48.82 -40.29
N LYS E 799 -57.74 47.97 -40.85
CA LYS E 799 -56.61 47.38 -40.15
C LYS E 799 -55.33 48.12 -40.54
N VAL E 800 -54.19 47.58 -40.08
CA VAL E 800 -52.90 48.19 -40.34
C VAL E 800 -51.83 47.12 -40.32
N HIS E 801 -50.80 47.31 -41.15
CA HIS E 801 -49.71 46.37 -41.35
C HIS E 801 -48.47 46.89 -40.63
N LEU E 802 -48.27 46.42 -39.41
CA LEU E 802 -47.16 46.89 -38.58
C LEU E 802 -46.04 45.86 -38.59
N ILE E 803 -44.83 46.28 -38.94
CA ILE E 803 -43.73 45.37 -39.19
C ILE E 803 -42.80 45.37 -37.98
N PHE E 804 -41.93 44.36 -37.92
CA PHE E 804 -41.01 44.16 -36.81
C PHE E 804 -39.70 43.59 -37.34
N PHE E 805 -38.63 44.33 -37.09
CA PHE E 805 -37.26 43.84 -37.21
C PHE E 805 -36.47 44.45 -36.07
N GLY E 806 -35.22 44.02 -35.95
CA GLY E 806 -34.33 44.60 -34.95
C GLY E 806 -34.88 44.46 -33.54
N SER E 807 -34.82 45.57 -32.80
CA SER E 807 -35.23 45.54 -31.39
C SER E 807 -36.69 45.12 -31.23
N SER E 808 -37.53 45.39 -32.23
CA SER E 808 -38.92 44.98 -32.18
C SER E 808 -39.08 43.48 -31.96
N VAL E 809 -38.05 42.69 -32.31
CA VAL E 809 -38.07 41.25 -32.06
C VAL E 809 -38.51 40.96 -30.63
N ARG E 810 -38.15 41.84 -29.69
CA ARG E 810 -38.41 41.57 -28.28
C ARG E 810 -39.87 41.77 -27.91
N TRP E 811 -40.79 41.90 -28.86
CA TRP E 811 -42.19 42.02 -28.53
C TRP E 811 -43.05 40.92 -29.13
N PHE E 812 -42.46 40.03 -29.94
CA PHE E 812 -43.17 38.93 -30.59
C PHE E 812 -44.14 38.19 -29.67
N GLU E 813 -43.64 37.68 -28.55
CA GLU E 813 -44.48 36.87 -27.65
C GLU E 813 -45.53 37.69 -26.93
N PHE E 814 -45.30 39.00 -26.78
CA PHE E 814 -46.12 39.81 -25.87
C PHE E 814 -47.58 39.78 -26.29
N LEU E 815 -47.87 40.28 -27.48
CA LEU E 815 -49.24 40.42 -27.93
C LEU E 815 -49.90 39.05 -28.11
N HIS E 816 -51.23 39.07 -28.06
CA HIS E 816 -52.05 37.93 -28.44
C HIS E 816 -53.20 38.48 -29.28
N PRO E 817 -53.37 38.00 -30.51
CA PRO E 817 -54.26 38.67 -31.47
C PRO E 817 -55.69 38.77 -30.98
N GLY E 818 -56.47 39.55 -31.72
CA GLY E 818 -57.83 39.87 -31.35
C GLY E 818 -57.96 40.80 -30.17
N GLN E 819 -56.85 41.38 -29.69
CA GLN E 819 -56.86 42.25 -28.52
C GLN E 819 -56.33 43.62 -28.89
N VAL E 820 -56.74 44.62 -28.13
CA VAL E 820 -56.40 46.01 -28.42
C VAL E 820 -55.11 46.38 -27.71
N TYR E 821 -54.23 47.09 -28.42
CA TYR E 821 -52.95 47.51 -27.89
C TYR E 821 -52.68 48.94 -28.36
N ARG E 822 -51.88 49.65 -27.58
CA ARG E 822 -51.47 51.01 -27.89
C ARG E 822 -49.97 51.06 -28.12
N LEU E 823 -49.56 51.85 -29.10
CA LEU E 823 -48.15 52.08 -29.37
C LEU E 823 -47.83 53.53 -29.02
N ILE E 824 -46.89 53.71 -28.09
CA ILE E 824 -46.41 55.02 -27.68
C ILE E 824 -45.01 55.21 -28.25
N ALA E 825 -44.65 56.47 -28.47
CA ALA E 825 -43.50 56.76 -29.30
C ALA E 825 -42.67 57.92 -28.76
N PRO E 826 -41.48 57.65 -28.22
CA PRO E 826 -40.51 58.73 -28.01
C PRO E 826 -39.92 59.17 -29.34
N GLY E 827 -40.34 60.33 -29.83
CA GLY E 827 -39.93 60.79 -31.14
C GLY E 827 -40.76 61.96 -31.61
N PRO E 828 -40.27 62.69 -32.61
CA PRO E 828 -41.02 63.84 -33.12
C PRO E 828 -42.38 63.44 -33.66
N ALA E 829 -43.36 64.31 -33.43
CA ALA E 829 -44.75 64.00 -33.74
C ALA E 829 -44.97 63.89 -35.24
N THR E 830 -45.71 62.87 -35.65
CA THR E 830 -46.02 62.64 -37.06
C THR E 830 -47.31 61.85 -37.16
N PRO E 831 -48.46 62.54 -37.22
CA PRO E 831 -49.71 61.85 -37.58
C PRO E 831 -49.68 61.34 -39.00
N MET E 832 -50.75 60.69 -39.45
CA MET E 832 -50.77 60.00 -40.75
C MET E 832 -49.60 59.03 -40.82
N LEU E 833 -49.43 58.26 -39.76
CA LEU E 833 -48.17 57.56 -39.52
C LEU E 833 -48.18 56.16 -40.14
N PHE E 834 -49.10 55.30 -39.72
CA PHE E 834 -49.04 53.88 -40.06
C PHE E 834 -49.85 53.55 -41.31
N GLU E 835 -49.51 54.23 -42.40
CA GLU E 835 -50.11 53.93 -43.70
C GLU E 835 -49.07 53.72 -44.80
N LYS E 836 -47.94 54.40 -44.72
CA LYS E 836 -46.85 54.23 -45.67
C LYS E 836 -45.54 54.51 -44.96
N ASP E 837 -44.47 53.92 -45.47
CA ASP E 837 -43.15 54.08 -44.86
C ASP E 837 -42.76 55.55 -44.78
N GLY E 838 -42.14 55.91 -43.66
CA GLY E 838 -41.70 57.28 -43.44
C GLY E 838 -40.28 57.52 -43.94
N SER E 839 -39.52 58.34 -43.21
CA SER E 839 -38.16 58.68 -43.61
C SER E 839 -37.17 58.65 -42.46
N SER E 840 -37.59 58.29 -41.25
CA SER E 840 -36.74 58.34 -40.06
C SER E 840 -35.99 57.05 -39.80
N CYS E 841 -35.73 56.25 -40.84
CA CYS E 841 -34.95 55.02 -40.70
C CYS E 841 -34.51 54.58 -42.09
N ILE E 842 -33.91 53.39 -42.16
CA ILE E 842 -33.55 52.81 -43.46
C ILE E 842 -34.79 52.66 -44.32
N SER E 843 -34.66 52.97 -45.61
CA SER E 843 -35.74 52.74 -46.56
C SER E 843 -35.77 51.26 -46.96
N ARG E 844 -35.97 50.41 -45.96
CA ARG E 844 -36.04 48.96 -46.15
C ARG E 844 -37.48 48.51 -46.02
N ARG E 845 -37.99 47.89 -47.07
CA ARG E 845 -39.39 47.50 -47.14
C ARG E 845 -39.49 46.00 -47.40
N PRO E 846 -40.46 45.33 -46.78
CA PRO E 846 -40.51 43.86 -46.88
C PRO E 846 -40.81 43.39 -48.30
N LEU E 847 -40.76 42.07 -48.45
CA LEU E 847 -40.96 41.43 -49.75
C LEU E 847 -42.33 41.77 -50.33
N GLU E 848 -43.40 41.38 -49.63
CA GLU E 848 -44.76 41.61 -50.10
C GLU E 848 -45.38 42.85 -49.52
N LEU E 849 -44.94 43.27 -48.33
CA LEU E 849 -45.49 44.47 -47.70
C LEU E 849 -44.56 45.67 -47.85
N ALA E 850 -43.91 45.81 -49.00
CA ALA E 850 -43.13 47.01 -49.28
C ALA E 850 -43.99 48.26 -49.09
N GLY E 851 -45.09 48.34 -49.83
CA GLY E 851 -46.08 49.38 -49.62
C GLY E 851 -47.48 48.82 -49.78
N CYS E 852 -47.65 47.56 -49.41
CA CYS E 852 -48.83 46.78 -49.81
C CYS E 852 -50.14 47.44 -49.41
N ALA E 853 -50.44 47.49 -48.10
CA ALA E 853 -51.69 48.09 -47.66
C ALA E 853 -51.46 49.29 -46.74
N SER E 854 -50.83 49.09 -45.58
CA SER E 854 -50.64 50.16 -44.61
C SER E 854 -49.29 50.03 -43.94
N CYS E 855 -48.25 49.77 -44.73
CA CYS E 855 -46.94 49.37 -44.21
C CYS E 855 -46.33 50.43 -43.29
N LEU E 856 -46.11 50.06 -42.04
CA LEU E 856 -45.16 50.80 -41.20
C LEU E 856 -44.59 49.86 -40.15
N THR E 857 -43.29 49.90 -39.97
CA THR E 857 -42.60 49.08 -38.98
C THR E 857 -42.56 49.81 -37.64
N VAL E 858 -42.49 49.04 -36.56
CA VAL E 858 -42.14 49.60 -35.27
C VAL E 858 -40.75 50.24 -35.37
N GLN E 859 -40.56 51.33 -34.64
CA GLN E 859 -39.29 52.03 -34.65
C GLN E 859 -38.37 51.46 -33.57
N ASP E 860 -37.14 51.97 -33.55
CA ASP E 860 -36.09 51.37 -32.72
C ASP E 860 -36.17 51.79 -31.25
N ASN E 861 -36.99 52.78 -30.89
CA ASN E 861 -37.03 53.22 -29.50
C ASN E 861 -38.45 53.50 -29.01
N TRP E 862 -39.45 52.78 -29.51
CA TRP E 862 -40.83 53.00 -29.12
C TRP E 862 -41.22 52.05 -28.00
N THR E 863 -42.50 52.10 -27.61
CA THR E 863 -43.00 51.30 -26.50
C THR E 863 -44.38 50.77 -26.82
N LEU E 864 -44.64 49.52 -26.43
CA LEU E 864 -45.97 48.96 -26.53
C LEU E 864 -46.67 49.03 -25.18
N GLU E 865 -48.00 49.01 -25.23
CA GLU E 865 -48.81 49.02 -24.02
C GLU E 865 -50.05 48.17 -24.27
N LEU E 866 -50.35 47.31 -23.31
CA LEU E 866 -51.59 46.54 -23.38
C LEU E 866 -52.74 47.44 -22.97
N GLU E 867 -53.57 47.83 -23.94
CA GLU E 867 -54.81 48.48 -23.57
C GLU E 867 -55.68 47.41 -22.94
N SER E 868 -55.63 47.33 -21.61
CA SER E 868 -56.11 46.16 -20.89
C SER E 868 -57.54 45.82 -21.29
N SER E 869 -57.84 44.52 -21.32
CA SER E 869 -59.18 44.07 -21.70
C SER E 869 -60.25 44.72 -20.85
N GLN E 870 -59.90 45.11 -19.62
CA GLN E 870 -60.82 45.79 -18.72
C GLN E 870 -60.96 47.27 -19.04
N ASP E 871 -60.42 47.74 -20.16
CA ASP E 871 -60.45 49.16 -20.49
C ASP E 871 -61.50 49.49 -21.55
N ILE E 872 -61.61 48.67 -22.59
CA ILE E 872 -62.63 48.83 -23.62
C ILE E 872 -63.49 47.58 -23.63
N GLN E 873 -64.79 47.75 -23.82
CA GLN E 873 -65.70 46.61 -23.75
C GLN E 873 -66.80 46.61 -24.79
N ASP E 874 -66.83 47.56 -25.73
CA ASP E 874 -67.86 47.56 -26.76
C ASP E 874 -67.77 46.32 -27.64
N VAL E 875 -66.66 46.17 -28.37
CA VAL E 875 -66.50 45.06 -29.30
C VAL E 875 -65.65 43.93 -28.74
N LEU E 876 -64.82 44.21 -27.73
CA LEU E 876 -64.00 43.15 -27.14
C LEU E 876 -64.84 42.06 -26.49
N ASP E 877 -66.09 42.37 -26.12
CA ASP E 877 -67.00 41.31 -25.70
C ASP E 877 -67.25 40.31 -26.82
N ALA E 878 -67.27 40.79 -28.06
CA ALA E 878 -67.36 39.92 -29.23
C ALA E 878 -65.97 39.72 -29.83
N ASN E 879 -65.19 38.90 -29.13
CA ASN E 879 -63.85 38.49 -29.57
C ASN E 879 -63.85 37.07 -30.09
N LYS E 880 -64.88 36.71 -30.85
CA LYS E 880 -65.05 35.36 -31.39
C LYS E 880 -63.72 34.77 -31.81
N SER E 881 -63.54 33.48 -31.47
CA SER E 881 -62.25 32.82 -31.44
C SER E 881 -61.34 33.26 -32.57
N LEU E 882 -60.12 33.65 -32.21
CA LEU E 882 -59.04 33.99 -33.13
C LEU E 882 -58.99 32.92 -34.20
N PRO E 883 -58.58 33.25 -35.44
CA PRO E 883 -58.91 32.41 -36.61
C PRO E 883 -58.92 30.92 -36.36
N GLU E 884 -60.02 30.26 -36.73
CA GLU E 884 -60.19 28.82 -36.50
C GLU E 884 -61.13 28.28 -37.56
N SER E 885 -60.58 27.66 -38.60
CA SER E 885 -61.42 26.98 -39.58
C SER E 885 -62.13 25.80 -38.92
N SER E 886 -63.15 25.29 -39.60
CA SER E 886 -64.12 24.40 -38.96
C SER E 886 -64.21 23.07 -39.71
N LEU E 887 -65.21 22.27 -39.32
CA LEU E 887 -65.38 20.92 -39.84
C LEU E 887 -65.35 20.87 -41.36
N THR E 888 -66.29 21.57 -41.99
CA THR E 888 -66.41 21.51 -43.44
C THR E 888 -65.11 21.89 -44.13
N ASP E 889 -64.48 22.97 -43.66
CA ASP E 889 -63.22 23.43 -44.23
C ASP E 889 -62.21 22.29 -44.31
N LEU E 890 -61.87 21.72 -43.16
CA LEU E 890 -60.90 20.63 -43.11
C LEU E 890 -61.42 19.35 -43.72
N LEU E 891 -62.71 19.26 -44.00
CA LEU E 891 -63.31 18.12 -44.68
C LEU E 891 -63.70 18.51 -46.09
N SER E 892 -62.85 19.30 -46.74
CA SER E 892 -63.07 19.75 -48.11
C SER E 892 -61.75 19.70 -48.86
N ASP E 893 -61.64 18.76 -49.80
CA ASP E 893 -60.45 18.60 -50.64
C ASP E 893 -60.00 19.92 -51.26
N ASN E 894 -60.90 20.88 -51.40
CA ASN E 894 -60.59 22.16 -52.03
C ASN E 894 -60.97 23.30 -51.10
N PHE E 895 -60.51 23.26 -49.86
CA PHE E 895 -60.69 24.37 -48.93
C PHE E 895 -60.31 25.67 -49.62
N THR E 896 -61.30 26.57 -49.74
CA THR E 896 -61.24 27.67 -50.68
C THR E 896 -60.09 28.64 -50.46
N ASP E 897 -59.38 28.53 -49.34
CA ASP E 897 -58.24 29.40 -49.07
C ASP E 897 -56.97 28.56 -48.98
N SER E 898 -55.88 29.21 -48.58
CA SER E 898 -54.59 28.54 -48.44
C SER E 898 -54.26 28.18 -47.00
N LEU E 899 -54.79 28.92 -46.03
CA LEU E 899 -54.47 28.72 -44.63
C LEU E 899 -55.72 28.37 -43.85
N VAL E 900 -55.60 27.35 -42.99
CA VAL E 900 -56.66 26.94 -42.09
C VAL E 900 -56.21 27.16 -40.66
N SER E 901 -57.08 26.82 -39.73
CA SER E 901 -56.94 27.17 -38.32
C SER E 901 -57.88 26.29 -37.52
N PHE E 902 -57.42 25.79 -36.38
CA PHE E 902 -58.18 24.72 -35.73
C PHE E 902 -57.71 24.53 -34.31
N SER E 903 -58.65 24.20 -33.44
CA SER E 903 -58.30 23.63 -32.14
C SER E 903 -58.00 22.15 -32.30
N ALA E 904 -57.06 21.65 -31.50
CA ALA E 904 -56.59 20.28 -31.68
C ALA E 904 -55.80 19.84 -30.45
N GLU E 905 -55.78 18.52 -30.24
CA GLU E 905 -55.03 17.89 -29.16
C GLU E 905 -54.28 16.68 -29.68
N ILE E 906 -53.00 16.55 -29.30
CA ILE E 906 -52.07 15.60 -29.89
C ILE E 906 -51.96 14.36 -29.01
N LEU E 907 -51.69 13.22 -29.65
CA LEU E 907 -51.39 11.99 -28.93
C LEU E 907 -49.95 11.51 -29.07
N SER E 908 -49.25 11.92 -30.12
CA SER E 908 -47.87 11.46 -30.29
C SER E 908 -47.14 12.40 -31.24
N ARG E 909 -45.82 12.46 -31.07
CA ARG E 909 -44.96 13.28 -31.89
C ARG E 909 -43.82 12.41 -32.41
N THR E 910 -43.45 12.58 -33.68
CA THR E 910 -42.39 11.75 -34.22
C THR E 910 -41.62 12.54 -35.27
N LEU E 911 -40.32 12.30 -35.35
CA LEU E 911 -39.43 13.06 -36.19
C LEU E 911 -38.83 12.14 -37.25
N CYS E 912 -38.36 12.74 -38.34
CA CYS E 912 -37.66 12.01 -39.39
C CYS E 912 -36.94 13.03 -40.26
N GLU E 913 -36.05 12.51 -41.11
CA GLU E 913 -35.32 13.35 -42.03
C GLU E 913 -36.29 14.06 -42.99
N PRO E 914 -35.85 15.16 -43.61
CA PRO E 914 -36.65 15.76 -44.69
C PRO E 914 -36.36 15.07 -46.02
N LEU E 915 -36.91 13.87 -46.18
CA LEU E 915 -36.56 13.04 -47.32
C LEU E 915 -36.81 13.78 -48.62
N VAL E 916 -36.08 13.39 -49.66
CA VAL E 916 -36.21 14.07 -50.94
C VAL E 916 -37.35 13.45 -51.74
N ALA E 917 -37.95 14.25 -52.62
CA ALA E 917 -39.09 13.80 -53.41
C ALA E 917 -38.76 12.53 -54.17
N SER E 918 -39.59 11.51 -53.97
CA SER E 918 -39.41 10.16 -54.52
C SER E 918 -38.19 9.44 -53.94
N LEU E 919 -37.52 10.04 -52.95
CA LEU E 919 -36.40 9.47 -52.20
C LEU E 919 -35.11 9.40 -53.01
N TRP E 920 -35.18 9.74 -54.29
CA TRP E 920 -34.07 9.53 -55.22
C TRP E 920 -33.90 10.79 -56.07
N MET E 921 -32.86 11.56 -55.81
CA MET E 921 -32.57 12.76 -56.58
C MET E 921 -31.05 12.89 -56.73
N LYS E 922 -30.60 14.07 -57.15
CA LYS E 922 -29.24 14.26 -57.63
C LYS E 922 -28.25 14.44 -56.48
N LEU E 923 -26.98 14.63 -56.85
CA LEU E 923 -25.86 14.66 -55.91
C LEU E 923 -25.30 16.09 -55.84
N GLY E 924 -26.19 17.08 -55.91
CA GLY E 924 -25.77 18.46 -55.92
C GLY E 924 -25.17 18.91 -54.60
N ASN E 925 -25.99 18.99 -53.56
CA ASN E 925 -25.54 19.41 -52.24
C ASN E 925 -26.38 18.69 -51.19
N THR E 926 -26.04 18.93 -49.93
CA THR E 926 -26.80 18.41 -48.80
C THR E 926 -27.53 19.61 -48.19
N GLY E 927 -28.74 19.87 -48.68
CA GLY E 927 -29.58 20.89 -48.09
C GLY E 927 -29.77 20.65 -46.61
N ALA E 928 -29.86 21.72 -45.83
CA ALA E 928 -29.93 21.61 -44.38
C ALA E 928 -31.04 20.66 -43.97
N MET E 929 -30.79 19.91 -42.89
CA MET E 929 -31.70 18.84 -42.48
C MET E 929 -32.96 19.49 -41.91
N ARG E 930 -33.81 19.94 -42.84
CA ARG E 930 -35.08 20.56 -42.48
C ARG E 930 -36.04 19.46 -42.03
N ARG E 931 -35.64 18.77 -40.96
CA ARG E 931 -36.17 17.48 -40.58
C ARG E 931 -37.69 17.50 -40.39
N CYS E 932 -38.37 16.68 -41.18
CA CYS E 932 -39.82 16.60 -41.12
C CYS E 932 -40.28 16.06 -39.78
N VAL E 933 -41.41 16.56 -39.32
CA VAL E 933 -42.01 16.05 -38.10
C VAL E 933 -43.49 15.79 -38.35
N LYS E 934 -43.95 14.65 -37.88
CA LYS E 934 -45.34 14.22 -37.99
C LYS E 934 -45.95 14.10 -36.60
N LEU E 935 -47.13 14.67 -36.43
CA LEU E 935 -47.78 14.69 -35.12
C LEU E 935 -49.17 14.12 -35.25
N THR E 936 -49.53 13.23 -34.33
CA THR E 936 -50.91 12.84 -34.15
C THR E 936 -51.75 14.05 -33.81
N VAL E 937 -52.97 14.09 -34.34
CA VAL E 937 -53.92 15.12 -33.95
C VAL E 937 -55.28 14.47 -33.80
N ALA E 938 -55.84 14.55 -32.59
CA ALA E 938 -57.24 14.25 -32.34
C ALA E 938 -58.03 15.49 -32.70
N LEU E 939 -58.52 15.53 -33.94
CA LEU E 939 -59.19 16.71 -34.49
C LEU E 939 -60.27 17.20 -33.54
N GLU E 940 -60.41 18.51 -33.41
CA GLU E 940 -61.34 19.07 -32.46
C GLU E 940 -62.07 20.28 -33.03
N THR E 941 -63.40 20.21 -32.96
CA THR E 941 -64.29 21.37 -33.14
C THR E 941 -65.62 20.99 -32.47
N ALA E 942 -66.64 21.82 -32.69
CA ALA E 942 -67.96 21.53 -32.15
C ALA E 942 -68.46 20.17 -32.64
N GLU E 943 -68.50 20.00 -33.96
CA GLU E 943 -68.93 18.73 -34.55
C GLU E 943 -67.76 17.75 -34.52
N CYS E 944 -67.88 16.66 -35.28
CA CYS E 944 -67.06 15.46 -35.09
C CYS E 944 -67.21 14.96 -33.65
N GLU E 945 -68.44 14.59 -33.32
CA GLU E 945 -68.79 14.31 -31.94
C GLU E 945 -67.98 13.16 -31.37
N PHE E 946 -67.49 12.28 -32.23
CA PHE E 946 -66.56 11.26 -31.80
C PHE E 946 -65.15 11.62 -32.23
N PRO E 947 -64.13 11.13 -31.53
CA PRO E 947 -62.77 11.63 -31.76
C PRO E 947 -62.22 11.21 -33.12
N PRO E 948 -62.04 12.16 -34.03
CA PRO E 948 -61.38 11.86 -35.31
C PRO E 948 -59.88 12.01 -35.15
N HIS E 949 -59.12 11.83 -36.22
CA HIS E 949 -57.68 11.99 -36.14
C HIS E 949 -57.11 12.42 -37.47
N LEU E 950 -55.82 12.73 -37.45
CA LEU E 950 -55.08 13.13 -38.64
C LEU E 950 -53.62 13.21 -38.24
N ASP E 951 -52.75 13.35 -39.24
CA ASP E 951 -51.36 13.71 -39.02
C ASP E 951 -51.12 15.14 -39.48
N VAL E 952 -50.35 15.88 -38.69
CA VAL E 952 -49.95 17.24 -39.04
C VAL E 952 -48.45 17.23 -39.26
N TYR E 953 -48.03 17.81 -40.37
CA TYR E 953 -46.64 17.84 -40.77
C TYR E 953 -46.07 19.23 -40.53
N ILE E 954 -44.83 19.28 -40.08
CA ILE E 954 -44.10 20.55 -39.97
C ILE E 954 -42.67 20.35 -40.44
N GLU E 955 -42.18 21.30 -41.24
CA GLU E 955 -40.82 21.30 -41.71
C GLU E 955 -39.90 21.95 -40.70
N ASP E 956 -38.59 21.72 -40.88
CA ASP E 956 -37.58 22.31 -40.01
C ASP E 956 -36.52 23.08 -40.79
N PRO E 957 -36.91 23.90 -41.79
CA PRO E 957 -35.89 24.65 -42.53
C PRO E 957 -35.27 25.76 -41.71
N HIS E 958 -36.12 26.62 -41.13
CA HIS E 958 -35.72 27.67 -40.21
C HIS E 958 -36.51 27.58 -38.92
N LEU E 959 -37.09 26.40 -38.65
CA LEU E 959 -38.18 26.26 -37.70
C LEU E 959 -37.86 25.23 -36.61
N PRO E 960 -36.96 25.55 -35.69
CA PRO E 960 -36.90 24.76 -34.47
C PRO E 960 -38.23 24.84 -33.76
N PRO E 961 -38.93 23.72 -33.62
CA PRO E 961 -40.32 23.74 -33.17
C PRO E 961 -40.50 24.57 -31.92
N SER E 962 -41.67 25.19 -31.80
CA SER E 962 -41.95 26.01 -30.65
C SER E 962 -42.07 25.14 -29.41
N LEU E 963 -42.34 25.80 -28.28
CA LEU E 963 -42.52 25.07 -27.05
C LEU E 963 -43.92 24.47 -27.00
N GLY E 964 -44.23 23.81 -25.90
CA GLY E 964 -45.49 23.11 -25.75
C GLY E 964 -45.73 22.00 -26.76
N LEU E 965 -44.79 21.76 -27.68
CA LEU E 965 -45.02 20.82 -28.77
C LEU E 965 -44.74 19.40 -28.29
N LEU E 966 -45.58 18.97 -27.37
CA LEU E 966 -45.49 17.67 -26.72
C LEU E 966 -46.65 16.79 -27.14
N PRO E 967 -46.47 15.49 -27.09
CA PRO E 967 -47.63 14.60 -27.22
C PRO E 967 -48.51 14.68 -25.99
N GLY E 968 -49.67 15.31 -26.09
CA GLY E 968 -50.59 15.28 -24.98
C GLY E 968 -50.98 16.61 -24.37
N ALA E 969 -50.97 17.68 -25.13
CA ALA E 969 -51.34 18.98 -24.59
C ALA E 969 -52.58 19.51 -25.30
N ARG E 970 -52.96 20.73 -24.95
CA ARG E 970 -54.08 21.43 -25.57
C ARG E 970 -53.56 22.70 -26.21
N VAL E 971 -53.85 22.87 -27.49
CA VAL E 971 -53.22 23.92 -28.28
C VAL E 971 -54.13 24.27 -29.44
N HIS E 972 -54.13 25.55 -29.80
CA HIS E 972 -54.83 25.99 -30.99
C HIS E 972 -53.83 26.53 -32.00
N PHE E 973 -54.18 26.36 -33.28
CA PHE E 973 -53.31 26.71 -34.39
C PHE E 973 -54.09 27.64 -35.31
N SER E 974 -53.36 28.27 -36.22
CA SER E 974 -54.02 29.04 -37.26
C SER E 974 -53.06 29.30 -38.41
N GLN E 975 -53.63 29.78 -39.51
CA GLN E 975 -52.87 30.23 -40.69
C GLN E 975 -51.82 29.20 -41.11
N LEU E 976 -52.20 27.93 -41.07
CA LEU E 976 -51.32 26.86 -41.51
C LEU E 976 -51.93 26.19 -42.73
N GLU E 977 -51.08 25.83 -43.69
CA GLU E 977 -51.56 25.38 -44.98
C GLU E 977 -52.19 24.00 -44.89
N LYS E 978 -53.46 23.90 -45.26
CA LYS E 978 -54.11 22.61 -45.46
C LYS E 978 -54.13 22.29 -46.94
N ARG E 979 -53.69 21.09 -47.28
CA ARG E 979 -53.80 20.60 -48.64
C ARG E 979 -54.02 19.09 -48.62
N VAL E 980 -53.98 18.50 -49.81
CA VAL E 980 -54.30 17.10 -50.02
C VAL E 980 -53.21 16.49 -50.90
N SER E 981 -52.70 15.33 -50.51
CA SER E 981 -51.49 14.80 -51.08
C SER E 981 -51.74 14.13 -52.43
N ARG E 982 -50.64 13.75 -53.08
CA ARG E 982 -50.74 12.86 -54.22
C ARG E 982 -51.42 11.55 -53.82
N SER E 983 -51.13 11.07 -52.62
CA SER E 983 -51.85 9.95 -52.02
C SER E 983 -53.16 10.39 -51.38
N HIS E 984 -53.56 11.63 -51.63
CA HIS E 984 -54.88 12.18 -51.30
C HIS E 984 -55.03 12.54 -49.83
N ASN E 985 -54.03 12.24 -49.01
CA ASN E 985 -54.14 12.54 -47.58
C ASN E 985 -54.19 14.04 -47.34
N VAL E 986 -54.98 14.45 -46.36
CA VAL E 986 -55.06 15.85 -45.97
C VAL E 986 -53.99 16.15 -44.94
N TYR E 987 -53.45 17.36 -44.97
CA TYR E 987 -52.31 17.69 -44.13
C TYR E 987 -52.22 19.20 -43.97
N CYS E 988 -51.35 19.61 -43.05
CA CYS E 988 -51.03 21.01 -42.82
C CYS E 988 -49.53 21.21 -42.85
N CYS E 989 -49.14 22.48 -43.01
CA CYS E 989 -47.74 22.87 -43.10
C CYS E 989 -47.62 24.32 -42.65
N PHE E 990 -46.39 24.80 -42.56
CA PHE E 990 -46.14 26.15 -42.12
C PHE E 990 -46.19 27.12 -43.29
N ARG E 991 -46.28 28.41 -42.97
CA ARG E 991 -46.38 29.46 -43.96
C ARG E 991 -45.73 30.72 -43.40
N SER E 992 -46.04 31.88 -43.98
CA SER E 992 -45.50 33.15 -43.53
C SER E 992 -46.33 33.80 -42.44
N SER E 993 -47.36 33.10 -41.95
CA SER E 993 -48.18 33.62 -40.86
C SER E 993 -48.52 32.53 -39.87
N THR E 994 -47.60 31.58 -39.67
CA THR E 994 -47.85 30.44 -38.79
C THR E 994 -48.39 30.88 -37.46
N TYR E 995 -49.27 30.06 -36.89
CA TYR E 995 -49.94 30.40 -35.66
C TYR E 995 -50.15 29.14 -34.82
N VAL E 996 -49.79 29.22 -33.55
CA VAL E 996 -49.90 28.10 -32.64
C VAL E 996 -49.82 28.65 -31.22
N GLN E 997 -50.67 28.12 -30.34
CA GLN E 997 -50.68 28.60 -28.97
C GLN E 997 -51.27 27.51 -28.08
N VAL E 998 -50.54 27.17 -27.01
CA VAL E 998 -51.03 26.17 -26.09
C VAL E 998 -52.33 26.66 -25.46
N LEU E 999 -53.13 25.71 -24.97
CA LEU E 999 -54.35 26.01 -24.27
C LEU E 999 -54.34 25.55 -22.83
N SER E 1000 -53.69 24.42 -22.55
CA SER E 1000 -53.42 23.96 -21.20
C SER E 1000 -52.28 22.97 -21.27
N PHE E 1001 -51.40 23.03 -20.28
CA PHE E 1001 -50.20 22.22 -20.23
C PHE E 1001 -50.53 20.75 -20.44
N PRO E 1002 -49.66 19.98 -21.08
CA PRO E 1002 -49.81 18.54 -21.07
C PRO E 1002 -49.95 18.03 -19.65
N PRO E 1003 -50.68 16.96 -19.44
CA PRO E 1003 -51.15 16.64 -18.09
C PRO E 1003 -50.04 16.08 -17.23
N GLU E 1004 -50.41 15.69 -16.03
CA GLU E 1004 -49.56 14.93 -15.14
C GLU E 1004 -50.13 13.56 -14.83
N THR E 1005 -51.45 13.47 -14.67
CA THR E 1005 -52.12 12.18 -14.47
C THR E 1005 -52.17 11.46 -15.81
N THR E 1006 -51.28 10.48 -15.99
CA THR E 1006 -51.11 9.81 -17.27
C THR E 1006 -52.03 8.60 -17.42
N ILE E 1007 -53.18 8.60 -16.73
CA ILE E 1007 -54.09 7.46 -16.81
C ILE E 1007 -54.56 7.29 -18.24
N SER E 1008 -54.51 6.05 -18.73
CA SER E 1008 -54.87 5.75 -20.10
C SER E 1008 -56.37 5.50 -20.22
N ILE E 1009 -56.84 5.33 -21.46
CA ILE E 1009 -58.26 5.16 -21.74
C ILE E 1009 -58.44 4.03 -22.75
N PRO E 1010 -59.00 2.89 -22.35
CA PRO E 1010 -59.23 1.79 -23.31
C PRO E 1010 -60.44 2.02 -24.20
N LEU E 1011 -60.81 1.01 -25.02
CA LEU E 1011 -61.80 1.15 -26.07
C LEU E 1011 -63.16 0.61 -25.63
N PRO E 1012 -64.25 1.11 -26.20
CA PRO E 1012 -65.59 0.79 -25.68
C PRO E 1012 -65.95 -0.67 -25.90
N HIS E 1013 -67.10 -1.04 -25.34
CA HIS E 1013 -67.65 -2.39 -25.38
C HIS E 1013 -69.05 -2.30 -25.99
N ILE E 1014 -69.14 -2.49 -27.31
CA ILE E 1014 -70.37 -2.27 -28.05
C ILE E 1014 -70.62 -3.43 -29.00
N TYR E 1015 -71.72 -3.35 -29.74
CA TYR E 1015 -72.05 -4.27 -30.81
C TYR E 1015 -72.20 -3.48 -32.11
N LEU E 1016 -71.81 -4.09 -33.22
CA LEU E 1016 -71.71 -3.39 -34.49
C LEU E 1016 -73.02 -3.32 -35.25
N ALA E 1017 -74.16 -3.41 -34.56
CA ALA E 1017 -75.46 -3.20 -35.19
C ALA E 1017 -75.76 -1.73 -35.41
N GLU E 1018 -74.76 -0.86 -35.29
CA GLU E 1018 -74.95 0.58 -35.41
C GLU E 1018 -73.95 1.24 -36.36
N LEU E 1019 -73.19 0.46 -37.12
CA LEU E 1019 -71.98 1.01 -37.72
C LEU E 1019 -71.94 0.85 -39.24
N LEU E 1020 -73.01 1.24 -39.92
CA LEU E 1020 -73.02 1.22 -41.37
C LEU E 1020 -71.86 2.04 -41.95
N GLN E 1021 -71.66 3.24 -41.44
CA GLN E 1021 -70.68 4.17 -42.01
C GLN E 1021 -69.28 3.74 -41.59
N GLY E 1022 -68.30 4.60 -41.90
CA GLY E 1022 -66.92 4.34 -41.53
C GLY E 1022 -66.41 5.28 -40.46
N GLY E 1023 -67.13 6.39 -40.26
CA GLY E 1023 -66.79 7.34 -39.23
C GLY E 1023 -67.98 7.74 -38.39
N GLN E 1024 -67.97 8.96 -37.84
CA GLN E 1024 -69.05 9.45 -36.98
C GLN E 1024 -69.39 8.44 -35.90
N SER E 1025 -68.35 7.88 -35.28
CA SER E 1025 -68.50 6.72 -34.40
C SER E 1025 -67.23 6.61 -33.57
N PRO E 1026 -67.25 5.78 -32.51
CA PRO E 1026 -66.02 5.52 -31.76
C PRO E 1026 -65.02 4.78 -32.62
N PHE E 1027 -64.34 5.55 -33.48
CA PHE E 1027 -63.38 5.03 -34.45
C PHE E 1027 -62.59 3.86 -33.88
N GLN E 1028 -61.96 4.08 -32.74
CA GLN E 1028 -61.39 2.98 -31.96
C GLN E 1028 -62.51 2.35 -31.13
N ALA E 1029 -62.66 1.02 -31.23
CA ALA E 1029 -63.72 0.36 -30.51
C ALA E 1029 -63.37 -1.12 -30.36
N THR E 1030 -64.30 -1.87 -29.76
CA THR E 1030 -64.11 -3.28 -29.47
C THR E 1030 -65.49 -3.93 -29.43
N ALA E 1031 -65.54 -5.21 -29.78
CA ALA E 1031 -66.83 -5.89 -29.82
C ALA E 1031 -66.63 -7.39 -29.81
N SER E 1032 -67.61 -8.10 -29.24
CA SER E 1032 -67.62 -9.55 -29.28
C SER E 1032 -67.97 -10.03 -30.68
N CYS E 1033 -67.48 -11.22 -31.03
CA CYS E 1033 -67.54 -11.72 -32.40
C CYS E 1033 -67.09 -13.17 -32.40
N HIS E 1034 -67.02 -13.75 -33.59
CA HIS E 1034 -66.48 -15.09 -33.79
C HIS E 1034 -65.73 -15.13 -35.10
N ILE E 1035 -64.50 -15.63 -35.07
CA ILE E 1035 -63.69 -15.67 -36.29
C ILE E 1035 -64.28 -16.70 -37.24
N VAL E 1036 -64.20 -16.41 -38.53
CA VAL E 1036 -64.71 -17.31 -39.56
C VAL E 1036 -63.65 -17.73 -40.56
N SER E 1037 -62.56 -16.98 -40.71
CA SER E 1037 -61.55 -17.32 -41.71
C SER E 1037 -60.29 -16.50 -41.48
N VAL E 1038 -59.26 -16.83 -42.26
CA VAL E 1038 -58.01 -16.09 -42.32
C VAL E 1038 -58.07 -15.29 -43.62
N PHE E 1039 -57.09 -14.39 -43.82
CA PHE E 1039 -56.95 -13.72 -45.09
C PHE E 1039 -55.64 -14.04 -45.80
N SER E 1040 -54.51 -13.76 -45.16
CA SER E 1040 -53.22 -13.99 -45.81
C SER E 1040 -52.13 -14.07 -44.75
N LEU E 1041 -51.44 -15.19 -44.71
CA LEU E 1041 -50.34 -15.42 -43.79
C LEU E 1041 -49.04 -15.50 -44.58
N GLN E 1042 -48.04 -14.74 -44.13
CA GLN E 1042 -46.70 -14.79 -44.70
C GLN E 1042 -45.69 -14.81 -43.57
N LEU E 1043 -44.94 -15.90 -43.48
CA LEU E 1043 -43.73 -15.95 -42.66
C LEU E 1043 -42.58 -15.65 -43.61
N PHE E 1044 -41.95 -14.48 -43.40
CA PHE E 1044 -41.09 -13.82 -44.38
C PHE E 1044 -39.77 -13.45 -43.69
N TRP E 1045 -38.85 -14.41 -43.63
CA TRP E 1045 -37.53 -14.16 -43.07
C TRP E 1045 -36.69 -13.46 -44.12
N VAL E 1046 -36.45 -12.16 -43.93
CA VAL E 1046 -35.90 -11.34 -45.00
C VAL E 1046 -34.84 -10.38 -44.45
N CYS E 1047 -34.17 -9.70 -45.39
CA CYS E 1047 -32.98 -8.91 -45.11
C CYS E 1047 -33.35 -7.62 -44.38
N ALA E 1048 -32.36 -6.78 -44.15
CA ALA E 1048 -32.56 -5.57 -43.35
C ALA E 1048 -32.86 -4.34 -44.21
N TYR E 1049 -31.91 -3.92 -45.04
CA TYR E 1049 -32.10 -2.67 -45.76
C TYR E 1049 -33.11 -2.82 -46.90
N CYS E 1050 -33.34 -4.04 -47.37
CA CYS E 1050 -34.26 -4.27 -48.47
C CYS E 1050 -35.31 -5.35 -48.17
N THR E 1051 -35.09 -6.19 -47.17
CA THR E 1051 -36.00 -7.28 -46.81
C THR E 1051 -36.22 -8.23 -48.00
N SER E 1052 -35.12 -8.85 -48.42
CA SER E 1052 -35.14 -9.86 -49.47
C SER E 1052 -35.16 -11.26 -48.85
N ILE E 1053 -35.78 -12.19 -49.57
CA ILE E 1053 -36.05 -13.52 -49.01
C ILE E 1053 -34.77 -14.15 -48.49
N CYS E 1054 -34.85 -14.70 -47.27
CA CYS E 1054 -33.73 -15.40 -46.64
C CYS E 1054 -34.14 -16.83 -46.32
N ARG E 1055 -33.71 -17.77 -47.16
CA ARG E 1055 -33.93 -19.18 -46.86
C ARG E 1055 -33.03 -19.60 -45.71
N GLN E 1056 -33.60 -20.30 -44.74
CA GLN E 1056 -32.92 -20.75 -43.52
C GLN E 1056 -32.43 -19.60 -42.66
N GLY E 1057 -32.77 -18.36 -43.02
CA GLY E 1057 -32.17 -17.20 -42.39
C GLY E 1057 -30.98 -16.65 -43.12
N LYS E 1058 -30.84 -16.96 -44.40
CA LYS E 1058 -29.73 -16.47 -45.22
C LYS E 1058 -30.29 -16.08 -46.59
N CYS E 1059 -30.05 -14.84 -47.00
CA CYS E 1059 -30.69 -14.29 -48.18
C CYS E 1059 -30.05 -14.81 -49.46
N THR E 1060 -30.55 -14.32 -50.57
CA THR E 1060 -29.96 -14.52 -51.88
C THR E 1060 -29.55 -13.21 -52.54
N ARG E 1061 -30.37 -12.16 -52.43
CA ARG E 1061 -29.98 -10.84 -52.92
C ARG E 1061 -28.74 -10.33 -52.22
N LEU E 1062 -28.45 -10.82 -51.02
CA LEU E 1062 -27.23 -10.47 -50.30
C LEU E 1062 -26.00 -10.99 -51.02
N SER E 1064 -25.96 -8.01 -52.08
CA SER E 1064 -25.53 -6.75 -52.69
C SER E 1064 -26.08 -5.56 -51.93
N THR E 1065 -26.77 -5.81 -50.81
CA THR E 1065 -27.53 -4.78 -50.11
C THR E 1065 -26.76 -4.12 -48.97
N CYS E 1066 -26.36 -4.89 -47.96
CA CYS E 1066 -25.89 -4.33 -46.71
C CYS E 1066 -25.18 -5.42 -45.91
N PRO E 1067 -24.30 -5.03 -44.98
CA PRO E 1067 -23.57 -6.02 -44.19
C PRO E 1067 -24.36 -6.65 -43.05
N THR E 1068 -25.68 -6.47 -43.00
CA THR E 1068 -26.48 -7.20 -42.02
C THR E 1068 -26.36 -8.69 -42.29
N GLN E 1069 -26.55 -9.48 -41.25
CA GLN E 1069 -26.30 -10.91 -41.41
C GLN E 1069 -27.48 -11.78 -41.00
N THR E 1070 -28.23 -11.39 -39.97
CA THR E 1070 -29.38 -12.15 -39.52
C THR E 1070 -30.65 -11.55 -40.12
N ALA E 1071 -31.50 -12.42 -40.67
CA ALA E 1071 -32.71 -11.98 -41.37
C ALA E 1071 -33.69 -11.33 -40.40
N ILE E 1072 -34.79 -10.83 -40.94
CA ILE E 1072 -35.87 -10.23 -40.15
C ILE E 1072 -37.12 -11.06 -40.35
N SER E 1073 -37.84 -11.30 -39.26
CA SER E 1073 -38.96 -12.24 -39.25
C SER E 1073 -40.28 -11.50 -39.40
N GLN E 1074 -40.57 -11.07 -40.61
CA GLN E 1074 -41.86 -10.44 -40.90
C GLN E 1074 -42.95 -11.50 -40.84
N ALA E 1075 -43.77 -11.47 -39.80
CA ALA E 1075 -44.82 -12.45 -39.57
C ALA E 1075 -46.18 -11.77 -39.73
N ILE E 1076 -46.85 -12.02 -40.85
CA ILE E 1076 -48.10 -11.36 -41.17
C ILE E 1076 -49.22 -12.40 -41.11
N ILE E 1077 -50.27 -12.09 -40.35
CA ILE E 1077 -51.50 -12.89 -40.36
C ILE E 1077 -52.70 -11.96 -40.47
N ARG E 1078 -53.68 -12.36 -41.26
CA ARG E 1078 -54.85 -11.53 -41.52
C ARG E 1078 -56.09 -12.40 -41.46
N LEU E 1079 -57.11 -11.94 -40.74
CA LEU E 1079 -58.24 -12.79 -40.40
C LEU E 1079 -59.55 -12.23 -40.92
N LEU E 1080 -60.51 -13.13 -41.04
CA LEU E 1080 -61.89 -12.81 -41.39
C LEU E 1080 -62.76 -13.23 -40.22
N VAL E 1081 -63.66 -12.34 -39.78
CA VAL E 1081 -64.41 -12.55 -38.55
C VAL E 1081 -65.84 -12.06 -38.75
N GLU E 1082 -66.81 -12.89 -38.35
CA GLU E 1082 -68.19 -12.42 -38.25
C GLU E 1082 -68.41 -11.87 -36.85
N ASP E 1083 -69.39 -10.99 -36.71
CA ASP E 1083 -69.58 -10.32 -35.43
C ASP E 1083 -71.05 -10.20 -35.03
N GLY E 1084 -71.97 -10.87 -35.72
CA GLY E 1084 -73.37 -10.86 -35.38
C GLY E 1084 -74.22 -9.95 -36.24
N THR E 1085 -73.59 -9.01 -36.94
CA THR E 1085 -74.33 -8.09 -37.80
C THR E 1085 -73.80 -8.06 -39.22
N ALA E 1086 -72.49 -8.09 -39.41
CA ALA E 1086 -71.89 -7.81 -40.71
C ALA E 1086 -70.61 -8.65 -40.84
N GLU E 1087 -69.75 -8.26 -41.77
CA GLU E 1087 -68.45 -8.89 -41.96
C GLU E 1087 -67.38 -8.14 -41.16
N ALA E 1088 -66.19 -8.73 -41.08
CA ALA E 1088 -65.07 -8.06 -40.41
C ALA E 1088 -63.78 -8.53 -41.05
N VAL E 1089 -63.11 -7.62 -41.75
CA VAL E 1089 -61.78 -7.88 -42.32
C VAL E 1089 -60.74 -7.32 -41.37
N VAL E 1090 -59.70 -8.11 -41.10
CA VAL E 1090 -58.71 -7.75 -40.09
C VAL E 1090 -57.32 -8.13 -40.61
N THR E 1091 -56.33 -7.30 -40.29
CA THR E 1091 -54.95 -7.52 -40.68
C THR E 1091 -54.04 -7.26 -39.48
N CYS E 1092 -52.93 -8.01 -39.41
CA CYS E 1092 -51.95 -7.82 -38.37
C CYS E 1092 -50.60 -8.31 -38.87
N ARG E 1093 -49.55 -7.67 -38.40
CA ARG E 1093 -48.18 -8.00 -38.81
C ARG E 1093 -47.30 -8.07 -37.57
N ASN E 1094 -46.63 -9.21 -37.40
CA ASN E 1094 -45.50 -9.35 -36.50
C ASN E 1094 -45.89 -9.36 -35.02
N HIS E 1095 -47.15 -9.10 -34.70
CA HIS E 1095 -47.57 -9.05 -33.31
C HIS E 1095 -48.67 -10.06 -33.00
N HIS E 1096 -49.74 -10.09 -33.80
CA HIS E 1096 -50.93 -10.87 -33.50
C HIS E 1096 -50.95 -12.19 -34.25
N VAL E 1097 -49.79 -12.80 -34.46
CA VAL E 1097 -49.72 -14.03 -35.25
C VAL E 1097 -49.73 -15.24 -34.34
N ALA E 1098 -48.72 -15.34 -33.47
CA ALA E 1098 -48.65 -16.48 -32.55
C ALA E 1098 -49.83 -16.50 -31.60
N ALA E 1099 -50.42 -15.34 -31.32
CA ALA E 1099 -51.58 -15.28 -30.43
C ALA E 1099 -52.84 -15.73 -31.17
N ALA E 1100 -53.06 -15.20 -32.38
CA ALA E 1100 -54.18 -15.66 -33.19
C ALA E 1100 -54.13 -17.17 -33.40
N LEU E 1101 -52.93 -17.70 -33.60
CA LEU E 1101 -52.76 -19.15 -33.55
C LEU E 1101 -52.96 -19.67 -32.13
N GLY E 1102 -52.16 -19.16 -31.19
CA GLY E 1102 -52.30 -19.55 -29.79
C GLY E 1102 -51.04 -20.15 -29.20
N LEU E 1103 -49.89 -19.83 -29.78
CA LEU E 1103 -48.63 -20.43 -29.38
C LEU E 1103 -47.91 -19.57 -28.34
N CYS E 1104 -47.46 -20.20 -27.27
CA CYS E 1104 -46.66 -19.55 -26.25
C CYS E 1104 -45.26 -19.27 -26.81
N PRO E 1105 -44.42 -18.48 -26.07
CA PRO E 1105 -43.07 -18.18 -26.56
C PRO E 1105 -42.29 -19.36 -27.12
N ARG E 1106 -42.11 -20.41 -26.33
CA ARG E 1106 -41.39 -21.58 -26.84
C ARG E 1106 -42.10 -22.20 -28.02
N GLU E 1107 -43.43 -22.17 -28.02
CA GLU E 1107 -44.19 -22.85 -29.07
C GLU E 1107 -44.05 -22.13 -30.41
N TRP E 1108 -44.30 -20.82 -30.43
CA TRP E 1108 -44.07 -20.07 -31.65
C TRP E 1108 -42.59 -20.05 -32.01
N ALA E 1109 -41.71 -20.17 -31.03
CA ALA E 1109 -40.28 -20.29 -31.29
C ALA E 1109 -39.98 -21.52 -32.14
N SER E 1110 -40.37 -22.70 -31.64
CA SER E 1110 -40.21 -23.93 -32.38
C SER E 1110 -40.91 -23.87 -33.74
N LEU E 1111 -42.04 -23.16 -33.80
CA LEU E 1111 -42.71 -22.96 -35.09
C LEU E 1111 -41.79 -22.26 -36.08
N LEU E 1112 -41.33 -21.05 -35.74
CA LEU E 1112 -40.42 -20.33 -36.61
C LEU E 1112 -39.14 -21.09 -36.89
N ASP E 1113 -38.72 -21.96 -35.98
CA ASP E 1113 -37.48 -22.69 -36.17
C ASP E 1113 -37.63 -23.87 -37.12
N PHE E 1114 -38.81 -24.47 -37.17
CA PHE E 1114 -39.11 -25.38 -38.29
C PHE E 1114 -39.26 -24.60 -39.59
N VAL E 1115 -40.09 -23.55 -39.59
CA VAL E 1115 -40.28 -22.71 -40.75
C VAL E 1115 -39.05 -21.87 -41.08
N GLN E 1116 -38.05 -21.88 -40.19
CA GLN E 1116 -36.78 -21.20 -40.47
C GLN E 1116 -36.25 -21.58 -41.85
N VAL E 1117 -36.16 -22.88 -42.12
CA VAL E 1117 -35.47 -23.41 -43.31
C VAL E 1117 -35.97 -22.72 -44.58
N PRO E 1118 -37.27 -22.73 -44.90
CA PRO E 1118 -37.69 -22.02 -46.11
C PRO E 1118 -37.68 -20.51 -45.93
N GLY E 1119 -37.97 -20.02 -44.72
CA GLY E 1119 -37.98 -18.61 -44.43
C GLY E 1119 -39.14 -17.84 -45.02
N ARG E 1120 -39.84 -18.39 -46.00
CA ARG E 1120 -40.96 -17.71 -46.66
C ARG E 1120 -42.03 -18.74 -46.96
N VAL E 1121 -43.04 -18.83 -46.09
CA VAL E 1121 -44.21 -19.67 -46.34
C VAL E 1121 -45.44 -18.78 -46.32
N VAL E 1122 -46.33 -19.00 -47.29
CA VAL E 1122 -47.47 -18.11 -47.51
C VAL E 1122 -48.73 -18.92 -47.77
N LEU E 1123 -49.84 -18.47 -47.19
CA LEU E 1123 -51.17 -18.92 -47.55
C LEU E 1123 -52.07 -17.70 -47.75
N GLN E 1124 -53.11 -17.86 -48.56
CA GLN E 1124 -54.19 -16.89 -48.65
C GLN E 1124 -55.50 -17.58 -48.32
N PHE E 1125 -56.38 -16.87 -47.61
CA PHE E 1125 -57.71 -17.35 -47.26
C PHE E 1125 -58.70 -16.23 -47.54
N ALA E 1126 -59.95 -16.59 -47.81
CA ALA E 1126 -60.98 -15.59 -48.04
C ALA E 1126 -62.34 -15.91 -47.45
N GLY E 1127 -62.48 -16.99 -46.67
CA GLY E 1127 -63.76 -17.37 -46.15
C GLY E 1127 -63.73 -18.74 -45.51
N PRO E 1128 -64.84 -19.15 -44.90
CA PRO E 1128 -64.89 -20.47 -44.26
C PRO E 1128 -64.79 -21.59 -45.29
N GLY E 1129 -64.02 -22.62 -44.94
CA GLY E 1129 -63.80 -23.75 -45.83
C GLY E 1129 -62.90 -23.47 -47.01
N ALA E 1130 -62.59 -22.21 -47.31
CA ALA E 1130 -61.74 -21.89 -48.44
C ALA E 1130 -60.31 -22.37 -48.18
N GLN E 1131 -59.78 -23.15 -49.12
CA GLN E 1131 -58.48 -23.79 -48.93
C GLN E 1131 -57.38 -22.78 -49.23
N LEU E 1132 -56.15 -23.28 -49.34
CA LEU E 1132 -54.99 -22.46 -49.68
C LEU E 1132 -55.22 -21.70 -50.98
N GLU E 1133 -55.15 -20.36 -50.92
CA GLU E 1133 -55.29 -19.53 -52.11
C GLU E 1133 -53.98 -18.91 -52.58
N SER E 1134 -52.95 -18.90 -51.74
CA SER E 1134 -51.58 -18.60 -52.20
C SER E 1134 -50.95 -19.86 -52.78
N SER E 1135 -49.62 -19.85 -52.95
CA SER E 1135 -48.93 -20.91 -53.66
C SER E 1135 -47.97 -21.66 -52.76
N ALA E 1136 -48.41 -22.04 -51.57
CA ALA E 1136 -47.56 -22.79 -50.65
C ALA E 1136 -47.30 -24.20 -51.16
N ARG E 1137 -46.42 -24.91 -50.45
CA ARG E 1137 -46.04 -26.26 -50.81
C ARG E 1137 -47.08 -27.23 -50.28
N VAL E 1138 -47.67 -28.03 -51.18
CA VAL E 1138 -48.60 -29.07 -50.79
C VAL E 1138 -47.93 -30.24 -50.09
N ASP E 1139 -46.59 -30.30 -50.12
CA ASP E 1139 -45.84 -31.42 -49.59
C ASP E 1139 -45.14 -31.13 -48.26
N GLU E 1140 -44.95 -29.86 -47.91
CA GLU E 1140 -44.25 -29.54 -46.69
C GLU E 1140 -45.09 -29.89 -45.47
N PRO E 1141 -44.48 -30.37 -44.38
CA PRO E 1141 -45.29 -30.78 -43.22
C PRO E 1141 -45.97 -29.63 -42.51
N MET E 1142 -45.29 -28.49 -42.40
CA MET E 1142 -45.89 -27.34 -41.74
C MET E 1142 -47.14 -26.87 -42.48
N THR E 1143 -47.15 -26.96 -43.82
CA THR E 1143 -48.36 -26.61 -44.56
C THR E 1143 -49.55 -27.43 -44.11
N MET E 1144 -49.36 -28.75 -43.99
CA MET E 1144 -50.48 -29.61 -43.65
C MET E 1144 -50.91 -29.40 -42.20
N PHE E 1145 -49.97 -29.19 -41.29
CA PHE E 1145 -50.37 -28.89 -39.91
C PHE E 1145 -51.13 -27.58 -39.84
N LEU E 1146 -50.59 -26.53 -40.47
CA LEU E 1146 -51.24 -25.22 -40.48
C LEU E 1146 -52.66 -25.33 -41.00
N TRP E 1147 -52.86 -26.04 -42.12
CA TRP E 1147 -54.19 -26.10 -42.68
C TRP E 1147 -55.12 -27.01 -41.88
N THR E 1148 -54.56 -28.05 -41.24
CA THR E 1148 -55.34 -28.83 -40.29
C THR E 1148 -55.86 -27.96 -39.17
N LEU E 1149 -55.10 -26.93 -38.81
CA LEU E 1149 -55.63 -25.93 -37.87
C LEU E 1149 -56.62 -25.00 -38.57
N CYS E 1150 -56.35 -24.63 -39.82
CA CYS E 1150 -57.23 -23.77 -40.62
C CYS E 1150 -58.59 -24.40 -40.89
N THR E 1151 -58.77 -25.67 -40.56
CA THR E 1151 -60.09 -26.31 -40.57
C THR E 1151 -60.53 -26.65 -39.15
N SER E 1152 -60.31 -25.73 -38.22
CA SER E 1152 -60.61 -25.92 -36.81
C SER E 1152 -61.05 -24.60 -36.22
N PRO E 1153 -61.96 -24.62 -35.24
CA PRO E 1153 -62.31 -23.37 -34.54
C PRO E 1153 -61.15 -22.84 -33.69
N SER E 1154 -60.01 -23.53 -33.71
CA SER E 1154 -58.82 -22.98 -33.09
C SER E 1154 -58.31 -21.78 -33.87
N VAL E 1155 -58.45 -21.80 -35.20
CA VAL E 1155 -58.18 -20.60 -36.00
C VAL E 1155 -59.43 -19.76 -36.22
N LEU E 1156 -60.61 -20.28 -35.89
CA LEU E 1156 -61.85 -19.55 -35.96
C LEU E 1156 -62.39 -19.46 -34.53
N ARG E 1157 -61.89 -18.47 -33.79
CA ARG E 1157 -62.28 -18.49 -32.39
C ARG E 1157 -63.39 -17.50 -32.12
N PRO E 1158 -64.40 -17.89 -31.36
CA PRO E 1158 -65.39 -16.91 -30.90
C PRO E 1158 -64.82 -16.06 -29.76
N ILE E 1159 -64.45 -14.83 -30.07
CA ILE E 1159 -63.64 -14.01 -29.18
C ILE E 1159 -64.02 -12.54 -29.31
N VAL E 1160 -63.34 -11.67 -28.57
CA VAL E 1160 -63.60 -10.23 -28.59
C VAL E 1160 -62.49 -9.55 -29.40
N LEU E 1161 -62.88 -8.77 -30.39
CA LEU E 1161 -61.93 -8.12 -31.31
C LEU E 1161 -61.91 -6.62 -31.09
N SER E 1162 -60.72 -6.05 -31.09
CA SER E 1162 -60.50 -4.61 -30.97
C SER E 1162 -60.16 -4.06 -32.35
N PHE E 1163 -60.86 -3.02 -32.78
CA PHE E 1163 -60.81 -2.62 -34.17
C PHE E 1163 -60.91 -1.11 -34.31
N GLU E 1164 -60.23 -0.60 -35.34
CA GLU E 1164 -60.44 0.77 -35.81
C GLU E 1164 -60.27 0.81 -37.31
N LEU E 1165 -61.06 1.65 -37.97
CA LEU E 1165 -61.05 1.74 -39.42
C LEU E 1165 -59.63 1.92 -39.95
N GLU E 1166 -59.31 1.20 -41.03
CA GLU E 1166 -57.96 1.18 -41.56
C GLU E 1166 -57.65 2.35 -42.48
N ARG E 1167 -58.56 2.68 -43.40
CA ARG E 1167 -58.37 3.84 -44.26
C ARG E 1167 -58.79 5.07 -43.46
N LYS E 1168 -57.80 5.86 -43.05
CA LYS E 1168 -58.04 6.97 -42.14
C LYS E 1168 -58.93 8.02 -42.79
N PRO E 1169 -59.64 8.82 -41.99
CA PRO E 1169 -60.52 9.85 -42.56
C PRO E 1169 -59.75 11.01 -43.16
N SER E 1170 -58.44 10.83 -43.37
CA SER E 1170 -57.67 11.81 -44.13
C SER E 1170 -58.31 12.06 -45.48
N LYS E 1171 -58.39 11.03 -46.31
CA LYS E 1171 -59.25 11.07 -47.49
C LYS E 1171 -59.61 9.64 -47.85
N ILE E 1172 -60.85 9.26 -47.53
CA ILE E 1172 -61.32 7.89 -47.76
C ILE E 1172 -61.86 7.79 -49.17
N VAL E 1173 -60.99 7.48 -50.12
CA VAL E 1173 -61.45 7.09 -51.45
C VAL E 1173 -62.20 5.79 -51.28
N PRO E 1174 -63.51 5.75 -51.54
CA PRO E 1174 -64.29 4.55 -51.26
C PRO E 1174 -63.73 3.33 -51.98
N LEU E 1175 -63.75 2.19 -51.29
CA LEU E 1175 -63.07 0.99 -51.78
C LEU E 1175 -63.66 0.52 -53.11
N GLU E 1176 -64.93 0.11 -53.10
CA GLU E 1176 -65.57 -0.43 -54.28
C GLU E 1176 -67.06 -0.21 -54.18
N PRO E 1177 -67.76 -0.07 -55.30
CA PRO E 1177 -69.21 0.19 -55.26
C PRO E 1177 -69.96 -1.02 -54.73
N PRO E 1178 -71.28 -0.92 -54.58
CA PRO E 1178 -72.07 -2.12 -54.25
C PRO E 1178 -71.85 -3.23 -55.28
N ARG E 1179 -72.13 -4.46 -54.85
CA ARG E 1179 -71.91 -5.63 -55.67
C ARG E 1179 -73.11 -6.55 -55.50
N LEU E 1180 -72.96 -7.79 -55.97
CA LEU E 1180 -74.06 -8.73 -56.04
C LEU E 1180 -73.85 -9.88 -55.06
N GLN E 1181 -74.88 -10.71 -54.94
CA GLN E 1181 -74.86 -11.87 -54.05
C GLN E 1181 -75.70 -12.98 -54.67
N ARG E 1182 -75.08 -14.15 -54.85
CA ARG E 1182 -75.78 -15.35 -55.35
C ARG E 1182 -75.45 -16.47 -54.38
N PHE E 1183 -76.21 -16.54 -53.28
CA PHE E 1183 -75.95 -17.49 -52.21
C PHE E 1183 -77.28 -17.94 -51.61
N GLN E 1184 -77.27 -19.16 -51.06
CA GLN E 1184 -78.47 -19.90 -50.69
C GLN E 1184 -78.77 -19.80 -49.20
N CYS E 1185 -80.02 -19.48 -48.88
CA CYS E 1185 -80.60 -19.67 -47.55
C CYS E 1185 -81.98 -20.27 -47.74
N GLY E 1186 -82.13 -21.54 -47.37
CA GLY E 1186 -83.32 -22.28 -47.72
C GLY E 1186 -83.00 -23.36 -48.74
N GLU E 1187 -83.46 -23.17 -49.97
CA GLU E 1187 -83.02 -24.04 -51.06
C GLU E 1187 -82.72 -23.26 -52.33
N LEU E 1188 -82.47 -21.94 -52.22
CA LEU E 1188 -82.35 -21.09 -53.39
C LEU E 1188 -81.38 -19.94 -53.15
N PRO E 1189 -80.44 -19.69 -54.07
CA PRO E 1189 -79.71 -18.42 -54.02
C PRO E 1189 -80.59 -17.26 -54.45
N PHE E 1190 -80.35 -16.10 -53.83
CA PHE E 1190 -81.17 -14.92 -54.05
C PHE E 1190 -80.28 -13.70 -54.20
N LEU E 1191 -80.70 -12.79 -55.08
CA LEU E 1191 -79.86 -11.68 -55.51
C LEU E 1191 -80.38 -10.35 -54.98
N THR E 1192 -79.45 -9.42 -54.76
CA THR E 1192 -79.73 -8.03 -54.39
C THR E 1192 -78.57 -7.21 -54.96
N HIS E 1193 -78.44 -5.96 -54.50
CA HIS E 1193 -77.30 -5.11 -54.83
C HIS E 1193 -76.74 -4.58 -53.52
N VAL E 1194 -75.81 -5.33 -52.93
CA VAL E 1194 -75.28 -5.02 -51.60
C VAL E 1194 -73.82 -4.62 -51.71
N ASN E 1195 -73.21 -4.26 -50.58
CA ASN E 1195 -71.90 -3.65 -50.53
C ASN E 1195 -70.82 -4.67 -50.17
N PRO E 1196 -69.56 -4.39 -50.54
CA PRO E 1196 -68.45 -5.31 -50.22
C PRO E 1196 -67.91 -5.16 -48.80
N ARG E 1197 -66.79 -5.80 -48.53
CA ARG E 1197 -66.23 -5.93 -47.19
C ARG E 1197 -65.60 -4.60 -46.74
N LEU E 1198 -64.86 -4.66 -45.64
CA LEU E 1198 -64.52 -3.49 -44.84
C LEU E 1198 -63.04 -3.54 -44.48
N ARG E 1199 -62.59 -2.58 -43.67
CA ARG E 1199 -61.20 -2.49 -43.23
C ARG E 1199 -61.17 -2.00 -41.78
N LEU E 1200 -61.13 -2.95 -40.84
CA LEU E 1200 -61.08 -2.67 -39.41
C LEU E 1200 -59.82 -3.29 -38.85
N SER E 1201 -58.74 -2.49 -38.81
CA SER E 1201 -57.48 -2.94 -38.25
C SER E 1201 -57.64 -3.44 -36.83
N CYS E 1202 -57.04 -4.59 -36.55
CA CYS E 1202 -57.00 -5.13 -35.20
C CYS E 1202 -56.04 -4.33 -34.33
N LEU E 1203 -56.41 -4.19 -33.09
CA LEU E 1203 -55.69 -3.35 -32.15
C LEU E 1203 -55.26 -4.10 -30.90
N SER E 1204 -56.11 -5.00 -30.39
CA SER E 1204 -55.75 -5.82 -29.24
C SER E 1204 -56.59 -7.06 -29.27
N ILE E 1205 -55.95 -8.23 -29.34
CA ILE E 1205 -56.69 -9.49 -29.42
C ILE E 1205 -57.20 -9.86 -28.03
N ARG E 1206 -58.51 -9.85 -27.85
CA ARG E 1206 -59.14 -10.31 -26.63
C ARG E 1206 -59.63 -11.73 -26.85
N GLU E 1207 -59.07 -12.67 -26.10
CA GLU E 1207 -59.29 -14.09 -26.32
C GLU E 1207 -60.65 -14.51 -25.79
N SER E 1208 -60.87 -15.81 -25.63
CA SER E 1208 -62.18 -16.37 -25.33
C SER E 1208 -62.56 -15.95 -23.90
N GLU E 1209 -63.07 -14.72 -23.79
CA GLU E 1209 -63.48 -14.12 -22.54
C GLU E 1209 -64.83 -14.64 -22.07
N TYR E 1210 -65.28 -15.76 -22.63
CA TYR E 1210 -66.54 -16.38 -22.24
C TYR E 1210 -66.48 -16.85 -20.79
N SER E 1211 -67.60 -17.35 -20.29
CA SER E 1211 -67.70 -17.74 -18.89
C SER E 1211 -66.66 -18.80 -18.53
N SER E 1212 -66.26 -18.80 -17.27
CA SER E 1212 -65.25 -19.72 -16.75
C SER E 1212 -65.84 -20.86 -15.94
N SER E 1213 -67.16 -20.93 -15.81
CA SER E 1213 -67.82 -22.02 -15.09
C SER E 1213 -68.38 -23.08 -16.03
N LEU E 1214 -67.85 -23.16 -17.26
CA LEU E 1214 -68.08 -24.35 -18.08
C LEU E 1214 -67.50 -25.59 -17.40
N GLY E 1215 -66.51 -25.39 -16.55
CA GLY E 1215 -65.95 -26.45 -15.73
C GLY E 1215 -65.00 -25.86 -14.71
N ILE E 1216 -65.10 -26.30 -13.46
CA ILE E 1216 -64.23 -25.80 -12.41
C ILE E 1216 -63.05 -26.78 -12.30
N LEU E 1217 -62.88 -27.58 -13.34
CA LEU E 1217 -61.78 -28.53 -13.49
C LEU E 1217 -60.75 -28.03 -14.49
N ALA E 1218 -60.45 -26.73 -14.45
CA ALA E 1218 -59.82 -26.03 -15.56
C ALA E 1218 -58.51 -26.66 -16.03
N SER E 1219 -57.47 -26.63 -15.20
CA SER E 1219 -56.16 -27.14 -15.61
C SER E 1219 -55.19 -27.02 -14.45
N SER E 1220 -54.07 -27.73 -14.57
CA SER E 1220 -52.99 -27.63 -13.60
C SER E 1220 -51.60 -27.52 -14.24
N CYS E 1221 -51.50 -27.55 -15.57
CA CYS E 1221 -50.22 -27.38 -16.25
C CYS E 1221 -50.34 -26.44 -17.44
N GLU F 11 -94.35 -7.52 -47.94
CA GLU F 11 -93.14 -8.10 -47.38
C GLU F 11 -91.90 -7.38 -47.89
N THR F 12 -90.82 -8.11 -48.07
CA THR F 12 -89.55 -7.54 -48.53
C THR F 12 -88.94 -8.40 -49.63
N PRO F 13 -88.97 -7.94 -50.88
CA PRO F 13 -88.40 -8.72 -51.98
C PRO F 13 -86.92 -9.02 -51.75
N SER F 14 -86.44 -10.06 -52.44
CA SER F 14 -85.03 -10.39 -52.39
C SER F 14 -84.17 -9.21 -52.81
N LEU F 15 -84.65 -8.42 -53.77
CA LEU F 15 -83.95 -7.20 -54.15
C LEU F 15 -84.08 -6.11 -53.10
N LEU F 16 -84.71 -6.38 -51.96
CA LEU F 16 -84.83 -5.42 -50.87
C LEU F 16 -84.17 -6.01 -49.62
N TRP F 17 -82.99 -6.59 -49.82
CA TRP F 17 -82.25 -7.19 -48.72
C TRP F 17 -80.82 -6.69 -48.68
N LEU F 19 -79.11 -4.17 -49.08
CA LEU F 19 -78.06 -3.59 -48.25
C LEU F 19 -78.17 -4.10 -46.81
N ASP F 20 -79.00 -5.12 -46.61
CA ASP F 20 -79.22 -5.62 -45.27
C ASP F 20 -77.96 -6.25 -44.70
N PRO F 21 -77.59 -5.95 -43.46
CA PRO F 21 -76.35 -6.48 -42.90
C PRO F 21 -76.34 -8.00 -42.76
N VAL F 22 -77.32 -8.55 -42.04
CA VAL F 22 -77.38 -9.99 -41.83
C VAL F 22 -77.70 -10.73 -43.12
N PHE F 23 -78.19 -10.03 -44.15
CA PHE F 23 -78.23 -10.60 -45.49
C PHE F 23 -76.84 -11.03 -45.94
N LEU F 24 -75.79 -10.50 -45.31
CA LEU F 24 -74.42 -10.91 -45.59
C LEU F 24 -73.79 -11.72 -44.46
N ALA F 25 -74.33 -11.65 -43.24
CA ALA F 25 -73.70 -12.24 -42.07
C ALA F 25 -74.63 -13.25 -41.40
N PHE F 26 -74.04 -14.05 -40.51
CA PHE F 26 -74.79 -15.05 -39.78
C PHE F 26 -75.75 -14.40 -38.80
N ALA F 27 -76.49 -15.23 -38.07
CA ALA F 27 -77.40 -14.75 -37.05
C ALA F 27 -77.71 -15.86 -36.06
N LYS F 28 -78.04 -15.46 -34.84
CA LYS F 28 -78.41 -16.39 -33.77
C LYS F 28 -79.68 -15.83 -33.13
N LEU F 29 -80.81 -16.42 -33.46
CA LEU F 29 -82.11 -15.80 -33.23
C LEU F 29 -82.99 -16.68 -32.34
N TYR F 30 -84.22 -16.20 -32.14
CA TYR F 30 -85.17 -16.78 -31.19
C TYR F 30 -85.77 -18.05 -31.80
N ILE F 31 -85.38 -19.21 -31.27
CA ILE F 31 -85.74 -20.48 -31.90
C ILE F 31 -87.25 -20.63 -32.04
N ARG F 32 -88.00 -20.18 -31.03
CA ARG F 32 -89.45 -20.20 -31.13
C ARG F 32 -89.92 -19.30 -32.26
N ASP F 33 -89.41 -18.08 -32.33
CA ASP F 33 -89.77 -17.21 -33.44
C ASP F 33 -89.02 -17.57 -34.71
N ILE F 34 -87.93 -18.34 -34.62
CA ILE F 34 -87.36 -18.92 -35.83
C ILE F 34 -88.33 -19.90 -36.45
N LEU F 35 -88.93 -20.77 -35.64
CA LEU F 35 -90.11 -21.51 -36.07
C LEU F 35 -91.14 -20.55 -36.66
N ASP F 36 -91.47 -19.50 -35.92
CA ASP F 36 -92.41 -18.49 -36.37
C ASP F 36 -91.82 -17.57 -37.43
N MET F 37 -90.54 -17.71 -37.78
CA MET F 37 -89.97 -16.88 -38.83
C MET F 37 -90.63 -17.23 -40.15
N LYS F 38 -91.18 -16.22 -40.82
CA LYS F 38 -91.90 -16.44 -42.06
C LYS F 38 -90.97 -17.05 -43.10
N GLU F 39 -91.22 -18.30 -43.48
CA GLU F 39 -90.52 -18.89 -44.61
C GLU F 39 -90.92 -18.12 -45.86
N SER F 40 -89.99 -17.33 -46.40
CA SER F 40 -90.35 -16.42 -47.48
C SER F 40 -90.89 -17.19 -48.68
N ARG F 41 -91.92 -16.62 -49.29
CA ARG F 41 -92.49 -17.17 -50.51
C ARG F 41 -91.75 -16.67 -51.76
N GLN F 42 -90.84 -15.71 -51.59
CA GLN F 42 -89.98 -15.30 -52.69
C GLN F 42 -89.00 -16.40 -53.06
N VAL F 43 -88.27 -16.91 -52.06
CA VAL F 43 -87.51 -18.15 -52.19
C VAL F 43 -87.94 -19.04 -51.03
N PRO F 44 -88.47 -20.24 -51.29
CA PRO F 44 -89.06 -21.05 -50.22
C PRO F 44 -88.05 -21.66 -49.27
N GLY F 45 -87.70 -20.93 -48.20
CA GLY F 45 -86.78 -21.48 -47.22
C GLY F 45 -85.88 -20.51 -46.50
N VAL F 46 -85.87 -19.24 -46.89
CA VAL F 46 -85.17 -18.21 -46.10
C VAL F 46 -86.12 -17.70 -45.02
N PHE F 47 -85.62 -17.62 -43.80
CA PHE F 47 -86.47 -17.30 -42.66
C PHE F 47 -86.60 -15.79 -42.51
N LEU F 48 -87.77 -15.36 -42.03
CA LEU F 48 -88.09 -13.95 -41.89
C LEU F 48 -88.39 -13.65 -40.43
N TYR F 49 -87.50 -12.87 -39.80
CA TYR F 49 -87.73 -12.33 -38.46
C TYR F 49 -88.31 -10.93 -38.64
N ASN F 50 -89.62 -10.89 -38.86
CA ASN F 50 -90.35 -9.69 -39.27
C ASN F 50 -89.91 -9.18 -40.64
N GLY F 51 -89.07 -9.94 -41.35
CA GLY F 51 -88.65 -9.57 -42.70
C GLY F 51 -87.15 -9.42 -42.87
N HIS F 52 -86.36 -9.98 -41.96
CA HIS F 52 -84.92 -9.84 -42.00
C HIS F 52 -84.26 -11.17 -42.35
N PRO F 53 -83.55 -11.24 -43.48
CA PRO F 53 -83.00 -12.53 -43.94
C PRO F 53 -81.59 -12.79 -43.46
N ILE F 54 -81.29 -14.08 -43.27
CA ILE F 54 -79.95 -14.51 -42.90
C ILE F 54 -79.46 -15.38 -44.06
N LYS F 55 -78.22 -15.85 -43.97
CA LYS F 55 -77.70 -16.85 -44.89
C LYS F 55 -77.50 -18.19 -44.22
N GLN F 56 -76.91 -18.20 -43.02
CA GLN F 56 -76.63 -19.44 -42.29
C GLN F 56 -76.76 -19.13 -40.80
N VAL F 57 -77.93 -19.41 -40.23
CA VAL F 57 -78.27 -19.01 -38.87
C VAL F 57 -77.51 -19.83 -37.83
N ASP F 58 -77.57 -19.39 -36.59
CA ASP F 58 -76.87 -20.00 -35.46
C ASP F 58 -77.87 -20.34 -34.37
N VAL F 59 -77.69 -21.51 -33.75
CA VAL F 59 -78.51 -21.97 -32.63
C VAL F 59 -77.61 -22.69 -31.63
N LEU F 60 -78.14 -22.89 -30.43
CA LEU F 60 -77.43 -23.55 -29.34
C LEU F 60 -78.46 -24.01 -28.32
N GLY F 61 -78.27 -25.22 -27.80
CA GLY F 61 -79.18 -25.71 -26.78
C GLY F 61 -78.94 -27.16 -26.44
N THR F 62 -79.70 -27.62 -25.44
CA THR F 62 -79.66 -29.01 -25.05
C THR F 62 -80.16 -29.89 -26.19
N VAL F 63 -79.57 -31.07 -26.32
CA VAL F 63 -79.85 -31.95 -27.45
C VAL F 63 -80.70 -33.12 -26.96
N ILE F 64 -81.86 -33.29 -27.59
CA ILE F 64 -82.77 -34.38 -27.26
C ILE F 64 -82.65 -35.55 -28.24
N GLY F 65 -82.12 -35.32 -29.43
CA GLY F 65 -82.08 -36.36 -30.46
C GLY F 65 -80.72 -36.43 -31.10
N VAL F 66 -80.27 -37.66 -31.36
CA VAL F 66 -78.96 -38.04 -31.91
C VAL F 66 -79.15 -39.32 -32.71
N ARG F 67 -78.94 -39.25 -34.03
CA ARG F 67 -79.03 -40.43 -34.89
C ARG F 67 -77.85 -40.44 -35.84
N GLU F 68 -77.13 -41.57 -35.88
CA GLU F 68 -75.98 -41.74 -36.75
C GLU F 68 -76.48 -41.99 -38.16
N ARG F 69 -76.69 -40.91 -38.90
CA ARG F 69 -77.14 -41.00 -40.28
C ARG F 69 -75.94 -41.08 -41.21
N ASP F 70 -76.21 -41.08 -42.52
CA ASP F 70 -75.16 -41.37 -43.50
C ASP F 70 -74.06 -40.32 -43.46
N ALA F 71 -74.43 -39.04 -43.37
CA ALA F 71 -73.44 -37.96 -43.37
C ALA F 71 -73.58 -37.00 -42.20
N PHE F 72 -74.47 -37.28 -41.25
CA PHE F 72 -74.81 -36.27 -40.25
C PHE F 72 -75.34 -36.91 -38.98
N TYR F 73 -74.92 -36.37 -37.84
CA TYR F 73 -75.66 -36.53 -36.61
C TYR F 73 -77.02 -35.85 -36.74
N SER F 74 -77.97 -36.28 -35.91
CA SER F 74 -79.31 -35.69 -35.87
C SER F 74 -79.49 -35.05 -34.49
N TYR F 75 -79.11 -33.78 -34.38
CA TYR F 75 -79.08 -33.09 -33.09
C TYR F 75 -80.28 -32.17 -32.99
N GLY F 76 -81.25 -32.53 -32.14
CA GLY F 76 -82.41 -31.71 -31.92
C GLY F 76 -82.23 -30.81 -30.72
N VAL F 77 -82.02 -29.52 -30.95
CA VAL F 77 -81.65 -28.59 -29.88
C VAL F 77 -82.89 -27.83 -29.43
N ASP F 78 -83.09 -27.81 -28.12
CA ASP F 78 -84.01 -26.91 -27.44
C ASP F 78 -83.24 -26.12 -26.39
N ASP F 79 -83.49 -24.82 -26.32
CA ASP F 79 -82.83 -23.95 -25.35
C ASP F 79 -83.83 -23.41 -24.33
N SER F 80 -84.91 -24.15 -24.10
CA SER F 80 -86.05 -23.76 -23.27
C SER F 80 -86.88 -22.69 -23.98
N THR F 81 -86.41 -22.25 -25.14
CA THR F 81 -87.20 -21.36 -25.99
C THR F 81 -88.11 -22.14 -26.91
N GLY F 82 -87.60 -23.24 -27.48
CA GLY F 82 -88.33 -24.06 -28.41
C GLY F 82 -87.40 -25.07 -29.06
N VAL F 83 -87.96 -26.05 -29.74
CA VAL F 83 -87.15 -27.06 -30.39
C VAL F 83 -86.88 -26.67 -31.83
N ILE F 84 -85.73 -27.12 -32.32
CA ILE F 84 -85.42 -27.07 -33.75
C ILE F 84 -84.32 -28.08 -33.99
N ASN F 85 -84.34 -28.70 -35.16
CA ASN F 85 -83.49 -29.85 -35.42
C ASN F 85 -82.38 -29.50 -36.39
N CYS F 86 -81.25 -30.19 -36.23
CA CYS F 86 -80.02 -29.88 -36.93
C CYS F 86 -79.49 -31.15 -37.57
N ILE F 87 -79.43 -31.16 -38.89
CA ILE F 87 -78.68 -32.13 -39.66
C ILE F 87 -77.21 -31.72 -39.52
N CYS F 88 -76.53 -32.34 -38.56
CA CYS F 88 -75.16 -31.95 -38.21
C CYS F 88 -74.22 -32.78 -39.05
N TRP F 89 -73.89 -32.27 -40.23
CA TRP F 89 -73.04 -32.98 -41.17
C TRP F 89 -71.78 -33.50 -40.49
N LYS F 90 -71.62 -34.82 -40.48
CA LYS F 90 -70.56 -35.47 -39.72
C LYS F 90 -69.18 -34.98 -40.13
N LYS F 91 -68.49 -34.30 -39.21
CA LYS F 91 -67.19 -33.72 -39.48
C LYS F 91 -66.11 -34.78 -39.59
N LEU F 109 -43.31 -29.96 -39.45
CA LEU F 109 -44.07 -29.49 -38.28
C LEU F 109 -45.18 -30.47 -37.94
N THR F 110 -45.70 -31.13 -38.97
CA THR F 110 -46.84 -32.03 -38.79
C THR F 110 -46.55 -33.19 -37.84
N SER F 111 -45.30 -33.38 -37.44
CA SER F 111 -44.98 -34.42 -36.46
C SER F 111 -45.73 -34.18 -35.16
N GLN F 112 -45.60 -32.99 -34.59
CA GLN F 112 -46.39 -32.63 -33.41
C GLN F 112 -47.89 -32.69 -33.67
N LEU F 113 -48.31 -32.84 -34.93
CA LEU F 113 -49.71 -33.09 -35.24
C LEU F 113 -50.23 -34.34 -34.53
N LYS F 114 -49.32 -35.21 -34.09
CA LYS F 114 -49.70 -36.28 -33.16
C LYS F 114 -50.62 -35.76 -32.08
N LYS F 115 -50.20 -34.70 -31.39
CA LYS F 115 -51.00 -34.10 -30.34
C LYS F 115 -52.11 -33.19 -30.88
N LEU F 116 -52.03 -32.79 -32.15
CA LEU F 116 -52.91 -31.73 -32.65
C LEU F 116 -54.38 -32.10 -32.50
N GLN F 117 -54.83 -33.15 -33.20
CA GLN F 117 -56.22 -33.59 -33.05
C GLN F 117 -56.58 -33.78 -31.59
N GLU F 118 -55.59 -34.12 -30.76
CA GLU F 118 -55.84 -34.44 -29.35
C GLU F 118 -56.41 -33.26 -28.58
N THR F 119 -56.59 -32.10 -29.24
CA THR F 119 -57.29 -30.99 -28.60
C THR F 119 -58.56 -30.55 -29.32
N ILE F 120 -58.75 -30.91 -30.59
CA ILE F 120 -60.00 -30.60 -31.29
C ILE F 120 -60.79 -31.84 -31.67
N GLU F 121 -60.20 -33.04 -31.57
CA GLU F 121 -61.00 -34.25 -31.75
C GLU F 121 -62.00 -34.39 -30.61
N GLN F 122 -61.67 -33.87 -29.43
CA GLN F 122 -62.60 -33.90 -28.31
C GLN F 122 -63.82 -33.04 -28.59
N LYS F 123 -63.60 -31.75 -28.88
CA LYS F 123 -64.70 -30.84 -29.19
C LYS F 123 -65.35 -31.12 -30.53
N THR F 124 -64.94 -32.17 -31.24
CA THR F 124 -65.60 -32.63 -32.45
C THR F 124 -65.96 -34.11 -32.34
N LYS F 125 -66.44 -34.52 -31.15
CA LYS F 125 -66.97 -35.88 -30.97
C LYS F 125 -67.94 -35.81 -29.80
N ILE F 126 -69.24 -35.76 -30.11
CA ILE F 126 -70.28 -35.51 -29.14
C ILE F 126 -71.11 -36.78 -28.94
N GLU F 127 -71.61 -36.97 -27.73
CA GLU F 127 -72.61 -37.99 -27.45
C GLU F 127 -73.92 -37.32 -27.03
N ILE F 128 -74.90 -38.13 -26.60
CA ILE F 128 -76.23 -37.65 -26.24
C ILE F 128 -76.34 -37.42 -24.74
N GLY F 129 -76.96 -36.30 -24.36
CA GLY F 129 -77.21 -36.00 -22.98
C GLY F 129 -76.61 -34.69 -22.50
N ASP F 130 -76.24 -33.82 -23.43
CA ASP F 130 -75.58 -32.56 -23.08
C ASP F 130 -76.05 -31.47 -24.04
N THR F 131 -75.35 -30.34 -24.03
CA THR F 131 -75.69 -29.16 -24.82
C THR F 131 -74.73 -29.00 -25.99
N ILE F 132 -75.25 -28.53 -27.12
CA ILE F 132 -74.48 -28.39 -28.35
C ILE F 132 -74.91 -27.13 -29.09
N ARG F 133 -73.95 -26.49 -29.74
CA ARG F 133 -74.18 -25.37 -30.63
C ARG F 133 -74.01 -25.82 -32.09
N VAL F 134 -74.78 -25.17 -32.97
CA VAL F 134 -74.73 -25.42 -34.41
C VAL F 134 -74.86 -24.08 -35.11
N ARG F 135 -74.19 -23.95 -36.26
CA ARG F 135 -74.44 -22.84 -37.17
C ARG F 135 -74.39 -23.39 -38.59
N GLY F 136 -75.08 -22.71 -39.49
CA GLY F 136 -75.02 -23.09 -40.88
C GLY F 136 -76.33 -22.83 -41.60
N SER F 137 -76.49 -23.54 -42.72
CA SER F 137 -77.51 -23.25 -43.71
C SER F 137 -78.90 -23.61 -43.18
N ILE F 138 -79.90 -23.08 -43.87
CA ILE F 138 -81.31 -23.30 -43.55
C ILE F 138 -81.93 -24.14 -44.67
N ARG F 139 -82.76 -25.11 -44.29
CA ARG F 139 -83.51 -25.90 -45.26
C ARG F 139 -84.84 -26.26 -44.63
N THR F 140 -85.72 -26.85 -45.44
CA THR F 140 -87.05 -27.25 -45.01
C THR F 140 -87.17 -28.78 -45.17
N TYR F 141 -87.27 -29.48 -44.04
CA TYR F 141 -87.41 -30.94 -44.03
C TYR F 141 -88.82 -31.27 -43.58
N ARG F 142 -89.75 -31.25 -44.54
CA ARG F 142 -91.12 -31.75 -44.38
C ARG F 142 -91.75 -31.27 -43.07
N GLU F 143 -91.98 -29.96 -43.03
CA GLU F 143 -92.59 -29.19 -41.95
C GLU F 143 -91.61 -28.89 -40.83
N GLU F 144 -90.38 -29.36 -40.89
CA GLU F 144 -89.39 -29.02 -39.88
C GLU F 144 -88.43 -27.97 -40.43
N ARG F 145 -88.15 -26.96 -39.61
CA ARG F 145 -87.23 -25.89 -39.97
C ARG F 145 -85.81 -26.44 -39.80
N GLU F 146 -85.38 -27.20 -40.81
CA GLU F 146 -84.20 -28.05 -40.64
C GLU F 146 -82.93 -27.24 -40.81
N ILE F 147 -82.17 -27.07 -39.72
CA ILE F 147 -80.85 -26.49 -39.85
C ILE F 147 -79.90 -27.53 -40.44
N HIS F 148 -78.90 -27.06 -41.19
CA HIS F 148 -77.92 -27.94 -41.80
C HIS F 148 -76.53 -27.39 -41.50
N ALA F 149 -75.78 -28.10 -40.67
CA ALA F 149 -74.60 -27.53 -40.01
C ALA F 149 -73.47 -27.28 -41.01
N THR F 150 -73.11 -26.01 -41.17
CA THR F 150 -71.87 -25.65 -41.84
C THR F 150 -70.71 -25.52 -40.85
N THR F 151 -71.00 -25.31 -39.58
CA THR F 151 -69.98 -25.28 -38.54
C THR F 151 -70.63 -25.54 -37.19
N TYR F 152 -69.92 -26.26 -36.33
CA TYR F 152 -70.38 -26.56 -34.98
C TYR F 152 -69.22 -27.19 -34.22
N TYR F 153 -69.45 -27.51 -32.96
CA TYR F 153 -68.43 -28.08 -32.09
C TYR F 153 -69.07 -28.58 -30.81
N LYS F 154 -68.47 -29.59 -30.21
CA LYS F 154 -68.82 -29.97 -28.85
C LYS F 154 -68.54 -28.80 -27.92
N VAL F 155 -69.37 -28.64 -26.89
CA VAL F 155 -69.24 -27.50 -25.99
C VAL F 155 -69.31 -28.01 -24.56
N ASP F 156 -68.63 -27.31 -23.67
CA ASP F 156 -68.78 -27.52 -22.23
C ASP F 156 -69.90 -26.68 -21.64
N ASP F 157 -70.73 -26.09 -22.49
CA ASP F 157 -71.90 -25.28 -22.13
C ASP F 157 -73.04 -26.01 -21.42
N PRO F 158 -73.14 -27.38 -21.43
CA PRO F 158 -74.22 -28.04 -20.67
C PRO F 158 -74.48 -27.48 -19.28
N VAL F 159 -73.48 -26.86 -18.66
CA VAL F 159 -73.69 -26.14 -17.42
C VAL F 159 -74.43 -24.81 -17.66
N TRP F 160 -74.50 -24.37 -18.93
CA TRP F 160 -75.08 -23.08 -19.29
C TRP F 160 -74.34 -21.93 -18.60
N ASN F 161 -73.01 -22.01 -18.63
CA ASN F 161 -72.20 -20.96 -18.04
C ASN F 161 -72.29 -19.67 -18.85
N ILE F 162 -72.13 -19.78 -20.17
CA ILE F 162 -72.31 -18.65 -21.06
C ILE F 162 -73.72 -18.09 -20.95
N GLN F 163 -74.67 -18.89 -20.47
CA GLN F 163 -76.09 -18.60 -20.70
C GLN F 163 -76.50 -17.22 -20.20
N ILE F 164 -75.92 -16.74 -19.10
CA ILE F 164 -76.30 -15.42 -18.60
C ILE F 164 -76.10 -14.37 -19.67
N ALA F 165 -74.87 -14.19 -20.13
CA ALA F 165 -74.59 -13.22 -21.18
C ALA F 165 -75.26 -13.62 -22.50
N ARG F 166 -75.33 -14.92 -22.77
CA ARG F 166 -75.91 -15.39 -24.02
C ARG F 166 -77.35 -14.91 -24.18
N MET F 167 -78.21 -15.26 -23.23
CA MET F 167 -79.60 -14.82 -23.30
C MET F 167 -79.83 -13.50 -22.56
N LEU F 168 -78.77 -12.74 -22.27
CA LEU F 168 -78.94 -11.30 -22.11
C LEU F 168 -78.72 -10.57 -23.42
N GLU F 169 -77.85 -11.10 -24.29
CA GLU F 169 -77.70 -10.51 -25.62
C GLU F 169 -78.76 -10.99 -26.58
N LEU F 170 -79.31 -12.20 -26.36
CA LEU F 170 -80.33 -12.73 -27.25
C LEU F 170 -81.55 -11.81 -27.32
N PRO F 171 -82.22 -11.48 -26.21
CA PRO F 171 -83.29 -10.48 -26.30
C PRO F 171 -82.80 -9.16 -26.87
N THR F 172 -81.55 -8.80 -26.58
CA THR F 172 -80.96 -7.59 -27.16
C THR F 172 -80.77 -7.73 -28.67
N ILE F 173 -80.16 -8.85 -29.10
CA ILE F 173 -79.91 -9.04 -30.53
C ILE F 173 -81.22 -9.12 -31.30
N TYR F 174 -82.30 -9.52 -30.64
CA TYR F 174 -83.61 -9.45 -31.28
C TYR F 174 -84.11 -8.02 -31.34
N ARG F 175 -84.25 -7.37 -30.18
CA ARG F 175 -84.81 -6.02 -30.10
C ARG F 175 -84.02 -4.99 -30.88
N LYS F 176 -82.80 -5.31 -31.35
CA LYS F 176 -81.98 -4.25 -31.92
C LYS F 176 -82.38 -3.90 -33.35
N VAL F 177 -82.22 -4.84 -34.28
CA VAL F 177 -82.45 -4.53 -35.69
C VAL F 177 -83.42 -5.51 -36.35
N TYR F 178 -83.15 -6.80 -36.20
CA TYR F 178 -83.81 -7.80 -37.04
C TYR F 178 -85.32 -7.80 -36.82
N ASP F 179 -85.75 -7.99 -35.57
CA ASP F 179 -87.17 -7.85 -35.26
C ASP F 179 -87.69 -6.47 -35.66
N GLN F 180 -86.86 -5.45 -35.54
CA GLN F 180 -87.22 -4.08 -35.89
C GLN F 180 -87.18 -3.94 -37.40
N PRO F 181 -87.57 -2.79 -37.95
CA PRO F 181 -87.44 -2.59 -39.39
C PRO F 181 -85.99 -2.44 -39.82
N PHE F 182 -85.74 -2.75 -41.08
CA PHE F 182 -84.41 -2.61 -41.64
C PHE F 182 -84.12 -1.17 -42.00
N HIS F 183 -82.91 -0.72 -41.70
CA HIS F 183 -82.45 0.61 -42.10
C HIS F 183 -80.95 0.58 -42.42
N LEU G 3 -88.62 -37.27 -31.75
CA LEU G 3 -87.75 -36.57 -30.83
C LEU G 3 -88.54 -35.53 -30.02
N PRO G 4 -88.13 -35.30 -28.77
CA PRO G 4 -89.01 -34.63 -27.80
C PRO G 4 -89.38 -33.17 -28.08
N LYS G 5 -90.16 -32.61 -27.16
CA LYS G 5 -90.78 -31.29 -27.24
C LYS G 5 -90.00 -30.28 -26.42
N PRO G 6 -90.35 -28.99 -26.47
CA PRO G 6 -89.62 -28.00 -25.68
C PRO G 6 -90.22 -27.73 -24.31
N GLY G 7 -89.37 -27.22 -23.43
CA GLY G 7 -89.81 -26.79 -22.11
C GLY G 7 -89.05 -25.58 -21.60
N THR G 8 -89.79 -24.53 -21.24
CA THR G 8 -89.21 -23.27 -20.82
C THR G 8 -88.75 -23.35 -19.36
N TYR G 9 -88.48 -22.19 -18.77
CA TYR G 9 -88.13 -22.08 -17.35
C TYR G 9 -89.23 -21.30 -16.64
N TYR G 10 -90.22 -22.02 -16.13
CA TYR G 10 -91.13 -21.40 -15.18
C TYR G 10 -90.37 -21.11 -13.89
N LEU G 11 -90.94 -20.25 -13.06
CA LEU G 11 -90.32 -19.92 -11.79
C LEU G 11 -90.08 -21.21 -11.00
N PRO G 12 -88.85 -21.45 -10.51
CA PRO G 12 -88.53 -22.76 -9.95
C PRO G 12 -89.21 -23.05 -8.62
N TRP G 13 -90.11 -22.21 -8.13
CA TRP G 13 -90.92 -22.53 -6.96
C TRP G 13 -92.41 -22.57 -7.27
N GLU G 14 -92.79 -22.51 -8.54
CA GLU G 14 -94.17 -22.74 -8.97
C GLU G 14 -94.33 -24.06 -9.71
N VAL G 15 -93.22 -24.66 -10.16
CA VAL G 15 -93.28 -25.93 -10.88
C VAL G 15 -93.87 -27.02 -9.98
N SER G 16 -93.18 -27.32 -8.88
CA SER G 16 -93.54 -28.46 -8.04
C SER G 16 -94.78 -28.22 -7.21
N ALA G 17 -95.47 -27.07 -7.38
CA ALA G 17 -96.67 -26.80 -6.60
C ALA G 17 -97.96 -27.10 -7.37
N GLY G 18 -97.94 -27.04 -8.69
CA GLY G 18 -99.09 -27.38 -9.48
C GLY G 18 -99.79 -26.24 -10.20
N GLN G 19 -99.06 -25.19 -10.57
CA GLN G 19 -99.64 -24.09 -11.36
C GLN G 19 -99.30 -24.25 -12.84
N VAL G 20 -98.02 -24.41 -13.15
CA VAL G 20 -97.60 -24.61 -14.54
C VAL G 20 -98.17 -25.93 -15.05
N PRO G 21 -98.73 -25.97 -16.27
CA PRO G 21 -99.22 -27.25 -16.82
C PRO G 21 -98.13 -28.31 -16.87
N ASP G 22 -98.31 -29.37 -16.10
CA ASP G 22 -97.37 -30.49 -16.15
C ASP G 22 -97.62 -31.31 -17.41
N GLY G 23 -96.90 -32.43 -17.52
CA GLY G 23 -97.05 -33.28 -18.69
C GLY G 23 -96.09 -32.90 -19.79
N SER G 24 -96.23 -31.69 -20.33
CA SER G 24 -95.39 -31.26 -21.43
C SER G 24 -93.94 -31.13 -20.97
N THR G 25 -93.04 -31.01 -21.95
CA THR G 25 -91.61 -30.96 -21.67
C THR G 25 -91.26 -29.73 -20.83
N LEU G 26 -90.21 -29.87 -20.02
CA LEU G 26 -89.78 -28.81 -19.13
C LEU G 26 -88.30 -29.01 -18.82
N ARG G 27 -87.64 -27.90 -18.49
CA ARG G 27 -86.26 -27.90 -18.02
C ARG G 27 -86.23 -27.30 -16.63
N THR G 28 -85.67 -28.03 -15.67
CA THR G 28 -85.57 -27.56 -14.29
C THR G 28 -84.27 -28.03 -13.66
N PHE G 29 -83.85 -27.30 -12.63
CA PHE G 29 -82.64 -27.61 -11.90
C PHE G 29 -82.99 -28.04 -10.47
N GLY G 30 -82.00 -28.65 -9.83
CA GLY G 30 -82.14 -29.02 -8.43
C GLY G 30 -80.92 -29.68 -7.82
N ARG G 31 -80.69 -29.43 -6.53
CA ARG G 31 -79.47 -29.89 -5.88
C ARG G 31 -79.60 -31.36 -5.49
N LEU G 32 -78.67 -32.18 -5.98
CA LEU G 32 -78.68 -33.60 -5.66
C LEU G 32 -78.38 -33.81 -4.18
N CYS G 33 -79.30 -34.47 -3.47
CA CYS G 33 -79.09 -34.81 -2.07
C CYS G 33 -79.01 -36.32 -1.85
N LEU G 34 -80.04 -37.07 -2.27
CA LEU G 34 -80.05 -38.54 -2.18
C LEU G 34 -80.49 -39.05 -3.54
N TYR G 35 -79.53 -39.23 -4.44
CA TYR G 35 -79.85 -39.70 -5.78
C TYR G 35 -80.23 -41.17 -5.73
N ASP G 36 -81.20 -41.56 -6.55
CA ASP G 36 -81.60 -42.95 -6.67
C ASP G 36 -80.99 -43.52 -7.95
N MET G 37 -80.30 -44.65 -7.82
CA MET G 37 -79.50 -45.18 -8.93
C MET G 37 -80.27 -46.17 -9.80
N ILE G 38 -81.19 -46.93 -9.21
CA ILE G 38 -81.88 -47.99 -9.96
C ILE G 38 -82.76 -47.39 -11.05
N GLN G 39 -83.76 -46.62 -10.64
CA GLN G 39 -84.62 -45.92 -11.59
C GLN G 39 -84.02 -44.59 -12.03
N SER G 40 -82.79 -44.30 -11.60
CA SER G 40 -82.11 -43.05 -11.91
C SER G 40 -82.96 -41.85 -11.49
N ARG G 41 -83.30 -41.81 -10.20
CA ARG G 41 -84.18 -40.80 -9.65
C ARG G 41 -83.38 -39.80 -8.83
N VAL G 42 -83.18 -38.63 -9.40
CA VAL G 42 -82.70 -37.47 -8.66
C VAL G 42 -83.87 -36.86 -7.91
N THR G 43 -83.57 -36.19 -6.80
CA THR G 43 -84.57 -35.41 -6.06
C THR G 43 -84.12 -33.95 -6.11
N LEU G 44 -84.53 -33.25 -7.17
CA LEU G 44 -84.23 -31.83 -7.30
C LEU G 44 -85.01 -31.04 -6.26
N MET G 45 -84.32 -30.18 -5.52
CA MET G 45 -84.96 -29.31 -4.55
C MET G 45 -85.46 -28.04 -5.23
N ALA G 46 -86.26 -27.26 -4.49
CA ALA G 46 -86.79 -26.01 -5.02
C ALA G 46 -87.06 -25.06 -3.86
N GLN G 47 -86.30 -23.98 -3.79
CA GLN G 47 -86.49 -22.98 -2.76
C GLN G 47 -85.90 -21.66 -3.23
N HIS G 48 -86.70 -20.60 -3.17
CA HIS G 48 -86.22 -19.22 -3.29
C HIS G 48 -86.90 -18.41 -2.19
N GLY G 49 -86.37 -18.52 -0.97
CA GLY G 49 -86.90 -17.83 0.19
C GLY G 49 -88.38 -18.01 0.46
N SER G 50 -89.00 -19.04 -0.12
CA SER G 50 -90.43 -19.27 0.06
C SER G 50 -90.73 -20.56 0.81
N ASP G 51 -90.29 -21.71 0.31
CA ASP G 51 -90.55 -23.00 0.92
C ASP G 51 -89.71 -24.04 0.18
N GLN G 52 -89.90 -25.31 0.55
CA GLN G 52 -89.12 -26.42 0.00
C GLN G 52 -90.05 -27.30 -0.84
N HIS G 53 -90.20 -26.94 -2.11
CA HIS G 53 -90.80 -27.85 -3.07
C HIS G 53 -89.73 -28.83 -3.57
N GLN G 54 -90.17 -29.87 -4.27
CA GLN G 54 -89.23 -30.84 -4.81
C GLN G 54 -89.80 -31.48 -6.07
N VAL G 55 -88.96 -31.58 -7.10
CA VAL G 55 -89.30 -32.35 -8.29
C VAL G 55 -88.38 -33.56 -8.34
N LEU G 56 -88.82 -34.59 -9.05
CA LEU G 56 -88.04 -35.81 -9.20
C LEU G 56 -87.54 -35.94 -10.64
N VAL G 57 -86.56 -36.81 -10.81
CA VAL G 57 -85.95 -37.05 -12.12
C VAL G 57 -85.75 -38.55 -12.30
N CYS G 58 -86.24 -39.10 -13.40
CA CYS G 58 -86.05 -40.51 -13.76
C CYS G 58 -85.51 -40.58 -15.19
N THR G 59 -84.22 -40.89 -15.31
CA THR G 59 -83.58 -40.94 -16.62
C THR G 59 -84.09 -42.12 -17.43
N LYS G 60 -84.24 -41.90 -18.74
CA LYS G 60 -84.74 -42.94 -19.64
C LYS G 60 -83.69 -43.36 -20.67
N LEU G 61 -83.14 -42.41 -21.43
CA LEU G 61 -82.34 -42.76 -22.59
C LEU G 61 -80.94 -43.23 -22.20
N VAL G 62 -80.15 -42.33 -21.61
CA VAL G 62 -78.75 -42.65 -21.34
C VAL G 62 -78.66 -43.53 -20.10
N GLU G 63 -78.07 -44.71 -20.27
CA GLU G 63 -77.79 -45.61 -19.16
C GLU G 63 -76.55 -45.20 -18.37
N PRO G 64 -75.40 -44.89 -19.03
CA PRO G 64 -74.20 -44.46 -18.27
C PRO G 64 -74.21 -42.99 -17.85
N PHE G 65 -74.85 -42.70 -16.72
CA PHE G 65 -74.84 -41.37 -16.12
C PHE G 65 -74.73 -41.51 -14.61
N HIS G 66 -73.66 -40.95 -14.04
CA HIS G 66 -73.35 -41.12 -12.63
C HIS G 66 -73.98 -39.98 -11.82
N ALA G 67 -73.60 -39.86 -10.55
CA ALA G 67 -74.10 -38.83 -9.67
C ALA G 67 -72.94 -37.98 -9.14
N GLN G 68 -73.31 -36.87 -8.50
CA GLN G 68 -72.35 -35.99 -7.83
C GLN G 68 -72.99 -35.45 -6.56
N VAL G 69 -72.20 -35.38 -5.50
CA VAL G 69 -72.69 -34.89 -4.21
C VAL G 69 -72.77 -33.38 -4.25
N GLY G 70 -73.87 -32.84 -3.71
CA GLY G 70 -74.04 -31.40 -3.59
C GLY G 70 -73.87 -30.63 -4.89
N SER G 71 -74.79 -30.83 -5.83
CA SER G 71 -74.72 -30.15 -7.11
C SER G 71 -76.12 -30.05 -7.72
N LEU G 72 -76.44 -28.89 -8.27
CA LEU G 72 -77.68 -28.75 -9.01
C LEU G 72 -77.58 -29.50 -10.34
N TYR G 73 -78.73 -29.94 -10.83
CA TYR G 73 -78.83 -30.72 -12.06
C TYR G 73 -79.93 -30.12 -12.90
N ILE G 74 -79.66 -29.95 -14.19
CA ILE G 74 -80.64 -29.50 -15.17
C ILE G 74 -81.16 -30.72 -15.92
N VAL G 75 -82.47 -30.91 -15.89
CA VAL G 75 -83.16 -31.95 -16.64
C VAL G 75 -84.11 -31.29 -17.61
N LEU G 76 -84.01 -31.68 -18.88
CA LEU G 76 -84.98 -31.30 -19.91
C LEU G 76 -85.66 -32.56 -20.39
N GLY G 77 -86.97 -32.62 -20.24
CA GLY G 77 -87.71 -33.79 -20.65
C GLY G 77 -89.13 -33.76 -20.12
N GLU G 78 -89.73 -34.94 -20.03
CA GLU G 78 -91.15 -35.07 -19.70
C GLU G 78 -91.35 -34.95 -18.19
N LEU G 79 -91.90 -33.82 -17.76
CA LEU G 79 -92.43 -33.67 -16.40
C LEU G 79 -93.93 -33.92 -16.47
N GLN G 80 -94.32 -35.19 -16.33
CA GLN G 80 -95.72 -35.56 -16.32
C GLN G 80 -96.41 -34.98 -15.08
N HIS G 81 -97.74 -35.15 -15.05
CA HIS G 81 -98.54 -34.74 -13.89
C HIS G 81 -98.37 -35.79 -12.80
N GLN G 82 -97.22 -35.74 -12.13
CA GLN G 82 -96.88 -36.76 -11.16
C GLN G 82 -97.79 -36.66 -9.93
N GLN G 83 -97.92 -37.79 -9.23
CA GLN G 83 -98.91 -37.97 -8.18
C GLN G 83 -98.44 -37.29 -6.89
N ASP G 84 -99.12 -37.62 -5.79
CA ASP G 84 -98.96 -36.94 -4.51
C ASP G 84 -97.50 -36.81 -4.10
N ARG G 85 -97.06 -35.57 -3.90
CA ARG G 85 -95.71 -35.25 -3.42
C ARG G 85 -94.64 -35.83 -4.35
N GLY G 86 -94.67 -35.41 -5.61
CA GLY G 86 -93.70 -35.87 -6.58
C GLY G 86 -93.84 -35.12 -7.88
N SER G 87 -92.71 -34.93 -8.56
CA SER G 87 -92.70 -34.25 -9.87
C SER G 87 -91.54 -34.83 -10.67
N VAL G 88 -91.82 -35.85 -11.47
CA VAL G 88 -90.78 -36.64 -12.15
C VAL G 88 -90.54 -36.08 -13.55
N VAL G 89 -89.31 -35.68 -13.83
CA VAL G 89 -88.92 -35.17 -15.14
C VAL G 89 -88.02 -36.22 -15.77
N LYS G 90 -88.53 -36.91 -16.80
CA LYS G 90 -87.82 -38.03 -17.41
C LYS G 90 -86.56 -37.50 -18.09
N ALA G 91 -85.40 -37.86 -17.53
CA ALA G 91 -84.15 -37.22 -17.92
C ALA G 91 -83.66 -37.64 -19.30
N ARG G 92 -84.40 -37.26 -20.33
CA ARG G 92 -83.89 -37.41 -21.68
C ARG G 92 -82.85 -36.34 -22.02
N VAL G 93 -82.73 -35.30 -21.20
CA VAL G 93 -81.57 -34.40 -21.20
C VAL G 93 -81.15 -34.19 -19.76
N LEU G 94 -79.88 -34.49 -19.47
CA LEU G 94 -79.37 -34.58 -18.10
C LEU G 94 -77.99 -33.92 -18.06
N THR G 95 -77.90 -32.76 -17.41
CA THR G 95 -76.65 -32.00 -17.38
C THR G 95 -76.41 -31.46 -15.98
N CYS G 96 -75.16 -31.09 -15.71
CA CYS G 96 -74.74 -30.65 -14.39
C CYS G 96 -74.84 -29.13 -14.25
N VAL G 97 -74.99 -28.68 -13.00
CA VAL G 97 -75.06 -27.26 -12.66
C VAL G 97 -74.20 -27.02 -11.43
N GLU G 98 -73.29 -26.05 -11.53
CA GLU G 98 -72.39 -25.71 -10.42
C GLU G 98 -71.82 -24.32 -10.66
N GLY G 99 -71.72 -23.54 -9.58
CA GLY G 99 -71.05 -22.26 -9.64
C GLY G 99 -71.85 -21.15 -10.29
N MET G 100 -72.48 -21.44 -11.44
CA MET G 100 -73.14 -20.42 -12.23
C MET G 100 -74.25 -19.74 -11.44
N ASN G 101 -74.30 -18.41 -11.54
CA ASN G 101 -75.28 -17.60 -10.82
C ASN G 101 -76.66 -17.84 -11.42
N LEU G 102 -77.44 -18.71 -10.76
CA LEU G 102 -78.69 -19.22 -11.30
C LEU G 102 -79.87 -18.26 -11.14
N PRO G 103 -80.06 -17.59 -10.00
CA PRO G 103 -81.11 -16.56 -9.94
C PRO G 103 -80.98 -15.51 -11.03
N LEU G 104 -79.75 -15.12 -11.37
CA LEU G 104 -79.55 -14.23 -12.51
C LEU G 104 -79.99 -14.90 -13.81
N LEU G 105 -79.79 -16.22 -13.92
CA LEU G 105 -80.26 -16.93 -15.09
C LEU G 105 -81.78 -16.83 -15.22
N GLU G 106 -82.50 -17.07 -14.11
CA GLU G 106 -83.95 -16.93 -14.16
C GLU G 106 -84.35 -15.48 -14.45
N GLN G 107 -83.55 -14.52 -14.00
CA GLN G 107 -83.81 -13.12 -14.33
C GLN G 107 -83.75 -12.90 -15.84
N ALA G 108 -82.71 -13.43 -16.49
CA ALA G 108 -82.63 -13.34 -17.94
C ALA G 108 -83.77 -14.10 -18.62
N ILE G 109 -84.22 -15.20 -18.01
CA ILE G 109 -85.36 -15.94 -18.55
C ILE G 109 -86.62 -15.08 -18.51
N ARG G 110 -86.82 -14.34 -17.41
CA ARG G 110 -87.96 -13.44 -17.32
C ARG G 110 -87.83 -12.31 -18.33
N GLU G 111 -86.61 -11.84 -18.58
CA GLU G 111 -86.41 -10.87 -19.64
C GLU G 111 -86.78 -11.45 -21.00
N GLN G 112 -86.50 -12.74 -21.21
CA GLN G 112 -86.92 -13.40 -22.45
C GLN G 112 -88.43 -13.45 -22.55
N ARG G 113 -89.11 -13.78 -21.46
CA ARG G 113 -90.57 -13.77 -21.46
C ARG G 113 -91.11 -12.38 -21.71
N LEU G 114 -90.41 -11.35 -21.23
CA LEU G 114 -90.78 -9.98 -21.55
C LEU G 114 -90.66 -9.72 -23.04
N TYR G 115 -89.53 -10.15 -23.65
CA TYR G 115 -89.35 -9.93 -25.07
C TYR G 115 -90.40 -10.66 -25.89
N LYS G 116 -90.92 -11.78 -25.37
CA LYS G 116 -91.98 -12.50 -26.08
C LYS G 116 -93.13 -11.59 -26.50
N GLN G 117 -93.30 -10.45 -25.81
CA GLN G 117 -94.43 -9.56 -26.01
C GLN G 117 -94.21 -8.51 -27.10
N GLU G 118 -92.97 -8.22 -27.46
CA GLU G 118 -92.62 -7.02 -28.23
C GLU G 118 -93.14 -7.03 -29.65
N ARG G 119 -93.91 -8.02 -30.08
CA ARG G 119 -94.44 -8.05 -31.44
C ARG G 119 -95.45 -6.92 -31.65
ZN ZN I . 58.89 9.99 71.73
FE1 SF4 J . 25.33 27.54 -0.36
FE2 SF4 J . 26.46 25.32 0.73
FE3 SF4 J . 27.39 27.79 1.40
FE4 SF4 J . 27.84 26.79 -1.10
S1 SF4 J . 28.63 25.96 0.87
S2 SF4 J . 27.15 28.88 -0.57
S3 SF4 J . 25.92 25.63 -1.46
S4 SF4 J . 25.32 26.94 1.83
ZN ZN K . 24.47 -15.51 -20.16
ZN ZN L . -18.91 8.16 -24.27
ZN ZN M . -33.11 -12.68 -47.92
#